data_2MKC
#
_entry.id   2MKC
#
loop_
_entity.id
_entity.type
_entity.pdbx_description
1 polymer 'U2 snRNP component IST3'
2 polymer 'Pre-mRNA leakage protein 1'
3 polymer 'Pre-mRNA-splicing factor CWC26'
#
loop_
_entity_poly.entity_id
_entity_poly.type
_entity_poly.pdbx_seq_one_letter_code
_entity_poly.pdbx_strand_id
1 'polypeptide(L)'
;GAMGNEYKDNAYIYIGNLNRELTEGDILTVFSEYGVPVDVILSRDENTGESQGFAYLKYEDQRSTILAVDNLNGFKIGGR
ALKIDHTFYRPKRSLQKYYEAVKEELDRDIVSKNNAEK
;
A
2 'polypeptide(L)' GSKSQYIDIMPDFSPSGLLELES B
3 'polypeptide(L)' GSYDKPAPENRFAIMPGSRWDGVHRSNGFEEKW C
#
# COMPACT_ATOMS: atom_id res chain seq x y z
N GLY A 1 -8.20 11.35 11.09
CA GLY A 1 -8.76 11.10 12.42
C GLY A 1 -9.14 9.65 12.59
N ALA A 2 -8.22 8.77 12.26
CA ALA A 2 -8.43 7.35 12.39
C ALA A 2 -7.15 6.74 12.91
N MET A 3 -6.40 7.56 13.62
CA MET A 3 -5.11 7.18 14.09
C MET A 3 -5.19 6.33 15.34
N GLY A 4 -4.22 5.48 15.48
CA GLY A 4 -4.09 4.66 16.65
C GLY A 4 -2.85 5.08 17.37
N ASN A 5 -2.89 6.28 17.92
CA ASN A 5 -1.73 6.96 18.57
C ASN A 5 -1.24 6.26 19.86
N GLU A 6 -1.73 5.07 20.09
CA GLU A 6 -1.41 4.26 21.25
C GLU A 6 0.03 3.76 21.17
N TYR A 7 0.59 3.82 19.99
CA TYR A 7 1.94 3.41 19.74
C TYR A 7 2.55 4.38 18.77
N LYS A 8 3.82 4.21 18.53
CA LYS A 8 4.51 4.92 17.46
C LYS A 8 5.13 3.81 16.62
N ASP A 9 4.44 2.71 16.63
CA ASP A 9 4.79 1.51 15.90
C ASP A 9 3.85 1.41 14.72
N ASN A 10 3.27 2.55 14.39
CA ASN A 10 2.25 2.64 13.38
C ASN A 10 2.84 2.72 12.01
N ALA A 11 3.36 1.59 11.57
CA ALA A 11 3.86 1.45 10.23
C ALA A 11 2.69 1.24 9.29
N TYR A 12 1.58 0.82 9.89
CA TYR A 12 0.33 0.65 9.21
C TYR A 12 -0.34 1.99 9.03
N ILE A 13 -0.87 2.19 7.88
CA ILE A 13 -1.57 3.37 7.58
C ILE A 13 -2.94 3.09 7.07
N TYR A 14 -3.83 3.93 7.49
CA TYR A 14 -5.19 3.92 7.13
C TYR A 14 -5.31 4.56 5.79
N ILE A 15 -5.87 3.85 4.89
CA ILE A 15 -6.15 4.42 3.61
C ILE A 15 -7.64 4.38 3.46
N GLY A 16 -8.24 5.51 3.58
CA GLY A 16 -9.66 5.57 3.53
C GLY A 16 -10.14 6.32 2.35
N ASN A 17 -11.43 6.20 2.10
CA ASN A 17 -12.15 6.89 1.03
C ASN A 17 -11.69 6.37 -0.33
N LEU A 18 -11.39 5.08 -0.37
CA LEU A 18 -11.01 4.42 -1.60
C LEU A 18 -12.23 4.09 -2.42
N ASN A 19 -12.02 3.88 -3.69
CA ASN A 19 -13.08 3.61 -4.61
C ASN A 19 -13.24 2.09 -4.72
N ARG A 20 -14.31 1.60 -5.32
CA ARG A 20 -14.64 0.17 -5.27
C ARG A 20 -13.70 -0.68 -6.12
N GLU A 21 -13.34 -0.18 -7.27
CA GLU A 21 -12.51 -0.90 -8.22
C GLU A 21 -11.01 -0.88 -7.84
N LEU A 22 -10.69 -0.22 -6.74
CA LEU A 22 -9.32 -0.18 -6.25
C LEU A 22 -9.00 -1.44 -5.45
N THR A 23 -8.01 -2.14 -5.93
CA THR A 23 -7.54 -3.39 -5.36
C THR A 23 -6.14 -3.20 -4.72
N GLU A 24 -5.62 -4.26 -4.07
CA GLU A 24 -4.34 -4.23 -3.37
C GLU A 24 -3.22 -3.81 -4.32
N GLY A 25 -3.25 -4.35 -5.52
CA GLY A 25 -2.22 -4.08 -6.53
C GLY A 25 -2.22 -2.63 -6.95
N ASP A 26 -3.37 -2.01 -6.88
CA ASP A 26 -3.54 -0.61 -7.28
C ASP A 26 -2.89 0.27 -6.24
N ILE A 27 -3.24 -0.02 -5.01
CA ILE A 27 -2.70 0.63 -3.84
C ILE A 27 -1.16 0.51 -3.85
N LEU A 28 -0.69 -0.68 -4.19
CA LEU A 28 0.73 -0.92 -4.31
C LEU A 28 1.35 -0.08 -5.41
N THR A 29 0.62 0.12 -6.49
CA THR A 29 1.10 0.91 -7.63
C THR A 29 1.39 2.37 -7.21
N VAL A 30 0.49 2.96 -6.43
CA VAL A 30 0.70 4.32 -5.96
C VAL A 30 1.63 4.40 -4.72
N PHE A 31 1.50 3.45 -3.79
CA PHE A 31 2.27 3.48 -2.55
C PHE A 31 3.73 3.00 -2.67
N SER A 32 4.06 2.20 -3.68
CA SER A 32 5.43 1.68 -3.82
C SER A 32 6.42 2.77 -4.23
N GLU A 33 5.90 3.89 -4.62
CA GLU A 33 6.68 5.03 -5.01
C GLU A 33 7.29 5.67 -3.77
N TYR A 34 6.63 5.48 -2.65
CA TYR A 34 7.03 6.07 -1.40
C TYR A 34 7.74 5.07 -0.51
N GLY A 35 7.99 3.88 -1.02
CA GLY A 35 8.68 2.89 -0.24
C GLY A 35 8.27 1.50 -0.58
N VAL A 36 8.63 0.57 0.27
CA VAL A 36 8.33 -0.82 0.05
C VAL A 36 7.34 -1.33 1.08
N PRO A 37 6.11 -1.61 0.67
CA PRO A 37 5.10 -2.21 1.54
C PRO A 37 5.44 -3.68 1.81
N VAL A 38 5.56 -4.02 3.07
CA VAL A 38 5.86 -5.39 3.46
C VAL A 38 4.57 -6.10 3.82
N ASP A 39 3.55 -5.31 4.10
CA ASP A 39 2.23 -5.79 4.43
C ASP A 39 1.24 -4.82 3.85
N VAL A 40 0.23 -5.30 3.22
CA VAL A 40 -0.85 -4.47 2.76
C VAL A 40 -2.10 -5.30 2.79
N ILE A 41 -3.17 -4.70 3.17
CA ILE A 41 -4.44 -5.36 3.22
C ILE A 41 -5.53 -4.41 2.83
N LEU A 42 -6.37 -4.87 1.98
CA LEU A 42 -7.47 -4.10 1.51
C LEU A 42 -8.68 -4.57 2.28
N SER A 43 -9.35 -3.66 2.94
CA SER A 43 -10.50 -4.02 3.71
C SER A 43 -11.61 -4.33 2.74
N ARG A 44 -11.85 -5.59 2.56
CA ARG A 44 -12.83 -6.08 1.66
C ARG A 44 -13.68 -7.10 2.35
N ASP A 45 -14.92 -7.17 1.97
CA ASP A 45 -15.91 -8.06 2.58
C ASP A 45 -15.51 -9.54 2.42
N GLU A 46 -15.86 -10.35 3.39
CA GLU A 46 -15.47 -11.75 3.44
C GLU A 46 -16.38 -12.64 2.55
N ASN A 47 -17.55 -12.17 2.25
CA ASN A 47 -18.52 -12.96 1.49
C ASN A 47 -18.32 -12.71 0.02
N THR A 48 -18.50 -11.48 -0.37
CA THR A 48 -18.46 -11.11 -1.77
C THR A 48 -17.03 -10.78 -2.20
N GLY A 49 -16.23 -10.37 -1.23
CA GLY A 49 -14.86 -10.08 -1.51
C GLY A 49 -14.66 -8.76 -2.17
N GLU A 50 -15.60 -7.85 -1.99
CA GLU A 50 -15.47 -6.56 -2.62
C GLU A 50 -14.97 -5.53 -1.63
N SER A 51 -14.22 -4.57 -2.13
CA SER A 51 -13.61 -3.52 -1.35
C SER A 51 -14.64 -2.74 -0.52
N GLN A 52 -14.31 -2.47 0.73
CA GLN A 52 -15.19 -1.68 1.61
C GLN A 52 -14.89 -0.20 1.41
N GLY A 53 -13.81 0.08 0.69
CA GLY A 53 -13.39 1.44 0.46
C GLY A 53 -12.35 1.89 1.47
N PHE A 54 -11.76 0.92 2.15
CA PHE A 54 -10.73 1.18 3.15
C PHE A 54 -9.60 0.19 2.94
N ALA A 55 -8.41 0.57 3.30
CA ALA A 55 -7.27 -0.31 3.24
C ALA A 55 -6.31 0.04 4.36
N TYR A 56 -5.38 -0.84 4.59
CA TYR A 56 -4.34 -0.66 5.57
C TYR A 56 -3.05 -1.09 4.91
N LEU A 57 -2.06 -0.26 4.94
CA LEU A 57 -0.80 -0.62 4.34
C LEU A 57 0.32 -0.38 5.31
N LYS A 58 1.32 -1.21 5.25
CA LYS A 58 2.45 -1.11 6.13
C LYS A 58 3.75 -1.20 5.34
N TYR A 59 4.50 -0.13 5.37
CA TYR A 59 5.81 -0.09 4.77
C TYR A 59 6.83 -0.81 5.65
N GLU A 60 7.96 -1.09 5.07
CA GLU A 60 9.11 -1.65 5.78
C GLU A 60 9.61 -0.62 6.78
N ASP A 61 9.60 0.61 6.34
CA ASP A 61 10.09 1.71 7.10
C ASP A 61 8.96 2.69 7.42
N GLN A 62 8.83 3.04 8.70
CA GLN A 62 7.74 3.90 9.16
C GLN A 62 7.91 5.36 8.70
N ARG A 63 9.11 5.73 8.35
CA ARG A 63 9.38 7.08 7.87
C ARG A 63 8.83 7.21 6.45
N SER A 64 8.77 6.08 5.78
CA SER A 64 8.29 6.03 4.41
C SER A 64 6.79 6.12 4.48
N THR A 65 6.29 5.48 5.51
CA THR A 65 4.92 5.52 5.89
C THR A 65 4.48 6.99 6.09
N ILE A 66 5.28 7.75 6.83
CA ILE A 66 4.99 9.17 7.11
C ILE A 66 4.94 9.99 5.82
N LEU A 67 5.89 9.74 4.93
CA LEU A 67 5.95 10.46 3.67
C LEU A 67 4.70 10.19 2.82
N ALA A 68 4.20 8.96 2.90
CA ALA A 68 2.99 8.60 2.19
C ALA A 68 1.78 9.31 2.81
N VAL A 69 1.77 9.37 4.16
CA VAL A 69 0.70 10.03 4.94
C VAL A 69 0.50 11.47 4.50
N ASP A 70 1.58 12.11 4.19
CA ASP A 70 1.57 13.49 3.78
C ASP A 70 1.45 13.69 2.27
N ASN A 71 2.35 13.12 1.52
CA ASN A 71 2.53 13.55 0.14
C ASN A 71 1.67 12.78 -0.85
N LEU A 72 1.19 11.63 -0.43
CA LEU A 72 0.32 10.86 -1.28
C LEU A 72 -1.13 11.14 -0.91
N ASN A 73 -1.30 11.86 0.19
CA ASN A 73 -2.61 12.21 0.69
C ASN A 73 -3.22 13.29 -0.16
N GLY A 74 -4.38 13.03 -0.67
CA GLY A 74 -5.02 14.00 -1.51
C GLY A 74 -4.88 13.65 -2.97
N PHE A 75 -4.32 12.48 -3.24
CA PHE A 75 -4.21 12.02 -4.61
C PHE A 75 -5.59 11.55 -5.06
N LYS A 76 -6.03 12.07 -6.18
CA LYS A 76 -7.36 11.84 -6.69
C LYS A 76 -7.35 10.58 -7.55
N ILE A 77 -8.21 9.65 -7.21
CA ILE A 77 -8.33 8.42 -7.97
C ILE A 77 -9.82 8.13 -8.22
N GLY A 78 -10.27 8.47 -9.41
CA GLY A 78 -11.61 8.15 -9.84
C GLY A 78 -12.68 8.96 -9.14
N GLY A 79 -12.52 10.26 -9.17
CA GLY A 79 -13.50 11.15 -8.59
C GLY A 79 -13.35 11.39 -7.11
N ARG A 80 -12.62 10.54 -6.43
CA ARG A 80 -12.43 10.68 -5.00
C ARG A 80 -10.96 10.63 -4.66
N ALA A 81 -10.57 11.28 -3.60
CA ALA A 81 -9.19 11.29 -3.19
C ALA A 81 -9.01 10.37 -2.00
N LEU A 82 -7.87 9.75 -1.92
CA LEU A 82 -7.59 8.86 -0.81
C LEU A 82 -7.02 9.59 0.39
N LYS A 83 -7.31 9.06 1.55
CA LYS A 83 -6.88 9.62 2.80
C LYS A 83 -5.94 8.66 3.52
N ILE A 84 -4.81 9.16 4.00
CA ILE A 84 -3.89 8.35 4.77
C ILE A 84 -3.82 8.87 6.23
N ASP A 85 -3.77 7.97 7.20
CA ASP A 85 -3.61 8.32 8.63
C ASP A 85 -2.85 7.15 9.30
N HIS A 86 -2.34 7.33 10.49
CA HIS A 86 -1.55 6.26 11.14
C HIS A 86 -2.42 5.39 12.02
N THR A 87 -2.87 4.30 11.49
CA THR A 87 -3.75 3.43 12.22
C THR A 87 -2.97 2.16 12.60
N PHE A 88 -3.40 1.49 13.61
CA PHE A 88 -2.79 0.29 14.02
C PHE A 88 -3.87 -0.61 14.55
N TYR A 89 -3.98 -1.79 14.01
CA TYR A 89 -4.98 -2.72 14.42
C TYR A 89 -4.35 -4.09 14.43
N ARG A 90 -4.95 -5.00 15.13
CA ARG A 90 -4.43 -6.33 15.18
C ARG A 90 -5.02 -7.15 14.05
N PRO A 91 -4.16 -7.78 13.22
CA PRO A 91 -4.59 -8.54 12.03
C PRO A 91 -5.48 -9.72 12.39
N LYS A 92 -6.44 -10.00 11.55
CA LYS A 92 -7.39 -11.03 11.83
C LYS A 92 -6.81 -12.43 11.64
N ARG A 93 -7.13 -13.29 12.57
CA ARG A 93 -6.68 -14.67 12.57
C ARG A 93 -7.54 -15.50 11.63
N SER A 94 -8.79 -15.10 11.51
CA SER A 94 -9.76 -15.78 10.69
C SER A 94 -9.42 -15.63 9.20
N LEU A 95 -8.87 -14.48 8.84
CA LEU A 95 -8.58 -14.17 7.45
C LEU A 95 -7.09 -14.17 7.19
N GLN A 96 -6.34 -14.83 8.06
CA GLN A 96 -4.87 -14.84 8.03
C GLN A 96 -4.26 -15.15 6.65
N LYS A 97 -4.88 -16.09 5.90
CA LYS A 97 -4.35 -16.46 4.60
C LYS A 97 -4.42 -15.34 3.62
N TYR A 98 -5.33 -14.41 3.82
CA TYR A 98 -5.39 -13.25 2.98
C TYR A 98 -4.14 -12.39 3.22
N TYR A 99 -3.80 -12.22 4.48
CA TYR A 99 -2.64 -11.42 4.90
C TYR A 99 -1.35 -12.01 4.39
N GLU A 100 -1.13 -13.28 4.70
CA GLU A 100 0.09 -13.94 4.32
C GLU A 100 0.23 -14.11 2.81
N ALA A 101 -0.89 -14.33 2.11
CA ALA A 101 -0.85 -14.48 0.64
C ALA A 101 -0.45 -13.17 0.01
N VAL A 102 -0.83 -12.06 0.64
CA VAL A 102 -0.45 -10.76 0.17
C VAL A 102 1.05 -10.52 0.34
N LYS A 103 1.56 -10.75 1.56
CA LYS A 103 2.96 -10.44 1.84
C LYS A 103 3.89 -11.30 1.00
N GLU A 104 3.44 -12.51 0.65
CA GLU A 104 4.22 -13.42 -0.20
C GLU A 104 4.66 -12.73 -1.48
N GLU A 105 3.73 -12.02 -2.11
CA GLU A 105 3.98 -11.35 -3.39
C GLU A 105 4.91 -10.17 -3.23
N LEU A 106 4.96 -9.65 -2.03
CA LEU A 106 5.77 -8.49 -1.74
C LEU A 106 7.16 -8.97 -1.35
N ASP A 107 7.17 -9.98 -0.50
CA ASP A 107 8.37 -10.62 0.05
C ASP A 107 9.28 -11.13 -1.04
N ARG A 108 8.67 -11.46 -2.18
CA ARG A 108 9.39 -11.91 -3.40
C ARG A 108 10.58 -11.02 -3.72
N ASP A 109 10.35 -9.73 -3.61
CA ASP A 109 11.36 -8.73 -3.94
C ASP A 109 12.24 -8.44 -2.75
N ILE A 110 11.60 -8.41 -1.60
CA ILE A 110 12.22 -8.05 -0.34
C ILE A 110 13.32 -9.05 0.03
N VAL A 111 13.04 -10.33 -0.12
CA VAL A 111 14.00 -11.33 0.22
C VAL A 111 15.06 -11.43 -0.89
N SER A 112 16.30 -11.27 -0.52
CA SER A 112 17.37 -11.40 -1.46
C SER A 112 17.85 -12.83 -1.41
N LYS A 113 17.80 -13.52 -2.51
CA LYS A 113 18.14 -14.90 -2.52
C LYS A 113 18.98 -15.29 -3.72
N ASN A 114 20.06 -15.99 -3.45
CA ASN A 114 20.83 -16.62 -4.54
C ASN A 114 20.26 -18.00 -4.69
N ASN A 115 19.75 -18.48 -3.58
CA ASN A 115 19.11 -19.74 -3.44
C ASN A 115 17.87 -19.48 -2.60
N ALA A 116 16.73 -19.85 -3.09
CA ALA A 116 15.50 -19.59 -2.39
C ALA A 116 15.15 -20.73 -1.45
N GLU A 117 15.37 -21.95 -1.88
CA GLU A 117 15.01 -23.11 -1.12
C GLU A 117 16.11 -24.16 -1.19
N LYS A 118 16.31 -24.86 -0.10
CA LYS A 118 17.25 -25.96 -0.10
C LYS A 118 16.45 -27.25 -0.23
N GLY B 1 -11.51 -27.88 8.83
CA GLY B 1 -11.36 -26.64 8.10
C GLY B 1 -11.69 -26.80 6.63
N SER B 2 -11.52 -25.74 5.88
CA SER B 2 -11.79 -25.75 4.47
C SER B 2 -10.57 -26.29 3.75
N LYS B 3 -10.81 -27.19 2.83
CA LYS B 3 -9.73 -27.77 2.07
C LYS B 3 -9.99 -27.60 0.58
N SER B 4 -10.94 -26.77 0.26
CA SER B 4 -11.21 -26.43 -1.11
C SER B 4 -10.32 -25.26 -1.47
N GLN B 5 -10.47 -24.21 -0.72
CA GLN B 5 -9.67 -23.03 -0.83
C GLN B 5 -9.54 -22.54 0.58
N TYR B 6 -8.54 -21.73 0.85
CA TYR B 6 -8.28 -21.28 2.21
C TYR B 6 -9.38 -20.34 2.65
N ILE B 7 -9.42 -19.19 2.04
CA ILE B 7 -10.43 -18.20 2.29
C ILE B 7 -11.02 -17.95 0.93
N ASP B 8 -12.22 -17.49 0.84
CA ASP B 8 -12.85 -17.31 -0.46
C ASP B 8 -12.50 -15.96 -1.06
N ILE B 9 -11.98 -15.07 -0.22
CA ILE B 9 -11.67 -13.72 -0.67
C ILE B 9 -10.43 -13.74 -1.57
N MET B 10 -9.24 -13.81 -0.92
CA MET B 10 -7.93 -13.78 -1.60
C MET B 10 -7.69 -12.39 -2.28
N PRO B 11 -6.44 -11.92 -2.34
CA PRO B 11 -6.11 -10.62 -2.97
C PRO B 11 -6.18 -10.69 -4.50
N ASP B 12 -6.38 -9.54 -5.14
CA ASP B 12 -6.46 -9.52 -6.61
C ASP B 12 -5.14 -9.17 -7.24
N PHE B 13 -4.60 -8.01 -6.86
CA PHE B 13 -3.33 -7.48 -7.41
C PHE B 13 -3.45 -7.10 -8.89
N SER B 14 -3.89 -5.90 -9.14
CA SER B 14 -4.01 -5.34 -10.47
C SER B 14 -4.10 -3.83 -10.30
N PRO B 15 -3.81 -3.02 -11.32
CA PRO B 15 -4.08 -1.59 -11.25
C PRO B 15 -5.53 -1.36 -11.54
N SER B 16 -6.05 -0.26 -11.15
CA SER B 16 -7.33 0.05 -11.59
C SER B 16 -7.21 0.83 -12.89
N GLY B 17 -8.27 0.83 -13.54
CA GLY B 17 -8.45 1.56 -14.76
C GLY B 17 -8.72 3.01 -14.49
N LEU B 18 -8.91 3.33 -13.22
CA LEU B 18 -9.05 4.70 -12.80
C LEU B 18 -7.67 5.26 -12.86
N LEU B 19 -6.80 4.54 -12.21
CA LEU B 19 -5.43 4.88 -11.95
C LEU B 19 -4.67 5.34 -13.17
N GLU B 20 -4.82 4.62 -14.26
CA GLU B 20 -4.16 4.93 -15.51
C GLU B 20 -4.56 6.32 -16.05
N LEU B 21 -5.75 6.75 -15.72
CA LEU B 21 -6.24 8.04 -16.16
C LEU B 21 -6.00 9.11 -15.10
N GLU B 22 -5.99 8.69 -13.85
CA GLU B 22 -5.88 9.58 -12.70
C GLU B 22 -4.47 10.04 -12.42
N SER B 23 -3.50 9.24 -12.76
CA SER B 23 -2.14 9.65 -12.56
C SER B 23 -1.65 10.31 -13.86
N GLY C 1 6.79 -2.80 -12.92
CA GLY C 1 7.36 -2.12 -11.77
C GLY C 1 8.85 -2.23 -11.80
N SER C 2 9.55 -1.13 -11.56
CA SER C 2 10.99 -1.11 -11.64
C SER C 2 11.54 0.16 -10.97
N TYR C 3 12.78 0.09 -10.52
CA TYR C 3 13.47 1.23 -9.94
C TYR C 3 13.98 2.10 -11.07
N ASP C 4 13.39 3.25 -11.25
CA ASP C 4 13.84 4.12 -12.33
C ASP C 4 15.06 4.93 -11.94
N LYS C 5 14.92 5.77 -10.92
CA LYS C 5 16.04 6.56 -10.47
C LYS C 5 16.83 5.88 -9.38
N PRO C 6 18.15 5.78 -9.55
CA PRO C 6 19.05 5.17 -8.57
C PRO C 6 19.71 6.22 -7.68
N ALA C 7 19.17 7.40 -7.70
CA ALA C 7 19.71 8.49 -6.96
C ALA C 7 18.79 8.83 -5.81
N PRO C 8 19.24 8.62 -4.56
CA PRO C 8 18.46 8.92 -3.37
C PRO C 8 18.28 10.43 -3.13
N GLU C 9 17.57 11.07 -4.06
CA GLU C 9 17.26 12.49 -3.99
C GLU C 9 16.15 12.73 -2.98
N ASN C 10 15.52 11.66 -2.58
CA ASN C 10 14.46 11.70 -1.60
C ASN C 10 15.10 11.97 -0.25
N ARG C 11 14.52 12.89 0.51
CA ARG C 11 15.02 13.29 1.85
C ARG C 11 15.11 12.07 2.77
N PHE C 12 14.24 11.13 2.55
CA PHE C 12 14.15 9.94 3.36
C PHE C 12 15.02 8.82 2.77
N ALA C 13 15.72 9.12 1.67
CA ALA C 13 16.61 8.17 0.95
C ALA C 13 15.86 6.92 0.43
N ILE C 14 14.56 7.06 0.28
CA ILE C 14 13.71 5.96 -0.19
C ILE C 14 13.77 5.87 -1.70
N MET C 15 13.94 4.68 -2.20
CA MET C 15 13.91 4.44 -3.62
C MET C 15 12.64 3.67 -3.97
N PRO C 16 11.98 4.02 -5.09
CA PRO C 16 10.70 3.41 -5.53
C PRO C 16 10.77 1.89 -5.64
N GLY C 17 9.80 1.23 -5.05
CA GLY C 17 9.75 -0.22 -5.04
C GLY C 17 9.38 -0.82 -6.39
N SER C 18 9.66 -2.09 -6.54
CA SER C 18 9.48 -2.84 -7.78
C SER C 18 8.01 -3.01 -8.25
N ARG C 19 7.07 -2.32 -7.63
CA ARG C 19 5.70 -2.40 -8.10
C ARG C 19 5.25 -1.04 -8.61
N TRP C 20 6.18 -0.11 -8.60
CA TRP C 20 5.96 1.20 -9.15
C TRP C 20 6.27 1.13 -10.62
N ASP C 21 5.26 1.36 -11.44
CA ASP C 21 5.40 1.25 -12.90
C ASP C 21 6.30 2.34 -13.47
N GLY C 22 6.30 3.49 -12.84
CA GLY C 22 7.10 4.58 -13.33
C GLY C 22 6.30 5.83 -13.55
N VAL C 23 5.31 6.02 -12.73
CA VAL C 23 4.46 7.18 -12.80
C VAL C 23 4.68 7.97 -11.54
N HIS C 24 5.46 9.02 -11.64
CA HIS C 24 5.76 9.84 -10.49
C HIS C 24 4.59 10.75 -10.16
N ARG C 25 4.11 10.63 -8.96
CA ARG C 25 2.96 11.36 -8.51
C ARG C 25 3.22 11.90 -7.10
N SER C 26 2.72 13.06 -6.82
CA SER C 26 2.85 13.68 -5.52
C SER C 26 1.76 14.70 -5.41
N ASN C 27 1.24 14.92 -4.23
CA ASN C 27 0.21 15.94 -4.09
C ASN C 27 0.83 17.28 -3.72
N GLY C 28 1.87 17.24 -2.90
CA GLY C 28 2.48 18.48 -2.51
C GLY C 28 1.92 19.02 -1.22
N PHE C 29 1.51 18.11 -0.35
CA PHE C 29 0.95 18.48 0.93
C PHE C 29 2.10 19.07 1.78
N GLU C 30 1.85 20.20 2.35
CA GLU C 30 2.83 20.93 3.12
C GLU C 30 2.78 20.58 4.62
N GLU C 31 1.91 19.63 4.99
CA GLU C 31 1.71 19.22 6.38
C GLU C 31 3.06 18.76 6.97
N LYS C 32 3.72 17.90 6.23
CA LYS C 32 5.05 17.46 6.59
C LYS C 32 6.06 18.52 6.16
N TRP C 33 6.76 19.04 7.13
CA TRP C 33 7.78 20.02 6.90
C TRP C 33 8.98 19.32 6.34
N GLY A 1 -12.58 6.22 14.54
CA GLY A 1 -11.32 5.62 14.96
C GLY A 1 -10.32 5.68 13.84
N ALA A 2 -9.42 4.69 13.78
CA ALA A 2 -8.38 4.57 12.75
C ALA A 2 -7.43 5.76 12.80
N MET A 3 -7.20 6.23 14.00
CA MET A 3 -6.30 7.32 14.25
C MET A 3 -5.09 6.77 14.98
N GLY A 4 -4.09 7.61 15.19
CA GLY A 4 -2.89 7.20 15.91
C GLY A 4 -3.15 7.08 17.39
N ASN A 5 -3.82 6.01 17.76
CA ASN A 5 -4.20 5.73 19.15
C ASN A 5 -3.01 5.49 20.06
N GLU A 6 -1.93 4.94 19.53
CA GLU A 6 -0.77 4.63 20.34
C GLU A 6 0.08 5.90 20.54
N TYR A 7 0.70 6.32 19.46
CA TYR A 7 1.57 7.49 19.33
C TYR A 7 1.73 7.62 17.83
N LYS A 8 2.91 7.98 17.36
CA LYS A 8 3.20 7.97 15.94
C LYS A 8 3.80 6.60 15.60
N ASP A 9 3.91 5.76 16.64
CA ASP A 9 4.50 4.39 16.59
C ASP A 9 3.65 3.38 15.82
N ASN A 10 2.77 3.86 14.98
CA ASN A 10 1.92 3.00 14.20
C ASN A 10 2.56 2.88 12.85
N ALA A 11 3.07 1.71 12.53
CA ALA A 11 3.71 1.49 11.25
C ALA A 11 2.68 1.25 10.16
N TYR A 12 1.46 1.03 10.57
CA TYR A 12 0.36 0.87 9.65
C TYR A 12 -0.28 2.19 9.38
N ILE A 13 -0.66 2.38 8.17
CA ILE A 13 -1.35 3.55 7.79
C ILE A 13 -2.73 3.23 7.32
N TYR A 14 -3.62 4.06 7.74
CA TYR A 14 -5.01 4.01 7.40
C TYR A 14 -5.17 4.65 6.06
N ILE A 15 -5.72 3.92 5.15
CA ILE A 15 -6.00 4.44 3.86
C ILE A 15 -7.50 4.49 3.76
N GLY A 16 -8.02 5.66 3.69
CA GLY A 16 -9.43 5.82 3.62
C GLY A 16 -9.84 6.41 2.33
N ASN A 17 -11.09 6.18 2.00
CA ASN A 17 -11.75 6.71 0.81
C ASN A 17 -11.17 6.12 -0.49
N LEU A 18 -11.43 4.86 -0.69
CA LEU A 18 -11.04 4.20 -1.90
C LEU A 18 -12.26 3.85 -2.69
N ASN A 19 -12.09 3.69 -3.96
CA ASN A 19 -13.18 3.43 -4.87
C ASN A 19 -13.26 1.90 -5.03
N ARG A 20 -14.44 1.38 -5.35
CA ARG A 20 -14.70 -0.08 -5.43
C ARG A 20 -13.70 -0.89 -6.20
N GLU A 21 -13.31 -0.44 -7.35
CA GLU A 21 -12.39 -1.18 -8.19
C GLU A 21 -11.00 -1.25 -7.61
N LEU A 22 -10.62 -0.26 -6.81
CA LEU A 22 -9.27 -0.18 -6.29
C LEU A 22 -9.01 -1.35 -5.35
N THR A 23 -8.07 -2.13 -5.75
CA THR A 23 -7.69 -3.34 -5.11
C THR A 23 -6.28 -3.19 -4.48
N GLU A 24 -5.68 -4.26 -3.95
CA GLU A 24 -4.39 -4.13 -3.22
C GLU A 24 -3.28 -3.75 -4.17
N GLY A 25 -3.30 -4.35 -5.35
CA GLY A 25 -2.29 -4.07 -6.36
C GLY A 25 -2.34 -2.63 -6.85
N ASP A 26 -3.50 -2.05 -6.72
CA ASP A 26 -3.75 -0.68 -7.15
C ASP A 26 -3.08 0.26 -6.16
N ILE A 27 -3.32 -0.06 -4.91
CA ILE A 27 -2.75 0.63 -3.76
C ILE A 27 -1.23 0.56 -3.81
N LEU A 28 -0.71 -0.58 -4.21
CA LEU A 28 0.72 -0.77 -4.37
C LEU A 28 1.25 0.19 -5.43
N THR A 29 0.55 0.24 -6.55
CA THR A 29 0.92 1.09 -7.67
C THR A 29 1.06 2.57 -7.25
N VAL A 30 0.18 3.02 -6.38
CA VAL A 30 0.29 4.36 -5.88
C VAL A 30 1.31 4.53 -4.74
N PHE A 31 1.25 3.67 -3.73
CA PHE A 31 2.11 3.79 -2.54
C PHE A 31 3.59 3.44 -2.79
N SER A 32 3.87 2.57 -3.75
CA SER A 32 5.23 2.08 -4.00
C SER A 32 6.22 3.18 -4.48
N GLU A 33 5.71 4.36 -4.78
CA GLU A 33 6.57 5.47 -5.15
C GLU A 33 7.33 5.99 -3.92
N TYR A 34 6.72 5.83 -2.76
CA TYR A 34 7.28 6.39 -1.53
C TYR A 34 8.05 5.36 -0.75
N GLY A 35 8.21 4.20 -1.33
CA GLY A 35 8.96 3.17 -0.71
C GLY A 35 8.49 1.80 -1.08
N VAL A 36 8.75 0.86 -0.22
CA VAL A 36 8.35 -0.52 -0.46
C VAL A 36 7.29 -0.91 0.55
N PRO A 37 6.05 -1.11 0.10
CA PRO A 37 4.98 -1.63 0.94
C PRO A 37 5.25 -3.09 1.24
N VAL A 38 5.41 -3.41 2.49
CA VAL A 38 5.74 -4.78 2.86
C VAL A 38 4.51 -5.56 3.23
N ASP A 39 3.45 -4.87 3.53
CA ASP A 39 2.21 -5.50 3.89
C ASP A 39 1.08 -4.55 3.59
N VAL A 40 0.06 -5.02 2.93
CA VAL A 40 -1.07 -4.19 2.54
C VAL A 40 -2.33 -5.02 2.60
N ILE A 41 -3.38 -4.43 3.03
CA ILE A 41 -4.65 -5.10 3.10
C ILE A 41 -5.76 -4.20 2.67
N LEU A 42 -6.59 -4.70 1.82
CA LEU A 42 -7.71 -3.98 1.33
C LEU A 42 -8.92 -4.50 2.06
N SER A 43 -9.66 -3.62 2.67
CA SER A 43 -10.82 -4.04 3.40
C SER A 43 -11.93 -4.36 2.42
N ARG A 44 -12.12 -5.62 2.24
CA ARG A 44 -13.15 -6.16 1.40
C ARG A 44 -13.89 -7.17 2.22
N ASP A 45 -15.17 -7.31 1.97
CA ASP A 45 -15.98 -8.29 2.67
C ASP A 45 -15.45 -9.70 2.42
N GLU A 46 -15.42 -10.51 3.45
CA GLU A 46 -14.84 -11.84 3.41
C GLU A 46 -15.61 -12.79 2.47
N ASN A 47 -16.85 -12.48 2.21
CA ASN A 47 -17.72 -13.39 1.48
C ASN A 47 -17.80 -12.98 0.01
N THR A 48 -18.14 -11.74 -0.22
CA THR A 48 -18.34 -11.26 -1.58
C THR A 48 -17.09 -10.58 -2.14
N GLY A 49 -16.18 -10.19 -1.28
CA GLY A 49 -14.95 -9.58 -1.73
C GLY A 49 -15.12 -8.14 -2.18
N GLU A 50 -16.22 -7.52 -1.81
CA GLU A 50 -16.45 -6.16 -2.22
C GLU A 50 -15.73 -5.17 -1.32
N SER A 51 -14.96 -4.29 -1.94
CA SER A 51 -14.15 -3.29 -1.27
C SER A 51 -15.02 -2.31 -0.47
N GLN A 52 -14.69 -2.13 0.78
CA GLN A 52 -15.42 -1.25 1.68
C GLN A 52 -15.05 0.20 1.41
N GLY A 53 -13.93 0.37 0.73
CA GLY A 53 -13.44 1.69 0.42
C GLY A 53 -12.41 2.14 1.43
N PHE A 54 -11.82 1.17 2.13
CA PHE A 54 -10.80 1.42 3.13
C PHE A 54 -9.72 0.39 2.97
N ALA A 55 -8.52 0.73 3.33
CA ALA A 55 -7.40 -0.17 3.26
C ALA A 55 -6.40 0.20 4.33
N TYR A 56 -5.42 -0.65 4.53
CA TYR A 56 -4.35 -0.41 5.49
C TYR A 56 -3.08 -0.90 4.83
N LEU A 57 -1.98 -0.25 5.11
CA LEU A 57 -0.72 -0.64 4.50
C LEU A 57 0.41 -0.29 5.45
N LYS A 58 1.49 -1.01 5.35
CA LYS A 58 2.70 -0.68 6.07
C LYS A 58 3.90 -0.87 5.16
N TYR A 59 4.78 0.08 5.17
CA TYR A 59 6.03 0.00 4.46
C TYR A 59 7.06 -0.75 5.31
N GLU A 60 8.22 -0.98 4.73
CA GLU A 60 9.33 -1.61 5.44
C GLU A 60 9.78 -0.72 6.60
N ASP A 61 9.78 0.55 6.36
CA ASP A 61 10.23 1.52 7.34
C ASP A 61 9.10 2.50 7.64
N GLN A 62 9.04 2.97 8.88
CA GLN A 62 7.97 3.86 9.32
C GLN A 62 8.11 5.25 8.67
N ARG A 63 9.30 5.64 8.31
CA ARG A 63 9.50 6.98 7.76
C ARG A 63 9.16 7.02 6.27
N SER A 64 9.13 5.86 5.67
CA SER A 64 8.74 5.70 4.28
C SER A 64 7.21 5.83 4.27
N THR A 65 6.68 5.27 5.31
CA THR A 65 5.30 5.31 5.66
C THR A 65 4.84 6.79 5.86
N ILE A 66 5.63 7.57 6.63
CA ILE A 66 5.33 8.99 6.89
C ILE A 66 5.35 9.80 5.58
N LEU A 67 6.25 9.44 4.68
CA LEU A 67 6.37 10.12 3.40
C LEU A 67 5.05 9.99 2.62
N ALA A 68 4.50 8.78 2.61
CA ALA A 68 3.22 8.54 1.96
C ALA A 68 2.10 9.38 2.58
N VAL A 69 2.10 9.44 3.91
CA VAL A 69 1.08 10.18 4.69
C VAL A 69 1.03 11.65 4.29
N ASP A 70 2.18 12.24 4.10
CA ASP A 70 2.26 13.67 3.84
C ASP A 70 2.12 14.01 2.36
N ASN A 71 2.48 13.09 1.47
CA ASN A 71 2.48 13.42 0.05
C ASN A 71 1.26 12.89 -0.66
N LEU A 72 1.04 11.59 -0.55
CA LEU A 72 0.04 10.89 -1.33
C LEU A 72 -1.39 11.24 -0.89
N ASN A 73 -1.52 11.81 0.30
CA ASN A 73 -2.83 12.16 0.84
C ASN A 73 -3.46 13.25 0.01
N GLY A 74 -4.60 12.94 -0.58
CA GLY A 74 -5.28 13.89 -1.39
C GLY A 74 -5.16 13.60 -2.86
N PHE A 75 -4.40 12.56 -3.21
CA PHE A 75 -4.25 12.19 -4.60
C PHE A 75 -5.58 11.64 -5.11
N LYS A 76 -6.04 12.17 -6.21
CA LYS A 76 -7.33 11.85 -6.74
C LYS A 76 -7.28 10.62 -7.63
N ILE A 77 -8.11 9.65 -7.32
CA ILE A 77 -8.23 8.45 -8.11
C ILE A 77 -9.71 8.14 -8.37
N GLY A 78 -10.17 8.50 -9.53
CA GLY A 78 -11.50 8.13 -9.97
C GLY A 78 -12.60 8.84 -9.21
N GLY A 79 -12.39 10.11 -8.96
CA GLY A 79 -13.39 10.89 -8.28
C GLY A 79 -13.19 10.96 -6.78
N ARG A 80 -12.44 10.02 -6.24
CA ARG A 80 -12.18 10.01 -4.80
C ARG A 80 -10.72 10.31 -4.57
N ALA A 81 -10.42 11.03 -3.54
CA ALA A 81 -9.04 11.24 -3.19
C ALA A 81 -8.75 10.46 -1.94
N LEU A 82 -7.76 9.59 -2.02
CA LEU A 82 -7.43 8.74 -0.91
C LEU A 82 -6.81 9.50 0.26
N LYS A 83 -7.12 9.03 1.42
CA LYS A 83 -6.75 9.62 2.68
C LYS A 83 -5.79 8.70 3.41
N ILE A 84 -4.68 9.24 3.88
CA ILE A 84 -3.73 8.43 4.64
C ILE A 84 -3.57 9.03 6.05
N ASP A 85 -3.58 8.18 7.05
CA ASP A 85 -3.33 8.59 8.44
C ASP A 85 -2.64 7.40 9.08
N HIS A 86 -2.22 7.51 10.30
CA HIS A 86 -1.58 6.39 10.98
C HIS A 86 -2.59 5.70 11.84
N THR A 87 -2.56 4.39 11.86
CA THR A 87 -3.44 3.62 12.69
C THR A 87 -2.75 2.32 13.03
N PHE A 88 -3.17 1.66 14.05
CA PHE A 88 -2.62 0.40 14.37
C PHE A 88 -3.73 -0.51 14.80
N TYR A 89 -3.70 -1.73 14.34
CA TYR A 89 -4.69 -2.71 14.67
C TYR A 89 -4.00 -4.05 14.61
N ARG A 90 -4.55 -5.05 15.24
CA ARG A 90 -3.98 -6.37 15.18
C ARG A 90 -4.65 -7.18 14.09
N PRO A 91 -3.88 -7.93 13.29
CA PRO A 91 -4.40 -8.76 12.19
C PRO A 91 -5.47 -9.75 12.66
N LYS A 92 -6.45 -9.95 11.81
CA LYS A 92 -7.56 -10.82 12.11
C LYS A 92 -7.19 -12.26 11.73
N ARG A 93 -7.54 -13.22 12.57
CA ARG A 93 -7.15 -14.60 12.35
C ARG A 93 -7.87 -15.22 11.16
N SER A 94 -9.13 -14.90 10.95
CA SER A 94 -9.89 -15.48 9.84
C SER A 94 -9.26 -15.11 8.49
N LEU A 95 -8.47 -14.05 8.48
CA LEU A 95 -7.84 -13.61 7.28
C LEU A 95 -6.35 -13.92 7.28
N GLN A 96 -5.88 -14.81 8.18
CA GLN A 96 -4.44 -15.09 8.29
C GLN A 96 -3.80 -15.53 6.97
N LYS A 97 -4.47 -16.44 6.26
CA LYS A 97 -3.98 -16.90 4.98
C LYS A 97 -4.05 -15.81 3.94
N TYR A 98 -4.93 -14.85 4.14
CA TYR A 98 -5.06 -13.72 3.25
C TYR A 98 -3.82 -12.81 3.46
N TYR A 99 -3.49 -12.53 4.73
CA TYR A 99 -2.31 -11.69 5.07
C TYR A 99 -1.01 -12.29 4.56
N GLU A 100 -0.79 -13.58 4.86
CA GLU A 100 0.43 -14.24 4.42
C GLU A 100 0.51 -14.36 2.90
N ALA A 101 -0.64 -14.53 2.24
CA ALA A 101 -0.68 -14.60 0.78
C ALA A 101 -0.31 -13.25 0.19
N VAL A 102 -0.85 -12.20 0.79
CA VAL A 102 -0.57 -10.85 0.38
C VAL A 102 0.91 -10.52 0.50
N LYS A 103 1.48 -10.75 1.68
CA LYS A 103 2.85 -10.36 1.91
C LYS A 103 3.80 -11.16 1.04
N GLU A 104 3.43 -12.39 0.68
CA GLU A 104 4.22 -13.21 -0.24
C GLU A 104 4.51 -12.47 -1.54
N GLU A 105 3.45 -11.95 -2.14
CA GLU A 105 3.52 -11.26 -3.42
C GLU A 105 4.34 -9.97 -3.30
N LEU A 106 4.40 -9.44 -2.12
CA LEU A 106 5.13 -8.21 -1.88
C LEU A 106 6.57 -8.57 -1.56
N ASP A 107 6.73 -9.66 -0.84
CA ASP A 107 8.01 -10.17 -0.39
C ASP A 107 8.91 -10.54 -1.55
N ARG A 108 8.30 -10.75 -2.72
CA ARG A 108 9.04 -11.03 -3.97
C ARG A 108 9.98 -9.86 -4.28
N ASP A 109 9.59 -8.66 -3.81
CA ASP A 109 10.37 -7.44 -4.00
C ASP A 109 11.17 -7.14 -2.77
N ILE A 110 10.55 -7.37 -1.60
CA ILE A 110 11.17 -7.12 -0.28
C ILE A 110 12.46 -7.88 -0.19
N VAL A 111 12.41 -9.14 -0.52
CA VAL A 111 13.60 -9.90 -0.58
C VAL A 111 14.24 -9.53 -1.93
N SER A 112 15.39 -8.93 -1.86
CA SER A 112 16.00 -8.30 -3.01
C SER A 112 16.44 -9.29 -4.08
N LYS A 113 16.90 -10.45 -3.67
CA LYS A 113 17.38 -11.40 -4.63
C LYS A 113 16.65 -12.72 -4.47
N ASN A 114 15.86 -13.06 -5.48
CA ASN A 114 15.13 -14.32 -5.54
C ASN A 114 14.49 -14.47 -6.90
N ASN A 115 13.98 -15.63 -7.18
CA ASN A 115 13.21 -15.84 -8.39
C ASN A 115 11.82 -16.26 -8.00
N ALA A 116 10.99 -15.29 -7.77
CA ALA A 116 9.64 -15.50 -7.41
C ALA A 116 8.88 -14.27 -7.70
N GLU A 117 7.66 -14.42 -8.09
CA GLU A 117 6.82 -13.32 -8.42
C GLU A 117 5.40 -13.71 -8.10
N LYS A 118 4.87 -14.59 -8.91
CA LYS A 118 3.57 -15.12 -8.73
C LYS A 118 3.53 -16.44 -9.46
N GLY B 1 -0.93 -28.61 4.35
CA GLY B 1 -2.18 -27.93 4.63
C GLY B 1 -3.28 -28.51 3.80
N SER B 2 -4.44 -27.92 3.85
CA SER B 2 -5.56 -28.38 3.08
C SER B 2 -5.50 -27.79 1.65
N LYS B 3 -6.19 -28.42 0.71
CA LYS B 3 -6.25 -27.95 -0.68
C LYS B 3 -7.65 -27.36 -0.95
N SER B 4 -8.41 -27.30 0.11
CA SER B 4 -9.79 -26.88 0.10
C SER B 4 -9.95 -25.35 -0.12
N GLN B 5 -8.81 -24.65 -0.12
CA GLN B 5 -8.76 -23.19 -0.17
C GLN B 5 -9.29 -22.60 1.14
N TYR B 6 -8.38 -22.03 1.87
CA TYR B 6 -8.58 -21.59 3.23
C TYR B 6 -9.52 -20.40 3.31
N ILE B 7 -9.19 -19.34 2.60
CA ILE B 7 -9.98 -18.12 2.68
C ILE B 7 -10.85 -18.06 1.45
N ASP B 8 -12.01 -17.52 1.61
CA ASP B 8 -12.99 -17.43 0.56
C ASP B 8 -12.65 -16.31 -0.41
N ILE B 9 -11.97 -15.29 0.10
CA ILE B 9 -11.57 -14.15 -0.72
C ILE B 9 -10.25 -14.39 -1.43
N MET B 10 -9.15 -14.34 -0.66
CA MET B 10 -7.77 -14.45 -1.19
C MET B 10 -7.40 -13.13 -1.94
N PRO B 11 -6.10 -12.82 -2.14
CA PRO B 11 -5.69 -11.53 -2.76
C PRO B 11 -5.95 -11.44 -4.27
N ASP B 12 -6.01 -10.22 -4.76
CA ASP B 12 -6.18 -9.93 -6.18
C ASP B 12 -4.89 -9.47 -6.82
N PHE B 13 -4.47 -8.24 -6.46
CA PHE B 13 -3.30 -7.55 -7.03
C PHE B 13 -3.47 -7.25 -8.51
N SER B 14 -4.01 -6.09 -8.80
CA SER B 14 -4.22 -5.62 -10.15
C SER B 14 -4.30 -4.10 -10.09
N PRO B 15 -4.02 -3.36 -11.17
CA PRO B 15 -4.21 -1.91 -11.19
C PRO B 15 -5.57 -1.54 -11.79
N SER B 16 -6.28 -0.62 -11.19
CA SER B 16 -7.51 -0.21 -11.76
C SER B 16 -7.22 0.95 -12.71
N GLY B 17 -7.68 0.82 -13.89
CA GLY B 17 -7.50 1.78 -14.96
C GLY B 17 -8.09 3.16 -14.71
N LEU B 18 -8.54 3.44 -13.49
CA LEU B 18 -8.93 4.79 -13.16
C LEU B 18 -7.63 5.57 -13.18
N LEU B 19 -6.64 4.88 -12.66
CA LEU B 19 -5.28 5.32 -12.50
C LEU B 19 -4.71 5.98 -13.74
N GLU B 20 -4.77 5.28 -14.85
CA GLU B 20 -4.21 5.77 -16.10
C GLU B 20 -5.01 6.94 -16.70
N LEU B 21 -6.17 7.21 -16.14
CA LEU B 21 -7.01 8.29 -16.59
C LEU B 21 -6.78 9.51 -15.69
N GLU B 22 -6.27 9.26 -14.50
CA GLU B 22 -6.07 10.29 -13.49
C GLU B 22 -4.61 10.79 -13.50
N SER B 23 -3.70 9.92 -13.89
CA SER B 23 -2.28 10.20 -13.91
C SER B 23 -1.91 11.40 -14.82
N GLY C 1 29.79 -1.88 -10.30
CA GLY C 1 30.49 -0.62 -10.05
C GLY C 1 30.40 -0.26 -8.60
N SER C 2 30.08 0.98 -8.33
CA SER C 2 29.93 1.44 -6.98
C SER C 2 28.58 2.15 -6.86
N TYR C 3 28.30 2.75 -5.73
CA TYR C 3 27.11 3.51 -5.57
C TYR C 3 27.42 4.89 -6.16
N ASP C 4 26.81 5.18 -7.29
CA ASP C 4 27.20 6.34 -8.07
C ASP C 4 26.54 7.62 -7.59
N LYS C 5 25.23 7.65 -7.51
CA LYS C 5 24.55 8.82 -6.95
C LYS C 5 24.35 8.62 -5.46
N PRO C 6 25.08 9.37 -4.64
CA PRO C 6 25.09 9.19 -3.19
C PRO C 6 23.83 9.71 -2.49
N ALA C 7 23.11 10.58 -3.14
CA ALA C 7 21.93 11.14 -2.55
C ALA C 7 20.75 11.01 -3.48
N PRO C 8 19.86 10.06 -3.20
CA PRO C 8 18.65 9.89 -3.98
C PRO C 8 17.65 11.02 -3.69
N GLU C 9 16.69 11.19 -4.57
CA GLU C 9 15.67 12.26 -4.43
C GLU C 9 14.52 11.79 -3.54
N ASN C 10 14.63 10.58 -3.05
CA ASN C 10 13.54 9.91 -2.34
C ASN C 10 13.52 10.24 -0.84
N ARG C 11 13.99 11.42 -0.48
CA ARG C 11 13.95 11.98 0.90
C ARG C 11 14.78 11.19 1.91
N PHE C 12 14.26 10.06 2.33
CA PHE C 12 14.89 9.24 3.37
C PHE C 12 15.80 8.21 2.70
N ALA C 13 16.01 8.41 1.39
CA ALA C 13 16.79 7.53 0.54
C ALA C 13 16.17 6.14 0.53
N ILE C 14 14.91 6.11 0.18
CA ILE C 14 14.15 4.89 0.12
C ILE C 14 14.12 4.46 -1.32
N MET C 15 14.26 3.20 -1.58
CA MET C 15 14.20 2.73 -2.94
C MET C 15 12.77 2.37 -3.30
N PRO C 16 12.24 2.94 -4.40
CA PRO C 16 10.90 2.61 -4.88
C PRO C 16 10.86 1.17 -5.39
N GLY C 17 9.97 0.36 -4.83
CA GLY C 17 9.86 -1.03 -5.23
C GLY C 17 9.31 -1.22 -6.63
N SER C 18 9.35 -2.44 -7.12
CA SER C 18 8.86 -2.77 -8.46
C SER C 18 7.33 -2.92 -8.49
N ARG C 19 6.68 -2.36 -7.50
CA ARG C 19 5.24 -2.33 -7.46
C ARG C 19 4.74 -0.97 -7.91
N TRP C 20 5.68 -0.13 -8.25
CA TRP C 20 5.40 1.18 -8.75
C TRP C 20 5.47 1.13 -10.27
N ASP C 21 4.41 1.58 -10.90
CA ASP C 21 4.29 1.56 -12.37
C ASP C 21 5.32 2.46 -13.04
N GLY C 22 5.74 3.49 -12.34
CA GLY C 22 6.68 4.42 -12.92
C GLY C 22 6.08 5.78 -13.09
N VAL C 23 4.82 5.91 -12.69
CA VAL C 23 4.13 7.19 -12.72
C VAL C 23 4.68 8.08 -11.62
N HIS C 24 5.50 9.04 -12.02
CA HIS C 24 6.05 10.02 -11.11
C HIS C 24 4.91 10.91 -10.66
N ARG C 25 4.73 10.98 -9.40
CA ARG C 25 3.64 11.67 -8.83
C ARG C 25 4.14 12.82 -7.98
N SER C 26 3.38 13.86 -7.94
CA SER C 26 3.77 15.01 -7.21
C SER C 26 2.53 15.75 -6.74
N ASN C 27 2.30 15.68 -5.46
CA ASN C 27 1.21 16.35 -4.81
C ASN C 27 1.51 16.29 -3.35
N GLY C 28 1.06 17.28 -2.61
CA GLY C 28 1.30 17.34 -1.18
C GLY C 28 2.77 17.37 -0.87
N PHE C 29 3.53 17.96 -1.78
CA PHE C 29 4.96 17.97 -1.68
C PHE C 29 5.39 18.97 -0.61
N GLU C 30 6.40 18.60 0.12
CA GLU C 30 7.00 19.36 1.22
C GLU C 30 7.76 20.63 0.73
N GLU C 31 7.67 20.87 -0.57
CA GLU C 31 8.42 21.88 -1.32
C GLU C 31 8.57 23.22 -0.58
N LYS C 32 7.48 23.81 -0.11
CA LYS C 32 7.57 25.12 0.51
C LYS C 32 7.88 25.06 1.99
N TRP C 33 9.03 25.58 2.33
CA TRP C 33 9.45 25.75 3.69
C TRP C 33 10.02 27.15 3.83
N GLY A 1 -8.82 14.64 13.99
CA GLY A 1 -8.89 13.56 13.00
C GLY A 1 -7.53 13.16 12.51
N ALA A 2 -6.68 12.78 13.43
CA ALA A 2 -5.33 12.35 13.10
C ALA A 2 -4.91 11.32 14.13
N MET A 3 -4.65 10.14 13.69
CA MET A 3 -4.30 9.07 14.58
C MET A 3 -2.85 8.72 14.41
N GLY A 4 -2.29 8.06 15.40
CA GLY A 4 -0.88 7.72 15.37
C GLY A 4 -0.03 8.96 15.53
N ASN A 5 -0.53 9.89 16.30
CA ASN A 5 0.19 11.13 16.56
C ASN A 5 1.04 10.95 17.80
N GLU A 6 0.70 9.93 18.56
CA GLU A 6 1.46 9.54 19.73
C GLU A 6 2.33 8.36 19.36
N TYR A 7 1.84 7.54 18.46
CA TYR A 7 2.60 6.44 17.95
C TYR A 7 2.96 6.70 16.51
N LYS A 8 4.05 7.38 16.30
CA LYS A 8 4.45 7.74 14.95
C LYS A 8 5.25 6.59 14.35
N ASP A 9 5.55 5.63 15.21
CA ASP A 9 6.29 4.42 14.86
C ASP A 9 5.39 3.47 14.06
N ASN A 10 4.08 3.73 14.09
CA ASN A 10 3.09 2.90 13.38
C ASN A 10 3.40 2.82 11.91
N ALA A 11 3.84 1.64 11.50
CA ALA A 11 4.18 1.34 10.15
C ALA A 11 2.92 1.10 9.31
N TYR A 12 1.85 0.68 9.99
CA TYR A 12 0.58 0.47 9.36
C TYR A 12 -0.16 1.77 9.23
N ILE A 13 -0.69 1.99 8.07
CA ILE A 13 -1.44 3.18 7.80
C ILE A 13 -2.81 2.87 7.30
N TYR A 14 -3.72 3.70 7.68
CA TYR A 14 -5.10 3.64 7.31
C TYR A 14 -5.26 4.35 5.99
N ILE A 15 -5.90 3.70 5.07
CA ILE A 15 -6.18 4.28 3.80
C ILE A 15 -7.68 4.26 3.63
N GLY A 16 -8.26 5.41 3.57
CA GLY A 16 -9.67 5.50 3.43
C GLY A 16 -10.04 6.33 2.24
N ASN A 17 -11.32 6.27 1.88
CA ASN A 17 -11.90 7.00 0.75
C ASN A 17 -11.35 6.46 -0.57
N LEU A 18 -11.43 5.15 -0.72
CA LEU A 18 -11.01 4.50 -1.94
C LEU A 18 -12.22 4.18 -2.78
N ASN A 19 -12.03 4.18 -4.07
CA ASN A 19 -13.07 3.86 -5.00
C ASN A 19 -13.32 2.37 -4.99
N ARG A 20 -14.48 1.95 -5.43
CA ARG A 20 -14.90 0.56 -5.30
C ARG A 20 -14.05 -0.38 -6.18
N GLU A 21 -13.52 0.15 -7.25
CA GLU A 21 -12.72 -0.64 -8.18
C GLU A 21 -11.22 -0.61 -7.83
N LEU A 22 -10.85 0.10 -6.77
CA LEU A 22 -9.46 0.11 -6.35
C LEU A 22 -9.18 -1.09 -5.46
N THR A 23 -8.28 -1.93 -5.90
CA THR A 23 -7.91 -3.10 -5.17
C THR A 23 -6.44 -2.97 -4.65
N GLU A 24 -5.92 -4.03 -4.01
CA GLU A 24 -4.59 -4.02 -3.36
C GLU A 24 -3.47 -3.63 -4.32
N GLY A 25 -3.50 -4.21 -5.51
CA GLY A 25 -2.48 -3.96 -6.51
C GLY A 25 -2.40 -2.51 -6.93
N ASP A 26 -3.53 -1.84 -6.92
CA ASP A 26 -3.63 -0.45 -7.36
C ASP A 26 -2.96 0.43 -6.33
N ILE A 27 -3.28 0.15 -5.09
CA ILE A 27 -2.72 0.81 -3.94
C ILE A 27 -1.19 0.67 -3.96
N LEU A 28 -0.74 -0.52 -4.27
CA LEU A 28 0.68 -0.79 -4.38
C LEU A 28 1.30 0.00 -5.52
N THR A 29 0.56 0.16 -6.60
CA THR A 29 1.01 0.90 -7.76
C THR A 29 1.35 2.37 -7.38
N VAL A 30 0.50 2.98 -6.55
CA VAL A 30 0.77 4.34 -6.10
C VAL A 30 1.77 4.40 -4.92
N PHE A 31 1.61 3.52 -3.93
CA PHE A 31 2.45 3.51 -2.73
C PHE A 31 3.89 3.05 -2.96
N SER A 32 4.13 2.30 -4.01
CA SER A 32 5.46 1.77 -4.28
C SER A 32 6.43 2.86 -4.77
N GLU A 33 5.91 4.05 -5.04
CA GLU A 33 6.73 5.19 -5.44
C GLU A 33 7.47 5.76 -4.23
N TYR A 34 6.94 5.45 -3.06
CA TYR A 34 7.46 5.99 -1.82
C TYR A 34 8.40 5.03 -1.16
N GLY A 35 8.52 3.86 -1.71
CA GLY A 35 9.37 2.88 -1.15
C GLY A 35 8.88 1.50 -1.42
N VAL A 36 9.23 0.59 -0.54
CA VAL A 36 8.85 -0.78 -0.68
C VAL A 36 7.80 -1.13 0.38
N PRO A 37 6.54 -1.29 -0.05
CA PRO A 37 5.47 -1.75 0.83
C PRO A 37 5.68 -3.22 1.15
N VAL A 38 5.70 -3.57 2.41
CA VAL A 38 5.98 -4.94 2.78
C VAL A 38 4.73 -5.72 3.07
N ASP A 39 3.69 -5.03 3.44
CA ASP A 39 2.46 -5.67 3.81
C ASP A 39 1.32 -4.77 3.41
N VAL A 40 0.28 -5.31 2.84
CA VAL A 40 -0.85 -4.51 2.45
C VAL A 40 -2.11 -5.35 2.55
N ILE A 41 -3.19 -4.72 2.92
CA ILE A 41 -4.48 -5.36 3.02
C ILE A 41 -5.55 -4.41 2.60
N LEU A 42 -6.48 -4.90 1.85
CA LEU A 42 -7.59 -4.13 1.39
C LEU A 42 -8.82 -4.74 2.02
N SER A 43 -9.67 -3.91 2.58
CA SER A 43 -10.86 -4.40 3.21
C SER A 43 -11.82 -4.83 2.12
N ARG A 44 -11.95 -6.12 1.96
CA ARG A 44 -12.84 -6.69 1.01
C ARG A 44 -13.87 -7.47 1.78
N ASP A 45 -15.07 -7.47 1.30
CA ASP A 45 -16.15 -8.22 1.90
C ASP A 45 -15.79 -9.70 2.03
N GLU A 46 -16.12 -10.29 3.15
CA GLU A 46 -15.75 -11.65 3.45
C GLU A 46 -16.67 -12.68 2.75
N ASN A 47 -17.69 -12.19 2.08
CA ASN A 47 -18.67 -13.06 1.44
C ASN A 47 -18.42 -13.15 -0.06
N THR A 48 -18.20 -12.01 -0.69
CA THR A 48 -18.03 -11.95 -2.13
C THR A 48 -16.66 -11.37 -2.51
N GLY A 49 -15.97 -10.79 -1.57
CA GLY A 49 -14.66 -10.25 -1.82
C GLY A 49 -14.66 -8.91 -2.52
N GLU A 50 -15.75 -8.18 -2.45
CA GLU A 50 -15.81 -6.87 -3.10
C GLU A 50 -15.16 -5.82 -2.20
N SER A 51 -14.55 -4.81 -2.79
CA SER A 51 -13.81 -3.79 -2.06
C SER A 51 -14.73 -2.98 -1.17
N GLN A 52 -14.35 -2.77 0.06
CA GLN A 52 -15.15 -1.96 0.98
C GLN A 52 -14.72 -0.49 0.89
N GLY A 53 -13.68 -0.22 0.11
CA GLY A 53 -13.23 1.15 -0.07
C GLY A 53 -12.28 1.62 1.02
N PHE A 54 -11.76 0.68 1.80
CA PHE A 54 -10.83 0.98 2.87
C PHE A 54 -9.66 0.01 2.81
N ALA A 55 -8.49 0.47 3.16
CA ALA A 55 -7.30 -0.35 3.13
C ALA A 55 -6.36 0.01 4.25
N TYR A 56 -5.36 -0.82 4.44
CA TYR A 56 -4.33 -0.61 5.41
C TYR A 56 -3.03 -1.11 4.79
N LEU A 57 -1.96 -0.41 5.00
CA LEU A 57 -0.69 -0.79 4.37
C LEU A 57 0.45 -0.57 5.35
N LYS A 58 1.51 -1.34 5.19
CA LYS A 58 2.70 -1.23 5.99
C LYS A 58 3.96 -1.25 5.11
N TYR A 59 4.79 -0.26 5.25
CA TYR A 59 6.10 -0.25 4.61
C TYR A 59 7.10 -0.93 5.52
N GLU A 60 8.33 -1.08 5.07
CA GLU A 60 9.36 -1.69 5.90
C GLU A 60 9.73 -0.78 7.06
N ASP A 61 9.88 0.49 6.79
CA ASP A 61 10.19 1.44 7.82
C ASP A 61 9.15 2.52 7.78
N GLN A 62 8.78 3.05 8.93
CA GLN A 62 7.69 4.01 8.95
C GLN A 62 8.09 5.38 8.38
N ARG A 63 9.37 5.59 8.02
CA ARG A 63 9.75 6.85 7.36
C ARG A 63 8.96 6.97 6.05
N SER A 64 8.78 5.84 5.39
CA SER A 64 8.14 5.78 4.09
C SER A 64 6.67 5.93 4.32
N THR A 65 6.24 5.36 5.41
CA THR A 65 4.91 5.42 5.89
C THR A 65 4.46 6.89 6.09
N ILE A 66 5.24 7.67 6.86
CA ILE A 66 4.92 9.08 7.14
C ILE A 66 4.87 9.86 5.84
N LEU A 67 5.83 9.59 4.97
CA LEU A 67 5.95 10.26 3.70
C LEU A 67 4.70 10.00 2.84
N ALA A 68 4.26 8.75 2.82
CA ALA A 68 3.07 8.37 2.09
C ALA A 68 1.85 9.06 2.69
N VAL A 69 1.75 9.08 4.02
CA VAL A 69 0.65 9.72 4.72
C VAL A 69 0.52 11.19 4.32
N ASP A 70 1.62 11.87 4.35
CA ASP A 70 1.64 13.29 4.08
C ASP A 70 1.43 13.62 2.60
N ASN A 71 2.12 12.92 1.73
CA ASN A 71 2.15 13.29 0.31
C ASN A 71 0.95 12.76 -0.45
N LEU A 72 0.54 11.54 -0.16
CA LEU A 72 -0.59 10.94 -0.87
C LEU A 72 -1.92 11.48 -0.38
N ASN A 73 -1.94 12.09 0.77
CA ASN A 73 -3.20 12.59 1.27
C ASN A 73 -3.65 13.78 0.45
N GLY A 74 -4.70 13.57 -0.31
CA GLY A 74 -5.17 14.57 -1.23
C GLY A 74 -4.93 14.14 -2.66
N PHE A 75 -4.29 13.00 -2.83
CA PHE A 75 -4.06 12.42 -4.13
C PHE A 75 -5.38 11.86 -4.64
N LYS A 76 -5.76 12.30 -5.79
CA LYS A 76 -7.05 12.00 -6.36
C LYS A 76 -6.99 10.73 -7.19
N ILE A 77 -7.91 9.81 -6.93
CA ILE A 77 -8.06 8.62 -7.74
C ILE A 77 -9.53 8.41 -8.04
N GLY A 78 -9.91 8.76 -9.24
CA GLY A 78 -11.25 8.51 -9.73
C GLY A 78 -12.30 9.36 -9.08
N GLY A 79 -11.99 10.61 -8.84
CA GLY A 79 -12.97 11.53 -8.31
C GLY A 79 -12.84 11.76 -6.81
N ARG A 80 -12.20 10.86 -6.12
CA ARG A 80 -12.00 11.00 -4.69
C ARG A 80 -10.55 11.00 -4.35
N ALA A 81 -10.21 11.70 -3.31
CA ALA A 81 -8.84 11.78 -2.86
C ALA A 81 -8.66 10.97 -1.62
N LEU A 82 -7.74 10.07 -1.65
CA LEU A 82 -7.54 9.15 -0.55
C LEU A 82 -6.96 9.79 0.71
N LYS A 83 -7.37 9.24 1.81
CA LYS A 83 -7.00 9.66 3.12
C LYS A 83 -6.11 8.62 3.77
N ILE A 84 -4.95 9.04 4.21
CA ILE A 84 -4.04 8.14 4.90
C ILE A 84 -3.89 8.66 6.31
N ASP A 85 -3.72 7.76 7.26
CA ASP A 85 -3.51 8.15 8.64
C ASP A 85 -2.73 7.02 9.31
N HIS A 86 -2.22 7.21 10.50
CA HIS A 86 -1.40 6.17 11.16
C HIS A 86 -2.24 5.31 12.08
N THR A 87 -2.38 4.05 11.77
CA THR A 87 -3.22 3.22 12.58
C THR A 87 -2.57 1.87 12.84
N PHE A 88 -2.55 1.45 14.06
CA PHE A 88 -2.05 0.16 14.34
C PHE A 88 -3.17 -0.71 14.83
N TYR A 89 -3.64 -1.56 13.98
CA TYR A 89 -4.67 -2.48 14.34
C TYR A 89 -4.04 -3.85 14.37
N ARG A 90 -4.65 -4.77 15.04
CA ARG A 90 -4.10 -6.09 15.13
C ARG A 90 -4.60 -6.91 13.96
N PRO A 91 -3.69 -7.42 13.11
CA PRO A 91 -4.05 -8.25 11.95
C PRO A 91 -4.96 -9.41 12.36
N LYS A 92 -5.98 -9.69 11.57
CA LYS A 92 -6.89 -10.76 11.90
C LYS A 92 -6.22 -12.10 11.68
N ARG A 93 -6.44 -12.99 12.61
CA ARG A 93 -5.96 -14.35 12.52
C ARG A 93 -6.93 -15.15 11.66
N SER A 94 -8.18 -14.73 11.66
CA SER A 94 -9.23 -15.36 10.90
C SER A 94 -8.93 -15.26 9.41
N LEU A 95 -8.53 -14.07 8.98
CA LEU A 95 -8.26 -13.81 7.58
C LEU A 95 -6.77 -13.94 7.29
N GLN A 96 -6.02 -14.65 8.15
CA GLN A 96 -4.55 -14.79 8.02
C GLN A 96 -4.10 -15.18 6.62
N LYS A 97 -4.86 -16.08 5.99
CA LYS A 97 -4.51 -16.55 4.64
C LYS A 97 -4.56 -15.44 3.61
N TYR A 98 -5.33 -14.42 3.87
CA TYR A 98 -5.37 -13.28 2.99
C TYR A 98 -4.08 -12.47 3.17
N TYR A 99 -3.69 -12.27 4.42
CA TYR A 99 -2.49 -11.50 4.78
C TYR A 99 -1.23 -12.20 4.27
N GLU A 100 -1.14 -13.49 4.49
CA GLU A 100 0.01 -14.23 4.07
C GLU A 100 0.09 -14.40 2.57
N ALA A 101 -1.04 -14.65 1.91
CA ALA A 101 -1.08 -14.77 0.46
C ALA A 101 -0.62 -13.48 -0.20
N VAL A 102 -0.95 -12.35 0.42
CA VAL A 102 -0.51 -11.05 -0.05
C VAL A 102 1.01 -10.96 0.05
N LYS A 103 1.56 -11.31 1.20
CA LYS A 103 2.97 -11.11 1.42
C LYS A 103 3.84 -12.07 0.60
N GLU A 104 3.30 -13.25 0.25
CA GLU A 104 4.04 -14.24 -0.57
C GLU A 104 4.46 -13.65 -1.91
N GLU A 105 3.68 -12.71 -2.40
CA GLU A 105 3.95 -12.06 -3.68
C GLU A 105 4.91 -10.89 -3.51
N LEU A 106 4.71 -10.16 -2.44
CA LEU A 106 5.46 -8.93 -2.21
C LEU A 106 6.87 -9.22 -1.73
N ASP A 107 6.95 -10.09 -0.74
CA ASP A 107 8.19 -10.46 -0.02
C ASP A 107 9.34 -10.77 -0.94
N ARG A 108 9.04 -11.38 -2.08
CA ARG A 108 10.08 -11.86 -2.99
C ARG A 108 10.81 -10.70 -3.70
N ASP A 109 10.25 -9.51 -3.61
CA ASP A 109 10.87 -8.31 -4.21
C ASP A 109 11.54 -7.47 -3.11
N ILE A 110 11.16 -7.77 -1.89
CA ILE A 110 11.61 -7.04 -0.72
C ILE A 110 12.88 -7.67 -0.16
N VAL A 111 12.79 -8.96 0.09
CA VAL A 111 13.88 -9.70 0.70
C VAL A 111 14.97 -9.96 -0.36
N SER A 112 16.20 -10.20 0.08
CA SER A 112 17.30 -10.44 -0.85
C SER A 112 17.36 -11.91 -1.29
N LYS A 113 16.47 -12.70 -0.77
CA LYS A 113 16.31 -14.07 -1.19
C LYS A 113 15.10 -14.10 -2.11
N ASN A 114 15.34 -13.80 -3.37
CA ASN A 114 14.24 -13.60 -4.32
C ASN A 114 13.75 -14.91 -4.86
N ASN A 115 14.66 -15.81 -5.09
CA ASN A 115 14.36 -17.10 -5.69
C ASN A 115 15.01 -18.19 -4.87
N ALA A 116 14.21 -19.07 -4.32
CA ALA A 116 14.74 -20.14 -3.51
C ALA A 116 13.89 -21.41 -3.61
N GLU A 117 12.85 -21.48 -2.80
CA GLU A 117 11.99 -22.64 -2.72
C GLU A 117 11.02 -22.59 -3.89
N LYS A 118 10.52 -21.43 -4.15
CA LYS A 118 9.65 -21.21 -5.27
C LYS A 118 10.51 -20.59 -6.34
N GLY B 1 -3.23 -26.50 0.87
CA GLY B 1 -3.59 -27.21 2.09
C GLY B 1 -5.06 -27.57 2.12
N SER B 2 -5.86 -26.78 2.81
CA SER B 2 -7.30 -27.01 2.91
C SER B 2 -7.97 -27.04 1.51
N LYS B 3 -8.66 -28.13 1.22
CA LYS B 3 -9.31 -28.33 -0.08
C LYS B 3 -10.70 -27.66 -0.10
N SER B 4 -11.11 -27.19 1.05
CA SER B 4 -12.36 -26.50 1.18
C SER B 4 -12.19 -25.01 0.90
N GLN B 5 -10.92 -24.64 0.62
CA GLN B 5 -10.48 -23.25 0.44
C GLN B 5 -10.45 -22.55 1.79
N TYR B 6 -9.47 -21.71 1.98
CA TYR B 6 -9.26 -21.10 3.28
C TYR B 6 -10.25 -19.98 3.51
N ILE B 7 -10.12 -18.94 2.71
CA ILE B 7 -10.97 -17.80 2.76
C ILE B 7 -11.42 -17.63 1.34
N ASP B 8 -12.56 -17.03 1.11
CA ASP B 8 -13.02 -16.87 -0.26
C ASP B 8 -12.53 -15.58 -0.84
N ILE B 9 -12.07 -14.69 0.03
CA ILE B 9 -11.65 -13.35 -0.41
C ILE B 9 -10.43 -13.45 -1.32
N MET B 10 -9.25 -13.71 -0.71
CA MET B 10 -7.96 -13.86 -1.42
C MET B 10 -7.52 -12.54 -2.13
N PRO B 11 -6.21 -12.29 -2.27
CA PRO B 11 -5.73 -11.06 -2.92
C PRO B 11 -5.96 -11.07 -4.44
N ASP B 12 -6.26 -9.91 -4.98
CA ASP B 12 -6.53 -9.78 -6.41
C ASP B 12 -5.27 -9.37 -7.16
N PHE B 13 -4.67 -8.26 -6.72
CA PHE B 13 -3.46 -7.68 -7.33
C PHE B 13 -3.66 -7.26 -8.79
N SER B 14 -4.25 -6.12 -8.98
CA SER B 14 -4.45 -5.54 -10.28
C SER B 14 -4.53 -4.05 -10.10
N PRO B 15 -4.22 -3.25 -11.12
CA PRO B 15 -4.49 -1.82 -11.06
C PRO B 15 -5.94 -1.58 -11.33
N SER B 16 -6.35 -0.41 -11.10
CA SER B 16 -7.60 -0.03 -11.55
C SER B 16 -7.42 0.57 -12.94
N GLY B 17 -8.49 0.98 -13.44
CA GLY B 17 -8.58 1.60 -14.72
C GLY B 17 -8.85 3.07 -14.53
N LEU B 18 -8.94 3.47 -13.27
CA LEU B 18 -9.15 4.86 -12.94
C LEU B 18 -7.82 5.51 -12.99
N LEU B 19 -6.91 4.81 -12.35
CA LEU B 19 -5.56 5.22 -12.06
C LEU B 19 -4.80 5.73 -13.29
N GLU B 20 -5.00 5.08 -14.43
CA GLU B 20 -4.34 5.45 -15.68
C GLU B 20 -4.74 6.87 -16.14
N LEU B 21 -5.96 7.27 -15.80
CA LEU B 21 -6.50 8.56 -16.20
C LEU B 21 -6.24 9.59 -15.11
N GLU B 22 -5.73 9.12 -14.00
CA GLU B 22 -5.50 9.98 -12.85
C GLU B 22 -4.06 10.42 -12.80
N SER B 23 -3.17 9.43 -12.80
CA SER B 23 -1.73 9.60 -12.65
C SER B 23 -1.36 9.91 -11.20
N GLY C 1 18.43 -5.49 -10.62
CA GLY C 1 18.14 -4.09 -10.81
C GLY C 1 19.42 -3.28 -10.87
N SER C 2 19.43 -2.26 -11.70
CA SER C 2 20.58 -1.42 -11.86
C SER C 2 20.36 -0.13 -11.07
N TYR C 3 21.43 0.43 -10.55
CA TYR C 3 21.34 1.64 -9.78
C TYR C 3 21.87 2.78 -10.62
N ASP C 4 20.97 3.63 -11.04
CA ASP C 4 21.30 4.75 -11.93
C ASP C 4 21.43 6.00 -11.10
N LYS C 5 20.40 6.24 -10.30
CA LYS C 5 20.29 7.46 -9.53
C LYS C 5 21.30 7.53 -8.41
N PRO C 6 22.16 8.55 -8.43
CA PRO C 6 23.15 8.76 -7.39
C PRO C 6 22.50 9.25 -6.10
N ALA C 7 21.57 10.16 -6.27
CA ALA C 7 20.82 10.71 -5.17
C ALA C 7 19.35 10.59 -5.51
N PRO C 8 18.64 9.69 -4.84
CA PRO C 8 17.22 9.52 -5.06
C PRO C 8 16.45 10.71 -4.53
N GLU C 9 15.88 11.49 -5.44
CA GLU C 9 15.15 12.67 -5.05
C GLU C 9 13.77 12.30 -4.56
N ASN C 10 13.76 12.01 -3.33
CA ASN C 10 12.64 11.62 -2.55
C ASN C 10 12.99 12.12 -1.19
N ARG C 11 12.04 12.66 -0.45
CA ARG C 11 12.32 13.29 0.85
C ARG C 11 13.24 12.46 1.75
N PHE C 12 12.97 11.18 1.88
CA PHE C 12 13.80 10.37 2.77
C PHE C 12 14.71 9.42 1.99
N ALA C 13 14.74 9.61 0.65
CA ALA C 13 15.55 8.78 -0.27
C ALA C 13 15.26 7.29 -0.10
N ILE C 14 14.03 6.92 -0.32
CA ILE C 14 13.58 5.55 -0.13
C ILE C 14 13.54 4.85 -1.49
N MET C 15 13.82 3.55 -1.51
CA MET C 15 13.92 2.80 -2.76
C MET C 15 12.57 2.28 -3.19
N PRO C 16 12.16 2.54 -4.45
CA PRO C 16 10.89 2.06 -4.98
C PRO C 16 10.91 0.55 -5.26
N GLY C 17 9.85 -0.14 -4.88
CA GLY C 17 9.74 -1.57 -5.17
C GLY C 17 9.25 -1.81 -6.59
N SER C 18 9.17 -3.06 -6.98
CA SER C 18 8.74 -3.41 -8.34
C SER C 18 7.21 -3.44 -8.47
N ARG C 19 6.55 -2.74 -7.59
CA ARG C 19 5.12 -2.58 -7.63
C ARG C 19 4.78 -1.20 -8.18
N TRP C 20 5.82 -0.46 -8.49
CA TRP C 20 5.67 0.84 -9.04
C TRP C 20 5.80 0.76 -10.53
N ASP C 21 4.73 1.06 -11.20
CA ASP C 21 4.66 0.96 -12.66
C ASP C 21 5.24 2.16 -13.37
N GLY C 22 5.57 3.19 -12.64
CA GLY C 22 6.14 4.35 -13.26
C GLY C 22 5.18 5.50 -13.31
N VAL C 23 3.94 5.23 -12.97
CA VAL C 23 2.96 6.29 -12.85
C VAL C 23 3.41 7.10 -11.65
N HIS C 24 3.66 8.36 -11.83
CA HIS C 24 4.30 9.14 -10.79
C HIS C 24 3.32 10.16 -10.20
N ARG C 25 3.38 10.32 -8.90
CA ARG C 25 2.60 11.33 -8.20
C ARG C 25 3.16 12.68 -8.51
N SER C 26 2.32 13.65 -8.60
CA SER C 26 2.76 14.98 -8.72
C SER C 26 1.65 15.90 -8.25
N ASN C 27 1.68 16.18 -6.93
CA ASN C 27 0.73 17.04 -6.22
C ASN C 27 1.01 16.92 -4.74
N GLY C 28 0.87 18.01 -4.01
CA GLY C 28 1.04 17.98 -2.56
C GLY C 28 2.49 17.83 -2.15
N PHE C 29 3.38 18.32 -2.96
CA PHE C 29 4.80 18.25 -2.70
C PHE C 29 5.20 19.53 -1.95
N GLU C 30 5.93 19.37 -0.87
CA GLU C 30 6.36 20.47 0.01
C GLU C 30 7.53 21.29 -0.59
N GLU C 31 7.96 20.92 -1.81
CA GLU C 31 9.14 21.54 -2.46
C GLU C 31 9.17 23.07 -2.43
N LYS C 32 8.03 23.69 -2.57
CA LYS C 32 7.95 25.11 -2.50
C LYS C 32 7.82 25.54 -1.08
N TRP C 33 8.94 26.03 -0.53
CA TRP C 33 9.10 26.62 0.80
C TRP C 33 10.56 26.79 1.10
N GLY A 1 -6.29 -1.36 22.93
CA GLY A 1 -6.09 -1.19 24.37
C GLY A 1 -6.15 0.25 24.74
N ALA A 2 -5.27 0.67 25.64
CA ALA A 2 -5.23 2.03 26.07
C ALA A 2 -4.47 2.86 25.04
N MET A 3 -5.22 3.40 24.12
CA MET A 3 -4.66 4.19 23.07
C MET A 3 -4.37 5.57 23.59
N GLY A 4 -3.12 5.87 23.73
CA GLY A 4 -2.73 7.15 24.24
C GLY A 4 -2.25 8.04 23.14
N ASN A 5 -2.10 9.31 23.44
CA ASN A 5 -1.65 10.29 22.45
C ASN A 5 -0.18 10.06 22.13
N GLU A 6 0.54 9.54 23.10
CA GLU A 6 1.96 9.28 22.95
C GLU A 6 2.21 7.98 22.20
N TYR A 7 1.14 7.27 21.88
CA TYR A 7 1.28 6.04 21.17
C TYR A 7 1.39 6.34 19.68
N LYS A 8 2.60 6.69 19.27
CA LYS A 8 2.90 6.98 17.88
C LYS A 8 3.24 5.69 17.19
N ASP A 9 3.32 4.64 17.99
CA ASP A 9 3.75 3.26 17.63
C ASP A 9 2.82 2.58 16.64
N ASN A 10 1.82 3.28 16.19
CA ASN A 10 0.90 2.75 15.23
C ASN A 10 1.51 2.90 13.84
N ALA A 11 2.02 1.78 13.37
CA ALA A 11 2.75 1.71 12.12
C ALA A 11 1.88 1.25 10.96
N TYR A 12 0.58 1.20 11.18
CA TYR A 12 -0.37 0.89 10.15
C TYR A 12 -0.91 2.18 9.58
N ILE A 13 -1.06 2.24 8.31
CA ILE A 13 -1.63 3.40 7.72
C ILE A 13 -2.90 3.08 6.99
N TYR A 14 -3.91 3.82 7.32
CA TYR A 14 -5.23 3.72 6.77
C TYR A 14 -5.30 4.49 5.49
N ILE A 15 -5.78 3.86 4.45
CA ILE A 15 -6.04 4.53 3.22
C ILE A 15 -7.54 4.46 3.00
N GLY A 16 -8.19 5.56 3.12
CA GLY A 16 -9.60 5.61 3.00
C GLY A 16 -10.04 6.47 1.87
N ASN A 17 -11.36 6.50 1.67
CA ASN A 17 -12.04 7.26 0.60
C ASN A 17 -11.67 6.67 -0.77
N LEU A 18 -11.30 5.42 -0.76
CA LEU A 18 -10.91 4.74 -1.96
C LEU A 18 -12.13 4.45 -2.78
N ASN A 19 -11.97 4.46 -4.06
CA ASN A 19 -13.01 4.10 -4.97
C ASN A 19 -13.29 2.63 -4.82
N ARG A 20 -14.41 2.20 -5.30
CA ARG A 20 -14.88 0.85 -5.08
C ARG A 20 -14.10 -0.13 -5.99
N GLU A 21 -13.54 0.38 -7.06
CA GLU A 21 -12.77 -0.39 -8.01
C GLU A 21 -11.27 -0.44 -7.70
N LEU A 22 -10.82 0.34 -6.73
CA LEU A 22 -9.42 0.32 -6.35
C LEU A 22 -9.12 -0.92 -5.49
N THR A 23 -8.23 -1.74 -6.00
CA THR A 23 -7.83 -2.96 -5.34
C THR A 23 -6.37 -2.85 -4.84
N GLU A 24 -5.89 -3.85 -4.10
CA GLU A 24 -4.56 -3.86 -3.43
C GLU A 24 -3.44 -3.47 -4.35
N GLY A 25 -3.46 -4.06 -5.54
CA GLY A 25 -2.42 -3.83 -6.51
C GLY A 25 -2.29 -2.40 -6.93
N ASP A 26 -3.40 -1.71 -6.88
CA ASP A 26 -3.46 -0.31 -7.23
C ASP A 26 -2.83 0.51 -6.11
N ILE A 27 -3.23 0.20 -4.87
CA ILE A 27 -2.63 0.82 -3.68
C ILE A 27 -1.12 0.56 -3.67
N LEU A 28 -0.73 -0.65 -4.03
CA LEU A 28 0.66 -1.02 -4.11
C LEU A 28 1.38 -0.17 -5.12
N THR A 29 0.70 0.13 -6.22
CA THR A 29 1.26 0.94 -7.27
C THR A 29 1.65 2.33 -6.73
N VAL A 30 0.71 3.00 -6.06
CA VAL A 30 0.98 4.35 -5.54
C VAL A 30 2.03 4.35 -4.41
N PHE A 31 2.12 3.26 -3.67
CA PHE A 31 3.13 3.16 -2.62
C PHE A 31 4.50 2.77 -3.18
N SER A 32 4.50 2.15 -4.35
CA SER A 32 5.74 1.75 -4.98
C SER A 32 6.42 2.96 -5.62
N GLU A 33 5.71 4.06 -5.67
CA GLU A 33 6.21 5.28 -6.26
C GLU A 33 7.22 5.95 -5.34
N TYR A 34 7.20 5.59 -4.07
CA TYR A 34 8.16 6.13 -3.14
C TYR A 34 8.99 5.01 -2.50
N GLY A 35 8.41 3.83 -2.37
CA GLY A 35 9.12 2.76 -1.75
C GLY A 35 8.61 1.40 -2.14
N VAL A 36 8.68 0.47 -1.21
CA VAL A 36 8.29 -0.90 -1.44
C VAL A 36 7.18 -1.25 -0.43
N PRO A 37 6.15 -2.00 -0.81
CA PRO A 37 5.11 -2.41 0.12
C PRO A 37 5.47 -3.69 0.92
N VAL A 38 5.03 -3.74 2.16
CA VAL A 38 5.29 -4.89 3.05
C VAL A 38 4.01 -5.67 3.30
N ASP A 39 3.06 -5.02 3.90
CA ASP A 39 1.76 -5.61 4.17
C ASP A 39 0.76 -4.69 3.58
N VAL A 40 -0.22 -5.22 2.94
CA VAL A 40 -1.30 -4.43 2.47
C VAL A 40 -2.54 -5.23 2.65
N ILE A 41 -3.54 -4.62 3.13
CA ILE A 41 -4.78 -5.26 3.31
C ILE A 41 -5.88 -4.40 2.83
N LEU A 42 -6.61 -4.91 1.92
CA LEU A 42 -7.72 -4.21 1.37
C LEU A 42 -8.91 -4.71 2.12
N SER A 43 -9.63 -3.80 2.72
CA SER A 43 -10.76 -4.16 3.50
C SER A 43 -11.87 -4.61 2.56
N ARG A 44 -11.95 -5.88 2.38
CA ARG A 44 -12.97 -6.50 1.60
C ARG A 44 -13.93 -7.12 2.53
N ASP A 45 -15.12 -7.34 2.06
CA ASP A 45 -16.07 -8.07 2.84
C ASP A 45 -15.61 -9.51 2.90
N GLU A 46 -15.51 -10.05 4.09
CA GLU A 46 -14.99 -11.38 4.35
C GLU A 46 -15.79 -12.49 3.65
N ASN A 47 -17.01 -12.17 3.28
CA ASN A 47 -17.90 -13.15 2.72
C ASN A 47 -17.90 -13.13 1.21
N THR A 48 -18.05 -11.97 0.63
CA THR A 48 -18.14 -11.87 -0.82
C THR A 48 -16.79 -11.58 -1.47
N GLY A 49 -15.90 -10.98 -0.72
CA GLY A 49 -14.60 -10.66 -1.25
C GLY A 49 -14.59 -9.40 -2.09
N GLU A 50 -15.63 -8.59 -2.00
CA GLU A 50 -15.65 -7.35 -2.73
C GLU A 50 -15.05 -6.24 -1.86
N SER A 51 -14.49 -5.23 -2.51
CA SER A 51 -13.83 -4.11 -1.84
C SER A 51 -14.85 -3.29 -1.05
N GLN A 52 -14.43 -2.78 0.09
CA GLN A 52 -15.27 -1.87 0.86
C GLN A 52 -14.84 -0.42 0.61
N GLY A 53 -13.77 -0.24 -0.16
CA GLY A 53 -13.27 1.09 -0.46
C GLY A 53 -12.31 1.62 0.61
N PHE A 54 -11.69 0.71 1.34
CA PHE A 54 -10.75 1.08 2.40
C PHE A 54 -9.61 0.09 2.43
N ALA A 55 -8.42 0.56 2.73
CA ALA A 55 -7.24 -0.28 2.79
C ALA A 55 -6.35 0.14 3.94
N TYR A 56 -5.40 -0.70 4.26
CA TYR A 56 -4.40 -0.43 5.26
C TYR A 56 -3.09 -0.98 4.73
N LEU A 57 -1.99 -0.35 5.02
CA LEU A 57 -0.71 -0.81 4.49
C LEU A 57 0.38 -0.61 5.53
N LYS A 58 1.48 -1.33 5.35
CA LYS A 58 2.66 -1.23 6.19
C LYS A 58 3.92 -1.28 5.36
N TYR A 59 4.88 -0.50 5.76
CA TYR A 59 6.25 -0.68 5.34
C TYR A 59 7.01 -0.95 6.62
N GLU A 60 8.09 -1.71 6.58
CA GLU A 60 8.81 -2.08 7.79
C GLU A 60 9.78 -0.99 8.31
N ASP A 61 9.42 0.24 8.04
CA ASP A 61 10.08 1.43 8.53
C ASP A 61 9.00 2.48 8.74
N GLN A 62 8.99 3.07 9.90
CA GLN A 62 7.92 3.98 10.29
C GLN A 62 8.08 5.38 9.65
N ARG A 63 9.26 5.70 9.16
CA ARG A 63 9.50 7.02 8.56
C ARG A 63 8.93 7.04 7.15
N SER A 64 8.97 5.90 6.51
CA SER A 64 8.52 5.77 5.13
C SER A 64 7.01 5.73 5.14
N THR A 65 6.53 5.23 6.23
CA THR A 65 5.15 5.20 6.57
C THR A 65 4.61 6.67 6.63
N ILE A 66 5.39 7.55 7.27
CA ILE A 66 5.07 8.97 7.37
C ILE A 66 5.08 9.63 5.99
N LEU A 67 6.03 9.20 5.13
CA LEU A 67 6.12 9.71 3.77
C LEU A 67 4.83 9.46 3.01
N ALA A 68 4.25 8.30 3.19
CA ALA A 68 2.99 7.96 2.55
C ALA A 68 1.90 8.91 3.01
N VAL A 69 1.81 9.07 4.33
CA VAL A 69 0.82 9.91 4.98
C VAL A 69 0.87 11.36 4.49
N ASP A 70 2.06 11.89 4.33
CA ASP A 70 2.22 13.29 3.96
C ASP A 70 2.27 13.52 2.45
N ASN A 71 2.59 12.50 1.68
CA ASN A 71 2.76 12.68 0.23
C ASN A 71 1.50 12.34 -0.53
N LEU A 72 1.06 11.10 -0.40
CA LEU A 72 -0.02 10.59 -1.21
C LEU A 72 -1.38 11.13 -0.80
N ASN A 73 -1.50 11.56 0.44
CA ASN A 73 -2.78 12.04 0.98
C ASN A 73 -3.30 13.22 0.18
N GLY A 74 -4.42 13.02 -0.46
CA GLY A 74 -4.99 14.08 -1.23
C GLY A 74 -4.85 13.87 -2.72
N PHE A 75 -4.19 12.80 -3.12
CA PHE A 75 -4.05 12.52 -4.55
C PHE A 75 -5.39 12.08 -5.13
N LYS A 76 -5.76 12.71 -6.21
CA LYS A 76 -7.02 12.48 -6.88
C LYS A 76 -6.95 11.21 -7.74
N ILE A 77 -7.73 10.21 -7.37
CA ILE A 77 -7.85 8.98 -8.13
C ILE A 77 -9.32 8.68 -8.32
N GLY A 78 -9.79 8.71 -9.55
CA GLY A 78 -11.15 8.35 -9.85
C GLY A 78 -12.16 9.31 -9.26
N GLY A 79 -11.75 10.54 -9.10
CA GLY A 79 -12.62 11.55 -8.51
C GLY A 79 -12.56 11.57 -6.99
N ARG A 80 -11.84 10.64 -6.41
CA ARG A 80 -11.72 10.56 -4.96
C ARG A 80 -10.28 10.82 -4.56
N ALA A 81 -10.09 11.68 -3.63
CA ALA A 81 -8.77 11.90 -3.10
C ALA A 81 -8.60 11.06 -1.87
N LEU A 82 -7.76 10.08 -1.97
CA LEU A 82 -7.54 9.15 -0.90
C LEU A 82 -6.94 9.79 0.35
N LYS A 83 -7.28 9.23 1.47
CA LYS A 83 -6.85 9.71 2.76
C LYS A 83 -5.94 8.69 3.39
N ILE A 84 -4.78 9.09 3.80
CA ILE A 84 -3.91 8.22 4.54
C ILE A 84 -3.85 8.75 5.96
N ASP A 85 -4.05 7.91 6.92
CA ASP A 85 -4.05 8.34 8.30
C ASP A 85 -3.45 7.25 9.16
N HIS A 86 -2.61 7.64 10.12
CA HIS A 86 -1.99 6.68 11.05
C HIS A 86 -3.05 5.96 11.86
N THR A 87 -3.03 4.66 11.82
CA THR A 87 -4.02 3.86 12.47
C THR A 87 -3.38 2.63 13.08
N PHE A 88 -4.06 1.99 13.99
CA PHE A 88 -3.54 0.83 14.58
C PHE A 88 -4.55 -0.25 14.38
N TYR A 89 -4.31 -1.04 13.39
CA TYR A 89 -5.20 -2.07 13.00
C TYR A 89 -4.64 -3.42 13.41
N ARG A 90 -5.51 -4.26 13.91
CA ARG A 90 -5.11 -5.57 14.36
C ARG A 90 -5.48 -6.61 13.31
N PRO A 91 -4.52 -7.43 12.88
CA PRO A 91 -4.77 -8.49 11.91
C PRO A 91 -5.55 -9.66 12.52
N LYS A 92 -6.51 -10.19 11.79
CA LYS A 92 -7.29 -11.33 12.27
C LYS A 92 -6.50 -12.60 11.98
N ARG A 93 -6.49 -13.54 12.91
CA ARG A 93 -5.69 -14.74 12.72
C ARG A 93 -6.41 -15.74 11.83
N SER A 94 -7.73 -15.70 11.86
CA SER A 94 -8.55 -16.55 11.01
C SER A 94 -8.42 -16.10 9.57
N LEU A 95 -7.96 -14.88 9.41
CA LEU A 95 -7.85 -14.28 8.13
C LEU A 95 -6.38 -14.20 7.72
N GLN A 96 -5.50 -14.84 8.52
CA GLN A 96 -4.03 -14.73 8.33
C GLN A 96 -3.60 -15.14 6.92
N LYS A 97 -4.37 -16.06 6.31
CA LYS A 97 -4.07 -16.56 4.99
C LYS A 97 -4.10 -15.46 3.96
N TYR A 98 -4.96 -14.48 4.16
CA TYR A 98 -5.04 -13.36 3.26
C TYR A 98 -3.76 -12.51 3.39
N TYR A 99 -3.35 -12.27 4.62
CA TYR A 99 -2.16 -11.44 4.91
C TYR A 99 -0.88 -12.08 4.37
N GLU A 100 -0.69 -13.36 4.70
CA GLU A 100 0.50 -14.09 4.28
C GLU A 100 0.58 -14.22 2.75
N ALA A 101 -0.56 -14.52 2.12
CA ALA A 101 -0.62 -14.66 0.67
C ALA A 101 -0.26 -13.35 0.00
N VAL A 102 -0.66 -12.26 0.64
CA VAL A 102 -0.36 -10.93 0.16
C VAL A 102 1.14 -10.65 0.21
N LYS A 103 1.73 -10.77 1.41
CA LYS A 103 3.13 -10.40 1.57
C LYS A 103 4.06 -11.32 0.82
N GLU A 104 3.62 -12.54 0.51
CA GLU A 104 4.41 -13.46 -0.28
C GLU A 104 4.78 -12.88 -1.64
N GLU A 105 3.91 -12.06 -2.17
CA GLU A 105 4.14 -11.44 -3.45
C GLU A 105 4.95 -10.16 -3.28
N LEU A 106 4.75 -9.50 -2.15
CA LEU A 106 5.38 -8.21 -1.87
C LEU A 106 6.81 -8.40 -1.41
N ASP A 107 7.01 -9.44 -0.61
CA ASP A 107 8.31 -9.81 -0.06
C ASP A 107 9.30 -10.09 -1.16
N ARG A 108 8.78 -10.45 -2.33
CA ARG A 108 9.61 -10.71 -3.50
C ARG A 108 10.33 -9.42 -3.94
N ASP A 109 9.69 -8.28 -3.74
CA ASP A 109 10.30 -7.01 -4.16
C ASP A 109 11.22 -6.49 -3.05
N ILE A 110 10.95 -6.93 -1.84
CA ILE A 110 11.74 -6.57 -0.67
C ILE A 110 13.04 -7.38 -0.66
N VAL A 111 12.89 -8.68 -0.84
CA VAL A 111 14.01 -9.60 -0.86
C VAL A 111 14.84 -9.33 -2.13
N SER A 112 16.08 -9.70 -2.17
CA SER A 112 16.88 -9.41 -3.33
C SER A 112 16.66 -10.42 -4.46
N LYS A 113 15.57 -10.20 -5.18
CA LYS A 113 15.13 -10.92 -6.38
C LYS A 113 13.69 -10.49 -6.61
N ASN A 114 13.54 -9.29 -7.10
CA ASN A 114 12.22 -8.70 -7.21
C ASN A 114 11.49 -9.10 -8.46
N ASN A 115 10.22 -8.78 -8.50
CA ASN A 115 9.36 -9.18 -9.58
C ASN A 115 9.44 -8.19 -10.70
N ALA A 116 9.36 -8.71 -11.88
CA ALA A 116 9.23 -7.90 -13.05
C ALA A 116 7.85 -8.17 -13.61
N GLU A 117 7.21 -9.16 -13.00
CA GLU A 117 5.88 -9.60 -13.33
C GLU A 117 4.88 -8.49 -13.00
N LYS A 118 4.54 -8.40 -11.71
CA LYS A 118 3.60 -7.44 -11.18
C LYS A 118 3.47 -7.67 -9.69
N GLY B 1 -4.95 -29.17 6.37
CA GLY B 1 -5.81 -27.99 6.20
C GLY B 1 -5.89 -27.56 4.75
N SER B 2 -6.29 -26.32 4.53
CA SER B 2 -6.37 -25.66 3.21
C SER B 2 -7.49 -26.21 2.30
N LYS B 3 -7.56 -27.53 2.13
CA LYS B 3 -8.56 -28.18 1.26
C LYS B 3 -9.99 -27.99 1.75
N SER B 4 -10.14 -27.63 3.00
CA SER B 4 -11.42 -27.34 3.59
C SER B 4 -11.82 -25.86 3.37
N GLN B 5 -11.04 -25.20 2.51
CA GLN B 5 -11.19 -23.83 2.12
C GLN B 5 -10.96 -22.90 3.30
N TYR B 6 -9.71 -22.51 3.44
CA TYR B 6 -9.26 -21.63 4.50
C TYR B 6 -10.09 -20.35 4.61
N ILE B 7 -10.10 -19.57 3.57
CA ILE B 7 -10.86 -18.34 3.50
C ILE B 7 -11.27 -18.23 2.05
N ASP B 8 -12.30 -17.50 1.75
CA ASP B 8 -12.81 -17.44 0.39
C ASP B 8 -12.62 -16.04 -0.21
N ILE B 9 -11.60 -15.36 0.27
CA ILE B 9 -11.33 -14.02 -0.24
C ILE B 9 -10.14 -14.03 -1.18
N MET B 10 -8.93 -14.12 -0.59
CA MET B 10 -7.63 -14.07 -1.33
C MET B 10 -7.40 -12.68 -2.00
N PRO B 11 -6.13 -12.34 -2.32
CA PRO B 11 -5.81 -11.05 -2.97
C PRO B 11 -6.11 -11.02 -4.48
N ASP B 12 -6.02 -9.83 -5.05
CA ASP B 12 -6.26 -9.57 -6.48
C ASP B 12 -5.01 -8.97 -7.13
N PHE B 13 -4.52 -7.89 -6.52
CA PHE B 13 -3.27 -7.19 -6.95
C PHE B 13 -3.30 -6.57 -8.37
N SER B 14 -4.43 -6.15 -8.87
CA SER B 14 -4.46 -5.56 -10.17
C SER B 14 -4.46 -4.06 -10.01
N PRO B 15 -4.10 -3.30 -11.03
CA PRO B 15 -4.31 -1.88 -10.99
C PRO B 15 -5.73 -1.58 -11.35
N SER B 16 -6.15 -0.44 -11.04
CA SER B 16 -7.35 0.01 -11.59
C SER B 16 -6.97 0.74 -12.88
N GLY B 17 -7.95 1.20 -13.50
CA GLY B 17 -7.84 1.94 -14.71
C GLY B 17 -8.03 3.40 -14.43
N LEU B 18 -8.54 3.71 -13.23
CA LEU B 18 -8.77 5.09 -12.80
C LEU B 18 -7.44 5.78 -12.80
N LEU B 19 -6.49 5.03 -12.30
CA LEU B 19 -5.14 5.43 -12.09
C LEU B 19 -4.47 5.93 -13.38
N GLU B 20 -4.71 5.25 -14.50
CA GLU B 20 -4.10 5.64 -15.77
C GLU B 20 -4.91 6.70 -16.51
N LEU B 21 -6.10 6.97 -16.02
CA LEU B 21 -6.95 8.00 -16.60
C LEU B 21 -6.67 9.34 -15.93
N GLU B 22 -6.42 9.28 -14.64
CA GLU B 22 -6.13 10.46 -13.83
C GLU B 22 -4.72 10.99 -14.07
N SER B 23 -3.84 10.14 -14.48
CA SER B 23 -2.49 10.52 -14.79
C SER B 23 -2.24 10.35 -16.29
N GLY C 1 29.44 -2.35 -11.34
CA GLY C 1 29.03 -1.04 -10.82
C GLY C 1 28.59 -1.18 -9.39
N SER C 2 28.00 -0.14 -8.85
CA SER C 2 27.54 -0.16 -7.48
C SER C 2 26.33 0.76 -7.30
N TYR C 3 26.31 1.85 -8.05
CA TYR C 3 25.28 2.85 -7.90
C TYR C 3 24.47 2.96 -9.17
N ASP C 4 23.24 2.53 -9.15
CA ASP C 4 22.35 2.80 -10.28
C ASP C 4 21.91 4.23 -10.11
N LYS C 5 21.46 4.52 -8.91
CA LYS C 5 21.21 5.87 -8.47
C LYS C 5 22.49 6.40 -7.84
N PRO C 6 23.01 7.55 -8.30
CA PRO C 6 24.25 8.12 -7.77
C PRO C 6 24.11 8.56 -6.32
N ALA C 7 22.91 8.94 -5.97
CA ALA C 7 22.59 9.36 -4.64
C ALA C 7 21.23 8.78 -4.30
N PRO C 8 20.95 8.50 -3.02
CA PRO C 8 19.65 8.00 -2.62
C PRO C 8 18.61 9.12 -2.64
N GLU C 9 17.96 9.26 -3.77
CA GLU C 9 16.96 10.28 -3.96
C GLU C 9 15.60 9.87 -3.45
N ASN C 10 15.37 10.31 -2.24
CA ASN C 10 14.14 10.14 -1.47
C ASN C 10 14.38 10.84 -0.17
N ARG C 11 13.35 11.40 0.43
CA ARG C 11 13.49 12.15 1.66
C ARG C 11 14.15 11.33 2.78
N PHE C 12 13.77 10.07 2.92
CA PHE C 12 14.35 9.24 3.96
C PHE C 12 15.15 8.08 3.34
N ALA C 13 15.47 8.22 2.06
CA ALA C 13 16.31 7.29 1.29
C ALA C 13 15.65 5.92 0.98
N ILE C 14 14.34 5.87 0.92
CA ILE C 14 13.69 4.61 0.51
C ILE C 14 13.58 4.62 -1.01
N MET C 15 13.97 3.54 -1.65
CA MET C 15 13.95 3.49 -3.10
C MET C 15 12.66 2.80 -3.58
N PRO C 16 12.03 3.33 -4.66
CA PRO C 16 10.78 2.76 -5.23
C PRO C 16 10.90 1.28 -5.61
N GLY C 17 9.80 0.56 -5.46
CA GLY C 17 9.73 -0.83 -5.81
C GLY C 17 9.47 -1.01 -7.29
N SER C 18 9.48 -2.23 -7.77
CA SER C 18 9.31 -2.47 -9.20
C SER C 18 7.82 -2.52 -9.59
N ARG C 19 6.92 -2.35 -8.61
CA ARG C 19 5.49 -2.38 -8.93
C ARG C 19 5.00 -1.01 -9.35
N TRP C 20 5.90 -0.05 -9.44
CA TRP C 20 5.54 1.26 -9.91
C TRP C 20 5.46 1.24 -11.41
N ASP C 21 4.28 1.54 -11.90
CA ASP C 21 3.92 1.59 -13.32
C ASP C 21 4.81 2.55 -14.13
N GLY C 22 5.34 3.55 -13.47
CA GLY C 22 6.16 4.53 -14.15
C GLY C 22 5.32 5.72 -14.54
N VAL C 23 4.13 5.72 -13.99
CA VAL C 23 3.21 6.81 -14.15
C VAL C 23 3.77 7.99 -13.35
N HIS C 24 3.59 9.20 -13.83
CA HIS C 24 4.13 10.30 -13.08
C HIS C 24 3.26 10.57 -11.87
N ARG C 25 3.86 10.95 -10.80
CA ARG C 25 3.12 11.15 -9.63
C ARG C 25 3.41 12.50 -9.06
N SER C 26 2.46 13.37 -9.22
CA SER C 26 2.60 14.71 -8.81
C SER C 26 1.59 15.00 -7.71
N ASN C 27 2.09 15.14 -6.51
CA ASN C 27 1.27 15.44 -5.35
C ASN C 27 1.53 16.85 -4.87
N GLY C 28 2.54 17.46 -5.44
CA GLY C 28 2.93 18.80 -5.03
C GLY C 28 4.01 18.74 -3.98
N PHE C 29 4.29 17.53 -3.53
CA PHE C 29 5.24 17.30 -2.49
C PHE C 29 6.67 17.32 -3.05
N GLU C 30 7.57 17.82 -2.23
CA GLU C 30 8.99 18.03 -2.54
C GLU C 30 9.80 16.77 -2.88
N GLU C 31 9.18 15.61 -2.90
CA GLU C 31 9.90 14.39 -3.23
C GLU C 31 10.19 14.37 -4.75
N LYS C 32 9.41 15.15 -5.48
CA LYS C 32 9.60 15.27 -6.90
C LYS C 32 10.60 16.41 -7.12
N TRP C 33 11.61 16.14 -7.91
CA TRP C 33 12.64 17.11 -8.19
C TRP C 33 12.31 17.80 -9.50
N GLY A 1 -0.20 18.84 12.65
CA GLY A 1 -0.30 20.07 13.42
C GLY A 1 -1.64 20.14 14.09
N ALA A 2 -1.66 20.65 15.35
CA ALA A 2 -2.87 20.74 16.20
C ALA A 2 -3.37 19.35 16.62
N MET A 3 -3.83 18.61 15.65
CA MET A 3 -4.29 17.25 15.81
C MET A 3 -3.14 16.38 16.29
N GLY A 4 -3.42 15.38 17.09
CA GLY A 4 -2.41 14.46 17.54
C GLY A 4 -2.11 13.44 16.46
N ASN A 5 -1.72 13.93 15.31
CA ASN A 5 -1.53 13.15 14.10
C ASN A 5 -0.14 12.54 14.01
N GLU A 6 0.63 12.60 15.09
CA GLU A 6 1.98 12.05 15.10
C GLU A 6 1.98 10.56 14.77
N TYR A 7 1.49 9.74 15.73
CA TYR A 7 1.37 8.27 15.59
C TYR A 7 2.59 7.62 14.90
N LYS A 8 3.79 8.14 15.18
CA LYS A 8 5.02 7.73 14.45
C LYS A 8 5.39 6.27 14.76
N ASP A 9 4.83 5.74 15.81
CA ASP A 9 5.09 4.41 16.31
C ASP A 9 4.17 3.37 15.64
N ASN A 10 3.51 3.78 14.60
CA ASN A 10 2.60 2.93 13.88
C ASN A 10 3.06 2.75 12.46
N ALA A 11 3.47 1.55 12.12
CA ALA A 11 3.96 1.23 10.79
C ALA A 11 2.81 1.04 9.82
N TYR A 12 1.66 0.71 10.35
CA TYR A 12 0.47 0.55 9.55
C TYR A 12 -0.20 1.87 9.33
N ILE A 13 -0.67 2.06 8.15
CA ILE A 13 -1.37 3.25 7.81
C ILE A 13 -2.73 2.92 7.26
N TYR A 14 -3.67 3.69 7.70
CA TYR A 14 -5.03 3.63 7.27
C TYR A 14 -5.15 4.39 5.99
N ILE A 15 -5.75 3.79 5.03
CA ILE A 15 -6.01 4.44 3.79
C ILE A 15 -7.51 4.37 3.59
N GLY A 16 -8.14 5.48 3.59
CA GLY A 16 -9.56 5.52 3.43
C GLY A 16 -9.98 6.44 2.33
N ASN A 17 -11.29 6.52 2.11
CA ASN A 17 -11.94 7.37 1.10
C ASN A 17 -11.58 6.89 -0.32
N LEU A 18 -11.30 5.59 -0.44
CA LEU A 18 -10.99 5.00 -1.73
C LEU A 18 -12.23 4.84 -2.56
N ASN A 19 -12.04 4.82 -3.85
CA ASN A 19 -13.10 4.55 -4.79
C ASN A 19 -13.33 3.04 -4.76
N ARG A 20 -14.54 2.64 -5.08
CA ARG A 20 -15.02 1.29 -4.87
C ARG A 20 -14.24 0.23 -5.67
N GLU A 21 -13.67 0.61 -6.81
CA GLU A 21 -13.00 -0.41 -7.63
C GLU A 21 -11.50 -0.53 -7.33
N LEU A 22 -11.02 0.11 -6.29
CA LEU A 22 -9.59 0.05 -5.96
C LEU A 22 -9.26 -1.21 -5.18
N THR A 23 -8.36 -2.00 -5.72
CA THR A 23 -7.91 -3.20 -5.06
C THR A 23 -6.42 -3.02 -4.63
N GLU A 24 -5.79 -4.09 -4.11
CA GLU A 24 -4.39 -4.04 -3.63
C GLU A 24 -3.43 -3.59 -4.71
N GLY A 25 -3.61 -4.10 -5.92
CA GLY A 25 -2.71 -3.81 -7.04
C GLY A 25 -2.60 -2.34 -7.33
N ASP A 26 -3.69 -1.64 -7.08
CA ASP A 26 -3.76 -0.20 -7.27
C ASP A 26 -2.89 0.48 -6.27
N ILE A 27 -3.04 0.04 -5.06
CA ILE A 27 -2.34 0.57 -3.91
C ILE A 27 -0.82 0.37 -4.05
N LEU A 28 -0.41 -0.81 -4.53
CA LEU A 28 1.02 -1.04 -4.80
C LEU A 28 1.53 -0.06 -5.83
N THR A 29 0.76 0.12 -6.89
CA THR A 29 1.10 1.01 -7.98
C THR A 29 1.25 2.48 -7.50
N VAL A 30 0.47 2.85 -6.52
CA VAL A 30 0.56 4.19 -5.97
C VAL A 30 1.72 4.32 -4.95
N PHE A 31 1.71 3.44 -3.96
CA PHE A 31 2.60 3.52 -2.80
C PHE A 31 4.06 3.07 -3.03
N SER A 32 4.34 2.40 -4.12
CA SER A 32 5.71 1.93 -4.37
C SER A 32 6.72 3.07 -4.69
N GLU A 33 6.24 4.29 -4.87
CA GLU A 33 7.10 5.44 -5.17
C GLU A 33 7.74 5.96 -3.85
N TYR A 34 7.31 5.39 -2.72
CA TYR A 34 7.73 5.87 -1.40
C TYR A 34 8.41 4.81 -0.61
N GLY A 35 8.85 3.79 -1.29
CA GLY A 35 9.52 2.73 -0.61
C GLY A 35 8.95 1.42 -1.02
N VAL A 36 9.08 0.44 -0.17
CA VAL A 36 8.62 -0.87 -0.51
C VAL A 36 7.68 -1.36 0.59
N PRO A 37 6.39 -1.55 0.26
CA PRO A 37 5.41 -2.09 1.18
C PRO A 37 5.71 -3.55 1.53
N VAL A 38 5.82 -3.85 2.81
CA VAL A 38 6.06 -5.22 3.26
C VAL A 38 4.76 -5.93 3.50
N ASP A 39 3.71 -5.15 3.60
CA ASP A 39 2.39 -5.68 3.82
C ASP A 39 1.38 -4.65 3.40
N VAL A 40 0.31 -5.10 2.82
CA VAL A 40 -0.75 -4.24 2.38
C VAL A 40 -2.01 -5.06 2.33
N ILE A 41 -3.09 -4.48 2.72
CA ILE A 41 -4.36 -5.17 2.76
C ILE A 41 -5.48 -4.25 2.34
N LEU A 42 -6.36 -4.79 1.58
CA LEU A 42 -7.49 -4.07 1.10
C LEU A 42 -8.71 -4.58 1.84
N SER A 43 -9.41 -3.71 2.51
CA SER A 43 -10.57 -4.10 3.25
C SER A 43 -11.68 -4.37 2.25
N ARG A 44 -12.12 -5.58 2.20
CA ARG A 44 -13.08 -6.02 1.24
C ARG A 44 -14.01 -7.03 1.89
N ASP A 45 -15.14 -7.26 1.27
CA ASP A 45 -16.14 -8.20 1.77
C ASP A 45 -15.60 -9.63 1.79
N GLU A 46 -15.95 -10.37 2.82
CA GLU A 46 -15.46 -11.73 3.02
C GLU A 46 -16.19 -12.74 2.13
N ASN A 47 -17.37 -12.38 1.67
CA ASN A 47 -18.22 -13.31 0.95
C ASN A 47 -18.02 -13.23 -0.54
N THR A 48 -18.11 -12.04 -1.09
CA THR A 48 -17.97 -11.86 -2.53
C THR A 48 -16.62 -11.24 -2.89
N GLY A 49 -15.93 -10.74 -1.90
CA GLY A 49 -14.63 -10.18 -2.11
C GLY A 49 -14.66 -8.81 -2.76
N GLU A 50 -15.75 -8.08 -2.64
CA GLU A 50 -15.82 -6.76 -3.23
C GLU A 50 -15.23 -5.72 -2.28
N SER A 51 -14.53 -4.73 -2.81
CA SER A 51 -13.80 -3.74 -2.02
C SER A 51 -14.74 -2.93 -1.13
N GLN A 52 -14.33 -2.66 0.11
CA GLN A 52 -15.13 -1.83 1.02
C GLN A 52 -14.79 -0.35 0.84
N GLY A 53 -13.63 -0.10 0.26
CA GLY A 53 -13.20 1.27 0.02
C GLY A 53 -12.22 1.77 1.05
N PHE A 54 -11.68 0.85 1.82
CA PHE A 54 -10.71 1.16 2.84
C PHE A 54 -9.56 0.20 2.71
N ALA A 55 -8.40 0.60 3.11
CA ALA A 55 -7.24 -0.23 3.03
C ALA A 55 -6.27 0.12 4.13
N TYR A 56 -5.25 -0.69 4.28
CA TYR A 56 -4.19 -0.47 5.23
C TYR A 56 -2.91 -0.90 4.56
N LEU A 57 -1.82 -0.29 4.89
CA LEU A 57 -0.55 -0.66 4.31
C LEU A 57 0.56 -0.49 5.34
N LYS A 58 1.62 -1.24 5.18
CA LYS A 58 2.78 -1.18 6.04
C LYS A 58 4.07 -1.25 5.19
N TYR A 59 4.88 -0.23 5.28
CA TYR A 59 6.18 -0.23 4.62
C TYR A 59 7.23 -0.97 5.44
N GLU A 60 8.39 -1.20 4.82
CA GLU A 60 9.52 -1.87 5.45
C GLU A 60 10.06 -1.04 6.61
N ASP A 61 10.01 0.25 6.45
CA ASP A 61 10.45 1.15 7.49
C ASP A 61 9.39 2.23 7.67
N GLN A 62 9.26 2.70 8.89
CA GLN A 62 8.24 3.69 9.22
C GLN A 62 8.42 5.02 8.52
N ARG A 63 9.64 5.37 8.10
CA ARG A 63 9.87 6.63 7.39
C ARG A 63 9.05 6.69 6.12
N SER A 64 8.95 5.57 5.45
CA SER A 64 8.28 5.47 4.19
C SER A 64 6.78 5.55 4.45
N THR A 65 6.40 4.92 5.54
CA THR A 65 5.07 4.93 6.06
C THR A 65 4.61 6.39 6.39
N ILE A 66 5.45 7.14 7.11
CA ILE A 66 5.12 8.53 7.46
C ILE A 66 5.04 9.38 6.19
N LEU A 67 5.96 9.11 5.27
CA LEU A 67 6.03 9.83 4.02
C LEU A 67 4.76 9.66 3.23
N ALA A 68 4.29 8.42 3.12
CA ALA A 68 3.08 8.13 2.38
C ALA A 68 1.90 8.89 2.96
N VAL A 69 1.81 8.94 4.30
CA VAL A 69 0.73 9.66 4.98
C VAL A 69 0.66 11.12 4.57
N ASP A 70 1.78 11.80 4.61
CA ASP A 70 1.81 13.22 4.28
C ASP A 70 1.80 13.46 2.78
N ASN A 71 2.60 12.72 2.09
CA ASN A 71 2.89 13.04 0.72
C ASN A 71 1.78 12.62 -0.25
N LEU A 72 1.01 11.61 0.12
CA LEU A 72 -0.07 11.14 -0.75
C LEU A 72 -1.43 11.66 -0.34
N ASN A 73 -1.54 12.23 0.85
CA ASN A 73 -2.84 12.70 1.32
C ASN A 73 -3.31 13.86 0.47
N GLY A 74 -4.42 13.67 -0.19
CA GLY A 74 -4.93 14.68 -1.08
C GLY A 74 -4.82 14.25 -2.54
N PHE A 75 -4.15 13.13 -2.78
CA PHE A 75 -4.00 12.61 -4.14
C PHE A 75 -5.36 12.09 -4.61
N LYS A 76 -5.77 12.52 -5.77
CA LYS A 76 -7.10 12.24 -6.28
C LYS A 76 -7.08 11.03 -7.21
N ILE A 77 -7.90 10.03 -6.90
CA ILE A 77 -8.05 8.85 -7.74
C ILE A 77 -9.54 8.52 -7.89
N GLY A 78 -10.08 8.80 -9.06
CA GLY A 78 -11.43 8.46 -9.35
C GLY A 78 -12.42 9.31 -8.59
N GLY A 79 -12.24 10.62 -8.68
CA GLY A 79 -13.14 11.55 -8.03
C GLY A 79 -13.03 11.60 -6.52
N ARG A 80 -12.17 10.77 -5.95
CA ARG A 80 -12.00 10.71 -4.52
C ARG A 80 -10.54 10.85 -4.18
N ALA A 81 -10.23 11.65 -3.20
CA ALA A 81 -8.87 11.78 -2.74
C ALA A 81 -8.66 10.83 -1.61
N LEU A 82 -7.60 10.09 -1.67
CA LEU A 82 -7.34 9.12 -0.64
C LEU A 82 -6.80 9.76 0.64
N LYS A 83 -7.27 9.23 1.73
CA LYS A 83 -6.95 9.71 3.04
C LYS A 83 -6.07 8.71 3.76
N ILE A 84 -4.89 9.13 4.14
CA ILE A 84 -3.99 8.27 4.87
C ILE A 84 -3.85 8.81 6.29
N ASP A 85 -3.71 7.94 7.26
CA ASP A 85 -3.50 8.33 8.65
C ASP A 85 -2.87 7.13 9.36
N HIS A 86 -2.01 7.34 10.32
CA HIS A 86 -1.36 6.21 11.01
C HIS A 86 -2.31 5.54 11.99
N THR A 87 -2.39 4.23 11.94
CA THR A 87 -3.21 3.50 12.86
C THR A 87 -2.62 2.11 13.06
N PHE A 88 -2.98 1.45 14.13
CA PHE A 88 -2.56 0.10 14.31
C PHE A 88 -3.75 -0.72 14.71
N TYR A 89 -4.23 -1.49 13.80
CA TYR A 89 -5.36 -2.34 14.01
C TYR A 89 -4.83 -3.77 14.15
N ARG A 90 -5.59 -4.65 14.71
CA ARG A 90 -5.16 -6.02 14.80
C ARG A 90 -5.53 -6.79 13.55
N PRO A 91 -4.54 -7.43 12.90
CA PRO A 91 -4.78 -8.30 11.76
C PRO A 91 -5.65 -9.47 12.20
N LYS A 92 -6.70 -9.73 11.49
CA LYS A 92 -7.62 -10.76 11.89
C LYS A 92 -7.05 -12.15 11.69
N ARG A 93 -7.28 -13.00 12.66
CA ARG A 93 -6.79 -14.34 12.62
C ARG A 93 -7.65 -15.19 11.70
N SER A 94 -8.92 -14.86 11.62
CA SER A 94 -9.85 -15.56 10.76
C SER A 94 -9.48 -15.33 9.29
N LEU A 95 -8.87 -14.18 9.00
CA LEU A 95 -8.55 -13.83 7.63
C LEU A 95 -7.05 -13.86 7.39
N GLN A 96 -6.30 -14.52 8.29
CA GLN A 96 -4.81 -14.51 8.27
C GLN A 96 -4.22 -14.88 6.90
N LYS A 97 -4.88 -15.80 6.18
CA LYS A 97 -4.37 -16.24 4.89
C LYS A 97 -4.38 -15.14 3.86
N TYR A 98 -5.32 -14.21 3.97
CA TYR A 98 -5.35 -13.09 3.06
C TYR A 98 -4.11 -12.23 3.28
N TYR A 99 -3.81 -11.98 4.54
CA TYR A 99 -2.66 -11.15 4.93
C TYR A 99 -1.36 -11.79 4.46
N GLU A 100 -1.18 -13.05 4.81
CA GLU A 100 0.04 -13.73 4.45
C GLU A 100 0.21 -13.90 2.95
N ALA A 101 -0.90 -14.13 2.25
CA ALA A 101 -0.87 -14.30 0.79
C ALA A 101 -0.40 -13.02 0.10
N VAL A 102 -0.80 -11.88 0.63
CA VAL A 102 -0.41 -10.61 0.06
C VAL A 102 1.07 -10.34 0.32
N LYS A 103 1.48 -10.46 1.58
CA LYS A 103 2.84 -10.15 1.98
C LYS A 103 3.86 -11.02 1.23
N GLU A 104 3.49 -12.28 0.90
CA GLU A 104 4.36 -13.23 0.17
C GLU A 104 5.01 -12.57 -1.03
N GLU A 105 4.17 -12.05 -1.93
CA GLU A 105 4.63 -11.41 -3.16
C GLU A 105 5.66 -10.33 -2.89
N LEU A 106 5.36 -9.51 -1.95
CA LEU A 106 6.16 -8.37 -1.63
C LEU A 106 7.46 -8.85 -0.99
N ASP A 107 7.29 -9.69 0.00
CA ASP A 107 8.36 -10.24 0.82
C ASP A 107 9.46 -10.89 0.00
N ARG A 108 9.11 -11.58 -1.08
CA ARG A 108 10.11 -12.34 -1.86
C ARG A 108 11.13 -11.43 -2.57
N ASP A 109 10.81 -10.15 -2.68
CA ASP A 109 11.75 -9.19 -3.26
C ASP A 109 12.45 -8.44 -2.15
N ILE A 110 11.71 -8.21 -1.09
CA ILE A 110 12.17 -7.46 0.06
C ILE A 110 13.24 -8.24 0.83
N VAL A 111 13.02 -9.53 0.94
CA VAL A 111 13.96 -10.39 1.61
C VAL A 111 15.08 -10.71 0.62
N SER A 112 16.28 -10.85 1.10
CA SER A 112 17.39 -11.12 0.23
C SER A 112 17.56 -12.65 0.14
N LYS A 113 17.36 -13.31 1.28
CA LYS A 113 17.35 -14.77 1.40
C LYS A 113 16.43 -15.16 2.53
N ASN A 114 15.60 -16.14 2.29
CA ASN A 114 14.65 -16.58 3.31
C ASN A 114 15.37 -17.25 4.46
N ASN A 115 14.84 -17.09 5.64
CA ASN A 115 15.47 -17.64 6.84
C ASN A 115 14.50 -17.68 8.01
N ALA A 116 13.51 -16.81 7.99
CA ALA A 116 12.57 -16.70 9.08
C ALA A 116 11.61 -17.87 9.12
N GLU A 117 11.86 -18.77 10.03
CA GLU A 117 10.98 -19.89 10.25
C GLU A 117 9.88 -19.45 11.20
N LYS A 118 10.18 -18.44 11.96
CA LYS A 118 9.26 -17.81 12.84
C LYS A 118 9.15 -16.35 12.40
N GLY B 1 -13.08 -24.68 11.38
CA GLY B 1 -12.52 -23.63 10.53
C GLY B 1 -13.03 -23.77 9.12
N SER B 2 -12.21 -23.42 8.17
CA SER B 2 -12.56 -23.50 6.76
C SER B 2 -11.97 -24.76 6.14
N LYS B 3 -12.68 -25.34 5.20
CA LYS B 3 -12.23 -26.60 4.61
C LYS B 3 -11.98 -26.42 3.11
N SER B 4 -12.95 -25.84 2.40
CA SER B 4 -12.89 -25.67 0.95
C SER B 4 -11.65 -24.90 0.58
N GLN B 5 -11.52 -23.76 1.18
CA GLN B 5 -10.42 -22.89 1.02
C GLN B 5 -10.40 -22.07 2.27
N TYR B 6 -9.21 -21.66 2.68
CA TYR B 6 -9.04 -20.92 3.93
C TYR B 6 -9.92 -19.69 3.97
N ILE B 7 -9.78 -18.87 2.95
CA ILE B 7 -10.57 -17.69 2.78
C ILE B 7 -11.02 -17.74 1.35
N ASP B 8 -12.18 -17.25 1.06
CA ASP B 8 -12.70 -17.31 -0.30
C ASP B 8 -12.38 -16.01 -1.04
N ILE B 9 -11.73 -15.09 -0.35
CA ILE B 9 -11.44 -13.80 -0.94
C ILE B 9 -10.16 -13.90 -1.78
N MET B 10 -9.00 -13.90 -1.09
CA MET B 10 -7.65 -13.88 -1.70
C MET B 10 -7.42 -12.52 -2.45
N PRO B 11 -6.18 -12.03 -2.52
CA PRO B 11 -5.89 -10.72 -3.13
C PRO B 11 -6.00 -10.71 -4.65
N ASP B 12 -6.24 -9.53 -5.21
CA ASP B 12 -6.34 -9.39 -6.65
C ASP B 12 -5.01 -9.03 -7.25
N PHE B 13 -4.40 -7.96 -6.74
CA PHE B 13 -3.13 -7.40 -7.28
C PHE B 13 -3.28 -6.85 -8.71
N SER B 14 -4.49 -6.54 -9.10
CA SER B 14 -4.78 -6.04 -10.43
C SER B 14 -4.96 -4.53 -10.34
N PRO B 15 -4.81 -3.78 -11.42
CA PRO B 15 -5.12 -2.37 -11.41
C PRO B 15 -6.59 -2.13 -11.62
N SER B 16 -7.01 -1.03 -11.20
CA SER B 16 -8.25 -0.56 -11.55
C SER B 16 -8.09 0.21 -12.87
N GLY B 17 -9.16 0.61 -13.35
CA GLY B 17 -9.25 1.38 -14.54
C GLY B 17 -9.17 2.85 -14.21
N LEU B 18 -9.35 3.15 -12.92
CA LEU B 18 -9.22 4.51 -12.43
C LEU B 18 -7.80 4.90 -12.65
N LEU B 19 -6.94 4.01 -12.21
CA LEU B 19 -5.51 4.16 -12.23
C LEU B 19 -4.95 4.58 -13.59
N GLU B 20 -5.45 4.00 -14.66
CA GLU B 20 -4.95 4.33 -15.98
C GLU B 20 -5.51 5.66 -16.49
N LEU B 21 -6.70 6.01 -16.03
CA LEU B 21 -7.35 7.23 -16.48
C LEU B 21 -6.93 8.44 -15.65
N GLU B 22 -6.79 8.22 -14.36
CA GLU B 22 -6.44 9.29 -13.43
C GLU B 22 -4.96 9.58 -13.47
N SER B 23 -4.16 8.50 -13.56
CA SER B 23 -2.72 8.51 -13.49
C SER B 23 -2.29 8.60 -12.01
N GLY C 1 11.21 -1.74 -11.25
CA GLY C 1 10.29 -0.68 -11.65
C GLY C 1 11.02 0.40 -12.41
N SER C 2 10.32 1.44 -12.78
CA SER C 2 10.91 2.53 -13.52
C SER C 2 11.46 3.58 -12.55
N TYR C 3 12.53 4.23 -12.93
CA TYR C 3 13.12 5.24 -12.08
C TYR C 3 12.77 6.63 -12.56
N ASP C 4 11.93 7.28 -11.79
CA ASP C 4 11.65 8.70 -11.97
C ASP C 4 12.66 9.45 -11.16
N LYS C 5 12.93 8.90 -10.01
CA LYS C 5 13.97 9.37 -9.16
C LYS C 5 15.23 8.61 -9.54
N PRO C 6 16.20 9.29 -10.14
CA PRO C 6 17.44 8.66 -10.63
C PRO C 6 18.39 8.28 -9.51
N ALA C 7 18.12 8.84 -8.37
CA ALA C 7 18.87 8.63 -7.18
C ALA C 7 17.86 8.63 -6.05
N PRO C 8 18.22 8.17 -4.85
CA PRO C 8 17.31 8.18 -3.69
C PRO C 8 17.10 9.61 -3.16
N GLU C 9 16.60 10.46 -4.02
CA GLU C 9 16.39 11.86 -3.71
C GLU C 9 15.00 12.13 -3.14
N ASN C 10 14.29 11.09 -2.78
CA ASN C 10 12.99 11.26 -2.16
C ASN C 10 13.26 11.75 -0.73
N ARG C 11 12.29 12.42 -0.11
CA ARG C 11 12.46 13.13 1.19
C ARG C 11 13.33 12.40 2.25
N PHE C 12 13.08 11.13 2.47
CA PHE C 12 13.83 10.41 3.51
C PHE C 12 14.92 9.52 2.93
N ALA C 13 15.49 9.93 1.77
CA ALA C 13 16.57 9.19 1.06
C ALA C 13 16.03 7.87 0.51
N ILE C 14 14.78 7.90 0.16
CA ILE C 14 14.07 6.75 -0.31
C ILE C 14 14.15 6.65 -1.84
N MET C 15 14.12 5.44 -2.34
CA MET C 15 14.13 5.20 -3.78
C MET C 15 12.81 4.51 -4.19
N PRO C 16 12.50 4.39 -5.50
CA PRO C 16 11.27 3.73 -5.93
C PRO C 16 11.34 2.22 -5.76
N GLY C 17 10.27 1.64 -5.26
CA GLY C 17 10.23 0.24 -4.98
C GLY C 17 9.87 -0.63 -6.17
N SER C 18 9.34 -1.78 -5.87
CA SER C 18 9.03 -2.80 -6.85
C SER C 18 7.89 -2.40 -7.82
N ARG C 19 6.66 -2.36 -7.33
CA ARG C 19 5.51 -2.22 -8.22
C ARG C 19 5.10 -0.81 -8.49
N TRP C 20 6.04 0.00 -8.83
CA TRP C 20 5.71 1.30 -9.29
C TRP C 20 5.99 1.35 -10.78
N ASP C 21 4.91 1.44 -11.54
CA ASP C 21 4.96 1.51 -13.01
C ASP C 21 5.86 2.62 -13.50
N GLY C 22 5.74 3.75 -12.86
CA GLY C 22 6.44 4.91 -13.31
C GLY C 22 5.50 6.07 -13.37
N VAL C 23 4.21 5.78 -13.18
CA VAL C 23 3.16 6.80 -13.12
C VAL C 23 3.49 7.82 -12.02
N HIS C 24 3.90 9.01 -12.42
CA HIS C 24 4.31 10.06 -11.52
C HIS C 24 3.17 10.50 -10.62
N ARG C 25 3.51 10.82 -9.39
CA ARG C 25 2.54 11.20 -8.41
C ARG C 25 2.68 12.67 -8.12
N SER C 26 1.60 13.41 -8.21
CA SER C 26 1.61 14.78 -7.81
C SER C 26 1.63 14.84 -6.29
N ASN C 27 2.79 15.12 -5.78
CA ASN C 27 3.02 15.10 -4.37
C ASN C 27 3.85 16.33 -3.97
N GLY C 28 4.30 16.35 -2.74
CA GLY C 28 5.10 17.45 -2.29
C GLY C 28 4.44 18.25 -1.19
N PHE C 29 3.63 17.60 -0.35
CA PHE C 29 2.97 18.36 0.70
C PHE C 29 3.92 18.55 1.91
N GLU C 30 3.70 19.62 2.61
CA GLU C 30 4.53 20.14 3.69
C GLU C 30 4.16 19.63 5.14
N GLU C 31 3.18 18.72 5.32
CA GLU C 31 2.68 18.40 6.69
C GLU C 31 3.71 17.79 7.64
N LYS C 32 4.55 16.91 7.16
CA LYS C 32 5.44 16.17 8.05
C LYS C 32 6.56 17.05 8.59
N TRP C 33 6.60 17.22 9.90
CA TRP C 33 7.65 17.97 10.57
C TRP C 33 8.75 17.02 11.01
N GLY A 1 -13.80 2.92 9.99
CA GLY A 1 -12.43 3.34 9.73
C GLY A 1 -11.91 4.16 10.88
N ALA A 2 -10.97 3.62 11.61
CA ALA A 2 -10.43 4.27 12.78
C ALA A 2 -9.01 4.71 12.53
N MET A 3 -8.62 5.77 13.18
CA MET A 3 -7.28 6.29 13.07
C MET A 3 -6.56 6.07 14.39
N GLY A 4 -5.33 6.49 14.46
CA GLY A 4 -4.57 6.41 15.66
C GLY A 4 -3.44 7.38 15.66
N ASN A 5 -3.67 8.56 16.15
CA ASN A 5 -2.64 9.56 16.21
C ASN A 5 -2.21 9.84 17.62
N GLU A 6 -2.85 9.19 18.59
CA GLU A 6 -2.46 9.37 19.97
C GLU A 6 -1.24 8.51 20.27
N TYR A 7 -1.04 7.53 19.42
CA TYR A 7 0.10 6.67 19.49
C TYR A 7 0.97 6.94 18.29
N LYS A 8 2.22 6.59 18.37
CA LYS A 8 3.10 6.70 17.24
C LYS A 8 3.77 5.34 17.04
N ASP A 9 3.08 4.34 17.56
CA ASP A 9 3.49 2.93 17.47
C ASP A 9 2.72 2.31 16.30
N ASN A 10 2.00 3.17 15.63
CA ASN A 10 1.14 2.80 14.54
C ASN A 10 1.93 2.77 13.24
N ALA A 11 2.44 1.59 12.93
CA ALA A 11 3.23 1.38 11.72
C ALA A 11 2.31 1.20 10.51
N TYR A 12 1.05 0.92 10.77
CA TYR A 12 0.07 0.78 9.73
C TYR A 12 -0.55 2.11 9.41
N ILE A 13 -0.91 2.27 8.19
CA ILE A 13 -1.55 3.44 7.75
C ILE A 13 -2.97 3.14 7.34
N TYR A 14 -3.81 4.08 7.64
CA TYR A 14 -5.19 4.04 7.31
C TYR A 14 -5.34 4.69 5.97
N ILE A 15 -5.86 3.97 5.05
CA ILE A 15 -6.13 4.50 3.77
C ILE A 15 -7.63 4.47 3.61
N GLY A 16 -8.21 5.63 3.53
CA GLY A 16 -9.62 5.73 3.44
C GLY A 16 -10.02 6.51 2.23
N ASN A 17 -11.31 6.54 1.97
CA ASN A 17 -11.93 7.25 0.86
C ASN A 17 -11.47 6.66 -0.47
N LEU A 18 -11.42 5.35 -0.54
CA LEU A 18 -11.09 4.69 -1.77
C LEU A 18 -12.34 4.54 -2.57
N ASN A 19 -12.18 4.33 -3.82
CA ASN A 19 -13.29 4.19 -4.71
C ASN A 19 -13.50 2.68 -4.84
N ARG A 20 -14.73 2.27 -5.11
CA ARG A 20 -15.16 0.85 -5.06
C ARG A 20 -14.25 -0.10 -5.86
N GLU A 21 -13.78 0.35 -7.00
CA GLU A 21 -12.94 -0.47 -7.88
C GLU A 21 -11.44 -0.41 -7.57
N LEU A 22 -11.04 0.40 -6.61
CA LEU A 22 -9.64 0.46 -6.22
C LEU A 22 -9.34 -0.68 -5.27
N THR A 23 -8.44 -1.53 -5.69
CA THR A 23 -8.06 -2.70 -4.94
C THR A 23 -6.60 -2.56 -4.43
N GLU A 24 -6.14 -3.54 -3.66
CA GLU A 24 -4.77 -3.56 -3.10
C GLU A 24 -3.71 -3.47 -4.19
N GLY A 25 -3.92 -4.17 -5.29
CA GLY A 25 -3.02 -4.11 -6.42
C GLY A 25 -2.86 -2.71 -6.97
N ASP A 26 -3.92 -1.94 -6.89
CA ASP A 26 -3.94 -0.58 -7.38
C ASP A 26 -3.16 0.28 -6.43
N ILE A 27 -3.45 0.05 -5.16
CA ILE A 27 -2.78 0.69 -4.06
C ILE A 27 -1.27 0.42 -4.13
N LEU A 28 -0.90 -0.83 -4.42
CA LEU A 28 0.48 -1.21 -4.60
C LEU A 28 1.11 -0.43 -5.73
N THR A 29 0.35 -0.24 -6.79
CA THR A 29 0.80 0.49 -7.95
C THR A 29 1.23 1.94 -7.58
N VAL A 30 0.40 2.63 -6.82
CA VAL A 30 0.73 3.99 -6.39
C VAL A 30 1.68 4.05 -5.18
N PHE A 31 1.61 3.06 -4.28
CA PHE A 31 2.48 3.06 -3.08
C PHE A 31 3.89 2.58 -3.38
N SER A 32 4.09 1.96 -4.52
CA SER A 32 5.42 1.51 -4.91
C SER A 32 6.28 2.69 -5.42
N GLU A 33 5.62 3.84 -5.57
CA GLU A 33 6.23 5.09 -5.98
C GLU A 33 7.40 5.44 -5.05
N TYR A 34 7.15 5.33 -3.76
CA TYR A 34 8.13 5.73 -2.78
C TYR A 34 8.94 4.55 -2.26
N GLY A 35 8.38 3.35 -2.32
CA GLY A 35 9.06 2.21 -1.78
C GLY A 35 8.27 0.96 -2.01
N VAL A 36 8.64 -0.12 -1.36
CA VAL A 36 7.92 -1.36 -1.53
C VAL A 36 7.02 -1.61 -0.33
N PRO A 37 5.70 -1.66 -0.54
CA PRO A 37 4.75 -1.98 0.52
C PRO A 37 4.98 -3.39 1.06
N VAL A 38 4.90 -3.51 2.38
CA VAL A 38 5.13 -4.78 3.07
C VAL A 38 3.82 -5.51 3.27
N ASP A 39 2.90 -4.77 3.80
CA ASP A 39 1.59 -5.28 4.12
C ASP A 39 0.58 -4.40 3.50
N VAL A 40 -0.31 -4.97 2.76
CA VAL A 40 -1.42 -4.23 2.25
C VAL A 40 -2.66 -5.08 2.34
N ILE A 41 -3.64 -4.56 2.96
CA ILE A 41 -4.89 -5.23 3.10
C ILE A 41 -6.00 -4.30 2.74
N LEU A 42 -6.81 -4.76 1.86
CA LEU A 42 -7.91 -4.00 1.37
C LEU A 42 -9.15 -4.51 2.07
N SER A 43 -9.91 -3.61 2.64
CA SER A 43 -11.10 -3.97 3.34
C SER A 43 -12.16 -4.38 2.34
N ARG A 44 -12.37 -5.66 2.25
CA ARG A 44 -13.35 -6.23 1.40
C ARG A 44 -14.06 -7.33 2.12
N ASP A 45 -15.31 -7.50 1.78
CA ASP A 45 -16.17 -8.53 2.37
C ASP A 45 -15.57 -9.92 2.18
N GLU A 46 -15.79 -10.77 3.13
CA GLU A 46 -15.20 -12.10 3.14
C GLU A 46 -15.90 -13.08 2.18
N ASN A 47 -17.08 -12.72 1.75
CA ASN A 47 -17.88 -13.61 0.94
C ASN A 47 -17.84 -13.21 -0.51
N THR A 48 -18.13 -11.98 -0.79
CA THR A 48 -18.19 -11.55 -2.17
C THR A 48 -16.93 -10.77 -2.55
N GLY A 49 -16.18 -10.34 -1.57
CA GLY A 49 -14.97 -9.59 -1.85
C GLY A 49 -15.22 -8.14 -2.21
N GLU A 50 -16.41 -7.64 -1.88
CA GLU A 50 -16.77 -6.25 -2.17
C GLU A 50 -15.84 -5.27 -1.45
N SER A 51 -15.07 -4.53 -2.22
CA SER A 51 -14.12 -3.55 -1.74
C SER A 51 -14.86 -2.38 -1.08
N GLN A 52 -14.69 -2.24 0.22
CA GLN A 52 -15.45 -1.27 1.02
C GLN A 52 -14.92 0.15 0.86
N GLY A 53 -13.77 0.28 0.24
CA GLY A 53 -13.19 1.58 0.03
C GLY A 53 -12.27 2.02 1.17
N PHE A 54 -11.73 1.05 1.89
CA PHE A 54 -10.75 1.31 2.93
C PHE A 54 -9.65 0.31 2.81
N ALA A 55 -8.48 0.68 3.19
CA ALA A 55 -7.36 -0.21 3.15
C ALA A 55 -6.41 0.13 4.26
N TYR A 56 -5.56 -0.78 4.59
CA TYR A 56 -4.55 -0.59 5.57
C TYR A 56 -3.26 -1.07 4.95
N LEU A 57 -2.21 -0.37 5.14
CA LEU A 57 -0.94 -0.75 4.54
C LEU A 57 0.15 -0.43 5.52
N LYS A 58 1.29 -1.05 5.40
CA LYS A 58 2.43 -0.67 6.20
C LYS A 58 3.71 -0.98 5.49
N TYR A 59 4.67 -0.13 5.69
CA TYR A 59 6.03 -0.47 5.37
C TYR A 59 6.60 -1.16 6.63
N GLU A 60 7.75 -1.80 6.49
CA GLU A 60 8.37 -2.55 7.58
C GLU A 60 8.74 -1.58 8.70
N ASP A 61 9.49 -0.58 8.35
CA ASP A 61 9.86 0.48 9.25
C ASP A 61 8.84 1.61 9.09
N GLN A 62 8.48 2.26 10.17
CA GLN A 62 7.45 3.30 10.16
C GLN A 62 7.88 4.54 9.33
N ARG A 63 9.15 4.64 9.01
CA ARG A 63 9.69 5.78 8.24
C ARG A 63 8.98 5.97 6.88
N SER A 64 8.74 4.89 6.17
CA SER A 64 8.14 5.01 4.85
C SER A 64 6.64 5.13 4.99
N THR A 65 6.18 4.64 6.11
CA THR A 65 4.82 4.74 6.51
C THR A 65 4.45 6.23 6.75
N ILE A 66 5.34 6.95 7.45
CA ILE A 66 5.18 8.39 7.68
C ILE A 66 5.23 9.12 6.34
N LEU A 67 6.13 8.66 5.48
CA LEU A 67 6.26 9.19 4.15
C LEU A 67 4.96 9.06 3.38
N ALA A 68 4.35 7.87 3.42
CA ALA A 68 3.09 7.61 2.73
C ALA A 68 2.00 8.58 3.15
N VAL A 69 1.91 8.83 4.47
CA VAL A 69 0.93 9.74 5.06
C VAL A 69 1.11 11.16 4.51
N ASP A 70 2.34 11.57 4.37
CA ASP A 70 2.66 12.92 3.93
C ASP A 70 2.69 13.05 2.39
N ASN A 71 2.78 11.93 1.71
CA ASN A 71 3.04 11.97 0.27
C ASN A 71 1.78 11.78 -0.57
N LEU A 72 1.14 10.64 -0.40
CA LEU A 72 0.02 10.26 -1.28
C LEU A 72 -1.32 10.78 -0.79
N ASN A 73 -1.35 11.31 0.42
CA ASN A 73 -2.60 11.81 0.99
C ASN A 73 -3.07 13.01 0.20
N GLY A 74 -4.19 12.83 -0.49
CA GLY A 74 -4.70 13.88 -1.32
C GLY A 74 -4.60 13.58 -2.80
N PHE A 75 -4.06 12.41 -3.15
CA PHE A 75 -4.00 12.02 -4.54
C PHE A 75 -5.41 11.59 -5.00
N LYS A 76 -5.84 12.16 -6.10
CA LYS A 76 -7.19 12.01 -6.61
C LYS A 76 -7.26 10.78 -7.52
N ILE A 77 -8.09 9.82 -7.15
CA ILE A 77 -8.30 8.63 -7.95
C ILE A 77 -9.79 8.32 -8.00
N GLY A 78 -10.36 8.33 -9.19
CA GLY A 78 -11.75 8.04 -9.36
C GLY A 78 -12.61 9.14 -8.83
N GLY A 79 -12.15 10.35 -9.00
CA GLY A 79 -12.90 11.51 -8.56
C GLY A 79 -12.73 11.84 -7.08
N ARG A 80 -12.21 10.92 -6.31
CA ARG A 80 -12.04 11.14 -4.87
C ARG A 80 -10.56 11.07 -4.51
N ALA A 81 -10.16 11.79 -3.52
CA ALA A 81 -8.78 11.78 -3.11
C ALA A 81 -8.62 10.87 -1.94
N LEU A 82 -7.75 9.90 -2.06
CA LEU A 82 -7.54 8.98 -0.99
C LEU A 82 -6.82 9.61 0.19
N LYS A 83 -7.23 9.18 1.33
CA LYS A 83 -6.79 9.70 2.58
C LYS A 83 -5.91 8.69 3.32
N ILE A 84 -4.71 9.10 3.65
CA ILE A 84 -3.81 8.26 4.43
C ILE A 84 -3.63 8.90 5.81
N ASP A 85 -3.60 8.09 6.83
CA ASP A 85 -3.40 8.53 8.19
C ASP A 85 -2.74 7.38 8.94
N HIS A 86 -2.49 7.50 10.22
CA HIS A 86 -1.90 6.40 10.99
C HIS A 86 -2.99 5.62 11.69
N THR A 87 -2.86 4.31 11.71
CA THR A 87 -3.80 3.46 12.40
C THR A 87 -3.07 2.20 12.87
N PHE A 88 -3.61 1.50 13.81
CA PHE A 88 -3.04 0.25 14.20
C PHE A 88 -4.13 -0.66 14.67
N TYR A 89 -4.07 -1.87 14.27
CA TYR A 89 -5.03 -2.87 14.64
C TYR A 89 -4.26 -4.18 14.61
N ARG A 90 -4.76 -5.17 15.26
CA ARG A 90 -4.11 -6.45 15.23
C ARG A 90 -4.58 -7.23 14.03
N PRO A 91 -3.64 -7.62 13.13
CA PRO A 91 -3.94 -8.39 11.91
C PRO A 91 -4.84 -9.56 12.22
N LYS A 92 -5.90 -9.69 11.45
CA LYS A 92 -6.90 -10.69 11.74
C LYS A 92 -6.31 -12.07 11.52
N ARG A 93 -6.61 -12.96 12.41
CA ARG A 93 -6.11 -14.30 12.32
C ARG A 93 -6.97 -15.08 11.35
N SER A 94 -8.26 -14.83 11.41
CA SER A 94 -9.26 -15.45 10.56
C SER A 94 -8.91 -15.25 9.09
N LEU A 95 -8.38 -14.09 8.77
CA LEU A 95 -8.05 -13.75 7.41
C LEU A 95 -6.54 -13.69 7.18
N GLN A 96 -5.75 -14.29 8.10
CA GLN A 96 -4.27 -14.18 8.03
C GLN A 96 -3.72 -14.69 6.70
N LYS A 97 -4.42 -15.64 6.11
CA LYS A 97 -3.99 -16.22 4.86
C LYS A 97 -4.03 -15.20 3.74
N TYR A 98 -4.97 -14.26 3.82
CA TYR A 98 -5.06 -13.18 2.85
C TYR A 98 -3.83 -12.30 3.02
N TYR A 99 -3.49 -12.00 4.27
CA TYR A 99 -2.33 -11.15 4.63
C TYR A 99 -1.04 -11.75 4.11
N GLU A 100 -0.80 -13.00 4.46
CA GLU A 100 0.42 -13.67 4.05
C GLU A 100 0.50 -13.85 2.55
N ALA A 101 -0.61 -14.25 1.92
CA ALA A 101 -0.65 -14.42 0.45
C ALA A 101 -0.33 -13.11 -0.25
N VAL A 102 -0.69 -12.02 0.39
CA VAL A 102 -0.38 -10.71 -0.10
C VAL A 102 1.12 -10.44 -0.01
N LYS A 103 1.67 -10.57 1.19
CA LYS A 103 3.05 -10.20 1.41
C LYS A 103 4.03 -11.17 0.81
N GLU A 104 3.62 -12.40 0.51
CA GLU A 104 4.50 -13.38 -0.14
C GLU A 104 5.12 -12.79 -1.41
N GLU A 105 4.31 -12.06 -2.15
CA GLU A 105 4.76 -11.43 -3.37
C GLU A 105 5.60 -10.19 -3.05
N LEU A 106 5.08 -9.38 -2.15
CA LEU A 106 5.66 -8.08 -1.80
C LEU A 106 7.03 -8.24 -1.19
N ASP A 107 7.13 -9.19 -0.28
CA ASP A 107 8.33 -9.51 0.47
C ASP A 107 9.53 -9.76 -0.43
N ARG A 108 9.28 -10.34 -1.58
CA ARG A 108 10.36 -10.73 -2.48
C ARG A 108 11.01 -9.52 -3.15
N ASP A 109 10.32 -8.40 -3.12
CA ASP A 109 10.83 -7.18 -3.74
C ASP A 109 11.53 -6.35 -2.65
N ILE A 110 11.25 -6.69 -1.41
CA ILE A 110 11.82 -6.04 -0.24
C ILE A 110 13.10 -6.74 0.18
N VAL A 111 12.98 -8.03 0.43
CA VAL A 111 14.03 -8.81 1.00
C VAL A 111 15.16 -9.10 0.00
N SER A 112 16.35 -8.89 0.44
CA SER A 112 17.51 -9.26 -0.28
C SER A 112 17.94 -10.60 0.30
N LYS A 113 18.71 -11.40 -0.42
CA LYS A 113 19.03 -12.72 0.08
C LYS A 113 20.13 -12.76 1.14
N ASN A 114 19.72 -12.35 2.30
CA ASN A 114 20.45 -12.37 3.53
C ASN A 114 19.38 -12.28 4.59
N ASN A 115 19.73 -12.50 5.86
CA ASN A 115 18.76 -12.46 7.01
C ASN A 115 17.84 -13.68 7.02
N ALA A 116 17.40 -14.08 5.85
CA ALA A 116 16.62 -15.26 5.70
C ALA A 116 17.56 -16.43 5.61
N GLU A 117 17.82 -17.02 6.74
CA GLU A 117 18.76 -18.12 6.81
C GLU A 117 18.10 -19.37 6.25
N LYS A 118 16.80 -19.40 6.38
CA LYS A 118 16.00 -20.47 5.88
C LYS A 118 14.94 -19.87 4.98
N GLY B 1 -17.15 -19.91 8.67
CA GLY B 1 -16.15 -19.44 7.72
C GLY B 1 -16.19 -20.26 6.45
N SER B 2 -15.09 -20.29 5.75
CA SER B 2 -15.00 -21.03 4.51
C SER B 2 -14.48 -22.45 4.79
N LYS B 3 -15.05 -23.44 4.13
CA LYS B 3 -14.60 -24.82 4.34
C LYS B 3 -14.11 -25.46 3.04
N SER B 4 -14.52 -24.92 1.90
CA SER B 4 -14.10 -25.43 0.61
C SER B 4 -12.62 -25.08 0.36
N GLN B 5 -12.21 -23.98 0.94
CA GLN B 5 -10.85 -23.55 0.98
C GLN B 5 -10.71 -22.77 2.27
N TYR B 6 -9.54 -22.29 2.55
CA TYR B 6 -9.30 -21.52 3.74
C TYR B 6 -9.98 -20.15 3.71
N ILE B 7 -9.63 -19.31 2.76
CA ILE B 7 -10.31 -18.02 2.67
C ILE B 7 -10.89 -17.91 1.29
N ASP B 8 -12.05 -17.35 1.19
CA ASP B 8 -12.80 -17.27 -0.06
C ASP B 8 -12.47 -16.00 -0.83
N ILE B 9 -11.69 -15.11 -0.24
CA ILE B 9 -11.47 -13.84 -0.89
C ILE B 9 -10.25 -13.91 -1.76
N MET B 10 -9.09 -13.77 -1.11
CA MET B 10 -7.79 -13.75 -1.76
C MET B 10 -7.52 -12.49 -2.62
N PRO B 11 -6.24 -12.01 -2.64
CA PRO B 11 -5.88 -10.74 -3.28
C PRO B 11 -6.10 -10.65 -4.79
N ASP B 12 -6.41 -9.45 -5.24
CA ASP B 12 -6.60 -9.13 -6.65
C ASP B 12 -5.23 -8.86 -7.30
N PHE B 13 -4.56 -7.81 -6.82
CA PHE B 13 -3.20 -7.43 -7.28
C PHE B 13 -3.10 -6.84 -8.70
N SER B 14 -4.13 -6.20 -9.19
CA SER B 14 -4.04 -5.52 -10.45
C SER B 14 -4.50 -4.09 -10.22
N PRO B 15 -4.16 -3.12 -11.09
CA PRO B 15 -4.66 -1.77 -10.90
C PRO B 15 -6.07 -1.65 -11.34
N SER B 16 -6.61 -0.56 -11.06
CA SER B 16 -7.82 -0.19 -11.60
C SER B 16 -7.53 0.49 -12.94
N GLY B 17 -8.53 0.90 -13.55
CA GLY B 17 -8.48 1.57 -14.80
C GLY B 17 -8.76 3.02 -14.60
N LEU B 18 -9.13 3.38 -13.36
CA LEU B 18 -9.39 4.75 -13.01
C LEU B 18 -8.07 5.45 -13.02
N LEU B 19 -7.16 4.77 -12.38
CA LEU B 19 -5.84 5.21 -12.04
C LEU B 19 -5.12 5.89 -13.21
N GLU B 20 -5.05 5.21 -14.33
CA GLU B 20 -4.35 5.70 -15.53
C GLU B 20 -5.01 6.95 -16.14
N LEU B 21 -6.26 7.19 -15.81
CA LEU B 21 -6.99 8.33 -16.32
C LEU B 21 -6.79 9.51 -15.40
N GLU B 22 -6.64 9.21 -14.13
CA GLU B 22 -6.53 10.20 -13.07
C GLU B 22 -5.14 10.83 -13.07
N SER B 23 -4.15 10.06 -13.47
CA SER B 23 -2.80 10.53 -13.54
C SER B 23 -2.61 11.47 -14.74
N GLY C 1 11.79 1.36 -13.51
CA GLY C 1 12.99 0.60 -13.19
C GLY C 1 13.27 0.68 -11.73
N SER C 2 14.45 0.26 -11.33
CA SER C 2 14.86 0.38 -9.96
C SER C 2 15.28 1.85 -9.76
N TYR C 3 16.01 2.36 -10.73
CA TYR C 3 16.36 3.74 -10.76
C TYR C 3 15.84 4.41 -11.99
N ASP C 4 14.87 5.24 -11.80
CA ASP C 4 14.35 6.08 -12.88
C ASP C 4 14.96 7.45 -12.75
N LYS C 5 15.18 7.83 -11.52
CA LYS C 5 15.78 9.09 -11.18
C LYS C 5 17.30 8.93 -11.07
N PRO C 6 18.08 9.96 -11.49
CA PRO C 6 19.55 9.95 -11.31
C PRO C 6 19.86 10.03 -9.82
N ALA C 7 19.12 10.86 -9.16
CA ALA C 7 19.14 11.03 -7.75
C ALA C 7 17.71 10.90 -7.30
N PRO C 8 17.42 10.05 -6.32
CA PRO C 8 16.06 9.82 -5.83
C PRO C 8 15.40 11.11 -5.34
N GLU C 9 14.42 11.59 -6.08
CA GLU C 9 13.71 12.76 -5.66
C GLU C 9 12.60 12.37 -4.71
N ASN C 10 13.05 11.98 -3.57
CA ASN C 10 12.27 11.52 -2.46
C ASN C 10 13.02 12.04 -1.26
N ARG C 11 12.36 12.76 -0.42
CA ARG C 11 13.03 13.42 0.70
C ARG C 11 13.44 12.43 1.80
N PHE C 12 12.84 11.27 1.79
CA PHE C 12 13.20 10.22 2.73
C PHE C 12 14.20 9.27 2.08
N ALA C 13 14.40 9.46 0.77
CA ALA C 13 15.32 8.68 -0.07
C ALA C 13 15.01 7.18 -0.05
N ILE C 14 13.75 6.84 0.03
CA ILE C 14 13.36 5.44 0.03
C ILE C 14 13.40 4.96 -1.43
N MET C 15 13.92 3.78 -1.64
CA MET C 15 14.02 3.20 -2.98
C MET C 15 12.63 2.75 -3.44
N PRO C 16 12.26 3.01 -4.71
CA PRO C 16 10.94 2.65 -5.26
C PRO C 16 10.76 1.12 -5.41
N GLY C 17 9.55 0.70 -5.73
CA GLY C 17 9.27 -0.71 -5.85
C GLY C 17 9.06 -1.16 -7.28
N SER C 18 9.10 -2.46 -7.49
CA SER C 18 8.97 -3.03 -8.81
C SER C 18 7.51 -3.18 -9.26
N ARG C 19 6.56 -2.89 -8.38
CA ARG C 19 5.16 -2.93 -8.81
C ARG C 19 4.71 -1.53 -9.20
N TRP C 20 5.65 -0.59 -9.18
CA TRP C 20 5.41 0.76 -9.57
C TRP C 20 5.32 0.80 -11.08
N ASP C 21 4.16 1.22 -11.55
CA ASP C 21 3.80 1.27 -12.98
C ASP C 21 4.72 2.18 -13.78
N GLY C 22 5.40 3.05 -13.11
CA GLY C 22 6.25 3.97 -13.80
C GLY C 22 5.48 5.21 -14.11
N VAL C 23 4.76 5.65 -13.13
CA VAL C 23 3.96 6.84 -13.21
C VAL C 23 4.76 7.94 -12.53
N HIS C 24 4.35 9.15 -12.62
CA HIS C 24 5.08 10.18 -11.92
C HIS C 24 4.27 10.63 -10.74
N ARG C 25 4.93 11.05 -9.71
CA ARG C 25 4.27 11.50 -8.53
C ARG C 25 3.66 12.87 -8.75
N SER C 26 2.39 12.87 -8.99
CA SER C 26 1.64 14.07 -9.03
C SER C 26 1.00 14.16 -7.66
N ASN C 27 1.00 15.36 -7.09
CA ASN C 27 0.51 15.64 -5.74
C ASN C 27 1.43 15.04 -4.69
N GLY C 28 2.21 15.90 -4.06
CA GLY C 28 3.09 15.48 -3.00
C GLY C 28 4.49 15.16 -3.46
N PHE C 29 4.90 15.69 -4.59
CA PHE C 29 6.22 15.38 -5.10
C PHE C 29 7.21 16.51 -4.79
N GLU C 30 8.47 16.16 -4.89
CA GLU C 30 9.62 17.08 -4.70
C GLU C 30 9.77 18.02 -5.93
N GLU C 31 8.80 17.93 -6.87
CA GLU C 31 8.72 18.68 -8.15
C GLU C 31 9.16 20.17 -8.01
N LYS C 32 8.94 20.75 -6.85
CA LYS C 32 9.38 22.10 -6.53
C LYS C 32 10.90 22.11 -6.24
N TRP C 33 11.34 23.06 -5.49
CA TRP C 33 12.67 23.08 -4.99
C TRP C 33 12.63 23.70 -3.60
N GLY A 1 -9.72 0.06 13.33
CA GLY A 1 -10.36 1.36 13.10
C GLY A 1 -9.44 2.29 12.36
N ALA A 2 -9.53 3.58 12.63
CA ALA A 2 -8.72 4.57 11.97
C ALA A 2 -7.89 5.34 12.98
N MET A 3 -7.67 4.75 14.13
CA MET A 3 -6.89 5.40 15.18
C MET A 3 -5.44 4.99 15.07
N GLY A 4 -4.53 5.92 15.30
CA GLY A 4 -3.15 5.63 15.15
C GLY A 4 -2.26 6.86 15.25
N ASN A 5 -2.72 8.03 14.77
CA ASN A 5 -1.88 9.24 14.77
C ASN A 5 -1.71 9.80 16.17
N GLU A 6 -2.57 9.39 17.07
CA GLU A 6 -2.46 9.75 18.45
C GLU A 6 -1.47 8.83 19.18
N TYR A 7 -0.83 7.96 18.41
CA TYR A 7 0.23 7.09 18.88
C TYR A 7 1.41 7.22 17.90
N LYS A 8 2.53 6.64 18.24
CA LYS A 8 3.69 6.71 17.34
C LYS A 8 4.16 5.32 16.90
N ASP A 9 3.71 4.29 17.60
CA ASP A 9 4.14 2.92 17.31
C ASP A 9 3.24 2.29 16.27
N ASN A 10 2.32 3.06 15.76
CA ASN A 10 1.40 2.59 14.75
C ASN A 10 2.02 2.78 13.38
N ALA A 11 2.69 1.73 12.93
CA ALA A 11 3.43 1.76 11.67
C ALA A 11 2.54 1.43 10.47
N TYR A 12 1.31 1.07 10.75
CA TYR A 12 0.36 0.81 9.70
C TYR A 12 -0.35 2.09 9.35
N ILE A 13 -0.61 2.26 8.11
CA ILE A 13 -1.28 3.42 7.66
C ILE A 13 -2.69 3.10 7.22
N TYR A 14 -3.58 3.97 7.59
CA TYR A 14 -4.96 3.90 7.23
C TYR A 14 -5.13 4.60 5.93
N ILE A 15 -5.59 3.90 4.96
CA ILE A 15 -5.86 4.47 3.69
C ILE A 15 -7.36 4.43 3.51
N GLY A 16 -7.97 5.57 3.52
CA GLY A 16 -9.38 5.64 3.41
C GLY A 16 -9.82 6.46 2.25
N ASN A 17 -11.10 6.44 1.98
CA ASN A 17 -11.74 7.18 0.88
C ASN A 17 -11.33 6.61 -0.47
N LEU A 18 -11.27 5.29 -0.56
CA LEU A 18 -11.01 4.66 -1.83
C LEU A 18 -12.32 4.36 -2.48
N ASN A 19 -12.31 4.19 -3.76
CA ASN A 19 -13.49 3.82 -4.48
C ASN A 19 -13.55 2.31 -4.58
N ARG A 20 -14.67 1.80 -5.06
CA ARG A 20 -14.97 0.37 -5.07
C ARG A 20 -14.03 -0.41 -6.00
N GLU A 21 -13.65 0.21 -7.08
CA GLU A 21 -12.84 -0.42 -8.10
C GLU A 21 -11.34 -0.50 -7.78
N LEU A 22 -10.89 0.21 -6.77
CA LEU A 22 -9.49 0.13 -6.36
C LEU A 22 -9.25 -1.12 -5.50
N THR A 23 -8.39 -2.00 -5.99
CA THR A 23 -8.02 -3.24 -5.30
C THR A 23 -6.52 -3.18 -4.86
N GLU A 24 -5.99 -4.27 -4.22
CA GLU A 24 -4.59 -4.28 -3.65
C GLU A 24 -3.55 -3.88 -4.67
N GLY A 25 -3.66 -4.45 -5.86
CA GLY A 25 -2.68 -4.23 -6.91
C GLY A 25 -2.57 -2.78 -7.33
N ASP A 26 -3.67 -2.07 -7.26
CA ASP A 26 -3.73 -0.69 -7.64
C ASP A 26 -3.01 0.16 -6.61
N ILE A 27 -3.34 -0.12 -5.35
CA ILE A 27 -2.75 0.53 -4.19
C ILE A 27 -1.24 0.34 -4.20
N LEU A 28 -0.82 -0.87 -4.51
CA LEU A 28 0.58 -1.19 -4.60
C LEU A 28 1.24 -0.37 -5.68
N THR A 29 0.59 -0.29 -6.83
CA THR A 29 1.08 0.46 -7.97
C THR A 29 1.35 1.95 -7.61
N VAL A 30 0.45 2.55 -6.84
CA VAL A 30 0.63 3.94 -6.46
C VAL A 30 1.60 4.14 -5.27
N PHE A 31 1.56 3.23 -4.29
CA PHE A 31 2.41 3.35 -3.08
C PHE A 31 3.86 2.91 -3.29
N SER A 32 4.14 2.24 -4.38
CA SER A 32 5.49 1.77 -4.61
C SER A 32 6.35 2.78 -5.36
N GLU A 33 5.73 3.83 -5.85
CA GLU A 33 6.42 4.88 -6.61
C GLU A 33 7.53 5.51 -5.76
N TYR A 34 7.21 5.80 -4.54
CA TYR A 34 8.14 6.50 -3.67
C TYR A 34 8.52 5.62 -2.49
N GLY A 35 8.31 4.33 -2.61
CA GLY A 35 8.67 3.47 -1.53
C GLY A 35 8.37 2.03 -1.76
N VAL A 36 8.63 1.23 -0.77
CA VAL A 36 8.42 -0.19 -0.86
C VAL A 36 7.26 -0.58 0.06
N PRO A 37 6.16 -1.05 -0.51
CA PRO A 37 5.03 -1.53 0.26
C PRO A 37 5.33 -2.92 0.81
N VAL A 38 5.61 -2.97 2.08
CA VAL A 38 6.05 -4.16 2.75
C VAL A 38 4.89 -5.06 3.16
N ASP A 39 3.83 -4.45 3.60
CA ASP A 39 2.63 -5.18 3.93
C ASP A 39 1.46 -4.34 3.51
N VAL A 40 0.45 -4.95 2.96
CA VAL A 40 -0.74 -4.23 2.54
C VAL A 40 -1.91 -5.16 2.62
N ILE A 41 -3.03 -4.60 2.93
CA ILE A 41 -4.27 -5.32 3.00
C ILE A 41 -5.40 -4.41 2.59
N LEU A 42 -6.23 -4.90 1.74
CA LEU A 42 -7.36 -4.14 1.29
C LEU A 42 -8.55 -4.63 2.08
N SER A 43 -9.23 -3.72 2.73
CA SER A 43 -10.36 -4.08 3.52
C SER A 43 -11.50 -4.40 2.57
N ARG A 44 -11.71 -5.66 2.42
CA ARG A 44 -12.72 -6.15 1.57
C ARG A 44 -13.57 -7.11 2.33
N ASP A 45 -14.81 -7.22 1.91
CA ASP A 45 -15.82 -8.05 2.56
C ASP A 45 -15.36 -9.48 2.67
N GLU A 46 -15.57 -10.07 3.82
CA GLU A 46 -15.12 -11.42 4.10
C GLU A 46 -16.03 -12.48 3.46
N ASN A 47 -17.18 -12.06 3.00
CA ASN A 47 -18.16 -12.99 2.47
C ASN A 47 -18.14 -12.98 0.94
N THR A 48 -18.18 -11.80 0.35
CA THR A 48 -18.25 -11.69 -1.09
C THR A 48 -16.96 -11.10 -1.69
N GLY A 49 -16.04 -10.70 -0.83
CA GLY A 49 -14.77 -10.17 -1.30
C GLY A 49 -14.88 -8.84 -2.03
N GLU A 50 -15.83 -8.02 -1.66
CA GLU A 50 -16.01 -6.74 -2.30
C GLU A 50 -15.18 -5.69 -1.59
N SER A 51 -14.53 -4.84 -2.36
CA SER A 51 -13.69 -3.79 -1.81
C SER A 51 -14.54 -2.79 -1.04
N GLN A 52 -14.19 -2.52 0.19
CA GLN A 52 -14.98 -1.62 1.03
C GLN A 52 -14.54 -0.17 0.84
N GLY A 53 -13.48 0.02 0.11
CA GLY A 53 -12.96 1.35 -0.11
C GLY A 53 -12.02 1.80 0.99
N PHE A 54 -11.44 0.85 1.70
CA PHE A 54 -10.47 1.13 2.76
C PHE A 54 -9.32 0.17 2.63
N ALA A 55 -8.15 0.62 2.92
CA ALA A 55 -6.97 -0.20 2.85
C ALA A 55 -6.04 0.16 3.97
N TYR A 56 -5.13 -0.72 4.27
CA TYR A 56 -4.13 -0.50 5.28
C TYR A 56 -2.82 -0.96 4.71
N LEU A 57 -1.76 -0.25 4.96
CA LEU A 57 -0.47 -0.62 4.41
C LEU A 57 0.64 -0.30 5.41
N LYS A 58 1.75 -0.96 5.28
CA LYS A 58 2.91 -0.73 6.11
C LYS A 58 4.16 -0.71 5.23
N TYR A 59 4.91 0.36 5.32
CA TYR A 59 6.19 0.45 4.65
C TYR A 59 7.31 -0.22 5.44
N GLU A 60 8.49 -0.20 4.83
CA GLU A 60 9.72 -0.78 5.36
C GLU A 60 10.20 -0.05 6.63
N ASP A 61 9.73 1.15 6.83
CA ASP A 61 10.11 1.91 7.99
C ASP A 61 9.00 2.84 8.43
N GLN A 62 8.88 3.00 9.73
CA GLN A 62 7.91 3.87 10.40
C GLN A 62 7.90 5.29 9.81
N ARG A 63 9.06 5.81 9.44
CA ARG A 63 9.13 7.16 8.95
C ARG A 63 8.71 7.24 7.50
N SER A 64 8.81 6.12 6.81
CA SER A 64 8.38 6.03 5.43
C SER A 64 6.86 5.92 5.45
N THR A 65 6.38 5.34 6.53
CA THR A 65 5.00 5.28 6.86
C THR A 65 4.46 6.72 7.10
N ILE A 66 5.21 7.54 7.87
CA ILE A 66 4.85 8.95 8.10
C ILE A 66 4.87 9.72 6.76
N LEU A 67 5.89 9.41 5.97
CA LEU A 67 6.06 9.95 4.62
C LEU A 67 4.78 9.73 3.83
N ALA A 68 4.31 8.49 3.82
CA ALA A 68 3.09 8.12 3.12
C ALA A 68 1.89 8.91 3.60
N VAL A 69 1.78 9.03 4.94
CA VAL A 69 0.69 9.74 5.62
C VAL A 69 0.51 11.15 5.10
N ASP A 70 1.58 11.85 4.82
CA ASP A 70 1.42 13.22 4.34
C ASP A 70 1.63 13.33 2.81
N ASN A 71 2.22 12.30 2.21
CA ASN A 71 2.58 12.37 0.79
C ASN A 71 1.44 12.03 -0.14
N LEU A 72 0.89 10.83 -0.04
CA LEU A 72 -0.19 10.46 -0.94
C LEU A 72 -1.52 10.92 -0.44
N ASN A 73 -1.53 11.50 0.73
CA ASN A 73 -2.74 12.00 1.31
C ASN A 73 -3.24 13.15 0.50
N GLY A 74 -4.38 12.95 -0.11
CA GLY A 74 -4.93 13.96 -0.95
C GLY A 74 -4.65 13.69 -2.40
N PHE A 75 -4.13 12.51 -2.71
CA PHE A 75 -3.89 12.16 -4.09
C PHE A 75 -5.20 11.74 -4.69
N LYS A 76 -5.58 12.42 -5.72
CA LYS A 76 -6.86 12.24 -6.35
C LYS A 76 -6.81 11.04 -7.28
N ILE A 77 -7.63 10.05 -7.01
CA ILE A 77 -7.75 8.89 -7.86
C ILE A 77 -9.22 8.55 -8.02
N GLY A 78 -9.76 8.87 -9.17
CA GLY A 78 -11.13 8.54 -9.48
C GLY A 78 -12.12 9.36 -8.71
N GLY A 79 -12.01 10.66 -8.84
CA GLY A 79 -12.97 11.57 -8.26
C GLY A 79 -12.80 11.80 -6.77
N ARG A 80 -11.99 11.01 -6.13
CA ARG A 80 -11.81 11.15 -4.71
C ARG A 80 -10.34 11.09 -4.36
N ALA A 81 -9.98 11.86 -3.39
CA ALA A 81 -8.63 11.90 -2.93
C ALA A 81 -8.50 11.05 -1.70
N LEU A 82 -7.66 10.06 -1.77
CA LEU A 82 -7.51 9.12 -0.70
C LEU A 82 -6.79 9.71 0.52
N LYS A 83 -7.20 9.25 1.66
CA LYS A 83 -6.72 9.72 2.94
C LYS A 83 -5.77 8.70 3.52
N ILE A 84 -4.63 9.16 4.00
CA ILE A 84 -3.71 8.29 4.70
C ILE A 84 -3.50 8.86 6.09
N ASP A 85 -3.56 8.01 7.07
CA ASP A 85 -3.34 8.38 8.44
C ASP A 85 -2.65 7.20 9.09
N HIS A 86 -2.44 7.22 10.37
CA HIS A 86 -1.84 6.08 11.04
C HIS A 86 -2.92 5.26 11.64
N THR A 87 -2.74 3.98 11.64
CA THR A 87 -3.68 3.11 12.27
C THR A 87 -2.97 1.87 12.74
N PHE A 88 -3.55 1.19 13.65
CA PHE A 88 -3.12 -0.10 14.00
C PHE A 88 -4.33 -0.85 14.44
N TYR A 89 -4.50 -2.02 13.89
CA TYR A 89 -5.62 -2.84 14.19
C TYR A 89 -5.10 -4.24 14.28
N ARG A 90 -5.82 -5.12 14.91
CA ARG A 90 -5.36 -6.46 15.05
C ARG A 90 -5.83 -7.30 13.88
N PRO A 91 -4.90 -7.93 13.15
CA PRO A 91 -5.23 -8.77 12.00
C PRO A 91 -6.01 -10.01 12.45
N LYS A 92 -7.03 -10.38 11.70
CA LYS A 92 -7.84 -11.50 12.09
C LYS A 92 -7.14 -12.77 11.62
N ARG A 93 -7.12 -13.78 12.45
CA ARG A 93 -6.48 -15.02 12.05
C ARG A 93 -7.37 -15.80 11.12
N SER A 94 -8.64 -15.45 11.11
CA SER A 94 -9.59 -16.03 10.18
C SER A 94 -9.19 -15.63 8.74
N LEU A 95 -8.43 -14.54 8.64
CA LEU A 95 -7.98 -14.02 7.38
C LEU A 95 -6.47 -14.19 7.22
N GLN A 96 -5.83 -15.02 8.05
CA GLN A 96 -4.35 -15.12 8.05
C GLN A 96 -3.78 -15.52 6.68
N LYS A 97 -4.49 -16.40 5.95
CA LYS A 97 -4.05 -16.78 4.61
C LYS A 97 -4.18 -15.66 3.63
N TYR A 98 -5.06 -14.71 3.88
CA TYR A 98 -5.19 -13.55 3.00
C TYR A 98 -3.98 -12.66 3.21
N TYR A 99 -3.59 -12.50 4.46
CA TYR A 99 -2.49 -11.63 4.84
C TYR A 99 -1.16 -12.15 4.29
N GLU A 100 -0.92 -13.43 4.47
CA GLU A 100 0.31 -14.01 4.00
C GLU A 100 0.35 -14.11 2.48
N ALA A 101 -0.81 -14.37 1.87
CA ALA A 101 -0.91 -14.47 0.41
C ALA A 101 -0.60 -13.16 -0.27
N VAL A 102 -0.95 -12.07 0.39
CA VAL A 102 -0.67 -10.76 -0.15
C VAL A 102 0.81 -10.43 -0.03
N LYS A 103 1.36 -10.65 1.17
CA LYS A 103 2.74 -10.25 1.44
C LYS A 103 3.75 -11.07 0.66
N GLU A 104 3.36 -12.27 0.18
CA GLU A 104 4.25 -13.11 -0.63
C GLU A 104 4.91 -12.31 -1.76
N GLU A 105 4.11 -11.62 -2.54
CA GLU A 105 4.60 -10.83 -3.67
C GLU A 105 5.47 -9.68 -3.17
N LEU A 106 5.10 -9.14 -2.04
CA LEU A 106 5.76 -7.99 -1.45
C LEU A 106 7.11 -8.37 -0.91
N ASP A 107 7.15 -9.51 -0.21
CA ASP A 107 8.38 -10.04 0.37
C ASP A 107 9.44 -10.23 -0.68
N ARG A 108 9.02 -10.68 -1.84
CA ARG A 108 9.95 -10.95 -2.92
C ARG A 108 10.53 -9.64 -3.47
N ASP A 109 9.71 -8.60 -3.47
CA ASP A 109 10.08 -7.28 -4.00
C ASP A 109 11.21 -6.69 -3.15
N ILE A 110 11.12 -6.94 -1.85
CA ILE A 110 12.06 -6.45 -0.84
C ILE A 110 13.32 -7.32 -0.81
N VAL A 111 13.11 -8.62 -0.95
CA VAL A 111 14.14 -9.60 -0.74
C VAL A 111 15.08 -9.70 -1.98
N SER A 112 16.10 -10.55 -1.90
CA SER A 112 17.05 -10.72 -3.00
C SER A 112 16.37 -11.22 -4.28
N LYS A 113 15.49 -12.18 -4.18
CA LYS A 113 14.79 -12.66 -5.35
C LYS A 113 13.50 -11.89 -5.54
N ASN A 114 13.57 -10.88 -6.39
CA ASN A 114 12.46 -10.00 -6.68
C ASN A 114 11.42 -10.72 -7.53
N ASN A 115 10.18 -10.34 -7.35
CA ASN A 115 9.09 -10.91 -8.09
C ASN A 115 7.99 -9.88 -8.31
N ALA A 116 8.11 -9.17 -9.39
CA ALA A 116 7.09 -8.24 -9.82
C ALA A 116 6.26 -8.96 -10.85
N GLU A 117 6.97 -9.56 -11.78
CA GLU A 117 6.46 -10.35 -12.86
C GLU A 117 5.38 -9.64 -13.68
N LYS A 118 5.82 -8.82 -14.58
CA LYS A 118 4.96 -8.11 -15.47
C LYS A 118 5.58 -8.18 -16.85
N GLY B 1 -2.91 -27.08 0.58
CA GLY B 1 -3.70 -26.79 1.77
C GLY B 1 -5.07 -27.41 1.67
N SER B 2 -6.06 -26.66 2.04
CA SER B 2 -7.43 -27.11 2.02
C SER B 2 -8.01 -27.09 0.60
N LYS B 3 -9.00 -27.93 0.36
CA LYS B 3 -9.70 -27.94 -0.92
C LYS B 3 -10.92 -27.04 -0.81
N SER B 4 -11.25 -26.70 0.42
CA SER B 4 -12.35 -25.80 0.73
C SER B 4 -11.94 -24.35 0.47
N GLN B 5 -10.67 -24.18 0.11
CA GLN B 5 -10.01 -22.89 -0.10
C GLN B 5 -9.73 -22.26 1.26
N TYR B 6 -8.64 -21.56 1.35
CA TYR B 6 -8.17 -20.98 2.61
C TYR B 6 -9.18 -20.00 3.15
N ILE B 7 -9.32 -18.90 2.45
CA ILE B 7 -10.25 -17.87 2.79
C ILE B 7 -11.09 -17.72 1.57
N ASP B 8 -12.31 -17.31 1.72
CA ASP B 8 -13.19 -17.18 0.57
C ASP B 8 -12.83 -15.92 -0.21
N ILE B 9 -12.13 -15.02 0.43
CA ILE B 9 -11.75 -13.76 -0.17
C ILE B 9 -10.57 -13.95 -1.14
N MET B 10 -9.36 -14.10 -0.54
CA MET B 10 -8.07 -14.19 -1.27
C MET B 10 -7.76 -12.86 -2.02
N PRO B 11 -6.46 -12.54 -2.25
CA PRO B 11 -6.07 -11.30 -2.92
C PRO B 11 -6.44 -11.27 -4.40
N ASP B 12 -6.57 -10.09 -4.93
CA ASP B 12 -6.92 -9.91 -6.33
C ASP B 12 -5.70 -9.47 -7.15
N PHE B 13 -5.03 -8.42 -6.69
CA PHE B 13 -3.85 -7.85 -7.37
C PHE B 13 -4.11 -7.45 -8.83
N SER B 14 -4.82 -6.36 -9.03
CA SER B 14 -5.08 -5.84 -10.35
C SER B 14 -4.99 -4.32 -10.27
N PRO B 15 -4.65 -3.62 -11.35
CA PRO B 15 -4.72 -2.16 -11.37
C PRO B 15 -6.12 -1.71 -11.62
N SER B 16 -6.44 -0.51 -11.30
CA SER B 16 -7.65 -0.01 -11.73
C SER B 16 -7.43 0.66 -13.08
N GLY B 17 -8.48 0.86 -13.72
CA GLY B 17 -8.52 1.52 -14.97
C GLY B 17 -8.68 3.00 -14.77
N LEU B 18 -8.86 3.41 -13.51
CA LEU B 18 -8.96 4.82 -13.18
C LEU B 18 -7.57 5.36 -13.28
N LEU B 19 -6.65 4.53 -12.84
CA LEU B 19 -5.25 4.81 -12.73
C LEU B 19 -4.66 5.45 -14.00
N GLU B 20 -5.01 4.93 -15.17
CA GLU B 20 -4.49 5.46 -16.43
C GLU B 20 -5.03 6.87 -16.71
N LEU B 21 -6.26 7.13 -16.30
CA LEU B 21 -6.92 8.39 -16.55
C LEU B 21 -6.43 9.45 -15.60
N GLU B 22 -6.09 9.02 -14.40
CA GLU B 22 -5.61 9.93 -13.38
C GLU B 22 -4.15 10.26 -13.61
N SER B 23 -3.38 9.20 -13.93
CA SER B 23 -1.97 9.27 -14.17
C SER B 23 -1.26 9.87 -12.94
N GLY C 1 34.96 1.91 -5.41
CA GLY C 1 33.63 2.48 -5.23
C GLY C 1 32.65 1.46 -4.69
N SER C 2 31.97 1.81 -3.64
CA SER C 2 30.98 0.97 -3.03
C SER C 2 29.59 1.31 -3.58
N TYR C 3 29.34 2.60 -3.78
CA TYR C 3 28.07 3.03 -4.28
C TYR C 3 28.23 3.78 -5.60
N ASP C 4 27.15 3.96 -6.30
CA ASP C 4 27.15 4.72 -7.55
C ASP C 4 26.54 6.07 -7.31
N LYS C 5 25.33 6.07 -6.82
CA LYS C 5 24.65 7.28 -6.54
C LYS C 5 24.90 7.71 -5.10
N PRO C 6 25.18 9.00 -4.87
CA PRO C 6 25.48 9.50 -3.53
C PRO C 6 24.28 9.45 -2.59
N ALA C 7 23.27 10.25 -2.88
CA ALA C 7 22.11 10.35 -2.03
C ALA C 7 20.87 10.47 -2.88
N PRO C 8 19.76 9.83 -2.48
CA PRO C 8 18.49 9.97 -3.19
C PRO C 8 17.92 11.38 -3.05
N GLU C 9 17.05 11.76 -3.95
CA GLU C 9 16.45 13.08 -3.92
C GLU C 9 15.38 13.16 -2.85
N ASN C 10 14.89 12.00 -2.44
CA ASN C 10 13.93 11.89 -1.35
C ASN C 10 14.63 12.17 -0.05
N ARG C 11 13.97 12.85 0.87
CA ARG C 11 14.60 13.23 2.15
C ARG C 11 14.76 12.01 3.00
N PHE C 12 13.75 11.18 2.98
CA PHE C 12 13.73 9.96 3.80
C PHE C 12 14.60 8.87 3.18
N ALA C 13 15.14 9.16 1.99
CA ALA C 13 16.00 8.24 1.25
C ALA C 13 15.29 6.93 0.94
N ILE C 14 14.19 7.02 0.22
CA ILE C 14 13.40 5.86 -0.12
C ILE C 14 13.46 5.71 -1.63
N MET C 15 13.44 4.49 -2.11
CA MET C 15 13.46 4.23 -3.53
C MET C 15 12.23 3.43 -3.99
N PRO C 16 11.86 3.47 -5.30
CA PRO C 16 10.67 2.77 -5.82
C PRO C 16 10.77 1.25 -5.78
N GLY C 17 9.64 0.62 -5.55
CA GLY C 17 9.56 -0.82 -5.54
C GLY C 17 9.29 -1.36 -6.93
N SER C 18 9.15 -2.66 -7.06
CA SER C 18 8.94 -3.29 -8.34
C SER C 18 7.45 -3.37 -8.67
N ARG C 19 6.64 -3.16 -7.66
CA ARG C 19 5.16 -3.14 -7.80
C ARG C 19 4.74 -1.95 -8.67
N TRP C 20 5.60 -0.97 -8.77
CA TRP C 20 5.34 0.26 -9.46
C TRP C 20 5.43 0.05 -10.97
N ASP C 21 4.56 0.72 -11.70
CA ASP C 21 4.55 0.60 -13.14
C ASP C 21 5.50 1.64 -13.75
N GLY C 22 5.01 2.82 -13.89
CA GLY C 22 5.78 3.91 -14.41
C GLY C 22 4.95 5.14 -14.41
N VAL C 23 4.22 5.29 -13.33
CA VAL C 23 3.32 6.39 -13.18
C VAL C 23 3.76 7.14 -11.94
N HIS C 24 4.40 8.28 -12.15
CA HIS C 24 5.03 9.07 -11.11
C HIS C 24 3.99 9.81 -10.24
N ARG C 25 4.31 10.01 -8.97
CA ARG C 25 3.46 10.74 -8.06
C ARG C 25 4.21 11.97 -7.58
N SER C 26 3.55 13.10 -7.60
CA SER C 26 4.14 14.34 -7.17
C SER C 26 3.02 15.22 -6.64
N ASN C 27 3.21 15.80 -5.47
CA ASN C 27 2.19 16.67 -4.92
C ASN C 27 2.79 17.97 -4.40
N GLY C 28 4.06 17.94 -4.05
CA GLY C 28 4.69 19.14 -3.54
C GLY C 28 5.06 19.01 -2.07
N PHE C 29 5.36 17.79 -1.65
CA PHE C 29 5.74 17.52 -0.27
C PHE C 29 7.15 18.06 0.03
N GLU C 30 7.32 18.61 1.22
CA GLU C 30 8.55 19.30 1.70
C GLU C 30 9.86 18.45 1.69
N GLU C 31 9.82 17.21 1.25
CA GLU C 31 10.98 16.33 1.38
C GLU C 31 12.15 16.67 0.43
N LYS C 32 11.89 17.33 -0.67
CA LYS C 32 12.95 17.59 -1.61
C LYS C 32 13.80 18.78 -1.28
N TRP C 33 14.68 18.49 -0.36
CA TRP C 33 15.71 19.33 0.18
C TRP C 33 16.40 20.20 -0.84
N GLY A 1 4.99 16.49 7.45
CA GLY A 1 5.28 15.55 8.52
C GLY A 1 4.03 15.22 9.27
N ALA A 2 3.08 14.64 8.58
CA ALA A 2 1.80 14.35 9.17
C ALA A 2 1.82 13.00 9.84
N MET A 3 2.38 12.97 11.02
CA MET A 3 2.47 11.76 11.77
C MET A 3 1.56 11.81 12.98
N GLY A 4 0.73 10.80 13.11
CA GLY A 4 -0.09 10.66 14.28
C GLY A 4 0.75 10.11 15.40
N ASN A 5 0.68 10.71 16.55
CA ASN A 5 1.58 10.33 17.62
C ASN A 5 0.88 9.61 18.76
N GLU A 6 -0.39 9.21 18.59
CA GLU A 6 -1.09 8.51 19.67
C GLU A 6 -0.41 7.18 19.95
N TYR A 7 -0.24 6.41 18.92
CA TYR A 7 0.49 5.19 19.04
C TYR A 7 1.87 5.45 18.49
N LYS A 8 2.85 5.57 19.34
CA LYS A 8 4.21 5.92 18.94
C LYS A 8 4.82 4.86 18.02
N ASP A 9 4.40 3.64 18.20
CA ASP A 9 4.98 2.51 17.48
C ASP A 9 4.06 2.05 16.34
N ASN A 10 3.14 2.91 15.89
CA ASN A 10 2.26 2.53 14.79
C ASN A 10 3.01 2.66 13.46
N ALA A 11 3.09 1.57 12.74
CA ALA A 11 3.76 1.58 11.45
C ALA A 11 2.76 1.43 10.32
N TYR A 12 1.52 1.14 10.68
CA TYR A 12 0.45 0.95 9.71
C TYR A 12 -0.28 2.22 9.42
N ILE A 13 -0.69 2.36 8.21
CA ILE A 13 -1.45 3.49 7.81
C ILE A 13 -2.81 3.09 7.29
N TYR A 14 -3.77 3.89 7.63
CA TYR A 14 -5.14 3.77 7.23
C TYR A 14 -5.30 4.46 5.91
N ILE A 15 -5.85 3.77 4.97
CA ILE A 15 -6.13 4.31 3.68
C ILE A 15 -7.63 4.29 3.48
N GLY A 16 -8.21 5.42 3.19
CA GLY A 16 -9.63 5.50 3.02
C GLY A 16 -10.00 6.35 1.85
N ASN A 17 -11.30 6.47 1.62
CA ASN A 17 -11.92 7.25 0.54
C ASN A 17 -11.55 6.65 -0.82
N LEU A 18 -11.54 5.33 -0.89
CA LEU A 18 -11.20 4.65 -2.11
C LEU A 18 -12.45 4.23 -2.87
N ASN A 19 -12.33 4.25 -4.18
CA ASN A 19 -13.35 3.79 -5.11
C ASN A 19 -13.50 2.27 -4.96
N ARG A 20 -14.53 1.70 -5.55
CA ARG A 20 -14.82 0.28 -5.35
C ARG A 20 -13.91 -0.57 -6.23
N GLU A 21 -13.58 -0.05 -7.39
CA GLU A 21 -12.72 -0.74 -8.34
C GLU A 21 -11.22 -0.65 -8.00
N LEU A 22 -10.89 0.07 -6.95
CA LEU A 22 -9.51 0.14 -6.51
C LEU A 22 -9.25 -1.00 -5.54
N THR A 23 -8.37 -1.87 -5.93
CA THR A 23 -8.04 -3.04 -5.14
C THR A 23 -6.58 -2.96 -4.62
N GLU A 24 -6.12 -4.04 -3.99
CA GLU A 24 -4.80 -4.19 -3.35
C GLU A 24 -3.67 -3.79 -4.31
N GLY A 25 -3.69 -4.41 -5.48
CA GLY A 25 -2.63 -4.22 -6.47
C GLY A 25 -2.58 -2.81 -7.01
N ASP A 26 -3.71 -2.16 -6.99
CA ASP A 26 -3.85 -0.79 -7.47
C ASP A 26 -3.11 0.12 -6.52
N ILE A 27 -3.47 -0.03 -5.27
CA ILE A 27 -2.88 0.71 -4.15
C ILE A 27 -1.37 0.53 -4.13
N LEU A 28 -0.93 -0.68 -4.46
CA LEU A 28 0.47 -0.96 -4.57
C LEU A 28 1.12 -0.09 -5.62
N THR A 29 0.52 -0.01 -6.78
CA THR A 29 1.02 0.82 -7.86
C THR A 29 1.09 2.31 -7.48
N VAL A 30 0.19 2.72 -6.60
CA VAL A 30 0.17 4.08 -6.10
C VAL A 30 1.33 4.31 -5.11
N PHE A 31 1.44 3.43 -4.12
CA PHE A 31 2.44 3.53 -3.05
C PHE A 31 3.87 3.20 -3.50
N SER A 32 4.00 2.46 -4.57
CA SER A 32 5.33 2.08 -5.05
C SER A 32 6.11 3.25 -5.66
N GLU A 33 5.46 4.38 -5.85
CA GLU A 33 6.11 5.56 -6.40
C GLU A 33 7.14 6.11 -5.39
N TYR A 34 6.75 6.18 -4.12
CA TYR A 34 7.66 6.73 -3.13
C TYR A 34 8.63 5.65 -2.65
N GLY A 35 8.18 4.41 -2.65
CA GLY A 35 9.00 3.36 -2.15
C GLY A 35 8.45 1.99 -2.43
N VAL A 36 8.69 1.10 -1.51
CA VAL A 36 8.31 -0.27 -1.65
C VAL A 36 7.11 -0.59 -0.78
N PRO A 37 6.06 -1.18 -1.34
CA PRO A 37 4.93 -1.60 -0.56
C PRO A 37 5.26 -2.92 0.16
N VAL A 38 5.52 -2.79 1.42
CA VAL A 38 5.94 -3.91 2.24
C VAL A 38 4.77 -4.80 2.64
N ASP A 39 3.75 -4.20 3.14
CA ASP A 39 2.64 -4.95 3.69
C ASP A 39 1.40 -4.20 3.34
N VAL A 40 0.42 -4.88 2.80
CA VAL A 40 -0.82 -4.23 2.45
C VAL A 40 -1.95 -5.19 2.69
N ILE A 41 -3.06 -4.65 3.07
CA ILE A 41 -4.30 -5.38 3.22
C ILE A 41 -5.43 -4.47 2.82
N LEU A 42 -6.24 -4.95 1.93
CA LEU A 42 -7.33 -4.17 1.42
C LEU A 42 -8.58 -4.66 2.09
N SER A 43 -9.32 -3.75 2.66
CA SER A 43 -10.51 -4.10 3.34
C SER A 43 -11.58 -4.33 2.29
N ARG A 44 -11.75 -5.57 1.99
CA ARG A 44 -12.71 -6.05 1.05
C ARG A 44 -13.59 -7.00 1.78
N ASP A 45 -14.83 -7.10 1.38
CA ASP A 45 -15.80 -7.96 2.07
C ASP A 45 -15.32 -9.40 2.16
N GLU A 46 -15.50 -9.98 3.31
CA GLU A 46 -15.00 -11.30 3.63
C GLU A 46 -15.76 -12.42 2.88
N ASN A 47 -16.93 -12.11 2.36
CA ASN A 47 -17.74 -13.09 1.68
C ASN A 47 -17.61 -12.97 0.18
N THR A 48 -17.86 -11.78 -0.34
CA THR A 48 -17.86 -11.59 -1.78
C THR A 48 -16.49 -11.16 -2.30
N GLY A 49 -15.69 -10.57 -1.44
CA GLY A 49 -14.36 -10.17 -1.82
C GLY A 49 -14.32 -8.84 -2.54
N GLU A 50 -15.40 -8.10 -2.53
CA GLU A 50 -15.43 -6.82 -3.19
C GLU A 50 -14.88 -5.74 -2.26
N SER A 51 -14.06 -4.84 -2.82
CA SER A 51 -13.39 -3.78 -2.07
C SER A 51 -14.40 -2.93 -1.35
N GLN A 52 -14.12 -2.56 -0.11
CA GLN A 52 -15.00 -1.66 0.61
C GLN A 52 -14.54 -0.23 0.43
N GLY A 53 -13.34 -0.10 -0.10
CA GLY A 53 -12.76 1.21 -0.31
C GLY A 53 -11.97 1.69 0.89
N PHE A 54 -11.40 0.77 1.62
CA PHE A 54 -10.54 1.07 2.77
C PHE A 54 -9.38 0.10 2.73
N ALA A 55 -8.22 0.52 3.14
CA ALA A 55 -7.07 -0.34 3.14
C ALA A 55 -6.11 0.04 4.23
N TYR A 56 -5.14 -0.80 4.46
CA TYR A 56 -4.10 -0.55 5.42
C TYR A 56 -2.81 -0.99 4.78
N LEU A 57 -1.74 -0.33 5.08
CA LEU A 57 -0.46 -0.66 4.49
C LEU A 57 0.63 -0.27 5.47
N LYS A 58 1.79 -0.89 5.36
CA LYS A 58 2.92 -0.50 6.17
C LYS A 58 4.21 -0.70 5.42
N TYR A 59 5.11 0.24 5.58
CA TYR A 59 6.46 0.07 5.13
C TYR A 59 7.25 -0.39 6.37
N GLU A 60 8.32 -1.13 6.16
CA GLU A 60 9.11 -1.59 7.27
C GLU A 60 10.23 -0.58 7.51
N ASP A 61 9.78 0.52 8.08
CA ASP A 61 10.53 1.72 8.46
C ASP A 61 9.48 2.78 8.62
N GLN A 62 9.20 3.14 9.85
CA GLN A 62 8.10 4.04 10.20
C GLN A 62 8.24 5.44 9.56
N ARG A 63 9.44 5.79 9.14
CA ARG A 63 9.67 7.07 8.50
C ARG A 63 9.03 7.10 7.11
N SER A 64 8.95 5.95 6.49
CA SER A 64 8.44 5.87 5.14
C SER A 64 6.94 5.81 5.21
N THR A 65 6.46 5.40 6.34
CA THR A 65 5.09 5.42 6.70
C THR A 65 4.59 6.89 6.76
N ILE A 66 5.35 7.75 7.44
CA ILE A 66 5.04 9.19 7.55
C ILE A 66 5.10 9.78 6.14
N LEU A 67 6.13 9.35 5.41
CA LEU A 67 6.35 9.77 4.05
C LEU A 67 5.12 9.50 3.19
N ALA A 68 4.53 8.32 3.36
CA ALA A 68 3.34 7.91 2.63
C ALA A 68 2.20 8.85 2.88
N VAL A 69 2.01 9.22 4.14
CA VAL A 69 0.95 10.16 4.50
C VAL A 69 1.16 11.48 3.75
N ASP A 70 2.35 12.05 3.87
CA ASP A 70 2.68 13.33 3.25
C ASP A 70 2.88 13.24 1.73
N ASN A 71 2.89 12.03 1.19
CA ASN A 71 3.11 11.84 -0.25
C ASN A 71 1.81 11.61 -0.96
N LEU A 72 0.93 10.88 -0.33
CA LEU A 72 -0.27 10.46 -0.97
C LEU A 72 -1.53 11.03 -0.45
N ASN A 73 -1.54 11.57 0.76
CA ASN A 73 -2.80 12.10 1.30
C ASN A 73 -3.32 13.24 0.44
N GLY A 74 -4.40 13.00 -0.25
CA GLY A 74 -4.96 14.00 -1.11
C GLY A 74 -4.75 13.67 -2.59
N PHE A 75 -4.11 12.54 -2.86
CA PHE A 75 -3.86 12.12 -4.23
C PHE A 75 -5.19 11.72 -4.88
N LYS A 76 -5.43 12.27 -6.06
CA LYS A 76 -6.68 12.13 -6.76
C LYS A 76 -6.72 10.85 -7.62
N ILE A 77 -7.62 9.95 -7.28
CA ILE A 77 -7.86 8.72 -8.03
C ILE A 77 -9.36 8.47 -8.07
N GLY A 78 -9.91 8.39 -9.26
CA GLY A 78 -11.29 8.02 -9.44
C GLY A 78 -12.22 9.10 -8.97
N GLY A 79 -11.74 10.32 -9.03
CA GLY A 79 -12.53 11.45 -8.60
C GLY A 79 -12.45 11.67 -7.10
N ARG A 80 -11.81 10.76 -6.40
CA ARG A 80 -11.70 10.86 -4.96
C ARG A 80 -10.27 11.14 -4.63
N ALA A 81 -10.02 11.73 -3.53
CA ALA A 81 -8.68 11.88 -3.07
C ALA A 81 -8.50 10.94 -1.92
N LEU A 82 -7.56 10.07 -2.02
CA LEU A 82 -7.37 9.09 -0.98
C LEU A 82 -6.78 9.67 0.29
N LYS A 83 -7.27 9.17 1.37
CA LYS A 83 -6.93 9.61 2.69
C LYS A 83 -6.01 8.61 3.37
N ILE A 84 -4.91 9.10 3.91
CA ILE A 84 -4.01 8.28 4.69
C ILE A 84 -3.97 8.84 6.09
N ASP A 85 -3.97 7.98 7.07
CA ASP A 85 -3.89 8.39 8.46
C ASP A 85 -3.09 7.33 9.17
N HIS A 86 -2.63 7.61 10.33
CA HIS A 86 -1.91 6.62 11.10
C HIS A 86 -2.88 5.73 11.84
N THR A 87 -2.61 4.46 11.90
CA THR A 87 -3.50 3.56 12.56
C THR A 87 -2.74 2.35 13.13
N PHE A 88 -3.34 1.68 14.06
CA PHE A 88 -2.80 0.47 14.57
C PHE A 88 -3.96 -0.47 14.80
N TYR A 89 -3.93 -1.61 14.16
CA TYR A 89 -5.02 -2.56 14.22
C TYR A 89 -4.44 -3.92 14.53
N ARG A 90 -5.26 -4.81 14.99
CA ARG A 90 -4.84 -6.16 15.20
C ARG A 90 -5.48 -7.02 14.11
N PRO A 91 -4.65 -7.76 13.35
CA PRO A 91 -5.13 -8.63 12.27
C PRO A 91 -6.05 -9.74 12.77
N LYS A 92 -6.81 -10.31 11.85
CA LYS A 92 -7.68 -11.40 12.19
C LYS A 92 -6.89 -12.69 12.09
N ARG A 93 -7.10 -13.58 13.01
CA ARG A 93 -6.41 -14.85 12.99
C ARG A 93 -7.06 -15.77 11.97
N SER A 94 -8.34 -15.56 11.74
CA SER A 94 -9.11 -16.34 10.82
C SER A 94 -8.68 -16.08 9.38
N LEU A 95 -8.47 -14.82 9.05
CA LEU A 95 -8.13 -14.45 7.68
C LEU A 95 -6.63 -14.50 7.46
N GLN A 96 -5.91 -15.24 8.32
CA GLN A 96 -4.45 -15.37 8.28
C GLN A 96 -3.91 -15.66 6.87
N LYS A 97 -4.63 -16.51 6.12
CA LYS A 97 -4.21 -16.93 4.79
C LYS A 97 -4.18 -15.75 3.82
N TYR A 98 -5.00 -14.75 4.07
CA TYR A 98 -5.04 -13.59 3.22
C TYR A 98 -3.80 -12.72 3.48
N TYR A 99 -3.45 -12.55 4.74
CA TYR A 99 -2.33 -11.70 5.14
C TYR A 99 -1.03 -12.24 4.59
N GLU A 100 -0.81 -13.54 4.79
CA GLU A 100 0.40 -14.16 4.30
C GLU A 100 0.46 -14.15 2.78
N ALA A 101 -0.63 -14.57 2.13
CA ALA A 101 -0.67 -14.68 0.66
C ALA A 101 -0.40 -13.34 -0.03
N VAL A 102 -0.80 -12.25 0.60
CA VAL A 102 -0.55 -10.94 0.06
C VAL A 102 0.92 -10.54 0.21
N LYS A 103 1.41 -10.54 1.44
CA LYS A 103 2.73 -10.00 1.70
C LYS A 103 3.84 -10.88 1.18
N GLU A 104 3.57 -12.17 0.96
CA GLU A 104 4.57 -13.08 0.39
C GLU A 104 5.12 -12.54 -0.92
N GLU A 105 4.26 -11.96 -1.73
CA GLU A 105 4.66 -11.44 -3.03
C GLU A 105 5.45 -10.15 -2.87
N LEU A 106 5.09 -9.38 -1.88
CA LEU A 106 5.69 -8.09 -1.64
C LEU A 106 7.03 -8.26 -0.95
N ASP A 107 7.10 -9.29 -0.14
CA ASP A 107 8.31 -9.64 0.60
C ASP A 107 9.46 -9.98 -0.32
N ARG A 108 9.12 -10.39 -1.53
CA ARG A 108 10.08 -10.73 -2.56
C ARG A 108 10.75 -9.50 -3.18
N ASP A 109 10.22 -8.33 -2.89
CA ASP A 109 10.82 -7.07 -3.35
C ASP A 109 11.80 -6.63 -2.29
N ILE A 110 11.43 -6.92 -1.07
CA ILE A 110 12.19 -6.55 0.09
C ILE A 110 13.39 -7.48 0.23
N VAL A 111 13.11 -8.76 0.17
CA VAL A 111 14.11 -9.76 0.33
C VAL A 111 14.80 -10.02 -1.02
N SER A 112 16.12 -9.99 -1.03
CA SER A 112 16.85 -10.24 -2.24
C SER A 112 17.12 -11.74 -2.39
N LYS A 113 17.36 -12.37 -1.27
CA LYS A 113 17.62 -13.78 -1.23
C LYS A 113 16.72 -14.40 -0.19
N ASN A 114 15.61 -14.90 -0.62
CA ASN A 114 14.68 -15.56 0.29
C ASN A 114 15.14 -16.99 0.49
N ASN A 115 15.45 -17.63 -0.60
CA ASN A 115 15.85 -19.01 -0.64
C ASN A 115 16.19 -19.36 -2.07
N ALA A 116 16.35 -20.61 -2.37
CA ALA A 116 16.61 -21.02 -3.73
C ALA A 116 15.40 -21.73 -4.28
N GLU A 117 14.59 -21.00 -5.02
CA GLU A 117 13.39 -21.56 -5.61
C GLU A 117 13.73 -22.38 -6.85
N LYS A 118 13.95 -23.66 -6.64
CA LYS A 118 14.29 -24.57 -7.69
C LYS A 118 12.99 -25.02 -8.34
N GLY B 1 -13.18 -28.13 5.93
CA GLY B 1 -12.23 -28.64 4.94
C GLY B 1 -12.07 -27.66 3.81
N SER B 2 -10.87 -27.14 3.62
CA SER B 2 -10.62 -26.16 2.60
C SER B 2 -10.40 -26.82 1.24
N LYS B 3 -11.45 -27.34 0.68
CA LYS B 3 -11.37 -27.95 -0.62
C LYS B 3 -11.62 -26.92 -1.68
N SER B 4 -12.60 -26.08 -1.44
CA SER B 4 -12.91 -25.01 -2.33
C SER B 4 -11.77 -23.98 -2.32
N GLN B 5 -11.50 -23.41 -1.16
CA GLN B 5 -10.45 -22.43 -1.00
C GLN B 5 -10.29 -22.22 0.50
N TYR B 6 -9.14 -21.71 0.94
CA TYR B 6 -8.88 -21.50 2.38
C TYR B 6 -9.86 -20.47 2.91
N ILE B 7 -9.71 -19.27 2.42
CA ILE B 7 -10.60 -18.19 2.70
C ILE B 7 -11.19 -17.89 1.37
N ASP B 8 -12.34 -17.32 1.30
CA ASP B 8 -12.95 -17.15 0.00
C ASP B 8 -12.61 -15.79 -0.57
N ILE B 9 -11.74 -15.06 0.08
CA ILE B 9 -11.34 -13.78 -0.42
C ILE B 9 -10.14 -13.96 -1.34
N MET B 10 -8.95 -14.16 -0.71
CA MET B 10 -7.64 -14.30 -1.40
C MET B 10 -7.25 -13.01 -2.18
N PRO B 11 -5.94 -12.74 -2.32
CA PRO B 11 -5.45 -11.54 -3.02
C PRO B 11 -5.89 -11.46 -4.51
N ASP B 12 -6.07 -10.26 -4.97
CA ASP B 12 -6.42 -9.95 -6.35
C ASP B 12 -5.22 -9.37 -7.09
N PHE B 13 -4.57 -8.40 -6.47
CA PHE B 13 -3.35 -7.73 -7.00
C PHE B 13 -3.49 -7.11 -8.41
N SER B 14 -4.65 -6.64 -8.80
CA SER B 14 -4.76 -6.07 -10.10
C SER B 14 -4.84 -4.58 -9.93
N PRO B 15 -4.54 -3.80 -10.93
CA PRO B 15 -4.79 -2.39 -10.84
C PRO B 15 -6.21 -2.10 -11.22
N SER B 16 -6.56 -0.93 -11.03
CA SER B 16 -7.72 -0.44 -11.63
C SER B 16 -7.32 0.16 -12.99
N GLY B 17 -8.25 0.66 -13.63
CA GLY B 17 -8.09 1.29 -14.89
C GLY B 17 -8.30 2.76 -14.73
N LEU B 18 -8.75 3.15 -13.52
CA LEU B 18 -8.98 4.55 -13.19
C LEU B 18 -7.64 5.20 -13.14
N LEU B 19 -6.76 4.48 -12.54
CA LEU B 19 -5.44 4.88 -12.17
C LEU B 19 -4.64 5.50 -13.32
N GLU B 20 -4.68 4.86 -14.47
CA GLU B 20 -3.94 5.34 -15.64
C GLU B 20 -4.61 6.57 -16.28
N LEU B 21 -5.82 6.87 -15.87
CA LEU B 21 -6.52 8.03 -16.38
C LEU B 21 -6.26 9.21 -15.46
N GLU B 22 -6.09 8.90 -14.19
CA GLU B 22 -5.96 9.89 -13.14
C GLU B 22 -4.57 10.51 -13.09
N SER B 23 -3.57 9.75 -13.47
CA SER B 23 -2.24 10.26 -13.43
C SER B 23 -1.97 11.06 -14.73
N GLY C 1 13.19 -3.14 -4.95
CA GLY C 1 12.95 -1.98 -5.79
C GLY C 1 14.14 -1.72 -6.65
N SER C 2 14.16 -0.61 -7.33
CA SER C 2 15.23 -0.30 -8.22
C SER C 2 15.70 1.13 -7.94
N TYR C 3 16.99 1.35 -7.97
CA TYR C 3 17.54 2.66 -7.71
C TYR C 3 17.58 3.46 -9.01
N ASP C 4 16.72 4.45 -9.10
CA ASP C 4 16.67 5.29 -10.30
C ASP C 4 17.49 6.52 -10.14
N LYS C 5 17.43 7.11 -8.98
CA LYS C 5 18.14 8.33 -8.72
C LYS C 5 19.55 8.02 -8.22
N PRO C 6 20.56 8.68 -8.83
CA PRO C 6 21.97 8.51 -8.44
C PRO C 6 22.18 8.99 -7.01
N ALA C 7 21.49 10.04 -6.68
CA ALA C 7 21.53 10.61 -5.38
C ALA C 7 20.12 10.58 -4.85
N PRO C 8 19.91 10.14 -3.62
CA PRO C 8 18.58 10.04 -3.06
C PRO C 8 17.94 11.41 -2.77
N GLU C 9 17.16 11.88 -3.73
CA GLU C 9 16.41 13.12 -3.59
C GLU C 9 15.19 12.89 -2.71
N ASN C 10 14.65 11.69 -2.77
CA ASN C 10 13.39 11.37 -2.09
C ASN C 10 13.53 11.25 -0.57
N ARG C 11 13.39 12.40 0.08
CA ARG C 11 13.29 12.57 1.53
C ARG C 11 14.28 11.77 2.38
N PHE C 12 13.87 10.58 2.78
CA PHE C 12 14.64 9.80 3.74
C PHE C 12 15.43 8.71 3.02
N ALA C 13 15.50 8.84 1.69
CA ALA C 13 16.25 7.95 0.81
C ALA C 13 15.57 6.60 0.58
N ILE C 14 14.38 6.64 0.01
CA ILE C 14 13.67 5.41 -0.36
C ILE C 14 13.43 5.45 -1.88
N MET C 15 13.64 4.34 -2.55
CA MET C 15 13.45 4.25 -3.99
C MET C 15 12.20 3.44 -4.32
N PRO C 16 11.63 3.58 -5.54
CA PRO C 16 10.39 2.89 -5.94
C PRO C 16 10.52 1.36 -5.94
N GLY C 17 9.39 0.70 -5.70
CA GLY C 17 9.33 -0.74 -5.72
C GLY C 17 8.94 -1.25 -7.08
N SER C 18 8.91 -2.56 -7.23
CA SER C 18 8.59 -3.20 -8.51
C SER C 18 7.10 -3.01 -8.89
N ARG C 19 6.26 -2.81 -7.89
CA ARG C 19 4.81 -2.68 -8.13
C ARG C 19 4.39 -1.32 -8.72
N TRP C 20 5.35 -0.48 -9.04
CA TRP C 20 5.06 0.81 -9.62
C TRP C 20 4.99 0.66 -11.13
N ASP C 21 3.96 1.22 -11.72
CA ASP C 21 3.79 1.16 -13.16
C ASP C 21 4.44 2.37 -13.76
N GLY C 22 3.85 3.51 -13.49
CA GLY C 22 4.39 4.77 -13.93
C GLY C 22 3.46 5.87 -13.59
N VAL C 23 2.96 5.84 -12.37
CA VAL C 23 2.05 6.83 -11.86
C VAL C 23 2.86 7.94 -11.26
N HIS C 24 2.88 9.08 -11.91
CA HIS C 24 3.68 10.21 -11.47
C HIS C 24 3.04 10.88 -10.28
N ARG C 25 3.83 11.47 -9.44
CA ARG C 25 3.28 12.12 -8.29
C ARG C 25 2.92 13.57 -8.58
N SER C 26 1.63 13.84 -8.56
CA SER C 26 1.12 15.17 -8.66
C SER C 26 -0.18 15.21 -7.88
N ASN C 27 -0.25 16.10 -6.90
CA ASN C 27 -1.44 16.23 -6.06
C ASN C 27 -1.57 17.61 -5.45
N GLY C 28 -0.51 18.10 -4.84
CA GLY C 28 -0.55 19.41 -4.26
C GLY C 28 -0.70 19.38 -2.76
N PHE C 29 -0.16 18.36 -2.13
CA PHE C 29 -0.24 18.24 -0.70
C PHE C 29 0.64 19.30 -0.01
N GLU C 30 0.11 19.83 1.08
CA GLU C 30 0.67 20.96 1.86
C GLU C 30 2.04 20.71 2.54
N GLU C 31 2.66 19.54 2.37
CA GLU C 31 3.95 19.24 3.01
C GLU C 31 4.98 20.25 2.50
N LYS C 32 5.23 20.20 1.22
CA LYS C 32 6.18 21.07 0.55
C LYS C 32 5.68 21.29 -0.83
N TRP C 33 6.29 22.18 -1.52
CA TRP C 33 5.96 22.43 -2.87
C TRP C 33 7.10 21.97 -3.75
N GLY A 1 -7.27 18.88 9.50
CA GLY A 1 -7.97 17.62 9.61
C GLY A 1 -7.35 16.76 10.66
N ALA A 2 -8.06 15.74 11.07
CA ALA A 2 -7.59 14.83 12.09
C ALA A 2 -6.52 13.93 11.53
N MET A 3 -5.30 14.27 11.81
CA MET A 3 -4.19 13.48 11.36
C MET A 3 -3.55 12.79 12.52
N GLY A 4 -3.28 11.53 12.37
CA GLY A 4 -2.60 10.78 13.41
C GLY A 4 -1.10 10.92 13.31
N ASN A 5 -0.66 12.09 12.86
CA ASN A 5 0.75 12.41 12.64
C ASN A 5 1.43 12.64 13.96
N GLU A 6 0.65 12.74 15.00
CA GLU A 6 1.16 12.91 16.34
C GLU A 6 1.64 11.60 16.91
N TYR A 7 1.09 10.52 16.42
CA TYR A 7 1.46 9.24 16.89
C TYR A 7 1.97 8.41 15.71
N LYS A 8 3.26 8.48 15.48
CA LYS A 8 3.88 7.86 14.31
C LYS A 8 4.12 6.39 14.56
N ASP A 9 4.02 6.01 15.83
CA ASP A 9 4.26 4.61 16.27
C ASP A 9 3.35 3.62 15.54
N ASN A 10 2.23 4.09 15.05
CA ASN A 10 1.37 3.29 14.22
C ASN A 10 1.99 3.18 12.84
N ALA A 11 2.64 2.06 12.58
CA ALA A 11 3.31 1.84 11.32
C ALA A 11 2.34 1.47 10.21
N TYR A 12 1.13 1.08 10.59
CA TYR A 12 0.09 0.80 9.63
C TYR A 12 -0.57 2.10 9.22
N ILE A 13 -0.78 2.25 7.97
CA ILE A 13 -1.41 3.42 7.49
C ILE A 13 -2.82 3.14 7.03
N TYR A 14 -3.69 4.01 7.44
CA TYR A 14 -5.07 3.99 7.07
C TYR A 14 -5.20 4.66 5.74
N ILE A 15 -5.82 4.02 4.82
CA ILE A 15 -6.08 4.59 3.54
C ILE A 15 -7.59 4.60 3.37
N GLY A 16 -8.17 5.76 3.31
CA GLY A 16 -9.59 5.86 3.22
C GLY A 16 -10.02 6.68 2.04
N ASN A 17 -11.32 6.60 1.74
CA ASN A 17 -11.98 7.30 0.63
C ASN A 17 -11.49 6.75 -0.71
N LEU A 18 -11.55 5.45 -0.85
CA LEU A 18 -11.18 4.82 -2.09
C LEU A 18 -12.40 4.59 -2.92
N ASN A 19 -12.17 4.50 -4.18
CA ASN A 19 -13.20 4.21 -5.14
C ASN A 19 -13.36 2.69 -5.20
N ARG A 20 -14.60 2.23 -5.37
CA ARG A 20 -14.99 0.80 -5.37
C ARG A 20 -14.12 -0.04 -6.35
N GLU A 21 -13.70 0.58 -7.44
CA GLU A 21 -12.95 0.00 -8.48
C GLU A 21 -11.51 -0.32 -8.00
N LEU A 22 -11.00 0.45 -7.07
CA LEU A 22 -9.63 0.34 -6.63
C LEU A 22 -9.41 -0.88 -5.74
N THR A 23 -8.56 -1.77 -6.20
CA THR A 23 -8.19 -2.98 -5.47
C THR A 23 -6.70 -2.92 -5.01
N GLU A 24 -6.27 -3.94 -4.28
CA GLU A 24 -4.91 -4.04 -3.65
C GLU A 24 -3.78 -3.64 -4.59
N GLY A 25 -3.79 -4.19 -5.80
CA GLY A 25 -2.73 -3.94 -6.77
C GLY A 25 -2.67 -2.50 -7.22
N ASP A 26 -3.80 -1.86 -7.16
CA ASP A 26 -3.93 -0.47 -7.52
C ASP A 26 -3.24 0.37 -6.47
N ILE A 27 -3.57 0.09 -5.20
CA ILE A 27 -2.91 0.74 -4.05
C ILE A 27 -1.40 0.52 -4.13
N LEU A 28 -1.01 -0.69 -4.50
CA LEU A 28 0.40 -1.03 -4.66
C LEU A 28 1.05 -0.15 -5.70
N THR A 29 0.40 0.01 -6.83
CA THR A 29 0.91 0.80 -7.93
C THR A 29 1.05 2.29 -7.52
N VAL A 30 0.22 2.73 -6.58
CA VAL A 30 0.30 4.09 -6.07
C VAL A 30 1.42 4.20 -5.01
N PHE A 31 1.36 3.35 -4.01
CA PHE A 31 2.26 3.41 -2.86
C PHE A 31 3.69 2.99 -3.16
N SER A 32 3.90 2.39 -4.32
CA SER A 32 5.24 2.04 -4.76
C SER A 32 6.04 3.30 -5.18
N GLU A 33 5.33 4.42 -5.23
CA GLU A 33 5.90 5.73 -5.57
C GLU A 33 7.16 6.00 -4.73
N TYR A 34 7.00 5.89 -3.43
CA TYR A 34 8.05 6.23 -2.53
C TYR A 34 8.89 5.03 -2.12
N GLY A 35 8.28 3.86 -2.05
CA GLY A 35 9.00 2.69 -1.60
C GLY A 35 8.31 1.41 -1.98
N VAL A 36 8.86 0.30 -1.53
CA VAL A 36 8.38 -1.03 -1.87
C VAL A 36 7.27 -1.45 -0.89
N PRO A 37 6.12 -1.90 -1.38
CA PRO A 37 5.03 -2.33 -0.50
C PRO A 37 5.37 -3.64 0.24
N VAL A 38 5.07 -3.67 1.53
CA VAL A 38 5.38 -4.81 2.37
C VAL A 38 4.11 -5.59 2.71
N ASP A 39 3.20 -4.91 3.34
CA ASP A 39 1.92 -5.47 3.77
C ASP A 39 0.86 -4.58 3.25
N VAL A 40 -0.08 -5.13 2.55
CA VAL A 40 -1.20 -4.36 2.08
C VAL A 40 -2.46 -5.17 2.30
N ILE A 41 -3.49 -4.50 2.70
CA ILE A 41 -4.78 -5.11 2.84
C ILE A 41 -5.81 -4.15 2.39
N LEU A 42 -6.69 -4.64 1.61
CA LEU A 42 -7.77 -3.86 1.10
C LEU A 42 -8.94 -4.15 2.02
N SER A 43 -9.78 -3.18 2.25
CA SER A 43 -10.90 -3.42 3.09
C SER A 43 -12.05 -3.84 2.21
N ARG A 44 -12.34 -5.09 2.26
CA ARG A 44 -13.40 -5.71 1.50
C ARG A 44 -14.14 -6.61 2.44
N ASP A 45 -15.37 -6.87 2.14
CA ASP A 45 -16.17 -7.74 2.98
C ASP A 45 -15.64 -9.17 2.93
N GLU A 46 -15.53 -9.79 4.08
CA GLU A 46 -14.96 -11.13 4.22
C GLU A 46 -15.83 -12.22 3.57
N ASN A 47 -17.11 -11.94 3.40
CA ASN A 47 -18.07 -12.94 2.95
C ASN A 47 -18.16 -12.96 1.45
N THR A 48 -18.34 -11.80 0.87
CA THR A 48 -18.58 -11.71 -0.56
C THR A 48 -17.36 -11.14 -1.31
N GLY A 49 -16.38 -10.66 -0.57
CA GLY A 49 -15.16 -10.15 -1.16
C GLY A 49 -15.36 -8.89 -1.98
N GLU A 50 -16.28 -8.04 -1.56
CA GLU A 50 -16.51 -6.81 -2.28
C GLU A 50 -15.80 -5.65 -1.58
N SER A 51 -15.20 -4.76 -2.37
CA SER A 51 -14.42 -3.63 -1.86
C SER A 51 -15.29 -2.64 -1.10
N GLN A 52 -14.78 -2.16 0.02
CA GLN A 52 -15.49 -1.19 0.85
C GLN A 52 -14.98 0.22 0.58
N GLY A 53 -13.92 0.32 -0.20
CA GLY A 53 -13.35 1.62 -0.51
C GLY A 53 -12.43 2.13 0.59
N PHE A 54 -11.73 1.22 1.23
CA PHE A 54 -10.76 1.53 2.28
C PHE A 54 -9.62 0.55 2.15
N ALA A 55 -8.47 0.88 2.65
CA ALA A 55 -7.32 0.00 2.62
C ALA A 55 -6.37 0.33 3.76
N TYR A 56 -5.43 -0.54 4.01
CA TYR A 56 -4.40 -0.35 5.02
C TYR A 56 -3.11 -0.93 4.47
N LEU A 57 -1.99 -0.35 4.82
CA LEU A 57 -0.72 -0.80 4.29
C LEU A 57 0.37 -0.47 5.31
N LYS A 58 1.51 -1.14 5.22
CA LYS A 58 2.67 -0.80 6.02
C LYS A 58 3.94 -1.08 5.27
N TYR A 59 4.87 -0.18 5.37
CA TYR A 59 6.24 -0.44 4.97
C TYR A 59 6.98 -0.90 6.24
N GLU A 60 8.16 -1.50 6.08
CA GLU A 60 8.95 -1.95 7.22
C GLU A 60 9.42 -0.77 8.04
N ASP A 61 9.89 0.23 7.35
CA ASP A 61 10.34 1.46 7.95
C ASP A 61 9.16 2.39 8.18
N GLN A 62 9.10 2.89 9.38
CA GLN A 62 8.04 3.72 9.88
C GLN A 62 8.05 5.13 9.25
N ARG A 63 9.21 5.58 8.80
CA ARG A 63 9.33 6.93 8.22
C ARG A 63 8.71 6.96 6.85
N SER A 64 8.73 5.84 6.20
CA SER A 64 8.21 5.71 4.87
C SER A 64 6.69 5.75 4.95
N THR A 65 6.20 5.16 6.01
CA THR A 65 4.84 5.19 6.40
C THR A 65 4.38 6.68 6.63
N ILE A 66 5.24 7.45 7.29
CA ILE A 66 4.98 8.88 7.54
C ILE A 66 4.86 9.64 6.20
N LEU A 67 5.73 9.28 5.26
CA LEU A 67 5.76 9.94 3.96
C LEU A 67 4.48 9.67 3.18
N ALA A 68 3.92 8.49 3.34
CA ALA A 68 2.67 8.14 2.70
C ALA A 68 1.58 9.08 3.19
N VAL A 69 1.58 9.32 4.49
CA VAL A 69 0.62 10.22 5.13
C VAL A 69 0.79 11.68 4.63
N ASP A 70 2.01 12.04 4.28
CA ASP A 70 2.31 13.41 3.84
C ASP A 70 2.00 13.65 2.34
N ASN A 71 2.42 12.75 1.47
CA ASN A 71 2.40 13.05 0.02
C ASN A 71 1.18 12.48 -0.71
N LEU A 72 0.86 11.25 -0.47
CA LEU A 72 -0.22 10.64 -1.24
C LEU A 72 -1.58 11.08 -0.75
N ASN A 73 -1.60 11.66 0.43
CA ASN A 73 -2.83 12.09 1.05
C ASN A 73 -3.42 13.26 0.31
N GLY A 74 -4.56 13.03 -0.30
CA GLY A 74 -5.21 14.06 -1.04
C GLY A 74 -5.04 13.90 -2.54
N PHE A 75 -4.49 12.77 -2.96
CA PHE A 75 -4.38 12.53 -4.37
C PHE A 75 -5.69 11.96 -4.90
N LYS A 76 -6.25 12.63 -5.89
CA LYS A 76 -7.53 12.30 -6.49
C LYS A 76 -7.38 11.16 -7.49
N ILE A 77 -8.08 10.07 -7.24
CA ILE A 77 -8.09 8.93 -8.15
C ILE A 77 -9.54 8.53 -8.41
N GLY A 78 -10.03 8.88 -9.59
CA GLY A 78 -11.35 8.48 -10.02
C GLY A 78 -12.45 9.05 -9.14
N GLY A 79 -12.50 10.36 -9.05
CA GLY A 79 -13.56 11.01 -8.29
C GLY A 79 -13.31 11.10 -6.79
N ARG A 80 -12.44 10.27 -6.24
CA ARG A 80 -12.17 10.31 -4.82
C ARG A 80 -10.70 10.53 -4.54
N ALA A 81 -10.41 11.36 -3.57
CA ALA A 81 -9.05 11.59 -3.14
C ALA A 81 -8.80 10.78 -1.90
N LEU A 82 -7.83 9.93 -1.95
CA LEU A 82 -7.55 9.05 -0.86
C LEU A 82 -6.83 9.74 0.30
N LYS A 83 -7.21 9.31 1.47
CA LYS A 83 -6.74 9.83 2.73
C LYS A 83 -5.86 8.78 3.41
N ILE A 84 -4.65 9.17 3.79
CA ILE A 84 -3.75 8.28 4.50
C ILE A 84 -3.55 8.84 5.91
N ASP A 85 -3.44 7.96 6.88
CA ASP A 85 -3.24 8.39 8.26
C ASP A 85 -2.57 7.25 9.03
N HIS A 86 -2.19 7.50 10.27
CA HIS A 86 -1.51 6.50 11.09
C HIS A 86 -2.51 5.75 11.96
N THR A 87 -2.62 4.45 11.78
CA THR A 87 -3.59 3.70 12.52
C THR A 87 -2.99 2.34 12.90
N PHE A 88 -3.57 1.69 13.86
CA PHE A 88 -3.13 0.39 14.23
C PHE A 88 -4.34 -0.44 14.59
N TYR A 89 -4.40 -1.61 14.03
CA TYR A 89 -5.46 -2.52 14.30
C TYR A 89 -4.82 -3.89 14.36
N ARG A 90 -5.47 -4.83 14.96
CA ARG A 90 -4.92 -6.15 15.05
C ARG A 90 -5.35 -6.96 13.85
N PRO A 91 -4.39 -7.50 13.07
CA PRO A 91 -4.70 -8.31 11.89
C PRO A 91 -5.44 -9.58 12.31
N LYS A 92 -6.38 -10.03 11.51
CA LYS A 92 -7.14 -11.20 11.90
C LYS A 92 -6.30 -12.46 11.66
N ARG A 93 -6.34 -13.35 12.62
CA ARG A 93 -5.55 -14.56 12.58
C ARG A 93 -6.23 -15.60 11.71
N SER A 94 -7.53 -15.59 11.70
CA SER A 94 -8.30 -16.51 10.89
C SER A 94 -8.09 -16.20 9.42
N LEU A 95 -7.75 -14.96 9.13
CA LEU A 95 -7.55 -14.52 7.77
C LEU A 95 -6.07 -14.47 7.46
N GLN A 96 -5.27 -15.17 8.25
CA GLN A 96 -3.82 -15.15 8.10
C GLN A 96 -3.36 -15.50 6.70
N LYS A 97 -4.04 -16.48 6.08
CA LYS A 97 -3.68 -16.89 4.72
C LYS A 97 -3.85 -15.77 3.73
N TYR A 98 -4.69 -14.81 4.04
CA TYR A 98 -4.88 -13.67 3.17
C TYR A 98 -3.64 -12.78 3.29
N TYR A 99 -3.26 -12.49 4.53
CA TYR A 99 -2.11 -11.61 4.83
C TYR A 99 -0.81 -12.20 4.29
N GLU A 100 -0.57 -13.46 4.60
CA GLU A 100 0.63 -14.11 4.14
C GLU A 100 0.66 -14.23 2.62
N ALA A 101 -0.49 -14.54 1.99
CA ALA A 101 -0.57 -14.65 0.52
C ALA A 101 -0.20 -13.31 -0.12
N VAL A 102 -0.54 -12.24 0.56
CA VAL A 102 -0.20 -10.90 0.13
C VAL A 102 1.32 -10.70 0.11
N LYS A 103 1.98 -10.98 1.21
CA LYS A 103 3.40 -10.74 1.28
C LYS A 103 4.22 -11.81 0.59
N GLU A 104 3.65 -12.99 0.37
CA GLU A 104 4.38 -14.01 -0.38
C GLU A 104 4.63 -13.52 -1.83
N GLU A 105 3.84 -12.53 -2.24
CA GLU A 105 4.02 -11.86 -3.51
C GLU A 105 5.02 -10.71 -3.34
N LEU A 106 4.66 -9.77 -2.50
CA LEU A 106 5.40 -8.51 -2.31
C LEU A 106 6.83 -8.72 -1.82
N ASP A 107 7.00 -9.60 -0.85
CA ASP A 107 8.28 -9.85 -0.20
C ASP A 107 9.30 -10.48 -1.12
N ARG A 108 8.84 -10.99 -2.26
CA ARG A 108 9.76 -11.59 -3.24
C ARG A 108 10.65 -10.54 -3.86
N ASP A 109 10.20 -9.30 -3.86
CA ASP A 109 11.00 -8.24 -4.42
C ASP A 109 11.78 -7.55 -3.30
N ILE A 110 11.33 -7.76 -2.09
CA ILE A 110 11.94 -7.18 -0.92
C ILE A 110 13.13 -8.02 -0.49
N VAL A 111 12.95 -9.31 -0.48
CA VAL A 111 13.97 -10.20 -0.07
C VAL A 111 14.45 -11.01 -1.26
N SER A 112 15.72 -11.19 -1.36
CA SER A 112 16.26 -12.04 -2.35
C SER A 112 16.51 -13.38 -1.69
N LYS A 113 15.45 -14.15 -1.62
CA LYS A 113 15.45 -15.47 -1.03
C LYS A 113 14.42 -16.24 -1.85
N ASN A 114 14.85 -17.23 -2.56
CA ASN A 114 13.98 -17.90 -3.51
C ASN A 114 13.16 -19.00 -2.91
N ASN A 115 13.69 -19.70 -1.95
CA ASN A 115 12.96 -20.83 -1.40
C ASN A 115 12.56 -20.64 0.05
N ALA A 116 11.26 -20.59 0.26
CA ALA A 116 10.69 -20.58 1.59
C ALA A 116 10.23 -22.01 1.91
N GLU A 117 10.85 -22.92 1.22
CA GLU A 117 10.54 -24.32 1.30
C GLU A 117 11.84 -25.09 1.34
N LYS A 118 11.75 -26.37 1.57
CA LYS A 118 12.89 -27.22 1.67
C LYS A 118 12.50 -28.58 1.16
N GLY B 1 -12.16 -26.60 7.88
CA GLY B 1 -13.19 -26.05 7.00
C GLY B 1 -12.76 -26.09 5.58
N SER B 2 -12.60 -24.93 4.99
CA SER B 2 -12.19 -24.79 3.63
C SER B 2 -10.73 -25.26 3.48
N LYS B 3 -10.52 -26.13 2.53
CA LYS B 3 -9.21 -26.70 2.28
C LYS B 3 -8.83 -26.59 0.81
N SER B 4 -9.83 -26.46 -0.05
CA SER B 4 -9.61 -26.30 -1.47
C SER B 4 -9.32 -24.83 -1.78
N GLN B 5 -9.58 -24.01 -0.79
CA GLN B 5 -9.25 -22.62 -0.76
C GLN B 5 -9.12 -22.33 0.71
N TYR B 6 -8.33 -21.37 1.07
CA TYR B 6 -8.08 -21.12 2.49
C TYR B 6 -9.08 -20.12 3.00
N ILE B 7 -9.00 -18.93 2.46
CA ILE B 7 -9.90 -17.87 2.80
C ILE B 7 -10.72 -17.68 1.57
N ASP B 8 -11.92 -17.25 1.72
CA ASP B 8 -12.82 -17.08 0.61
C ASP B 8 -12.44 -15.89 -0.24
N ILE B 9 -11.78 -14.94 0.38
CA ILE B 9 -11.44 -13.70 -0.29
C ILE B 9 -10.24 -13.92 -1.20
N MET B 10 -9.05 -14.09 -0.55
CA MET B 10 -7.74 -14.21 -1.22
C MET B 10 -7.36 -12.89 -1.96
N PRO B 11 -6.08 -12.61 -2.17
CA PRO B 11 -5.67 -11.36 -2.82
C PRO B 11 -5.93 -11.35 -4.34
N ASP B 12 -6.25 -10.20 -4.85
CA ASP B 12 -6.52 -9.99 -6.28
C ASP B 12 -5.28 -9.45 -6.93
N PHE B 13 -4.85 -8.28 -6.47
CA PHE B 13 -3.70 -7.54 -7.01
C PHE B 13 -3.85 -7.16 -8.49
N SER B 14 -4.54 -6.08 -8.75
CA SER B 14 -4.68 -5.55 -10.08
C SER B 14 -4.78 -4.03 -9.96
N PRO B 15 -4.20 -3.27 -10.90
CA PRO B 15 -4.39 -1.82 -10.93
C PRO B 15 -5.73 -1.50 -11.50
N SER B 16 -6.21 -0.34 -11.22
CA SER B 16 -7.35 0.07 -11.88
C SER B 16 -6.94 0.82 -13.13
N GLY B 17 -7.87 1.00 -13.92
CA GLY B 17 -7.74 1.77 -15.13
C GLY B 17 -7.89 3.23 -14.84
N LEU B 18 -8.40 3.55 -13.64
CA LEU B 18 -8.54 4.94 -13.22
C LEU B 18 -7.15 5.46 -13.09
N LEU B 19 -6.37 4.67 -12.39
CA LEU B 19 -5.01 4.93 -12.00
C LEU B 19 -4.15 5.53 -13.12
N GLU B 20 -4.03 4.78 -14.19
CA GLU B 20 -3.20 5.17 -15.31
C GLU B 20 -3.70 6.46 -16.00
N LEU B 21 -5.00 6.67 -15.96
CA LEU B 21 -5.59 7.83 -16.61
C LEU B 21 -5.52 9.07 -15.74
N GLU B 22 -5.58 8.88 -14.42
CA GLU B 22 -5.51 10.00 -13.48
C GLU B 22 -4.14 10.65 -13.53
N SER B 23 -3.11 9.80 -13.46
CA SER B 23 -1.71 10.17 -13.51
C SER B 23 -1.27 10.92 -12.24
N GLY C 1 9.23 -0.82 -11.48
CA GLY C 1 10.01 0.16 -10.73
C GLY C 1 11.01 0.86 -11.62
N SER C 2 11.03 2.17 -11.60
CA SER C 2 11.94 2.92 -12.41
C SER C 2 12.75 3.84 -11.51
N TYR C 3 13.85 4.35 -11.99
CA TYR C 3 14.64 5.27 -11.23
C TYR C 3 14.74 6.58 -11.97
N ASP C 4 14.08 7.59 -11.47
CA ASP C 4 14.04 8.87 -12.16
C ASP C 4 14.62 9.98 -11.33
N LYS C 5 14.71 9.77 -10.05
CA LYS C 5 15.11 10.84 -9.15
C LYS C 5 16.63 10.87 -8.97
N PRO C 6 17.25 12.01 -9.26
CA PRO C 6 18.72 12.18 -9.16
C PRO C 6 19.14 12.57 -7.76
N ALA C 7 18.16 12.76 -6.92
CA ALA C 7 18.31 13.14 -5.56
C ALA C 7 17.14 12.54 -4.84
N PRO C 8 17.26 12.24 -3.54
CA PRO C 8 16.17 11.64 -2.79
C PRO C 8 14.97 12.59 -2.56
N GLU C 9 14.16 12.73 -3.61
CA GLU C 9 12.91 13.52 -3.58
C GLU C 9 11.91 12.85 -2.65
N ASN C 10 12.19 11.60 -2.36
CA ASN C 10 11.38 10.75 -1.48
C ASN C 10 11.73 11.01 0.00
N ARG C 11 12.37 12.17 0.25
CA ARG C 11 12.77 12.67 1.59
C ARG C 11 13.73 11.74 2.33
N PHE C 12 13.20 10.63 2.82
CA PHE C 12 13.89 9.74 3.75
C PHE C 12 14.81 8.75 3.02
N ALA C 13 15.14 9.06 1.76
CA ALA C 13 16.02 8.23 0.90
C ALA C 13 15.44 6.83 0.65
N ILE C 14 14.13 6.76 0.59
CA ILE C 14 13.45 5.50 0.34
C ILE C 14 13.53 5.23 -1.16
N MET C 15 13.84 4.02 -1.53
CA MET C 15 13.97 3.69 -2.94
C MET C 15 12.63 3.23 -3.48
N PRO C 16 12.24 3.73 -4.69
CA PRO C 16 10.96 3.41 -5.33
C PRO C 16 10.64 1.92 -5.40
N GLY C 17 9.37 1.64 -5.30
CA GLY C 17 8.89 0.31 -5.19
C GLY C 17 8.75 -0.41 -6.49
N SER C 18 8.63 -1.70 -6.35
CA SER C 18 8.55 -2.66 -7.41
C SER C 18 7.46 -2.33 -8.42
N ARG C 19 6.24 -2.17 -7.94
CA ARG C 19 5.10 -2.02 -8.82
C ARG C 19 4.87 -0.59 -9.26
N TRP C 20 5.86 0.26 -9.08
CA TRP C 20 5.78 1.61 -9.55
C TRP C 20 6.05 1.59 -11.05
N ASP C 21 4.97 1.67 -11.81
CA ASP C 21 5.01 1.64 -13.27
C ASP C 21 5.85 2.79 -13.82
N GLY C 22 5.35 3.97 -13.70
CA GLY C 22 6.07 5.13 -14.11
C GLY C 22 5.20 6.32 -14.05
N VAL C 23 4.34 6.32 -13.08
CA VAL C 23 3.37 7.37 -12.89
C VAL C 23 3.77 8.06 -11.62
N HIS C 24 4.21 9.28 -11.71
CA HIS C 24 4.68 9.99 -10.54
C HIS C 24 3.57 10.84 -9.93
N ARG C 25 3.28 10.56 -8.69
CA ARG C 25 2.26 11.28 -7.94
C ARG C 25 2.88 12.32 -7.01
N SER C 26 2.87 13.55 -7.44
CA SER C 26 3.33 14.63 -6.62
C SER C 26 2.10 15.28 -6.04
N ASN C 27 2.09 15.47 -4.73
CA ASN C 27 0.92 16.03 -4.08
C ASN C 27 1.22 16.50 -2.67
N GLY C 28 1.34 17.80 -2.50
CA GLY C 28 1.43 18.38 -1.16
C GLY C 28 2.63 17.94 -0.33
N PHE C 29 3.74 17.65 -0.97
CA PHE C 29 4.93 17.19 -0.26
C PHE C 29 5.54 18.29 0.64
N GLU C 30 5.94 17.87 1.83
CA GLU C 30 6.55 18.71 2.91
C GLU C 30 7.77 19.59 2.54
N GLU C 31 8.18 19.63 1.28
CA GLU C 31 9.39 20.38 0.88
C GLU C 31 9.25 21.92 1.06
N LYS C 32 8.11 22.38 1.54
CA LYS C 32 8.00 23.77 1.87
C LYS C 32 8.69 24.02 3.19
N TRP C 33 9.79 24.69 3.11
CA TRP C 33 10.52 25.12 4.29
C TRP C 33 9.92 26.43 4.68
N GLY A 1 -6.56 18.59 11.04
CA GLY A 1 -5.66 18.07 10.02
C GLY A 1 -6.07 16.69 9.61
N ALA A 2 -5.72 16.31 8.40
CA ALA A 2 -6.08 15.02 7.87
C ALA A 2 -5.00 13.99 8.16
N MET A 3 -3.75 14.42 8.09
CA MET A 3 -2.62 13.54 8.32
C MET A 3 -2.53 13.17 9.79
N GLY A 4 -2.22 11.92 10.05
CA GLY A 4 -2.12 11.45 11.41
C GLY A 4 -0.78 11.75 12.03
N ASN A 5 -0.43 13.02 12.14
CA ASN A 5 0.87 13.42 12.67
C ASN A 5 0.93 13.37 14.20
N GLU A 6 -0.20 13.12 14.83
CA GLU A 6 -0.25 12.99 16.29
C GLU A 6 0.17 11.56 16.66
N TYR A 7 -0.05 10.64 15.76
CA TYR A 7 0.27 9.26 15.98
C TYR A 7 1.69 9.02 15.52
N LYS A 8 2.43 8.27 16.29
CA LYS A 8 3.85 8.08 16.02
C LYS A 8 4.28 6.63 16.04
N ASP A 9 3.63 5.82 16.85
CA ASP A 9 4.02 4.41 17.01
C ASP A 9 3.10 3.49 16.25
N ASN A 10 2.20 4.08 15.50
CA ASN A 10 1.32 3.31 14.65
C ASN A 10 2.00 3.11 13.30
N ALA A 11 2.55 1.93 13.09
CA ALA A 11 3.32 1.62 11.87
C ALA A 11 2.42 1.31 10.68
N TYR A 12 1.17 1.00 10.93
CA TYR A 12 0.23 0.76 9.86
C TYR A 12 -0.45 2.03 9.50
N ILE A 13 -0.79 2.17 8.28
CA ILE A 13 -1.52 3.30 7.85
C ILE A 13 -2.86 2.91 7.35
N TYR A 14 -3.83 3.65 7.79
CA TYR A 14 -5.19 3.54 7.39
C TYR A 14 -5.35 4.31 6.14
N ILE A 15 -5.82 3.67 5.13
CA ILE A 15 -6.07 4.30 3.88
C ILE A 15 -7.57 4.26 3.69
N GLY A 16 -8.15 5.38 3.40
CA GLY A 16 -9.57 5.44 3.24
C GLY A 16 -9.97 6.24 2.04
N ASN A 17 -11.25 6.18 1.71
CA ASN A 17 -11.89 6.90 0.58
C ASN A 17 -11.45 6.31 -0.77
N LEU A 18 -11.12 5.04 -0.77
CA LEU A 18 -10.75 4.41 -2.02
C LEU A 18 -12.00 4.11 -2.81
N ASN A 19 -11.87 4.10 -4.10
CA ASN A 19 -12.98 3.78 -4.95
C ASN A 19 -13.19 2.28 -4.91
N ARG A 20 -14.30 1.80 -5.43
CA ARG A 20 -14.63 0.38 -5.36
C ARG A 20 -13.66 -0.44 -6.22
N GLU A 21 -13.31 0.12 -7.35
CA GLU A 21 -12.45 -0.51 -8.32
C GLU A 21 -10.98 -0.54 -7.95
N LEU A 22 -10.60 0.16 -6.90
CA LEU A 22 -9.21 0.13 -6.48
C LEU A 22 -8.95 -1.10 -5.63
N THR A 23 -8.06 -1.93 -6.09
CA THR A 23 -7.72 -3.13 -5.37
C THR A 23 -6.26 -3.04 -4.84
N GLU A 24 -5.75 -4.13 -4.25
CA GLU A 24 -4.41 -4.17 -3.62
C GLU A 24 -3.30 -3.74 -4.59
N GLY A 25 -3.45 -4.15 -5.84
CA GLY A 25 -2.46 -3.85 -6.86
C GLY A 25 -2.34 -2.36 -7.14
N ASP A 26 -3.46 -1.66 -7.08
CA ASP A 26 -3.48 -0.19 -7.30
C ASP A 26 -2.69 0.47 -6.25
N ILE A 27 -2.91 0.01 -5.07
CA ILE A 27 -2.29 0.51 -3.88
C ILE A 27 -0.78 0.31 -3.95
N LEU A 28 -0.35 -0.86 -4.39
CA LEU A 28 1.07 -1.11 -4.56
C LEU A 28 1.65 -0.22 -5.63
N THR A 29 0.91 -0.05 -6.71
CA THR A 29 1.32 0.78 -7.81
C THR A 29 1.50 2.25 -7.36
N VAL A 30 0.61 2.75 -6.52
CA VAL A 30 0.75 4.11 -6.04
C VAL A 30 1.75 4.26 -4.89
N PHE A 31 1.70 3.34 -3.93
CA PHE A 31 2.54 3.41 -2.73
C PHE A 31 4.00 3.02 -2.97
N SER A 32 4.31 2.28 -4.02
CA SER A 32 5.69 1.85 -4.26
C SER A 32 6.60 3.05 -4.66
N GLU A 33 5.98 4.19 -4.90
CA GLU A 33 6.66 5.46 -5.18
C GLU A 33 7.56 5.87 -3.99
N TYR A 34 7.09 5.55 -2.80
CA TYR A 34 7.74 6.02 -1.59
C TYR A 34 8.59 4.95 -0.94
N GLY A 35 8.58 3.76 -1.50
CA GLY A 35 9.36 2.68 -0.95
C GLY A 35 8.77 1.33 -1.27
N VAL A 36 8.99 0.38 -0.38
CA VAL A 36 8.49 -0.97 -0.57
C VAL A 36 7.48 -1.31 0.51
N PRO A 37 6.20 -1.47 0.14
CA PRO A 37 5.15 -1.93 1.06
C PRO A 37 5.37 -3.39 1.42
N VAL A 38 5.56 -3.66 2.70
CA VAL A 38 5.83 -5.02 3.16
C VAL A 38 4.55 -5.71 3.57
N ASP A 39 3.57 -4.91 3.87
CA ASP A 39 2.26 -5.37 4.29
C ASP A 39 1.25 -4.45 3.70
N VAL A 40 0.33 -4.99 2.96
CA VAL A 40 -0.76 -4.24 2.41
C VAL A 40 -1.96 -5.13 2.39
N ILE A 41 -3.07 -4.57 2.72
CA ILE A 41 -4.34 -5.29 2.71
C ILE A 41 -5.44 -4.33 2.39
N LEU A 42 -6.37 -4.77 1.62
CA LEU A 42 -7.49 -3.98 1.25
C LEU A 42 -8.66 -4.48 2.09
N SER A 43 -9.46 -3.59 2.60
CA SER A 43 -10.58 -3.98 3.43
C SER A 43 -11.67 -4.52 2.54
N ARG A 44 -11.71 -5.81 2.44
CA ARG A 44 -12.68 -6.49 1.64
C ARG A 44 -13.51 -7.32 2.57
N ASP A 45 -14.71 -7.59 2.20
CA ASP A 45 -15.60 -8.35 3.05
C ASP A 45 -15.42 -9.84 2.79
N GLU A 46 -15.64 -10.66 3.81
CA GLU A 46 -15.42 -12.09 3.72
C GLU A 46 -16.60 -12.78 3.00
N ASN A 47 -17.75 -12.18 3.07
CA ASN A 47 -18.97 -12.83 2.60
C ASN A 47 -19.29 -12.45 1.18
N THR A 48 -18.96 -11.24 0.82
CA THR A 48 -19.22 -10.78 -0.53
C THR A 48 -17.91 -10.59 -1.32
N GLY A 49 -16.80 -10.37 -0.61
CA GLY A 49 -15.49 -10.22 -1.26
C GLY A 49 -15.22 -8.85 -1.78
N GLU A 50 -16.24 -8.01 -1.75
CA GLU A 50 -16.18 -6.68 -2.35
C GLU A 50 -15.31 -5.73 -1.55
N SER A 51 -14.76 -4.76 -2.26
CA SER A 51 -13.95 -3.72 -1.70
C SER A 51 -14.84 -2.79 -0.90
N GLN A 52 -14.38 -2.41 0.26
CA GLN A 52 -15.11 -1.49 1.12
C GLN A 52 -14.61 -0.07 0.96
N GLY A 53 -13.54 0.10 0.21
CA GLY A 53 -12.99 1.42 0.00
C GLY A 53 -12.02 1.85 1.09
N PHE A 54 -11.45 0.87 1.80
CA PHE A 54 -10.48 1.14 2.85
C PHE A 54 -9.35 0.19 2.66
N ALA A 55 -8.18 0.56 3.09
CA ALA A 55 -7.02 -0.29 3.01
C ALA A 55 -6.10 -0.01 4.18
N TYR A 56 -5.13 -0.85 4.38
CA TYR A 56 -4.16 -0.70 5.44
C TYR A 56 -2.82 -1.11 4.84
N LEU A 57 -1.76 -0.40 5.16
CA LEU A 57 -0.47 -0.72 4.58
C LEU A 57 0.64 -0.33 5.54
N LYS A 58 1.81 -0.93 5.37
CA LYS A 58 3.02 -0.55 6.05
C LYS A 58 4.23 -0.89 5.20
N TYR A 59 5.16 0.01 5.14
CA TYR A 59 6.40 -0.18 4.39
C TYR A 59 7.46 -0.85 5.25
N GLU A 60 8.62 -1.11 4.64
CA GLU A 60 9.77 -1.70 5.33
C GLU A 60 10.22 -0.77 6.47
N ASP A 61 10.30 0.52 6.20
CA ASP A 61 10.66 1.47 7.23
C ASP A 61 9.48 2.37 7.53
N GLN A 62 9.30 2.71 8.79
CA GLN A 62 8.15 3.48 9.23
C GLN A 62 8.20 4.94 8.65
N ARG A 63 9.39 5.43 8.32
CA ARG A 63 9.49 6.76 7.71
C ARG A 63 8.92 6.76 6.29
N SER A 64 8.87 5.61 5.68
CA SER A 64 8.38 5.51 4.34
C SER A 64 6.85 5.48 4.42
N THR A 65 6.40 4.86 5.48
CA THR A 65 5.03 4.82 5.88
C THR A 65 4.50 6.28 6.07
N ILE A 66 5.29 7.08 6.79
CA ILE A 66 4.97 8.50 7.03
C ILE A 66 4.89 9.27 5.71
N LEU A 67 5.80 8.95 4.78
CA LEU A 67 5.81 9.59 3.45
C LEU A 67 4.49 9.41 2.76
N ALA A 68 3.99 8.19 2.80
CA ALA A 68 2.73 7.88 2.18
C ALA A 68 1.60 8.68 2.81
N VAL A 69 1.68 8.85 4.12
CA VAL A 69 0.67 9.62 4.86
C VAL A 69 0.56 11.05 4.35
N ASP A 70 1.64 11.78 4.41
CA ASP A 70 1.58 13.18 4.05
C ASP A 70 1.72 13.47 2.58
N ASN A 71 2.17 12.52 1.81
CA ASN A 71 2.31 12.76 0.39
C ASN A 71 1.12 12.29 -0.40
N LEU A 72 0.52 11.20 0.02
CA LEU A 72 -0.60 10.67 -0.74
C LEU A 72 -1.93 11.18 -0.26
N ASN A 73 -2.03 11.67 0.96
CA ASN A 73 -3.30 12.19 1.44
C ASN A 73 -3.68 13.41 0.62
N GLY A 74 -4.74 13.28 -0.13
CA GLY A 74 -5.18 14.36 -0.97
C GLY A 74 -4.92 14.05 -2.42
N PHE A 75 -4.18 12.97 -2.68
CA PHE A 75 -3.89 12.57 -4.05
C PHE A 75 -5.17 12.05 -4.68
N LYS A 76 -5.46 12.53 -5.85
CA LYS A 76 -6.68 12.24 -6.52
C LYS A 76 -6.54 11.00 -7.38
N ILE A 77 -7.40 10.04 -7.18
CA ILE A 77 -7.46 8.86 -8.01
C ILE A 77 -8.91 8.58 -8.36
N GLY A 78 -9.25 8.81 -9.61
CA GLY A 78 -10.58 8.51 -10.11
C GLY A 78 -11.65 9.32 -9.43
N GLY A 79 -11.34 10.57 -9.13
CA GLY A 79 -12.31 11.44 -8.52
C GLY A 79 -12.27 11.45 -7.01
N ARG A 80 -11.64 10.46 -6.41
CA ARG A 80 -11.57 10.38 -4.98
C ARG A 80 -10.18 10.68 -4.50
N ALA A 81 -10.07 11.48 -3.48
CA ALA A 81 -8.81 11.75 -2.87
C ALA A 81 -8.69 10.90 -1.63
N LEU A 82 -7.82 9.96 -1.69
CA LEU A 82 -7.65 9.03 -0.62
C LEU A 82 -7.04 9.63 0.65
N LYS A 83 -7.41 9.05 1.74
CA LYS A 83 -7.03 9.46 3.08
C LYS A 83 -6.01 8.49 3.63
N ILE A 84 -5.00 9.00 4.29
CA ILE A 84 -4.05 8.15 4.98
C ILE A 84 -3.89 8.66 6.40
N ASP A 85 -4.02 7.77 7.35
CA ASP A 85 -3.89 8.09 8.77
C ASP A 85 -3.07 6.98 9.40
N HIS A 86 -2.56 7.19 10.57
CA HIS A 86 -1.76 6.17 11.24
C HIS A 86 -2.61 5.36 12.21
N THR A 87 -2.58 4.06 12.09
CA THR A 87 -3.38 3.19 12.94
C THR A 87 -2.60 1.89 13.22
N PHE A 88 -2.96 1.17 14.23
CA PHE A 88 -2.30 -0.07 14.54
C PHE A 88 -3.34 -1.11 14.92
N TYR A 89 -3.61 -2.01 14.00
CA TYR A 89 -4.57 -3.07 14.24
C TYR A 89 -3.78 -4.36 14.38
N ARG A 90 -4.36 -5.34 15.03
CA ARG A 90 -3.72 -6.63 15.14
C ARG A 90 -4.32 -7.57 14.10
N PRO A 91 -3.49 -8.24 13.28
CA PRO A 91 -3.96 -9.14 12.23
C PRO A 91 -4.85 -10.25 12.79
N LYS A 92 -5.95 -10.50 12.11
CA LYS A 92 -6.89 -11.51 12.51
C LYS A 92 -6.38 -12.88 12.14
N ARG A 93 -6.62 -13.84 13.00
CA ARG A 93 -6.25 -15.21 12.73
C ARG A 93 -7.28 -15.87 11.83
N SER A 94 -8.48 -15.32 11.83
CA SER A 94 -9.54 -15.81 11.00
C SER A 94 -9.26 -15.50 9.52
N LEU A 95 -8.94 -14.24 9.25
CA LEU A 95 -8.66 -13.79 7.90
C LEU A 95 -7.19 -13.98 7.53
N GLN A 96 -6.49 -14.82 8.32
CA GLN A 96 -5.03 -15.07 8.17
C GLN A 96 -4.61 -15.27 6.72
N LYS A 97 -5.39 -16.06 6.01
CA LYS A 97 -5.09 -16.43 4.65
C LYS A 97 -5.02 -15.25 3.71
N TYR A 98 -5.87 -14.25 3.92
CA TYR A 98 -5.83 -13.07 3.09
C TYR A 98 -4.54 -12.28 3.34
N TYR A 99 -4.17 -12.16 4.61
CA TYR A 99 -2.97 -11.40 4.99
C TYR A 99 -1.73 -12.07 4.42
N GLU A 100 -1.62 -13.37 4.64
CA GLU A 100 -0.47 -14.10 4.19
C GLU A 100 -0.40 -14.18 2.66
N ALA A 101 -1.54 -14.42 2.01
CA ALA A 101 -1.60 -14.51 0.54
C ALA A 101 -1.16 -13.21 -0.13
N VAL A 102 -1.45 -12.08 0.51
CA VAL A 102 -1.04 -10.82 -0.05
C VAL A 102 0.47 -10.62 0.13
N LYS A 103 0.95 -10.85 1.34
CA LYS A 103 2.35 -10.57 1.62
C LYS A 103 3.28 -11.52 0.94
N GLU A 104 2.79 -12.67 0.52
CA GLU A 104 3.59 -13.64 -0.24
C GLU A 104 4.30 -12.96 -1.40
N GLU A 105 3.53 -12.22 -2.18
CA GLU A 105 4.05 -11.45 -3.30
C GLU A 105 5.05 -10.42 -2.89
N LEU A 106 4.73 -9.72 -1.84
CA LEU A 106 5.53 -8.62 -1.34
C LEU A 106 6.83 -9.16 -0.80
N ASP A 107 6.71 -10.28 -0.13
CA ASP A 107 7.83 -10.99 0.47
C ASP A 107 8.85 -11.37 -0.59
N ARG A 108 8.37 -11.68 -1.79
CA ARG A 108 9.26 -12.02 -2.93
C ARG A 108 10.07 -10.79 -3.33
N ASP A 109 9.45 -9.63 -3.22
CA ASP A 109 10.11 -8.36 -3.54
C ASP A 109 11.11 -7.99 -2.46
N ILE A 110 10.73 -8.23 -1.22
CA ILE A 110 11.54 -7.89 -0.05
C ILE A 110 12.76 -8.81 0.09
N VAL A 111 12.48 -10.12 0.07
CA VAL A 111 13.44 -11.16 0.41
C VAL A 111 14.76 -11.08 -0.35
N SER A 112 15.83 -11.25 0.38
CA SER A 112 17.13 -11.32 -0.19
C SER A 112 17.29 -12.72 -0.77
N LYS A 113 17.84 -12.81 -1.95
CA LYS A 113 17.95 -14.08 -2.65
C LYS A 113 18.91 -15.06 -1.99
N ASN A 114 19.74 -14.55 -1.12
CA ASN A 114 20.60 -15.39 -0.33
C ASN A 114 19.78 -15.89 0.85
N ASN A 115 19.19 -17.04 0.69
CA ASN A 115 18.38 -17.64 1.71
C ASN A 115 18.56 -19.14 1.73
N ALA A 116 19.51 -19.57 2.51
CA ALA A 116 19.83 -20.96 2.69
C ALA A 116 20.49 -21.12 4.03
N GLU A 117 19.89 -21.89 4.88
CA GLU A 117 20.44 -22.11 6.19
C GLU A 117 21.31 -23.34 6.26
N LYS A 118 22.52 -23.15 5.84
CA LYS A 118 23.51 -24.19 5.84
C LYS A 118 24.75 -23.61 6.48
N GLY B 1 -6.74 -25.26 9.90
CA GLY B 1 -7.35 -24.29 8.99
C GLY B 1 -8.04 -25.00 7.87
N SER B 2 -8.92 -24.31 7.19
CA SER B 2 -9.67 -24.88 6.10
C SER B 2 -8.81 -24.91 4.82
N LYS B 3 -8.60 -26.09 4.27
CA LYS B 3 -7.77 -26.23 3.10
C LYS B 3 -8.59 -26.38 1.82
N SER B 4 -9.77 -26.96 1.92
CA SER B 4 -10.64 -27.16 0.77
C SER B 4 -11.17 -25.80 0.29
N GLN B 5 -11.81 -25.09 1.17
CA GLN B 5 -12.26 -23.76 0.89
C GLN B 5 -12.15 -23.01 2.19
N TYR B 6 -11.70 -21.80 2.13
CA TYR B 6 -11.38 -21.07 3.32
C TYR B 6 -11.94 -19.66 3.30
N ILE B 7 -11.11 -18.68 3.04
CA ILE B 7 -11.57 -17.32 3.01
C ILE B 7 -11.97 -17.08 1.60
N ASP B 8 -13.09 -16.53 1.43
CA ASP B 8 -13.71 -16.42 0.14
C ASP B 8 -13.37 -15.10 -0.54
N ILE B 9 -12.42 -14.40 0.03
CA ILE B 9 -12.04 -13.12 -0.50
C ILE B 9 -10.90 -13.29 -1.49
N MET B 10 -9.69 -13.50 -0.94
CA MET B 10 -8.42 -13.59 -1.69
C MET B 10 -8.09 -12.27 -2.47
N PRO B 11 -6.80 -11.93 -2.62
CA PRO B 11 -6.39 -10.68 -3.28
C PRO B 11 -6.44 -10.74 -4.81
N ASP B 12 -6.49 -9.58 -5.43
CA ASP B 12 -6.49 -9.49 -6.91
C ASP B 12 -5.13 -9.20 -7.49
N PHE B 13 -4.40 -8.25 -6.90
CA PHE B 13 -3.08 -7.81 -7.44
C PHE B 13 -3.16 -7.41 -8.91
N SER B 14 -3.85 -6.35 -9.17
CA SER B 14 -4.03 -5.80 -10.50
C SER B 14 -4.34 -4.34 -10.32
N PRO B 15 -4.21 -3.50 -11.33
CA PRO B 15 -4.65 -2.13 -11.22
C PRO B 15 -6.09 -1.97 -11.63
N SER B 16 -6.56 -0.84 -11.37
CA SER B 16 -7.77 -0.40 -11.86
C SER B 16 -7.51 0.31 -13.18
N GLY B 17 -8.54 0.80 -13.71
CA GLY B 17 -8.56 1.53 -14.94
C GLY B 17 -8.63 3.01 -14.65
N LEU B 18 -8.57 3.34 -13.37
CA LEU B 18 -8.53 4.72 -12.95
C LEU B 18 -7.10 5.15 -13.07
N LEU B 19 -6.28 4.30 -12.50
CA LEU B 19 -4.83 4.43 -12.42
C LEU B 19 -4.18 4.79 -13.75
N GLU B 20 -4.61 4.13 -14.80
CA GLU B 20 -4.03 4.30 -16.12
C GLU B 20 -4.42 5.65 -16.75
N LEU B 21 -5.40 6.33 -16.19
CA LEU B 21 -5.87 7.59 -16.74
C LEU B 21 -5.51 8.77 -15.85
N GLU B 22 -4.94 8.50 -14.69
CA GLU B 22 -4.61 9.58 -13.76
C GLU B 22 -3.31 10.28 -14.16
N SER B 23 -2.36 9.50 -14.67
CA SER B 23 -1.08 10.01 -15.22
C SER B 23 -0.33 10.91 -14.23
N GLY C 1 5.41 9.26 -15.56
CA GLY C 1 5.66 10.19 -16.66
C GLY C 1 7.08 10.61 -16.66
N SER C 2 7.33 11.85 -16.41
CA SER C 2 8.65 12.35 -16.34
C SER C 2 8.75 13.19 -15.07
N TYR C 3 9.78 12.95 -14.27
CA TYR C 3 9.99 13.69 -13.04
C TYR C 3 10.12 15.18 -13.32
N ASP C 4 9.12 15.93 -12.93
CA ASP C 4 9.10 17.37 -13.16
C ASP C 4 9.16 18.10 -11.83
N LYS C 5 9.30 17.33 -10.77
CA LYS C 5 9.38 17.89 -9.44
C LYS C 5 10.78 18.37 -9.17
N PRO C 6 10.92 19.64 -8.75
CA PRO C 6 12.22 20.26 -8.44
C PRO C 6 12.96 19.57 -7.28
N ALA C 7 12.19 19.09 -6.35
CA ALA C 7 12.73 18.43 -5.20
C ALA C 7 11.99 17.13 -5.00
N PRO C 8 12.62 16.14 -4.37
CA PRO C 8 11.95 14.90 -4.02
C PRO C 8 10.83 15.20 -3.02
N GLU C 9 9.60 14.90 -3.41
CA GLU C 9 8.46 15.07 -2.53
C GLU C 9 8.60 14.11 -1.37
N ASN C 10 9.23 12.97 -1.67
CA ASN C 10 9.62 11.96 -0.70
C ASN C 10 10.64 12.62 0.24
N ARG C 11 10.14 13.27 1.26
CA ARG C 11 10.91 14.09 2.20
C ARG C 11 12.01 13.38 3.00
N PHE C 12 12.08 12.06 2.91
CA PHE C 12 13.17 11.32 3.58
C PHE C 12 14.05 10.66 2.52
N ALA C 13 13.81 11.06 1.28
CA ALA C 13 14.59 10.68 0.09
C ALA C 13 14.57 9.17 -0.26
N ILE C 14 13.60 8.42 0.23
CA ILE C 14 13.50 7.01 -0.19
C ILE C 14 13.01 6.98 -1.63
N MET C 15 13.77 6.34 -2.49
CA MET C 15 13.44 6.24 -3.90
C MET C 15 12.48 5.07 -4.13
N PRO C 16 11.65 5.15 -5.21
CA PRO C 16 10.68 4.10 -5.60
C PRO C 16 11.20 2.66 -5.46
N GLY C 17 10.32 1.79 -5.00
CA GLY C 17 10.66 0.41 -4.74
C GLY C 17 10.73 -0.46 -5.98
N SER C 18 9.71 -1.26 -6.22
CA SER C 18 9.76 -2.21 -7.31
C SER C 18 8.48 -2.21 -8.16
N ARG C 19 7.32 -2.21 -7.50
CA ARG C 19 6.03 -2.31 -8.20
C ARG C 19 5.49 -0.95 -8.61
N TRP C 20 6.38 -0.02 -8.77
CA TRP C 20 6.04 1.28 -9.25
C TRP C 20 6.24 1.30 -10.75
N ASP C 21 5.14 1.40 -11.47
CA ASP C 21 5.13 1.43 -12.94
C ASP C 21 5.90 2.61 -13.52
N GLY C 22 5.78 3.75 -12.91
CA GLY C 22 6.42 4.92 -13.44
C GLY C 22 5.49 6.10 -13.43
N VAL C 23 4.22 5.81 -13.20
CA VAL C 23 3.21 6.84 -13.02
C VAL C 23 3.59 7.61 -11.75
N HIS C 24 3.94 8.86 -11.90
CA HIS C 24 4.45 9.65 -10.78
C HIS C 24 3.36 10.22 -9.90
N ARG C 25 3.61 10.23 -8.63
CA ARG C 25 2.70 10.77 -7.66
C ARG C 25 3.15 12.15 -7.30
N SER C 26 2.43 13.12 -7.77
CA SER C 26 2.76 14.48 -7.50
C SER C 26 1.70 15.08 -6.57
N ASN C 27 2.12 15.52 -5.41
CA ASN C 27 1.24 16.11 -4.41
C ASN C 27 2.09 16.69 -3.30
N GLY C 28 2.62 15.82 -2.42
CA GLY C 28 3.50 16.26 -1.35
C GLY C 28 2.82 17.27 -0.45
N PHE C 29 1.50 17.07 -0.27
CA PHE C 29 0.58 18.03 0.36
C PHE C 29 1.21 18.74 1.56
N GLU C 30 1.41 20.02 1.35
CA GLU C 30 2.20 20.92 2.18
C GLU C 30 1.58 21.18 3.59
N GLU C 31 0.36 20.71 3.84
CA GLU C 31 -0.29 20.92 5.15
C GLU C 31 0.51 20.28 6.29
N LYS C 32 1.10 19.16 6.02
CA LYS C 32 1.85 18.44 7.00
C LYS C 32 3.32 18.53 6.64
N TRP C 33 4.14 18.76 7.63
CA TRP C 33 5.57 18.81 7.47
C TRP C 33 6.16 17.61 8.20
N GLY A 1 -13.99 5.64 10.31
CA GLY A 1 -12.82 6.52 10.32
C GLY A 1 -11.75 5.97 11.23
N ALA A 2 -10.55 6.51 11.13
CA ALA A 2 -9.44 6.11 11.96
C ALA A 2 -8.36 7.17 11.97
N MET A 3 -8.38 8.00 12.96
CA MET A 3 -7.37 9.03 13.14
C MET A 3 -6.41 8.54 14.20
N GLY A 4 -5.16 8.42 13.87
CA GLY A 4 -4.22 7.93 14.85
C GLY A 4 -2.82 8.47 14.65
N ASN A 5 -2.68 9.48 13.78
CA ASN A 5 -1.37 10.15 13.49
C ASN A 5 -0.77 10.80 14.74
N GLU A 6 -1.57 10.89 15.79
CA GLU A 6 -1.13 11.32 17.10
C GLU A 6 0.03 10.43 17.54
N TYR A 7 -0.13 9.14 17.27
CA TYR A 7 0.84 8.14 17.59
C TYR A 7 1.55 7.82 16.29
N LYS A 8 2.63 8.51 16.02
CA LYS A 8 3.30 8.39 14.74
C LYS A 8 4.22 7.16 14.71
N ASP A 9 4.28 6.46 15.84
CA ASP A 9 5.07 5.24 15.97
C ASP A 9 4.38 4.07 15.29
N ASN A 10 3.14 4.27 14.94
CA ASN A 10 2.37 3.26 14.22
C ASN A 10 2.88 3.17 12.80
N ALA A 11 3.48 2.04 12.47
CA ALA A 11 4.04 1.84 11.14
C ALA A 11 2.95 1.52 10.12
N TYR A 12 1.80 1.08 10.59
CA TYR A 12 0.67 0.82 9.70
C TYR A 12 -0.06 2.10 9.42
N ILE A 13 -0.47 2.26 8.21
CA ILE A 13 -1.17 3.43 7.81
C ILE A 13 -2.58 3.09 7.37
N TYR A 14 -3.48 3.93 7.75
CA TYR A 14 -4.87 3.85 7.40
C TYR A 14 -5.09 4.59 6.13
N ILE A 15 -5.63 3.93 5.16
CA ILE A 15 -5.96 4.55 3.92
C ILE A 15 -7.48 4.49 3.83
N GLY A 16 -8.12 5.58 4.07
CA GLY A 16 -9.56 5.55 4.18
C GLY A 16 -10.29 6.47 3.25
N ASN A 17 -10.24 6.15 1.98
CA ASN A 17 -11.03 6.79 0.92
C ASN A 17 -10.55 6.31 -0.42
N LEU A 18 -10.81 5.07 -0.67
CA LEU A 18 -10.46 4.46 -1.92
C LEU A 18 -11.71 4.31 -2.71
N ASN A 19 -11.60 4.27 -3.98
CA ASN A 19 -12.74 4.11 -4.81
C ASN A 19 -13.03 2.62 -4.94
N ARG A 20 -14.25 2.30 -5.31
CA ARG A 20 -14.79 0.92 -5.27
C ARG A 20 -13.91 -0.12 -5.98
N GLU A 21 -13.36 0.25 -7.09
CA GLU A 21 -12.50 -0.65 -7.86
C GLU A 21 -11.04 -0.72 -7.39
N LEU A 22 -10.67 0.06 -6.40
CA LEU A 22 -9.29 0.00 -5.92
C LEU A 22 -9.04 -1.26 -5.10
N THR A 23 -8.14 -2.06 -5.62
CA THR A 23 -7.71 -3.31 -5.06
C THR A 23 -6.22 -3.21 -4.60
N GLU A 24 -5.64 -4.30 -4.06
CA GLU A 24 -4.28 -4.29 -3.45
C GLU A 24 -3.19 -3.85 -4.43
N GLY A 25 -3.26 -4.39 -5.64
CA GLY A 25 -2.22 -4.12 -6.64
C GLY A 25 -2.19 -2.69 -7.08
N ASP A 26 -3.32 -2.04 -6.96
CA ASP A 26 -3.43 -0.66 -7.35
C ASP A 26 -2.74 0.18 -6.32
N ILE A 27 -3.03 -0.14 -5.07
CA ILE A 27 -2.46 0.51 -3.92
C ILE A 27 -0.93 0.38 -3.94
N LEU A 28 -0.47 -0.77 -4.38
CA LEU A 28 0.96 -1.01 -4.56
C LEU A 28 1.52 -0.11 -5.63
N THR A 29 0.80 0.04 -6.70
CA THR A 29 1.18 0.90 -7.80
C THR A 29 1.25 2.39 -7.34
N VAL A 30 0.43 2.74 -6.37
CA VAL A 30 0.43 4.07 -5.80
C VAL A 30 1.56 4.24 -4.76
N PHE A 31 1.56 3.36 -3.79
CA PHE A 31 2.45 3.45 -2.63
C PHE A 31 3.89 3.02 -2.89
N SER A 32 4.17 2.36 -3.99
CA SER A 32 5.55 1.99 -4.27
C SER A 32 6.41 3.19 -4.66
N GLU A 33 5.79 4.33 -4.85
CA GLU A 33 6.50 5.55 -5.19
C GLU A 33 7.25 6.04 -3.91
N TYR A 34 6.85 5.49 -2.77
CA TYR A 34 7.42 5.90 -1.49
C TYR A 34 8.18 4.76 -0.84
N GLY A 35 8.43 3.70 -1.60
CA GLY A 35 9.18 2.59 -1.08
C GLY A 35 8.57 1.28 -1.47
N VAL A 36 8.75 0.28 -0.65
CA VAL A 36 8.20 -1.03 -0.93
C VAL A 36 7.18 -1.40 0.13
N PRO A 37 5.90 -1.54 -0.25
CA PRO A 37 4.86 -2.02 0.66
C PRO A 37 5.14 -3.46 1.07
N VAL A 38 5.26 -3.69 2.35
CA VAL A 38 5.57 -5.03 2.84
C VAL A 38 4.31 -5.69 3.39
N ASP A 39 3.35 -4.85 3.71
CA ASP A 39 2.08 -5.25 4.23
C ASP A 39 1.04 -4.43 3.56
N VAL A 40 0.11 -5.06 2.95
CA VAL A 40 -1.00 -4.36 2.38
C VAL A 40 -2.22 -5.21 2.56
N ILE A 41 -3.24 -4.60 3.04
CA ILE A 41 -4.49 -5.28 3.24
C ILE A 41 -5.60 -4.37 2.84
N LEU A 42 -6.42 -4.87 2.00
CA LEU A 42 -7.51 -4.13 1.47
C LEU A 42 -8.75 -4.61 2.19
N SER A 43 -9.46 -3.70 2.80
CA SER A 43 -10.66 -4.02 3.50
C SER A 43 -11.70 -4.39 2.47
N ARG A 44 -11.99 -5.66 2.39
CA ARG A 44 -12.88 -6.16 1.42
C ARG A 44 -13.71 -7.27 2.01
N ASP A 45 -14.85 -7.51 1.40
CA ASP A 45 -15.84 -8.49 1.83
C ASP A 45 -15.25 -9.91 1.94
N GLU A 46 -15.71 -10.64 2.94
CA GLU A 46 -15.19 -11.97 3.25
C GLU A 46 -15.78 -13.08 2.33
N ASN A 47 -16.92 -12.82 1.70
CA ASN A 47 -17.62 -13.86 0.93
C ASN A 47 -17.48 -13.70 -0.56
N THR A 48 -17.40 -12.48 -1.02
CA THR A 48 -17.23 -12.25 -2.43
C THR A 48 -15.96 -11.49 -2.75
N GLY A 49 -15.30 -10.98 -1.72
CA GLY A 49 -14.07 -10.26 -1.89
C GLY A 49 -14.25 -8.92 -2.59
N GLU A 50 -15.38 -8.29 -2.40
CA GLU A 50 -15.61 -7.00 -3.04
C GLU A 50 -15.03 -5.87 -2.17
N SER A 51 -14.56 -4.81 -2.79
CA SER A 51 -13.82 -3.76 -2.10
C SER A 51 -14.73 -2.80 -1.34
N GLN A 52 -14.34 -2.53 -0.10
CA GLN A 52 -15.04 -1.60 0.78
C GLN A 52 -14.54 -0.19 0.52
N GLY A 53 -13.39 -0.10 -0.14
CA GLY A 53 -12.80 1.19 -0.43
C GLY A 53 -11.98 1.72 0.74
N PHE A 54 -11.46 0.83 1.56
CA PHE A 54 -10.60 1.21 2.68
C PHE A 54 -9.45 0.23 2.72
N ALA A 55 -8.29 0.68 3.14
CA ALA A 55 -7.14 -0.19 3.17
C ALA A 55 -6.18 0.18 4.28
N TYR A 56 -5.24 -0.69 4.52
CA TYR A 56 -4.18 -0.46 5.46
C TYR A 56 -2.92 -0.95 4.79
N LEU A 57 -1.83 -0.30 5.02
CA LEU A 57 -0.59 -0.70 4.42
C LEU A 57 0.53 -0.36 5.38
N LYS A 58 1.64 -1.03 5.27
CA LYS A 58 2.80 -0.63 5.99
C LYS A 58 4.05 -1.01 5.22
N TYR A 59 5.01 -0.15 5.28
CA TYR A 59 6.32 -0.40 4.74
C TYR A 59 7.13 -0.94 5.89
N GLU A 60 8.26 -1.57 5.63
CA GLU A 60 9.07 -2.02 6.74
C GLU A 60 10.15 -1.02 7.02
N ASP A 61 9.67 0.17 7.28
CA ASP A 61 10.45 1.33 7.62
C ASP A 61 9.43 2.41 7.91
N GLN A 62 9.57 3.05 9.02
CA GLN A 62 8.60 4.01 9.48
C GLN A 62 8.64 5.32 8.66
N ARG A 63 9.78 5.58 8.01
CA ARG A 63 9.93 6.79 7.21
C ARG A 63 8.98 6.84 6.03
N SER A 64 8.79 5.72 5.39
CA SER A 64 8.00 5.69 4.18
C SER A 64 6.55 5.79 4.55
N THR A 65 6.26 5.22 5.68
CA THR A 65 5.00 5.27 6.31
C THR A 65 4.58 6.74 6.58
N ILE A 66 5.50 7.49 7.20
CA ILE A 66 5.25 8.90 7.52
C ILE A 66 5.12 9.73 6.22
N LEU A 67 5.96 9.41 5.25
CA LEU A 67 5.94 10.12 3.98
C LEU A 67 4.61 9.91 3.25
N ALA A 68 4.08 8.70 3.32
CA ALA A 68 2.80 8.39 2.71
C ALA A 68 1.68 9.21 3.37
N VAL A 69 1.66 9.20 4.71
CA VAL A 69 0.66 9.91 5.51
C VAL A 69 0.55 11.38 5.14
N ASP A 70 1.68 12.03 5.00
CA ASP A 70 1.69 13.45 4.71
C ASP A 70 1.61 13.78 3.23
N ASN A 71 2.27 13.02 2.41
CA ASN A 71 2.48 13.46 1.02
C ASN A 71 1.50 12.85 0.06
N LEU A 72 1.18 11.60 0.27
CA LEU A 72 0.33 10.90 -0.65
C LEU A 72 -1.14 11.21 -0.30
N ASN A 73 -1.34 11.78 0.87
CA ASN A 73 -2.67 12.17 1.34
C ASN A 73 -3.23 13.27 0.49
N GLY A 74 -4.41 13.05 -0.04
CA GLY A 74 -5.03 14.02 -0.88
C GLY A 74 -4.80 13.72 -2.34
N PHE A 75 -4.25 12.56 -2.62
CA PHE A 75 -4.02 12.14 -3.99
C PHE A 75 -5.34 11.70 -4.61
N LYS A 76 -5.62 12.20 -5.79
CA LYS A 76 -6.87 11.98 -6.46
C LYS A 76 -6.84 10.66 -7.25
N ILE A 77 -7.74 9.75 -6.91
CA ILE A 77 -7.92 8.52 -7.64
C ILE A 77 -9.41 8.25 -7.81
N GLY A 78 -9.89 8.40 -9.02
CA GLY A 78 -11.26 8.15 -9.34
C GLY A 78 -12.18 9.19 -8.76
N GLY A 79 -11.76 10.44 -8.85
CA GLY A 79 -12.59 11.54 -8.41
C GLY A 79 -12.54 11.80 -6.91
N ARG A 80 -11.97 10.90 -6.17
CA ARG A 80 -11.86 11.05 -4.74
C ARG A 80 -10.42 11.11 -4.33
N ALA A 81 -10.13 11.83 -3.30
CA ALA A 81 -8.79 11.96 -2.82
C ALA A 81 -8.61 11.13 -1.58
N LEU A 82 -7.71 10.20 -1.64
CA LEU A 82 -7.51 9.28 -0.55
C LEU A 82 -6.85 9.90 0.69
N LYS A 83 -7.24 9.38 1.81
CA LYS A 83 -6.79 9.82 3.11
C LYS A 83 -5.89 8.77 3.74
N ILE A 84 -4.72 9.18 4.17
CA ILE A 84 -3.81 8.30 4.88
C ILE A 84 -3.59 8.87 6.28
N ASP A 85 -3.56 8.03 7.27
CA ASP A 85 -3.31 8.43 8.64
C ASP A 85 -2.55 7.29 9.30
N HIS A 86 -2.12 7.44 10.52
CA HIS A 86 -1.42 6.34 11.19
C HIS A 86 -2.40 5.54 12.00
N THR A 87 -2.29 4.25 11.97
CA THR A 87 -3.15 3.44 12.75
C THR A 87 -2.43 2.16 13.12
N PHE A 88 -2.88 1.49 14.13
CA PHE A 88 -2.34 0.22 14.45
C PHE A 88 -3.46 -0.64 14.91
N TYR A 89 -3.94 -1.44 14.02
CA TYR A 89 -4.99 -2.34 14.31
C TYR A 89 -4.34 -3.71 14.45
N ARG A 90 -5.02 -4.60 15.07
CA ARG A 90 -4.49 -5.92 15.24
C ARG A 90 -4.90 -6.78 14.06
N PRO A 91 -3.91 -7.27 13.27
CA PRO A 91 -4.16 -8.10 12.08
C PRO A 91 -5.09 -9.25 12.40
N LYS A 92 -6.02 -9.53 11.53
CA LYS A 92 -6.99 -10.54 11.83
C LYS A 92 -6.44 -11.93 11.52
N ARG A 93 -6.64 -12.86 12.42
CA ARG A 93 -6.19 -14.23 12.21
C ARG A 93 -7.16 -15.00 11.37
N SER A 94 -8.41 -14.60 11.40
CA SER A 94 -9.47 -15.25 10.67
C SER A 94 -9.26 -15.04 9.16
N LEU A 95 -8.52 -14.01 8.83
CA LEU A 95 -8.24 -13.70 7.47
C LEU A 95 -6.78 -13.97 7.14
N GLN A 96 -6.12 -14.80 7.96
CA GLN A 96 -4.67 -15.07 7.82
C GLN A 96 -4.29 -15.54 6.41
N LYS A 97 -5.18 -16.32 5.78
CA LYS A 97 -4.94 -16.81 4.41
C LYS A 97 -4.80 -15.66 3.42
N TYR A 98 -5.47 -14.58 3.70
CA TYR A 98 -5.38 -13.40 2.88
C TYR A 98 -4.05 -12.70 3.13
N TYR A 99 -3.66 -12.60 4.40
CA TYR A 99 -2.40 -11.95 4.79
C TYR A 99 -1.20 -12.68 4.22
N GLU A 100 -1.16 -14.00 4.41
CA GLU A 100 -0.06 -14.81 3.89
C GLU A 100 0.02 -14.71 2.37
N ALA A 101 -1.12 -14.87 1.69
CA ALA A 101 -1.19 -14.81 0.23
C ALA A 101 -0.69 -13.46 -0.29
N VAL A 102 -0.99 -12.41 0.45
CA VAL A 102 -0.56 -11.08 0.11
C VAL A 102 0.95 -10.92 0.29
N LYS A 103 1.44 -11.25 1.48
CA LYS A 103 2.84 -11.01 1.78
C LYS A 103 3.76 -11.87 0.95
N GLU A 104 3.29 -13.02 0.49
CA GLU A 104 4.10 -13.91 -0.37
C GLU A 104 4.60 -13.17 -1.63
N GLU A 105 3.80 -12.21 -2.11
CA GLU A 105 4.14 -11.43 -3.30
C GLU A 105 5.15 -10.34 -2.99
N LEU A 106 5.10 -9.87 -1.78
CA LEU A 106 5.92 -8.75 -1.36
C LEU A 106 7.23 -9.25 -0.81
N ASP A 107 7.15 -10.34 -0.06
CA ASP A 107 8.26 -10.99 0.63
C ASP A 107 9.39 -11.31 -0.31
N ARG A 108 9.06 -11.63 -1.56
CA ARG A 108 10.05 -12.00 -2.58
C ARG A 108 11.09 -10.90 -2.77
N ASP A 109 10.64 -9.66 -2.72
CA ASP A 109 11.50 -8.51 -2.97
C ASP A 109 12.19 -8.09 -1.68
N ILE A 110 11.63 -8.51 -0.58
CA ILE A 110 12.17 -8.16 0.73
C ILE A 110 13.29 -9.12 1.10
N VAL A 111 13.03 -10.40 0.92
CA VAL A 111 13.95 -11.44 1.34
C VAL A 111 15.18 -11.53 0.42
N SER A 112 15.07 -11.02 -0.78
CA SER A 112 16.16 -11.05 -1.70
C SER A 112 16.30 -9.72 -2.41
N LYS A 113 17.52 -9.38 -2.77
CA LYS A 113 17.77 -8.18 -3.54
C LYS A 113 17.58 -8.48 -5.02
N ASN A 114 17.35 -9.74 -5.32
CA ASN A 114 17.10 -10.15 -6.67
C ASN A 114 15.67 -10.62 -6.79
N ASN A 115 14.82 -9.72 -7.17
CA ASN A 115 13.44 -10.04 -7.39
C ASN A 115 13.17 -10.10 -8.87
N ALA A 116 13.32 -11.28 -9.41
CA ALA A 116 13.13 -11.49 -10.81
C ALA A 116 11.70 -11.91 -11.07
N GLU A 117 10.94 -11.01 -11.59
CA GLU A 117 9.57 -11.25 -11.91
C GLU A 117 9.20 -10.48 -13.14
N LYS A 118 8.06 -10.78 -13.69
CA LYS A 118 7.58 -10.10 -14.84
C LYS A 118 6.64 -9.01 -14.39
N GLY B 1 -3.01 -26.20 4.90
CA GLY B 1 -3.83 -26.77 3.85
C GLY B 1 -5.28 -26.71 4.21
N SER B 2 -6.14 -26.56 3.22
CA SER B 2 -7.57 -26.47 3.45
C SER B 2 -8.34 -26.59 2.16
N LYS B 3 -8.85 -27.77 1.88
CA LYS B 3 -9.61 -28.00 0.67
C LYS B 3 -11.09 -28.08 0.93
N SER B 4 -11.50 -27.55 2.05
CA SER B 4 -12.89 -27.37 2.39
C SER B 4 -13.28 -25.91 2.07
N GLN B 5 -12.34 -25.25 1.39
CA GLN B 5 -12.33 -23.84 1.05
C GLN B 5 -12.02 -23.03 2.29
N TYR B 6 -11.07 -22.19 2.15
CA TYR B 6 -10.59 -21.39 3.22
C TYR B 6 -11.37 -20.08 3.36
N ILE B 7 -11.04 -19.08 2.59
CA ILE B 7 -11.72 -17.82 2.66
C ILE B 7 -12.00 -17.42 1.25
N ASP B 8 -13.10 -16.77 1.03
CA ASP B 8 -13.58 -16.50 -0.31
C ASP B 8 -13.19 -15.08 -0.70
N ILE B 9 -12.06 -14.66 -0.23
CA ILE B 9 -11.60 -13.35 -0.56
C ILE B 9 -10.47 -13.48 -1.54
N MET B 10 -9.31 -13.88 -1.01
CA MET B 10 -8.03 -13.93 -1.74
C MET B 10 -7.61 -12.54 -2.25
N PRO B 11 -6.31 -12.29 -2.43
CA PRO B 11 -5.85 -11.01 -2.96
C PRO B 11 -6.08 -10.95 -4.47
N ASP B 12 -6.19 -9.75 -4.99
CA ASP B 12 -6.42 -9.55 -6.40
C ASP B 12 -5.16 -9.04 -7.09
N PHE B 13 -4.56 -8.00 -6.52
CA PHE B 13 -3.31 -7.40 -7.02
C PHE B 13 -3.36 -6.82 -8.45
N SER B 14 -4.47 -6.32 -8.90
CA SER B 14 -4.53 -5.75 -10.23
C SER B 14 -4.54 -4.23 -10.09
N PRO B 15 -4.17 -3.47 -11.12
CA PRO B 15 -4.33 -2.04 -11.10
C PRO B 15 -5.75 -1.66 -11.40
N SER B 16 -6.14 -0.53 -10.96
CA SER B 16 -7.35 -0.02 -11.40
C SER B 16 -7.09 0.77 -12.67
N GLY B 17 -8.11 0.92 -13.39
CA GLY B 17 -8.13 1.66 -14.61
C GLY B 17 -8.44 3.11 -14.33
N LEU B 18 -8.69 3.42 -13.04
CA LEU B 18 -8.88 4.79 -12.63
C LEU B 18 -7.54 5.47 -12.82
N LEU B 19 -6.54 4.70 -12.48
CA LEU B 19 -5.17 5.09 -12.50
C LEU B 19 -4.65 5.56 -13.85
N GLU B 20 -5.18 5.03 -14.94
CA GLU B 20 -4.74 5.46 -16.26
C GLU B 20 -5.49 6.71 -16.72
N LEU B 21 -6.52 7.08 -15.98
CA LEU B 21 -7.32 8.25 -16.33
C LEU B 21 -6.93 9.44 -15.48
N GLU B 22 -6.64 9.17 -14.22
CA GLU B 22 -6.30 10.20 -13.24
C GLU B 22 -4.88 10.73 -13.45
N SER B 23 -4.12 10.02 -14.20
CA SER B 23 -2.78 10.42 -14.53
C SER B 23 -2.80 11.47 -15.65
N GLY C 1 17.57 0.22 -13.52
CA GLY C 1 18.73 -0.04 -12.66
C GLY C 1 18.30 -0.27 -11.23
N SER C 2 19.26 -0.30 -10.32
CA SER C 2 19.01 -0.48 -8.91
C SER C 2 18.44 0.81 -8.33
N TYR C 3 19.13 1.89 -8.57
CA TYR C 3 18.72 3.18 -8.11
C TYR C 3 18.40 4.01 -9.32
N ASP C 4 17.31 4.74 -9.29
CA ASP C 4 17.04 5.66 -10.38
C ASP C 4 17.89 6.86 -10.16
N LYS C 5 17.78 7.45 -9.01
CA LYS C 5 18.69 8.48 -8.60
C LYS C 5 19.84 7.83 -7.88
N PRO C 6 21.07 8.00 -8.39
CA PRO C 6 22.29 7.45 -7.77
C PRO C 6 22.58 8.14 -6.43
N ALA C 7 21.95 9.26 -6.26
CA ALA C 7 22.00 10.02 -5.08
C ALA C 7 20.57 10.39 -4.74
N PRO C 8 19.97 9.72 -3.77
CA PRO C 8 18.60 10.00 -3.35
C PRO C 8 18.49 11.40 -2.74
N GLU C 9 17.89 12.30 -3.51
CA GLU C 9 17.75 13.70 -3.12
C GLU C 9 16.69 13.86 -2.04
N ASN C 10 15.69 12.98 -2.09
CA ASN C 10 14.61 12.97 -1.11
C ASN C 10 15.22 12.73 0.26
N ARG C 11 14.94 13.63 1.20
CA ARG C 11 15.48 13.59 2.57
C ARG C 11 15.14 12.29 3.34
N PHE C 12 14.11 11.59 2.89
CA PHE C 12 13.72 10.33 3.50
C PHE C 12 14.65 9.19 3.05
N ALA C 13 15.49 9.47 2.03
CA ALA C 13 16.50 8.54 1.49
C ALA C 13 15.86 7.30 0.84
N ILE C 14 14.63 7.45 0.39
CA ILE C 14 13.90 6.35 -0.20
C ILE C 14 13.89 6.51 -1.71
N MET C 15 13.93 5.41 -2.42
CA MET C 15 13.77 5.41 -3.86
C MET C 15 12.56 4.56 -4.19
N PRO C 16 11.86 4.86 -5.31
CA PRO C 16 10.67 4.11 -5.74
C PRO C 16 10.88 2.60 -5.76
N GLY C 17 9.90 1.90 -5.24
CA GLY C 17 9.95 0.47 -5.12
C GLY C 17 9.62 -0.24 -6.41
N SER C 18 9.78 -1.53 -6.39
CA SER C 18 9.63 -2.40 -7.54
C SER C 18 8.24 -2.35 -8.19
N ARG C 19 7.20 -2.08 -7.41
CA ARG C 19 5.85 -2.18 -7.95
C ARG C 19 5.31 -0.84 -8.43
N TRP C 20 6.17 0.13 -8.53
CA TRP C 20 5.78 1.39 -9.10
C TRP C 20 6.04 1.32 -10.58
N ASP C 21 4.98 1.10 -11.33
CA ASP C 21 5.03 0.97 -12.80
C ASP C 21 5.67 2.17 -13.46
N GLY C 22 5.20 3.33 -13.11
CA GLY C 22 5.69 4.53 -13.72
C GLY C 22 4.67 5.62 -13.62
N VAL C 23 3.40 5.21 -13.46
CA VAL C 23 2.28 6.14 -13.28
C VAL C 23 2.60 7.11 -12.13
N HIS C 24 2.79 8.35 -12.51
CA HIS C 24 3.24 9.41 -11.65
C HIS C 24 2.35 9.70 -10.44
N ARG C 25 2.99 9.97 -9.35
CA ARG C 25 2.38 10.50 -8.16
C ARG C 25 2.91 11.91 -8.06
N SER C 26 2.15 12.87 -8.50
CA SER C 26 2.65 14.22 -8.58
C SER C 26 2.48 15.01 -7.29
N ASN C 27 3.57 15.11 -6.56
CA ASN C 27 3.70 15.93 -5.38
C ASN C 27 5.20 15.99 -5.08
N GLY C 28 5.60 16.68 -4.04
CA GLY C 28 7.01 16.92 -3.79
C GLY C 28 7.36 18.31 -4.28
N PHE C 29 6.33 19.09 -4.44
CA PHE C 29 6.41 20.46 -4.90
C PHE C 29 6.73 21.44 -3.75
N GLU C 30 6.97 22.69 -4.08
CA GLU C 30 7.28 23.75 -3.08
C GLU C 30 6.15 23.95 -2.05
N GLU C 31 4.93 23.57 -2.40
CA GLU C 31 3.80 23.63 -1.47
C GLU C 31 3.82 22.47 -0.48
N LYS C 32 4.80 21.62 -0.61
CA LYS C 32 5.01 20.50 0.26
C LYS C 32 6.23 20.79 1.12
N TRP C 33 6.08 20.65 2.42
CA TRP C 33 7.17 20.86 3.33
C TRP C 33 8.15 19.69 3.22
N GLY A 1 -7.88 10.53 11.81
CA GLY A 1 -7.49 10.17 13.16
C GLY A 1 -6.49 11.15 13.70
N ALA A 2 -5.21 10.79 13.61
CA ALA A 2 -4.12 11.61 14.12
C ALA A 2 -2.80 10.93 13.76
N MET A 3 -1.75 11.71 13.62
CA MET A 3 -0.43 11.17 13.37
C MET A 3 0.02 10.47 14.63
N GLY A 4 0.07 9.17 14.57
CA GLY A 4 0.34 8.40 15.74
C GLY A 4 -0.88 8.42 16.63
N ASN A 5 -1.93 7.71 16.21
CA ASN A 5 -3.21 7.67 16.92
C ASN A 5 -3.02 7.23 18.35
N GLU A 6 -2.21 6.23 18.54
CA GLU A 6 -1.86 5.81 19.86
C GLU A 6 -0.57 6.51 20.23
N TYR A 7 0.48 6.15 19.53
CA TYR A 7 1.78 6.76 19.68
C TYR A 7 2.45 6.76 18.32
N LYS A 8 3.62 7.35 18.24
CA LYS A 8 4.35 7.46 16.97
C LYS A 8 4.70 6.08 16.37
N ASP A 9 4.66 5.03 17.18
CA ASP A 9 5.05 3.70 16.73
C ASP A 9 3.94 2.99 15.94
N ASN A 10 2.88 3.72 15.59
CA ASN A 10 1.85 3.16 14.72
C ASN A 10 2.35 3.13 13.29
N ALA A 11 2.84 1.97 12.88
CA ALA A 11 3.42 1.78 11.55
C ALA A 11 2.36 1.52 10.48
N TYR A 12 1.15 1.30 10.91
CA TYR A 12 0.07 1.06 9.97
C TYR A 12 -0.61 2.35 9.61
N ILE A 13 -0.70 2.58 8.35
CA ILE A 13 -1.37 3.72 7.87
C ILE A 13 -2.73 3.35 7.33
N TYR A 14 -3.68 4.11 7.74
CA TYR A 14 -5.04 3.98 7.33
C TYR A 14 -5.21 4.64 6.00
N ILE A 15 -5.76 3.91 5.08
CA ILE A 15 -6.04 4.46 3.79
C ILE A 15 -7.56 4.49 3.66
N GLY A 16 -8.10 5.64 3.69
CA GLY A 16 -9.52 5.78 3.67
C GLY A 16 -10.01 6.34 2.38
N ASN A 17 -11.28 6.09 2.13
CA ASN A 17 -12.02 6.56 0.96
C ASN A 17 -11.44 5.97 -0.31
N LEU A 18 -11.85 4.80 -0.66
CA LEU A 18 -11.45 4.21 -1.91
C LEU A 18 -12.65 3.89 -2.75
N ASN A 19 -12.40 3.69 -4.00
CA ASN A 19 -13.42 3.41 -4.98
C ASN A 19 -13.39 1.92 -5.20
N ARG A 20 -14.54 1.31 -5.37
CA ARG A 20 -14.75 -0.17 -5.37
C ARG A 20 -13.75 -0.95 -6.28
N GLU A 21 -13.47 -0.41 -7.44
CA GLU A 21 -12.56 -1.05 -8.41
C GLU A 21 -11.09 -1.08 -7.97
N LEU A 22 -10.73 -0.30 -6.97
CA LEU A 22 -9.38 -0.26 -6.46
C LEU A 22 -9.09 -1.47 -5.56
N THR A 23 -8.12 -2.25 -5.98
CA THR A 23 -7.65 -3.42 -5.25
C THR A 23 -6.22 -3.17 -4.70
N GLU A 24 -5.73 -4.10 -3.87
CA GLU A 24 -4.40 -4.04 -3.22
C GLU A 24 -3.29 -3.76 -4.24
N GLY A 25 -3.39 -4.38 -5.41
CA GLY A 25 -2.36 -4.22 -6.44
C GLY A 25 -2.28 -2.80 -6.97
N ASP A 26 -3.39 -2.12 -6.97
CA ASP A 26 -3.49 -0.75 -7.44
C ASP A 26 -2.79 0.14 -6.44
N ILE A 27 -3.10 -0.12 -5.19
CA ILE A 27 -2.53 0.56 -4.05
C ILE A 27 -1.00 0.37 -4.04
N LEU A 28 -0.55 -0.85 -4.34
CA LEU A 28 0.87 -1.14 -4.44
C LEU A 28 1.51 -0.33 -5.55
N THR A 29 0.83 -0.23 -6.65
CA THR A 29 1.30 0.52 -7.80
C THR A 29 1.56 2.00 -7.42
N VAL A 30 0.73 2.54 -6.56
CA VAL A 30 0.89 3.91 -6.10
C VAL A 30 1.97 4.00 -4.99
N PHE A 31 1.79 3.24 -3.93
CA PHE A 31 2.62 3.33 -2.72
C PHE A 31 4.06 2.81 -2.86
N SER A 32 4.34 1.91 -3.81
CA SER A 32 5.70 1.33 -3.96
C SER A 32 6.78 2.35 -4.35
N GLU A 33 6.37 3.55 -4.66
CA GLU A 33 7.30 4.61 -5.02
C GLU A 33 8.07 5.11 -3.78
N TYR A 34 7.43 5.10 -2.63
CA TYR A 34 8.02 5.65 -1.41
C TYR A 34 8.71 4.57 -0.60
N GLY A 35 8.69 3.39 -1.09
CA GLY A 35 9.30 2.29 -0.42
C GLY A 35 8.52 1.07 -0.69
N VAL A 36 8.78 0.04 0.03
CA VAL A 36 8.12 -1.20 -0.21
C VAL A 36 7.02 -1.41 0.82
N PRO A 37 5.77 -1.51 0.38
CA PRO A 37 4.67 -1.87 1.24
C PRO A 37 4.82 -3.34 1.62
N VAL A 38 5.34 -3.57 2.80
CA VAL A 38 5.64 -4.92 3.25
C VAL A 38 4.41 -5.59 3.78
N ASP A 39 3.40 -4.80 4.07
CA ASP A 39 2.16 -5.33 4.55
C ASP A 39 1.07 -4.41 4.05
N VAL A 40 0.11 -4.94 3.35
CA VAL A 40 -0.99 -4.14 2.85
C VAL A 40 -2.23 -4.98 2.87
N ILE A 41 -3.30 -4.40 3.26
CA ILE A 41 -4.56 -5.08 3.30
C ILE A 41 -5.66 -4.16 2.91
N LEU A 42 -6.44 -4.60 1.98
CA LEU A 42 -7.56 -3.87 1.52
C LEU A 42 -8.73 -4.45 2.26
N SER A 43 -9.52 -3.62 2.88
CA SER A 43 -10.63 -4.09 3.64
C SER A 43 -11.71 -4.53 2.67
N ARG A 44 -11.73 -5.79 2.38
CA ARG A 44 -12.69 -6.36 1.51
C ARG A 44 -13.43 -7.48 2.22
N ASP A 45 -14.74 -7.48 2.04
CA ASP A 45 -15.66 -8.37 2.79
C ASP A 45 -15.34 -9.87 2.67
N GLU A 46 -15.55 -10.60 3.76
CA GLU A 46 -15.22 -12.03 3.85
C GLU A 46 -16.16 -12.92 2.99
N ASN A 47 -17.33 -12.43 2.70
CA ASN A 47 -18.34 -13.22 2.01
C ASN A 47 -18.23 -13.05 0.52
N THR A 48 -18.28 -11.81 0.09
CA THR A 48 -18.35 -11.49 -1.33
C THR A 48 -17.01 -10.94 -1.87
N GLY A 49 -16.13 -10.52 -0.98
CA GLY A 49 -14.82 -10.03 -1.38
C GLY A 49 -14.84 -8.64 -1.99
N GLU A 50 -15.89 -7.88 -1.72
CA GLU A 50 -16.01 -6.55 -2.29
C GLU A 50 -15.16 -5.56 -1.50
N SER A 51 -14.54 -4.66 -2.21
CA SER A 51 -13.72 -3.62 -1.63
C SER A 51 -14.59 -2.66 -0.83
N GLN A 52 -14.42 -2.60 0.47
CA GLN A 52 -15.24 -1.75 1.34
C GLN A 52 -14.87 -0.27 1.18
N GLY A 53 -13.81 -0.01 0.44
CA GLY A 53 -13.39 1.34 0.22
C GLY A 53 -12.43 1.83 1.28
N PHE A 54 -11.81 0.92 1.98
CA PHE A 54 -10.84 1.24 3.03
C PHE A 54 -9.69 0.28 2.95
N ALA A 55 -8.52 0.72 3.28
CA ALA A 55 -7.35 -0.13 3.28
C ALA A 55 -6.42 0.26 4.40
N TYR A 56 -5.46 -0.58 4.66
CA TYR A 56 -4.46 -0.36 5.67
C TYR A 56 -3.14 -0.78 5.04
N LEU A 57 -2.09 -0.07 5.27
CA LEU A 57 -0.81 -0.42 4.69
C LEU A 57 0.31 -0.12 5.67
N LYS A 58 1.39 -0.85 5.56
CA LYS A 58 2.56 -0.66 6.37
C LYS A 58 3.79 -0.78 5.47
N TYR A 59 4.64 0.22 5.51
CA TYR A 59 5.90 0.17 4.76
C TYR A 59 6.92 -0.62 5.53
N GLU A 60 8.10 -0.75 4.97
CA GLU A 60 9.17 -1.50 5.60
C GLU A 60 9.69 -0.75 6.82
N ASP A 61 9.52 0.54 6.83
CA ASP A 61 9.90 1.37 7.94
C ASP A 61 8.89 2.49 8.09
N GLN A 62 8.89 3.19 9.19
CA GLN A 62 7.92 4.24 9.39
C GLN A 62 8.31 5.53 8.68
N ARG A 63 9.53 5.65 8.24
CA ARG A 63 10.00 6.88 7.58
C ARG A 63 9.23 7.10 6.25
N SER A 64 9.05 6.03 5.53
CA SER A 64 8.39 6.05 4.23
C SER A 64 6.89 6.16 4.45
N THR A 65 6.50 5.61 5.56
CA THR A 65 5.17 5.61 6.06
C THR A 65 4.68 7.08 6.34
N ILE A 66 5.52 7.86 7.03
CA ILE A 66 5.19 9.26 7.34
C ILE A 66 5.16 10.07 6.05
N LEU A 67 6.10 9.79 5.17
CA LEU A 67 6.16 10.48 3.91
C LEU A 67 4.89 10.23 3.10
N ALA A 68 4.42 8.98 3.09
CA ALA A 68 3.22 8.60 2.38
C ALA A 68 1.99 9.37 2.87
N VAL A 69 1.78 9.42 4.19
CA VAL A 69 0.61 10.10 4.74
C VAL A 69 0.57 11.60 4.41
N ASP A 70 1.70 12.26 4.51
CA ASP A 70 1.76 13.69 4.23
C ASP A 70 1.67 13.99 2.73
N ASN A 71 2.26 13.12 1.93
CA ASN A 71 2.41 13.38 0.49
C ASN A 71 1.25 12.88 -0.35
N LEU A 72 0.79 11.67 -0.09
CA LEU A 72 -0.25 11.08 -0.91
C LEU A 72 -1.65 11.51 -0.53
N ASN A 73 -1.83 12.09 0.64
CA ASN A 73 -3.17 12.49 1.05
C ASN A 73 -3.70 13.57 0.13
N GLY A 74 -4.79 13.28 -0.53
CA GLY A 74 -5.35 14.21 -1.47
C GLY A 74 -5.01 13.83 -2.91
N PHE A 75 -4.35 12.68 -3.08
CA PHE A 75 -4.01 12.18 -4.41
C PHE A 75 -5.29 11.72 -5.10
N LYS A 76 -5.59 12.31 -6.22
CA LYS A 76 -6.83 12.11 -6.93
C LYS A 76 -6.78 10.87 -7.84
N ILE A 77 -7.66 9.91 -7.55
CA ILE A 77 -7.77 8.68 -8.31
C ILE A 77 -9.27 8.36 -8.54
N GLY A 78 -9.75 8.65 -9.73
CA GLY A 78 -11.09 8.28 -10.11
C GLY A 78 -12.17 9.08 -9.41
N GLY A 79 -12.10 10.40 -9.52
CA GLY A 79 -13.13 11.28 -8.99
C GLY A 79 -13.04 11.49 -7.49
N ARG A 80 -12.15 10.80 -6.86
CA ARG A 80 -11.97 10.89 -5.42
C ARG A 80 -10.50 10.86 -5.07
N ALA A 81 -10.18 11.20 -3.87
CA ALA A 81 -8.84 11.20 -3.39
C ALA A 81 -8.73 10.24 -2.23
N LEU A 82 -7.54 9.73 -1.98
CA LEU A 82 -7.35 8.87 -0.84
C LEU A 82 -6.87 9.60 0.39
N LYS A 83 -7.28 9.09 1.52
CA LYS A 83 -6.98 9.61 2.82
C LYS A 83 -5.99 8.69 3.49
N ILE A 84 -4.97 9.23 4.11
CA ILE A 84 -4.05 8.42 4.87
C ILE A 84 -4.00 8.98 6.29
N ASP A 85 -3.81 8.12 7.26
CA ASP A 85 -3.71 8.50 8.67
C ASP A 85 -2.96 7.37 9.39
N HIS A 86 -2.69 7.46 10.67
CA HIS A 86 -1.98 6.38 11.38
C HIS A 86 -2.93 5.58 12.26
N THR A 87 -2.92 4.28 12.10
CA THR A 87 -3.83 3.42 12.79
C THR A 87 -3.11 2.14 13.24
N PHE A 88 -3.67 1.42 14.18
CA PHE A 88 -3.10 0.17 14.59
C PHE A 88 -4.25 -0.76 14.95
N TYR A 89 -4.18 -2.00 14.50
CA TYR A 89 -5.18 -2.98 14.80
C TYR A 89 -4.51 -4.33 14.82
N ARG A 90 -5.13 -5.29 15.43
CA ARG A 90 -4.63 -6.65 15.40
C ARG A 90 -5.25 -7.38 14.23
N PRO A 91 -4.42 -7.92 13.31
CA PRO A 91 -4.90 -8.69 12.16
C PRO A 91 -5.59 -9.97 12.63
N LYS A 92 -6.60 -10.40 11.89
CA LYS A 92 -7.37 -11.58 12.29
C LYS A 92 -6.62 -12.85 11.95
N ARG A 93 -6.61 -13.83 12.85
CA ARG A 93 -5.90 -15.07 12.60
C ARG A 93 -6.72 -15.99 11.73
N SER A 94 -8.03 -15.86 11.80
CA SER A 94 -8.90 -16.67 10.98
C SER A 94 -8.82 -16.22 9.53
N LEU A 95 -8.34 -15.03 9.35
CA LEU A 95 -8.27 -14.46 8.05
C LEU A 95 -6.81 -14.47 7.59
N GLN A 96 -5.97 -15.25 8.32
CA GLN A 96 -4.52 -15.32 8.10
C GLN A 96 -4.19 -15.62 6.65
N LYS A 97 -5.02 -16.44 6.00
CA LYS A 97 -4.77 -16.86 4.63
C LYS A 97 -4.76 -15.70 3.67
N TYR A 98 -5.53 -14.68 3.97
CA TYR A 98 -5.55 -13.50 3.14
C TYR A 98 -4.24 -12.73 3.35
N TYR A 99 -3.86 -12.59 4.61
CA TYR A 99 -2.65 -11.85 5.00
C TYR A 99 -1.39 -12.49 4.44
N GLU A 100 -1.26 -13.79 4.63
CA GLU A 100 -0.10 -14.51 4.15
C GLU A 100 -0.04 -14.52 2.63
N ALA A 101 -1.20 -14.71 1.97
CA ALA A 101 -1.25 -14.69 0.51
C ALA A 101 -0.87 -13.32 -0.02
N VAL A 102 -1.20 -12.30 0.75
CA VAL A 102 -0.81 -10.94 0.44
C VAL A 102 0.69 -10.77 0.52
N LYS A 103 1.29 -11.16 1.67
CA LYS A 103 2.71 -10.95 1.87
C LYS A 103 3.52 -11.77 0.89
N GLU A 104 2.96 -12.88 0.38
CA GLU A 104 3.61 -13.69 -0.65
C GLU A 104 4.05 -12.82 -1.81
N GLU A 105 3.21 -11.88 -2.18
CA GLU A 105 3.46 -10.96 -3.26
C GLU A 105 4.37 -9.82 -2.86
N LEU A 106 4.15 -9.34 -1.67
CA LEU A 106 4.88 -8.18 -1.18
C LEU A 106 6.32 -8.56 -0.94
N ASP A 107 6.50 -9.74 -0.38
CA ASP A 107 7.81 -10.29 -0.08
C ASP A 107 8.64 -10.44 -1.34
N ARG A 108 7.96 -10.58 -2.50
CA ARG A 108 8.66 -10.71 -3.79
C ARG A 108 9.33 -9.41 -4.20
N ASP A 109 8.85 -8.31 -3.66
CA ASP A 109 9.43 -7.01 -3.99
C ASP A 109 10.53 -6.70 -2.98
N ILE A 110 10.36 -7.25 -1.78
CA ILE A 110 11.30 -7.05 -0.67
C ILE A 110 12.54 -7.91 -0.85
N VAL A 111 12.33 -9.21 -0.95
CA VAL A 111 13.41 -10.18 -1.00
C VAL A 111 14.24 -10.02 -2.27
N SER A 112 15.51 -10.14 -2.14
CA SER A 112 16.37 -10.12 -3.29
C SER A 112 16.48 -11.56 -3.78
N LYS A 113 16.63 -11.75 -5.05
CA LYS A 113 16.69 -13.07 -5.59
C LYS A 113 18.13 -13.58 -5.50
N ASN A 114 18.40 -14.25 -4.42
CA ASN A 114 19.72 -14.75 -4.12
C ASN A 114 19.72 -16.26 -4.22
N ASN A 115 19.18 -16.91 -3.22
CA ASN A 115 19.17 -18.35 -3.16
C ASN A 115 17.86 -18.84 -2.61
N ALA A 116 17.00 -19.28 -3.49
CA ALA A 116 15.74 -19.85 -3.08
C ALA A 116 15.91 -21.35 -2.94
N GLU A 117 16.74 -21.73 -1.98
CA GLU A 117 17.05 -23.12 -1.71
C GLU A 117 15.83 -23.81 -1.15
N LYS A 118 15.19 -23.16 -0.24
CA LYS A 118 14.03 -23.69 0.41
C LYS A 118 12.83 -22.88 0.01
N GLY B 1 -10.29 -28.79 9.17
CA GLY B 1 -9.60 -27.93 8.23
C GLY B 1 -10.40 -27.79 6.97
N SER B 2 -9.90 -27.03 6.03
CA SER B 2 -10.59 -26.81 4.80
C SER B 2 -9.62 -27.06 3.64
N LYS B 3 -10.10 -27.74 2.61
CA LYS B 3 -9.27 -28.09 1.49
C LYS B 3 -9.66 -27.32 0.23
N SER B 4 -10.97 -27.27 -0.03
CA SER B 4 -11.54 -26.65 -1.24
C SER B 4 -10.99 -25.23 -1.44
N GLN B 5 -11.09 -24.45 -0.41
CA GLN B 5 -10.62 -23.11 -0.39
C GLN B 5 -10.37 -22.81 1.04
N TYR B 6 -9.94 -21.64 1.35
CA TYR B 6 -9.66 -21.32 2.69
C TYR B 6 -10.63 -20.25 3.12
N ILE B 7 -10.48 -19.09 2.51
CA ILE B 7 -11.35 -17.97 2.71
C ILE B 7 -11.67 -17.52 1.30
N ASP B 8 -12.87 -17.15 1.03
CA ASP B 8 -13.32 -16.90 -0.33
C ASP B 8 -12.92 -15.53 -0.82
N ILE B 9 -12.19 -14.80 -0.03
CA ILE B 9 -11.81 -13.47 -0.43
C ILE B 9 -10.63 -13.57 -1.37
N MET B 10 -9.47 -13.91 -0.78
CA MET B 10 -8.17 -13.98 -1.47
C MET B 10 -7.75 -12.62 -2.09
N PRO B 11 -6.48 -12.26 -2.01
CA PRO B 11 -5.99 -11.02 -2.61
C PRO B 11 -5.95 -11.11 -4.14
N ASP B 12 -6.19 -10.01 -4.80
CA ASP B 12 -6.27 -10.00 -6.26
C ASP B 12 -4.97 -9.53 -6.87
N PHE B 13 -4.58 -8.32 -6.51
CA PHE B 13 -3.38 -7.66 -7.01
C PHE B 13 -3.41 -7.39 -8.51
N SER B 14 -4.05 -6.32 -8.89
CA SER B 14 -4.10 -5.84 -10.25
C SER B 14 -4.21 -4.33 -10.14
N PRO B 15 -3.86 -3.55 -11.17
CA PRO B 15 -4.11 -2.12 -11.14
C PRO B 15 -5.54 -1.84 -11.45
N SER B 16 -5.97 -0.67 -11.18
CA SER B 16 -7.19 -0.27 -11.69
C SER B 16 -6.93 0.38 -13.03
N GLY B 17 -7.94 0.68 -13.68
CA GLY B 17 -7.90 1.34 -14.94
C GLY B 17 -8.13 2.82 -14.72
N LEU B 18 -8.42 3.18 -13.48
CA LEU B 18 -8.60 4.59 -13.13
C LEU B 18 -7.22 5.18 -13.11
N LEU B 19 -6.36 4.45 -12.42
CA LEU B 19 -4.99 4.78 -12.10
C LEU B 19 -4.24 5.40 -13.30
N GLU B 20 -4.24 4.68 -14.41
CA GLU B 20 -3.51 5.06 -15.62
C GLU B 20 -3.96 6.42 -16.17
N LEU B 21 -5.20 6.77 -15.94
CA LEU B 21 -5.77 7.99 -16.48
C LEU B 21 -5.45 9.15 -15.56
N GLU B 22 -5.27 8.84 -14.30
CA GLU B 22 -5.12 9.84 -13.26
C GLU B 22 -3.66 10.30 -13.12
N SER B 23 -2.77 9.53 -13.66
CA SER B 23 -1.37 9.86 -13.66
C SER B 23 -1.09 10.84 -14.81
N GLY C 1 14.95 -3.20 -13.76
CA GLY C 1 14.78 -1.81 -13.32
C GLY C 1 14.73 -1.74 -11.83
N SER C 2 15.10 -0.61 -11.31
CA SER C 2 15.11 -0.39 -9.90
C SER C 2 15.07 1.11 -9.64
N TYR C 3 15.94 1.84 -10.28
CA TYR C 3 16.00 3.27 -10.11
C TYR C 3 15.39 3.95 -11.32
N ASP C 4 14.24 4.54 -11.16
CA ASP C 4 13.65 5.36 -12.23
C ASP C 4 14.44 6.63 -12.29
N LYS C 5 14.52 7.28 -11.16
CA LYS C 5 15.30 8.46 -11.00
C LYS C 5 16.69 8.06 -10.56
N PRO C 6 17.72 8.47 -11.31
CA PRO C 6 19.11 8.18 -10.95
C PRO C 6 19.50 8.97 -9.71
N ALA C 7 18.85 10.07 -9.53
CA ALA C 7 19.06 10.91 -8.41
C ALA C 7 17.82 10.82 -7.54
N PRO C 8 17.97 10.44 -6.26
CA PRO C 8 16.85 10.28 -5.38
C PRO C 8 16.20 11.61 -4.95
N GLU C 9 15.24 12.05 -5.74
CA GLU C 9 14.51 13.28 -5.47
C GLU C 9 13.15 13.00 -4.86
N ASN C 10 12.98 11.83 -4.29
CA ASN C 10 11.71 11.41 -3.65
C ASN C 10 11.54 11.97 -2.24
N ARG C 11 12.01 13.21 -2.05
CA ARG C 11 11.89 14.00 -0.81
C ARG C 11 12.70 13.45 0.39
N PHE C 12 12.60 12.17 0.66
CA PHE C 12 13.36 11.54 1.74
C PHE C 12 14.50 10.70 1.18
N ALA C 13 14.86 10.97 -0.09
CA ALA C 13 15.95 10.27 -0.81
C ALA C 13 15.73 8.75 -0.92
N ILE C 14 14.48 8.34 -0.93
CA ILE C 14 14.12 6.93 -1.02
C ILE C 14 14.06 6.52 -2.46
N MET C 15 14.45 5.29 -2.75
CA MET C 15 14.32 4.75 -4.08
C MET C 15 13.20 3.71 -4.10
N PRO C 16 12.35 3.75 -5.15
CA PRO C 16 11.13 2.92 -5.26
C PRO C 16 11.37 1.41 -5.33
N GLY C 17 10.30 0.66 -5.20
CA GLY C 17 10.34 -0.78 -5.33
C GLY C 17 10.18 -1.19 -6.80
N SER C 18 9.64 -2.35 -7.06
CA SER C 18 9.49 -2.78 -8.43
C SER C 18 8.03 -2.75 -8.89
N ARG C 19 7.08 -2.83 -7.95
CA ARG C 19 5.66 -2.82 -8.34
C ARG C 19 5.19 -1.44 -8.81
N TRP C 20 6.01 -0.43 -8.57
CA TRP C 20 5.71 0.91 -9.05
C TRP C 20 6.11 0.97 -10.52
N ASP C 21 5.10 0.93 -11.37
CA ASP C 21 5.29 0.92 -12.83
C ASP C 21 5.96 2.20 -13.31
N GLY C 22 5.51 3.30 -12.80
CA GLY C 22 6.03 4.57 -13.19
C GLY C 22 4.93 5.57 -13.17
N VAL C 23 4.25 5.61 -12.07
CA VAL C 23 3.11 6.48 -11.91
C VAL C 23 3.57 7.76 -11.26
N HIS C 24 3.59 8.81 -12.03
CA HIS C 24 4.02 10.11 -11.58
C HIS C 24 3.07 10.64 -10.52
N ARG C 25 3.59 11.44 -9.63
CA ARG C 25 2.79 12.01 -8.60
C ARG C 25 2.06 13.24 -9.07
N SER C 26 0.82 13.07 -9.40
CA SER C 26 0.00 14.18 -9.71
C SER C 26 -0.58 14.71 -8.40
N ASN C 27 0.17 15.61 -7.79
CA ASN C 27 -0.10 16.25 -6.51
C ASN C 27 1.12 17.14 -6.29
N GLY C 28 1.24 17.72 -5.14
CA GLY C 28 2.36 18.57 -4.85
C GLY C 28 1.90 19.94 -4.52
N PHE C 29 0.92 20.41 -5.24
CA PHE C 29 0.37 21.71 -4.99
C PHE C 29 -0.77 21.63 -4.01
N GLU C 30 -0.45 21.88 -2.78
CA GLU C 30 -1.44 22.06 -1.78
C GLU C 30 -1.73 23.56 -1.66
N GLU C 31 -0.73 24.26 -1.19
CA GLU C 31 -0.78 25.69 -0.95
C GLU C 31 -0.15 26.48 -2.11
N LYS C 32 0.97 25.98 -2.56
CA LYS C 32 1.77 26.53 -3.64
C LYS C 32 2.79 25.44 -3.89
N TRP C 33 3.62 25.57 -4.88
CA TRP C 33 4.60 24.58 -5.14
C TRP C 33 5.99 25.19 -5.05
N GLY A 1 0.40 17.28 3.37
CA GLY A 1 -0.95 16.73 3.49
C GLY A 1 -1.36 16.56 4.94
N ALA A 2 -0.90 17.51 5.78
CA ALA A 2 -1.11 17.47 7.23
C ALA A 2 -0.58 16.17 7.81
N MET A 3 0.71 16.13 7.96
CA MET A 3 1.43 14.97 8.45
C MET A 3 1.08 14.69 9.91
N GLY A 4 0.89 13.43 10.21
CA GLY A 4 0.53 13.04 11.56
C GLY A 4 1.70 12.50 12.33
N ASN A 5 2.49 13.39 12.91
CA ASN A 5 3.67 12.99 13.71
C ASN A 5 3.22 12.55 15.08
N GLU A 6 1.93 12.67 15.30
CA GLU A 6 1.29 12.35 16.56
C GLU A 6 1.40 10.86 16.86
N TYR A 7 1.40 10.07 15.81
CA TYR A 7 1.38 8.64 15.93
C TYR A 7 2.80 8.08 16.03
N LYS A 8 3.00 7.13 16.92
CA LYS A 8 4.32 6.50 17.10
C LYS A 8 4.29 5.02 16.79
N ASP A 9 3.34 4.31 17.40
CA ASP A 9 3.25 2.82 17.27
C ASP A 9 2.57 2.42 15.99
N ASN A 10 2.42 3.36 15.12
CA ASN A 10 1.64 3.19 13.94
C ASN A 10 2.50 3.16 12.70
N ALA A 11 2.85 1.96 12.29
CA ALA A 11 3.57 1.79 11.03
C ALA A 11 2.56 1.50 9.93
N TYR A 12 1.35 1.13 10.36
CA TYR A 12 0.25 0.89 9.46
C TYR A 12 -0.42 2.19 9.12
N ILE A 13 -0.85 2.29 7.93
CA ILE A 13 -1.55 3.43 7.48
C ILE A 13 -2.91 3.07 6.97
N TYR A 14 -3.85 3.84 7.42
CA TYR A 14 -5.22 3.77 7.04
C TYR A 14 -5.36 4.46 5.73
N ILE A 15 -5.81 3.73 4.77
CA ILE A 15 -6.06 4.27 3.48
C ILE A 15 -7.56 4.26 3.32
N GLY A 16 -8.15 5.40 3.29
CA GLY A 16 -9.58 5.47 3.21
C GLY A 16 -10.05 6.30 2.08
N ASN A 17 -11.35 6.20 1.81
CA ASN A 17 -12.04 6.96 0.77
C ASN A 17 -11.56 6.49 -0.62
N LEU A 18 -11.37 5.18 -0.73
CA LEU A 18 -10.95 4.53 -1.96
C LEU A 18 -12.15 4.09 -2.78
N ASN A 19 -11.91 3.84 -4.04
CA ASN A 19 -12.90 3.32 -4.95
C ASN A 19 -12.90 1.81 -4.82
N ARG A 20 -13.98 1.16 -5.18
CA ARG A 20 -14.05 -0.30 -5.06
C ARG A 20 -13.26 -0.98 -6.16
N GLU A 21 -13.05 -0.26 -7.23
CA GLU A 21 -12.24 -0.76 -8.34
C GLU A 21 -10.75 -0.70 -8.03
N LEU A 22 -10.40 -0.10 -6.91
CA LEU A 22 -9.03 -0.08 -6.49
C LEU A 22 -8.78 -1.32 -5.63
N THR A 23 -7.89 -2.14 -6.08
CA THR A 23 -7.50 -3.35 -5.41
C THR A 23 -6.07 -3.19 -4.88
N GLU A 24 -5.61 -4.17 -4.11
CA GLU A 24 -4.29 -4.19 -3.47
C GLU A 24 -3.19 -3.87 -4.48
N GLY A 25 -3.30 -4.45 -5.67
CA GLY A 25 -2.31 -4.25 -6.72
C GLY A 25 -2.23 -2.82 -7.20
N ASP A 26 -3.36 -2.15 -7.14
CA ASP A 26 -3.45 -0.76 -7.58
C ASP A 26 -2.84 0.10 -6.51
N ILE A 27 -3.22 -0.20 -5.28
CA ILE A 27 -2.70 0.46 -4.09
C ILE A 27 -1.17 0.33 -4.05
N LEU A 28 -0.67 -0.84 -4.45
CA LEU A 28 0.77 -1.06 -4.56
C LEU A 28 1.36 -0.11 -5.58
N THR A 29 0.71 0.02 -6.71
CA THR A 29 1.15 0.90 -7.79
C THR A 29 1.24 2.37 -7.30
N VAL A 30 0.37 2.72 -6.38
CA VAL A 30 0.35 4.04 -5.80
C VAL A 30 1.42 4.18 -4.70
N PHE A 31 1.40 3.30 -3.73
CA PHE A 31 2.25 3.41 -2.54
C PHE A 31 3.71 3.00 -2.76
N SER A 32 4.02 2.41 -3.89
CA SER A 32 5.40 2.04 -4.20
C SER A 32 6.24 3.29 -4.51
N GLU A 33 5.54 4.42 -4.62
CA GLU A 33 6.08 5.74 -4.88
C GLU A 33 7.25 6.07 -3.93
N TYR A 34 7.05 5.83 -2.65
CA TYR A 34 8.03 6.26 -1.65
C TYR A 34 8.86 5.11 -1.13
N GLY A 35 8.50 3.92 -1.45
CA GLY A 35 9.22 2.79 -0.96
C GLY A 35 8.57 1.51 -1.31
N VAL A 36 8.94 0.46 -0.62
CA VAL A 36 8.43 -0.85 -0.88
C VAL A 36 7.28 -1.15 0.07
N PRO A 37 6.07 -1.41 -0.47
CA PRO A 37 4.94 -1.84 0.35
C PRO A 37 5.18 -3.27 0.84
N VAL A 38 5.45 -3.37 2.10
CA VAL A 38 5.84 -4.60 2.74
C VAL A 38 4.64 -5.45 3.12
N ASP A 39 3.61 -4.82 3.53
CA ASP A 39 2.42 -5.50 3.96
C ASP A 39 1.26 -4.59 3.67
N VAL A 40 0.30 -5.09 2.95
CA VAL A 40 -0.87 -4.33 2.56
C VAL A 40 -2.06 -5.23 2.60
N ILE A 41 -3.16 -4.68 2.98
CA ILE A 41 -4.40 -5.39 3.06
C ILE A 41 -5.52 -4.47 2.68
N LEU A 42 -6.31 -4.90 1.75
CA LEU A 42 -7.44 -4.14 1.32
C LEU A 42 -8.62 -4.65 2.10
N SER A 43 -9.31 -3.74 2.77
CA SER A 43 -10.41 -4.13 3.57
C SER A 43 -11.61 -4.40 2.68
N ARG A 44 -11.78 -5.65 2.41
CA ARG A 44 -12.86 -6.13 1.64
C ARG A 44 -13.65 -7.10 2.47
N ASP A 45 -14.91 -7.28 2.13
CA ASP A 45 -15.81 -8.19 2.84
C ASP A 45 -15.31 -9.63 2.77
N GLU A 46 -15.54 -10.39 3.81
CA GLU A 46 -15.07 -11.76 3.90
C GLU A 46 -15.92 -12.74 3.08
N ASN A 47 -17.14 -12.36 2.80
CA ASN A 47 -18.09 -13.26 2.19
C ASN A 47 -18.12 -13.12 0.69
N THR A 48 -18.26 -11.91 0.23
CA THR A 48 -18.35 -11.66 -1.20
C THR A 48 -17.02 -11.10 -1.72
N GLY A 49 -16.23 -10.55 -0.82
CA GLY A 49 -14.94 -10.00 -1.19
C GLY A 49 -15.05 -8.62 -1.79
N GLU A 50 -16.12 -7.91 -1.49
CA GLU A 50 -16.32 -6.59 -2.05
C GLU A 50 -15.48 -5.56 -1.30
N SER A 51 -14.92 -4.63 -2.02
CA SER A 51 -14.07 -3.63 -1.45
C SER A 51 -14.89 -2.66 -0.62
N GLN A 52 -14.48 -2.43 0.59
CA GLN A 52 -15.19 -1.52 1.45
C GLN A 52 -14.72 -0.09 1.20
N GLY A 53 -13.64 0.06 0.44
CA GLY A 53 -13.10 1.36 0.13
C GLY A 53 -12.10 1.84 1.16
N PHE A 54 -11.59 0.89 1.93
CA PHE A 54 -10.63 1.17 2.96
C PHE A 54 -9.54 0.13 2.89
N ALA A 55 -8.34 0.49 3.23
CA ALA A 55 -7.22 -0.43 3.22
C ALA A 55 -6.23 -0.05 4.29
N TYR A 56 -5.27 -0.90 4.53
CA TYR A 56 -4.21 -0.65 5.46
C TYR A 56 -2.92 -1.08 4.79
N LEU A 57 -1.84 -0.38 5.02
CA LEU A 57 -0.58 -0.73 4.42
C LEU A 57 0.55 -0.35 5.38
N LYS A 58 1.68 -0.98 5.22
CA LYS A 58 2.88 -0.62 5.96
C LYS A 58 4.10 -0.84 5.08
N TYR A 59 5.00 0.09 5.12
CA TYR A 59 6.28 -0.03 4.45
C TYR A 59 7.26 -0.73 5.36
N GLU A 60 8.48 -0.90 4.86
CA GLU A 60 9.55 -1.51 5.62
C GLU A 60 9.97 -0.52 6.69
N ASP A 61 10.33 0.66 6.24
CA ASP A 61 10.70 1.73 7.13
C ASP A 61 9.52 2.66 7.35
N GLN A 62 9.28 2.96 8.60
CA GLN A 62 8.16 3.77 9.06
C GLN A 62 8.22 5.23 8.56
N ARG A 63 9.38 5.69 8.14
CA ARG A 63 9.48 7.05 7.61
C ARG A 63 8.89 7.14 6.22
N SER A 64 8.78 6.02 5.55
CA SER A 64 8.24 6.00 4.21
C SER A 64 6.71 5.96 4.36
N THR A 65 6.31 5.38 5.45
CA THR A 65 4.96 5.36 5.91
C THR A 65 4.47 6.83 6.13
N ILE A 66 5.34 7.65 6.72
CA ILE A 66 5.06 9.05 6.96
C ILE A 66 4.95 9.80 5.61
N LEU A 67 5.78 9.40 4.66
CA LEU A 67 5.75 9.99 3.33
C LEU A 67 4.40 9.78 2.67
N ALA A 68 3.84 8.62 2.87
CA ALA A 68 2.54 8.32 2.32
C ALA A 68 1.45 9.19 2.95
N VAL A 69 1.49 9.32 4.29
CA VAL A 69 0.46 10.09 5.03
C VAL A 69 0.53 11.58 4.73
N ASP A 70 1.65 12.04 4.24
CA ASP A 70 1.80 13.44 3.96
C ASP A 70 1.74 13.79 2.47
N ASN A 71 2.30 12.95 1.61
CA ASN A 71 2.49 13.36 0.21
C ASN A 71 1.49 12.80 -0.79
N LEU A 72 0.85 11.69 -0.45
CA LEU A 72 -0.20 11.14 -1.31
C LEU A 72 -1.56 11.48 -0.77
N ASN A 73 -1.58 11.93 0.45
CA ASN A 73 -2.81 12.20 1.16
C ASN A 73 -3.57 13.34 0.52
N GLY A 74 -4.67 13.02 -0.09
CA GLY A 74 -5.45 13.99 -0.79
C GLY A 74 -5.38 13.82 -2.29
N PHE A 75 -4.66 12.79 -2.75
CA PHE A 75 -4.52 12.55 -4.18
C PHE A 75 -5.84 12.05 -4.74
N LYS A 76 -6.22 12.60 -5.87
CA LYS A 76 -7.45 12.30 -6.51
C LYS A 76 -7.31 11.10 -7.43
N ILE A 77 -8.07 10.06 -7.15
CA ILE A 77 -8.14 8.86 -7.96
C ILE A 77 -9.61 8.49 -8.08
N GLY A 78 -10.14 8.54 -9.27
CA GLY A 78 -11.50 8.10 -9.51
C GLY A 78 -12.54 9.01 -8.90
N GLY A 79 -12.33 10.31 -9.00
CA GLY A 79 -13.31 11.27 -8.53
C GLY A 79 -13.31 11.47 -7.02
N ARG A 80 -12.44 10.79 -6.35
CA ARG A 80 -12.31 10.89 -4.90
C ARG A 80 -10.86 10.97 -4.53
N ALA A 81 -10.58 11.57 -3.42
CA ALA A 81 -9.24 11.70 -2.95
C ALA A 81 -9.00 10.73 -1.83
N LEU A 82 -7.96 9.98 -1.93
CA LEU A 82 -7.64 9.02 -0.91
C LEU A 82 -7.01 9.65 0.31
N LYS A 83 -7.24 9.04 1.43
CA LYS A 83 -6.75 9.49 2.71
C LYS A 83 -5.79 8.48 3.26
N ILE A 84 -4.65 8.93 3.70
CA ILE A 84 -3.69 8.08 4.36
C ILE A 84 -3.42 8.68 5.73
N ASP A 85 -3.68 7.93 6.77
CA ASP A 85 -3.51 8.39 8.15
C ASP A 85 -2.96 7.24 8.96
N HIS A 86 -2.01 7.47 9.83
CA HIS A 86 -1.42 6.37 10.63
C HIS A 86 -2.50 5.71 11.51
N THR A 87 -2.49 4.41 11.55
CA THR A 87 -3.46 3.67 12.32
C THR A 87 -2.80 2.37 12.78
N PHE A 88 -3.34 1.74 13.78
CA PHE A 88 -2.81 0.48 14.21
C PHE A 88 -3.94 -0.44 14.59
N TYR A 89 -4.20 -1.39 13.74
CA TYR A 89 -5.25 -2.35 13.97
C TYR A 89 -4.59 -3.66 14.33
N ARG A 90 -5.30 -4.55 14.95
CA ARG A 90 -4.74 -5.84 15.27
C ARG A 90 -5.07 -6.83 14.17
N PRO A 91 -4.04 -7.41 13.53
CA PRO A 91 -4.21 -8.41 12.47
C PRO A 91 -5.07 -9.57 12.94
N LYS A 92 -6.06 -9.92 12.18
CA LYS A 92 -6.99 -10.95 12.57
C LYS A 92 -6.39 -12.32 12.29
N ARG A 93 -6.59 -13.22 13.22
CA ARG A 93 -6.11 -14.58 13.10
C ARG A 93 -6.94 -15.25 12.02
N SER A 94 -8.21 -15.02 12.08
CA SER A 94 -9.15 -15.63 11.20
C SER A 94 -8.97 -15.17 9.73
N LEU A 95 -8.19 -14.11 9.53
CA LEU A 95 -7.95 -13.59 8.20
C LEU A 95 -6.49 -13.84 7.79
N GLN A 96 -5.78 -14.65 8.58
CA GLN A 96 -4.34 -14.91 8.41
C GLN A 96 -3.94 -15.30 6.99
N LYS A 97 -4.72 -16.17 6.35
CA LYS A 97 -4.38 -16.65 5.03
C LYS A 97 -4.43 -15.55 3.99
N TYR A 98 -5.23 -14.52 4.23
CA TYR A 98 -5.28 -13.42 3.31
C TYR A 98 -4.00 -12.61 3.46
N TYR A 99 -3.57 -12.42 4.70
CA TYR A 99 -2.37 -11.63 5.01
C TYR A 99 -1.13 -12.25 4.40
N GLU A 100 -0.91 -13.51 4.69
CA GLU A 100 0.25 -14.19 4.18
C GLU A 100 0.23 -14.34 2.65
N ALA A 101 -0.95 -14.59 2.08
CA ALA A 101 -1.08 -14.71 0.62
C ALA A 101 -0.74 -13.40 -0.08
N VAL A 102 -1.03 -12.29 0.58
CA VAL A 102 -0.70 -10.99 0.04
C VAL A 102 0.82 -10.79 0.03
N LYS A 103 1.46 -11.10 1.15
CA LYS A 103 2.89 -10.90 1.24
C LYS A 103 3.67 -11.84 0.36
N GLU A 104 3.05 -12.94 -0.07
CA GLU A 104 3.67 -13.85 -1.03
C GLU A 104 4.13 -13.11 -2.30
N GLU A 105 3.47 -12.03 -2.62
CA GLU A 105 3.86 -11.18 -3.73
C GLU A 105 4.82 -10.12 -3.26
N LEU A 106 4.46 -9.48 -2.15
CA LEU A 106 5.20 -8.35 -1.60
C LEU A 106 6.62 -8.74 -1.23
N ASP A 107 6.75 -9.91 -0.63
CA ASP A 107 8.04 -10.47 -0.24
C ASP A 107 8.94 -10.60 -1.43
N ARG A 108 8.38 -10.87 -2.59
CA ARG A 108 9.16 -11.08 -3.79
C ARG A 108 9.62 -9.74 -4.37
N ASP A 109 9.08 -8.66 -3.85
CA ASP A 109 9.47 -7.31 -4.27
C ASP A 109 10.54 -6.84 -3.29
N ILE A 110 10.32 -7.16 -2.01
CA ILE A 110 11.24 -6.83 -0.92
C ILE A 110 12.55 -7.59 -1.09
N VAL A 111 12.43 -8.87 -1.39
CA VAL A 111 13.56 -9.76 -1.49
C VAL A 111 14.50 -9.36 -2.63
N SER A 112 15.76 -9.51 -2.40
CA SER A 112 16.73 -9.27 -3.41
C SER A 112 17.13 -10.64 -3.95
N LYS A 113 17.61 -10.68 -5.18
CA LYS A 113 17.99 -11.93 -5.83
C LYS A 113 19.13 -12.57 -5.05
N ASN A 114 18.82 -13.66 -4.41
CA ASN A 114 19.76 -14.35 -3.58
C ASN A 114 19.70 -15.82 -3.84
N ASN A 115 20.83 -16.45 -3.80
CA ASN A 115 20.91 -17.89 -3.96
C ASN A 115 20.56 -18.51 -2.63
N ALA A 116 21.09 -17.94 -1.58
CA ALA A 116 20.87 -18.44 -0.26
C ALA A 116 21.10 -17.37 0.77
N GLU A 117 20.12 -17.16 1.64
CA GLU A 117 20.29 -16.33 2.80
C GLU A 117 21.36 -17.00 3.66
N LYS A 118 21.19 -18.29 3.81
CA LYS A 118 22.12 -19.16 4.45
C LYS A 118 21.58 -20.56 4.19
N GLY B 1 -10.87 -22.94 9.96
CA GLY B 1 -10.17 -23.18 8.71
C GLY B 1 -11.01 -24.03 7.81
N SER B 2 -10.47 -24.38 6.67
CA SER B 2 -11.16 -25.20 5.72
C SER B 2 -10.10 -25.88 4.87
N LYS B 3 -10.29 -27.15 4.55
CA LYS B 3 -9.28 -27.92 3.85
C LYS B 3 -9.21 -27.53 2.36
N SER B 4 -10.35 -27.34 1.74
CA SER B 4 -10.40 -27.05 0.34
C SER B 4 -9.94 -25.63 0.05
N GLN B 5 -10.59 -24.65 0.61
CA GLN B 5 -10.19 -23.28 0.45
C GLN B 5 -10.26 -22.61 1.81
N TYR B 6 -9.12 -22.10 2.25
CA TYR B 6 -8.94 -21.51 3.59
C TYR B 6 -9.97 -20.42 3.87
N ILE B 7 -9.89 -19.35 3.09
CA ILE B 7 -10.78 -18.24 3.21
C ILE B 7 -11.33 -18.05 1.83
N ASP B 8 -12.50 -17.52 1.72
CA ASP B 8 -13.12 -17.38 0.41
C ASP B 8 -12.60 -16.14 -0.31
N ILE B 9 -12.09 -15.19 0.46
CA ILE B 9 -11.72 -13.89 -0.08
C ILE B 9 -10.54 -14.00 -1.04
N MET B 10 -9.33 -14.16 -0.46
CA MET B 10 -8.05 -14.22 -1.19
C MET B 10 -7.75 -12.89 -1.95
N PRO B 11 -6.48 -12.54 -2.17
CA PRO B 11 -6.10 -11.29 -2.85
C PRO B 11 -6.18 -11.37 -4.38
N ASP B 12 -6.18 -10.20 -5.03
CA ASP B 12 -6.28 -10.10 -6.49
C ASP B 12 -4.97 -9.69 -7.14
N PHE B 13 -4.50 -8.50 -6.77
CA PHE B 13 -3.26 -7.90 -7.32
C PHE B 13 -3.38 -7.51 -8.80
N SER B 14 -4.14 -6.47 -9.06
CA SER B 14 -4.32 -5.96 -10.40
C SER B 14 -4.44 -4.43 -10.28
N PRO B 15 -4.30 -3.68 -11.37
CA PRO B 15 -4.54 -2.24 -11.33
C PRO B 15 -5.99 -1.92 -11.52
N SER B 16 -6.32 -0.72 -11.28
CA SER B 16 -7.56 -0.24 -11.68
C SER B 16 -7.36 0.36 -13.07
N GLY B 17 -8.38 0.87 -13.56
CA GLY B 17 -8.42 1.49 -14.85
C GLY B 17 -8.65 2.95 -14.67
N LEU B 18 -8.77 3.36 -13.42
CA LEU B 18 -8.91 4.75 -13.07
C LEU B 18 -7.56 5.35 -13.24
N LEU B 19 -6.63 4.66 -12.64
CA LEU B 19 -5.27 5.05 -12.48
C LEU B 19 -4.57 5.40 -13.80
N GLU B 20 -4.88 4.66 -14.85
CA GLU B 20 -4.30 4.89 -16.17
C GLU B 20 -4.81 6.19 -16.79
N LEU B 21 -5.90 6.71 -16.26
CA LEU B 21 -6.48 7.96 -16.75
C LEU B 21 -6.17 9.09 -15.77
N GLU B 22 -5.82 8.72 -14.54
CA GLU B 22 -5.56 9.68 -13.48
C GLU B 22 -4.16 10.27 -13.58
N SER B 23 -3.34 9.65 -14.39
CA SER B 23 -1.99 10.08 -14.64
C SER B 23 -1.97 11.48 -15.25
N GLY C 1 11.85 1.18 -12.18
CA GLY C 1 12.30 2.39 -12.85
C GLY C 1 13.13 3.25 -11.94
N SER C 2 13.74 4.26 -12.50
CA SER C 2 14.57 5.21 -11.78
C SER C 2 14.80 6.43 -12.67
N TYR C 3 14.92 7.60 -12.08
CA TYR C 3 15.10 8.78 -12.86
C TYR C 3 16.40 9.48 -12.52
N ASP C 4 16.76 10.48 -13.29
CA ASP C 4 18.08 11.12 -13.17
C ASP C 4 17.97 12.37 -12.29
N LYS C 5 17.07 12.35 -11.35
CA LYS C 5 16.91 13.46 -10.47
C LYS C 5 17.99 13.43 -9.38
N PRO C 6 18.59 14.60 -9.06
CA PRO C 6 19.69 14.69 -8.09
C PRO C 6 19.27 14.27 -6.71
N ALA C 7 18.17 14.79 -6.27
CA ALA C 7 17.67 14.51 -4.98
C ALA C 7 16.52 13.55 -5.10
N PRO C 8 16.58 12.41 -4.41
CA PRO C 8 15.51 11.44 -4.40
C PRO C 8 14.21 12.08 -3.95
N GLU C 9 13.15 11.83 -4.70
CA GLU C 9 11.84 12.37 -4.37
C GLU C 9 11.31 11.62 -3.16
N ASN C 10 11.91 10.47 -2.93
CA ASN C 10 11.74 9.68 -1.73
C ASN C 10 12.49 10.44 -0.64
N ARG C 11 11.77 11.27 0.09
CA ARG C 11 12.33 12.25 1.06
C ARG C 11 13.47 11.69 1.94
N PHE C 12 13.28 10.51 2.51
CA PHE C 12 14.29 9.95 3.42
C PHE C 12 15.19 8.92 2.74
N ALA C 13 15.25 8.99 1.39
CA ALA C 13 16.16 8.15 0.55
C ALA C 13 15.79 6.65 0.54
N ILE C 14 14.53 6.34 0.71
CA ILE C 14 14.06 4.95 0.60
C ILE C 14 13.97 4.61 -0.89
N MET C 15 14.25 3.37 -1.27
CA MET C 15 14.14 2.97 -2.67
C MET C 15 12.69 2.68 -3.02
N PRO C 16 12.22 3.16 -4.19
CA PRO C 16 10.86 2.91 -4.66
C PRO C 16 10.64 1.42 -4.96
N GLY C 17 9.41 0.96 -4.79
CA GLY C 17 9.10 -0.44 -5.01
C GLY C 17 9.17 -0.85 -6.48
N SER C 18 9.28 -2.14 -6.72
CA SER C 18 9.41 -2.66 -8.07
C SER C 18 8.06 -2.60 -8.83
N ARG C 19 6.98 -2.28 -8.12
CA ARG C 19 5.67 -2.17 -8.75
C ARG C 19 5.29 -0.73 -8.99
N TRP C 20 6.24 0.16 -8.80
CA TRP C 20 6.04 1.53 -9.16
C TRP C 20 6.23 1.65 -10.64
N ASP C 21 5.11 1.72 -11.34
CA ASP C 21 5.04 1.80 -12.81
C ASP C 21 5.89 2.93 -13.37
N GLY C 22 5.86 4.07 -12.72
CA GLY C 22 6.62 5.20 -13.19
C GLY C 22 5.86 6.47 -12.99
N VAL C 23 4.55 6.32 -12.86
CA VAL C 23 3.64 7.43 -12.58
C VAL C 23 4.01 8.07 -11.25
N HIS C 24 4.58 9.24 -11.31
CA HIS C 24 4.96 9.93 -10.09
C HIS C 24 3.86 10.88 -9.67
N ARG C 25 3.57 10.90 -8.39
CA ARG C 25 2.54 11.72 -7.81
C ARG C 25 3.10 12.55 -6.66
N SER C 26 2.63 13.77 -6.52
CA SER C 26 3.10 14.67 -5.48
C SER C 26 2.01 15.70 -5.17
N ASN C 27 1.42 15.61 -4.00
CA ASN C 27 0.38 16.55 -3.62
C ASN C 27 0.45 16.89 -2.14
N GLY C 28 0.78 18.12 -1.84
CA GLY C 28 0.77 18.53 -0.47
C GLY C 28 2.08 18.34 0.22
N PHE C 29 3.17 18.45 -0.52
CA PHE C 29 4.51 18.28 0.04
C PHE C 29 4.81 19.39 1.07
N GLU C 30 5.55 19.02 2.10
CA GLU C 30 5.95 19.87 3.26
C GLU C 30 6.87 21.06 2.96
N GLU C 31 7.21 21.27 1.69
CA GLU C 31 8.14 22.35 1.24
C GLU C 31 7.95 23.71 1.96
N LYS C 32 6.72 24.11 2.19
CA LYS C 32 6.45 25.28 2.99
C LYS C 32 6.21 24.87 4.42
N TRP C 33 7.11 25.27 5.27
CA TRP C 33 7.08 24.91 6.67
C TRP C 33 6.12 25.81 7.42
N GLY A 1 -3.00 18.88 5.76
CA GLY A 1 -2.03 17.80 5.65
C GLY A 1 -2.36 16.68 6.59
N ALA A 2 -1.66 15.60 6.46
CA ALA A 2 -1.82 14.45 7.30
C ALA A 2 -0.45 13.87 7.51
N MET A 3 0.13 14.17 8.62
CA MET A 3 1.51 13.82 8.83
C MET A 3 1.70 12.73 9.85
N GLY A 4 2.67 11.89 9.58
CA GLY A 4 3.04 10.85 10.52
C GLY A 4 4.11 11.37 11.46
N ASN A 5 3.85 12.52 12.01
CA ASN A 5 4.82 13.19 12.86
C ASN A 5 4.64 12.77 14.30
N GLU A 6 3.42 12.90 14.78
CA GLU A 6 3.12 12.52 16.13
C GLU A 6 2.64 11.08 16.18
N TYR A 7 2.18 10.59 15.05
CA TYR A 7 1.75 9.23 14.95
C TYR A 7 2.88 8.36 14.45
N LYS A 8 3.77 8.01 15.33
CA LYS A 8 4.88 7.18 14.95
C LYS A 8 4.87 5.87 15.76
N ASP A 9 3.96 5.83 16.69
CA ASP A 9 3.69 4.64 17.53
C ASP A 9 3.06 3.52 16.68
N ASN A 10 2.22 3.92 15.80
CA ASN A 10 1.47 3.06 14.94
C ASN A 10 2.04 3.04 13.51
N ALA A 11 2.51 1.86 13.10
CA ALA A 11 3.25 1.67 11.84
C ALA A 11 2.37 1.33 10.64
N TYR A 12 1.08 1.27 10.81
CA TYR A 12 0.19 1.01 9.70
C TYR A 12 -0.53 2.25 9.29
N ILE A 13 -0.72 2.42 8.03
CA ILE A 13 -1.43 3.55 7.53
C ILE A 13 -2.81 3.17 7.04
N TYR A 14 -3.74 3.96 7.46
CA TYR A 14 -5.14 3.85 7.16
C TYR A 14 -5.44 4.58 5.88
N ILE A 15 -5.93 3.88 4.92
CA ILE A 15 -6.35 4.47 3.70
C ILE A 15 -7.86 4.39 3.71
N GLY A 16 -8.53 5.50 3.90
CA GLY A 16 -9.95 5.43 4.12
C GLY A 16 -10.80 6.10 3.08
N ASN A 17 -10.31 6.20 1.88
CA ASN A 17 -11.12 6.77 0.82
C ASN A 17 -10.67 6.24 -0.52
N LEU A 18 -10.99 5.01 -0.74
CA LEU A 18 -10.72 4.35 -2.00
C LEU A 18 -12.05 4.03 -2.62
N ASN A 19 -12.05 3.73 -3.87
CA ASN A 19 -13.26 3.34 -4.55
C ASN A 19 -13.28 1.82 -4.69
N ARG A 20 -14.41 1.27 -5.11
CA ARG A 20 -14.60 -0.21 -5.23
C ARG A 20 -13.74 -0.85 -6.34
N GLU A 21 -13.13 -0.06 -7.21
CA GLU A 21 -12.39 -0.62 -8.33
C GLU A 21 -10.95 -0.91 -7.89
N LEU A 22 -10.43 -0.03 -7.06
CA LEU A 22 -9.07 -0.11 -6.58
C LEU A 22 -8.84 -1.35 -5.73
N THR A 23 -7.96 -2.18 -6.19
CA THR A 23 -7.55 -3.35 -5.50
C THR A 23 -6.09 -3.21 -5.05
N GLU A 24 -5.61 -4.20 -4.30
CA GLU A 24 -4.26 -4.24 -3.67
C GLU A 24 -3.16 -3.86 -4.66
N GLY A 25 -3.25 -4.45 -5.83
CA GLY A 25 -2.25 -4.24 -6.86
C GLY A 25 -2.13 -2.79 -7.29
N ASP A 26 -3.26 -2.09 -7.30
CA ASP A 26 -3.25 -0.71 -7.75
C ASP A 26 -2.78 0.18 -6.65
N ILE A 27 -3.13 -0.20 -5.45
CA ILE A 27 -2.69 0.48 -4.25
C ILE A 27 -1.16 0.42 -4.20
N LEU A 28 -0.62 -0.70 -4.65
CA LEU A 28 0.80 -0.88 -4.77
C LEU A 28 1.37 0.04 -5.84
N THR A 29 0.65 0.20 -6.95
CA THR A 29 1.07 1.11 -8.03
C THR A 29 1.23 2.55 -7.49
N VAL A 30 0.39 2.93 -6.55
CA VAL A 30 0.46 4.24 -5.94
C VAL A 30 1.54 4.26 -4.86
N PHE A 31 1.43 3.40 -3.89
CA PHE A 31 2.28 3.41 -2.73
C PHE A 31 3.71 2.93 -2.96
N SER A 32 3.97 2.19 -4.01
CA SER A 32 5.32 1.71 -4.27
C SER A 32 6.25 2.86 -4.70
N GLU A 33 5.67 4.03 -4.93
CA GLU A 33 6.42 5.23 -5.29
C GLU A 33 7.42 5.61 -4.17
N TYR A 34 7.13 5.17 -2.93
CA TYR A 34 7.98 5.51 -1.80
C TYR A 34 8.61 4.28 -1.18
N GLY A 35 8.73 3.23 -1.95
CA GLY A 35 9.37 2.03 -1.46
C GLY A 35 8.57 0.78 -1.79
N VAL A 36 8.91 -0.31 -1.16
CA VAL A 36 8.22 -1.56 -1.36
C VAL A 36 7.44 -1.90 -0.09
N PRO A 37 6.10 -1.96 -0.17
CA PRO A 37 5.25 -2.36 0.95
C PRO A 37 5.48 -3.80 1.38
N VAL A 38 5.73 -4.00 2.67
CA VAL A 38 5.93 -5.34 3.23
C VAL A 38 4.60 -5.88 3.71
N ASP A 39 3.67 -4.97 3.86
CA ASP A 39 2.37 -5.25 4.35
C ASP A 39 1.36 -4.40 3.63
N VAL A 40 0.38 -5.02 3.06
CA VAL A 40 -0.72 -4.32 2.47
C VAL A 40 -1.92 -5.20 2.57
N ILE A 41 -2.98 -4.67 3.06
CA ILE A 41 -4.22 -5.39 3.18
C ILE A 41 -5.36 -4.47 2.86
N LEU A 42 -6.16 -4.88 1.97
CA LEU A 42 -7.27 -4.11 1.53
C LEU A 42 -8.42 -4.52 2.42
N SER A 43 -9.12 -3.57 2.98
CA SER A 43 -10.26 -3.91 3.74
C SER A 43 -11.39 -4.08 2.76
N ARG A 44 -11.66 -5.30 2.50
CA ARG A 44 -12.61 -5.68 1.55
C ARG A 44 -13.61 -6.58 2.23
N ASP A 45 -14.74 -6.76 1.61
CA ASP A 45 -15.79 -7.60 2.16
C ASP A 45 -15.32 -9.06 2.28
N GLU A 46 -15.79 -9.77 3.29
CA GLU A 46 -15.33 -11.13 3.55
C GLU A 46 -16.02 -12.16 2.64
N ASN A 47 -17.17 -11.81 2.13
CA ASN A 47 -17.99 -12.74 1.36
C ASN A 47 -17.81 -12.54 -0.13
N THR A 48 -17.86 -11.31 -0.57
CA THR A 48 -17.69 -11.00 -1.97
C THR A 48 -16.26 -10.57 -2.30
N GLY A 49 -15.54 -10.07 -1.31
CA GLY A 49 -14.14 -9.69 -1.53
C GLY A 49 -13.96 -8.35 -2.20
N GLU A 50 -15.03 -7.62 -2.34
CA GLU A 50 -14.99 -6.33 -2.99
C GLU A 50 -14.40 -5.26 -2.07
N SER A 51 -13.71 -4.30 -2.66
CA SER A 51 -13.03 -3.25 -1.94
C SER A 51 -14.04 -2.38 -1.21
N GLN A 52 -13.91 -2.28 0.11
CA GLN A 52 -14.81 -1.45 0.92
C GLN A 52 -14.44 0.02 0.79
N GLY A 53 -13.27 0.26 0.27
CA GLY A 53 -12.79 1.61 0.12
C GLY A 53 -11.84 1.98 1.22
N PHE A 54 -11.51 1.01 2.03
CA PHE A 54 -10.58 1.20 3.12
C PHE A 54 -9.48 0.19 2.97
N ALA A 55 -8.29 0.56 3.29
CA ALA A 55 -7.16 -0.34 3.21
C ALA A 55 -6.14 0.05 4.25
N TYR A 56 -5.24 -0.85 4.53
CA TYR A 56 -4.18 -0.60 5.48
C TYR A 56 -2.89 -1.02 4.82
N LEU A 57 -1.87 -0.23 4.95
CA LEU A 57 -0.62 -0.55 4.31
C LEU A 57 0.52 -0.21 5.24
N LYS A 58 1.64 -0.85 5.03
CA LYS A 58 2.84 -0.62 5.78
C LYS A 58 4.05 -0.89 4.86
N TYR A 59 4.94 0.05 4.81
CA TYR A 59 6.14 -0.03 3.99
C TYR A 59 7.25 -0.84 4.63
N GLU A 60 8.36 -0.91 3.88
CA GLU A 60 9.62 -1.51 4.27
C GLU A 60 10.03 -1.03 5.66
N ASP A 61 9.81 0.25 5.89
CA ASP A 61 10.06 0.84 7.16
C ASP A 61 8.94 1.84 7.43
N GLN A 62 8.99 2.54 8.52
CA GLN A 62 7.89 3.40 8.86
C GLN A 62 8.04 4.81 8.29
N ARG A 63 9.24 5.19 7.91
CA ARG A 63 9.48 6.54 7.39
C ARG A 63 8.94 6.68 5.98
N SER A 64 8.89 5.59 5.28
CA SER A 64 8.40 5.59 3.92
C SER A 64 6.88 5.55 3.97
N THR A 65 6.42 4.94 5.02
CA THR A 65 5.06 4.88 5.41
C THR A 65 4.54 6.33 5.70
N ILE A 66 5.37 7.11 6.37
CA ILE A 66 5.09 8.51 6.67
C ILE A 66 5.04 9.33 5.37
N LEU A 67 5.93 9.00 4.44
CA LEU A 67 5.95 9.69 3.13
C LEU A 67 4.64 9.51 2.39
N ALA A 68 4.08 8.32 2.49
CA ALA A 68 2.82 8.02 1.87
C ALA A 68 1.70 8.87 2.42
N VAL A 69 1.51 8.80 3.75
CA VAL A 69 0.43 9.54 4.40
C VAL A 69 0.52 11.04 4.14
N ASP A 70 1.71 11.57 4.25
CA ASP A 70 1.94 12.99 4.09
C ASP A 70 1.74 13.51 2.67
N ASN A 71 2.20 12.75 1.70
CA ASN A 71 2.23 13.26 0.32
C ASN A 71 1.05 12.82 -0.51
N LEU A 72 0.58 11.62 -0.28
CA LEU A 72 -0.49 11.09 -1.09
C LEU A 72 -1.84 11.58 -0.62
N ASN A 73 -1.92 12.03 0.62
CA ASN A 73 -3.19 12.47 1.17
C ASN A 73 -3.69 13.68 0.41
N GLY A 74 -4.80 13.50 -0.25
CA GLY A 74 -5.38 14.55 -1.03
C GLY A 74 -5.23 14.33 -2.52
N PHE A 75 -4.48 13.30 -2.91
CA PHE A 75 -4.30 13.00 -4.31
C PHE A 75 -5.60 12.39 -4.88
N LYS A 76 -6.03 12.93 -5.99
CA LYS A 76 -7.28 12.53 -6.61
C LYS A 76 -7.11 11.26 -7.45
N ILE A 77 -7.84 10.21 -7.09
CA ILE A 77 -7.84 8.97 -7.84
C ILE A 77 -9.26 8.45 -8.02
N GLY A 78 -9.76 8.60 -9.23
CA GLY A 78 -11.06 8.07 -9.57
C GLY A 78 -12.18 8.81 -8.91
N GLY A 79 -12.15 10.13 -9.02
CA GLY A 79 -13.23 10.95 -8.52
C GLY A 79 -13.12 11.30 -7.05
N ARG A 80 -12.25 10.65 -6.33
CA ARG A 80 -12.11 10.89 -4.91
C ARG A 80 -10.66 11.08 -4.52
N ALA A 81 -10.41 11.90 -3.54
CA ALA A 81 -9.07 12.13 -3.05
C ALA A 81 -8.84 11.23 -1.86
N LEU A 82 -7.87 10.37 -1.99
CA LEU A 82 -7.63 9.41 -0.96
C LEU A 82 -7.05 10.00 0.33
N LYS A 83 -7.56 9.48 1.41
CA LYS A 83 -7.23 9.90 2.76
C LYS A 83 -6.40 8.82 3.42
N ILE A 84 -5.22 9.20 3.87
CA ILE A 84 -4.36 8.30 4.59
C ILE A 84 -4.21 8.85 6.00
N ASP A 85 -4.01 7.99 6.94
CA ASP A 85 -3.83 8.36 8.31
C ASP A 85 -3.01 7.26 8.94
N HIS A 86 -2.73 7.31 10.19
CA HIS A 86 -2.01 6.23 10.84
C HIS A 86 -2.97 5.47 11.72
N THR A 87 -2.87 4.18 11.73
CA THR A 87 -3.78 3.39 12.49
C THR A 87 -3.05 2.15 12.99
N PHE A 88 -3.56 1.55 14.03
CA PHE A 88 -3.00 0.34 14.50
C PHE A 88 -4.14 -0.62 14.74
N TYR A 89 -3.95 -1.84 14.36
CA TYR A 89 -4.96 -2.84 14.46
C TYR A 89 -4.27 -4.16 14.69
N ARG A 90 -4.98 -5.12 15.16
CA ARG A 90 -4.46 -6.44 15.29
C ARG A 90 -5.11 -7.31 14.23
N PRO A 91 -4.32 -8.02 13.43
CA PRO A 91 -4.82 -8.85 12.34
C PRO A 91 -5.73 -9.97 12.85
N LYS A 92 -6.73 -10.32 12.07
CA LYS A 92 -7.61 -11.39 12.46
C LYS A 92 -6.96 -12.72 12.17
N ARG A 93 -7.07 -13.63 13.11
CA ARG A 93 -6.45 -14.93 12.98
C ARG A 93 -7.30 -15.83 12.11
N SER A 94 -8.55 -15.48 11.97
CA SER A 94 -9.46 -16.22 11.14
C SER A 94 -9.19 -15.92 9.66
N LEU A 95 -8.55 -14.77 9.42
CA LEU A 95 -8.25 -14.34 8.07
C LEU A 95 -6.75 -14.39 7.81
N GLN A 96 -6.00 -15.11 8.66
CA GLN A 96 -4.52 -15.18 8.58
C GLN A 96 -4.01 -15.53 7.19
N LYS A 97 -4.75 -16.41 6.50
CA LYS A 97 -4.36 -16.84 5.16
C LYS A 97 -4.36 -15.70 4.16
N TYR A 98 -5.23 -14.71 4.34
CA TYR A 98 -5.25 -13.57 3.46
C TYR A 98 -3.98 -12.75 3.66
N TYR A 99 -3.63 -12.52 4.92
CA TYR A 99 -2.47 -11.69 5.28
C TYR A 99 -1.18 -12.30 4.75
N GLU A 100 -1.02 -13.60 4.96
CA GLU A 100 0.16 -14.27 4.48
C GLU A 100 0.21 -14.30 2.96
N ALA A 101 -0.90 -14.68 2.33
CA ALA A 101 -0.99 -14.79 0.85
C ALA A 101 -0.63 -13.47 0.16
N VAL A 102 -1.00 -12.36 0.77
CA VAL A 102 -0.67 -11.06 0.22
C VAL A 102 0.82 -10.79 0.34
N LYS A 103 1.37 -10.91 1.56
CA LYS A 103 2.76 -10.56 1.78
C LYS A 103 3.70 -11.51 1.11
N GLU A 104 3.27 -12.75 0.87
CA GLU A 104 4.10 -13.74 0.17
C GLU A 104 4.66 -13.16 -1.13
N GLU A 105 3.77 -12.64 -1.95
CA GLU A 105 4.12 -12.11 -3.27
C GLU A 105 4.97 -10.87 -3.18
N LEU A 106 4.90 -10.22 -2.06
CA LEU A 106 5.65 -9.01 -1.85
C LEU A 106 7.03 -9.40 -1.38
N ASP A 107 7.05 -10.27 -0.38
CA ASP A 107 8.26 -10.75 0.29
C ASP A 107 9.20 -11.40 -0.71
N ARG A 108 8.63 -11.99 -1.79
CA ARG A 108 9.40 -12.61 -2.88
C ARG A 108 10.38 -11.60 -3.53
N ASP A 109 10.12 -10.31 -3.36
CA ASP A 109 10.98 -9.29 -3.93
C ASP A 109 11.67 -8.49 -2.83
N ILE A 110 11.02 -8.40 -1.70
CA ILE A 110 11.53 -7.63 -0.57
C ILE A 110 12.75 -8.28 0.05
N VAL A 111 12.70 -9.59 0.24
CA VAL A 111 13.79 -10.30 0.90
C VAL A 111 15.04 -10.29 0.00
N SER A 112 14.81 -10.43 -1.28
CA SER A 112 15.83 -10.43 -2.28
C SER A 112 15.15 -10.03 -3.57
N LYS A 113 15.63 -9.00 -4.20
CA LYS A 113 15.02 -8.50 -5.42
C LYS A 113 15.33 -9.38 -6.63
N ASN A 114 14.69 -10.53 -6.64
CA ASN A 114 14.82 -11.52 -7.69
C ASN A 114 13.85 -12.64 -7.39
N ASN A 115 13.97 -13.20 -6.19
CA ASN A 115 13.11 -14.27 -5.68
C ASN A 115 13.43 -14.47 -4.21
N ALA A 116 12.56 -15.13 -3.50
CA ALA A 116 12.75 -15.42 -2.11
C ALA A 116 13.22 -16.84 -1.97
N GLU A 117 14.20 -17.05 -1.14
CA GLU A 117 14.71 -18.37 -0.90
C GLU A 117 15.35 -18.44 0.49
N LYS A 118 16.19 -17.49 0.78
CA LYS A 118 16.76 -17.36 2.09
C LYS A 118 16.11 -16.20 2.78
N GLY B 1 -11.21 -23.19 9.66
CA GLY B 1 -11.36 -22.41 8.44
C GLY B 1 -12.36 -23.05 7.54
N SER B 2 -12.69 -22.39 6.46
CA SER B 2 -13.64 -22.91 5.51
C SER B 2 -13.04 -24.15 4.79
N LYS B 3 -13.87 -25.12 4.46
CA LYS B 3 -13.38 -26.39 3.93
C LYS B 3 -13.21 -26.36 2.42
N SER B 4 -13.86 -25.43 1.76
CA SER B 4 -13.69 -25.27 0.34
C SER B 4 -12.28 -24.70 0.13
N GLN B 5 -12.07 -23.54 0.71
CA GLN B 5 -10.79 -22.92 0.80
C GLN B 5 -10.79 -22.11 2.06
N TYR B 6 -9.65 -22.05 2.71
CA TYR B 6 -9.43 -21.33 3.98
C TYR B 6 -10.17 -20.00 4.09
N ILE B 7 -9.94 -19.11 3.15
CA ILE B 7 -10.65 -17.86 3.11
C ILE B 7 -11.23 -17.78 1.73
N ASP B 8 -12.38 -17.20 1.59
CA ASP B 8 -13.02 -17.10 0.30
C ASP B 8 -12.66 -15.78 -0.37
N ILE B 9 -11.96 -14.93 0.37
CA ILE B 9 -11.59 -13.63 -0.16
C ILE B 9 -10.41 -13.81 -1.12
N MET B 10 -9.22 -14.00 -0.51
CA MET B 10 -7.95 -14.17 -1.21
C MET B 10 -7.50 -12.90 -1.96
N PRO B 11 -6.18 -12.70 -2.11
CA PRO B 11 -5.64 -11.55 -2.81
C PRO B 11 -5.99 -11.55 -4.30
N ASP B 12 -6.07 -10.37 -4.85
CA ASP B 12 -6.36 -10.20 -6.24
C ASP B 12 -5.13 -9.75 -7.00
N PHE B 13 -4.55 -8.63 -6.56
CA PHE B 13 -3.40 -7.99 -7.22
C PHE B 13 -3.66 -7.67 -8.71
N SER B 14 -4.29 -6.54 -8.95
CA SER B 14 -4.54 -6.06 -10.30
C SER B 14 -4.49 -4.55 -10.25
N PRO B 15 -4.26 -3.85 -11.36
CA PRO B 15 -4.31 -2.40 -11.38
C PRO B 15 -5.71 -1.93 -11.59
N SER B 16 -5.89 -0.69 -11.37
CA SER B 16 -7.06 -0.05 -11.79
C SER B 16 -6.76 0.51 -13.17
N GLY B 17 -7.69 1.16 -13.66
CA GLY B 17 -7.65 1.78 -14.93
C GLY B 17 -8.12 3.19 -14.76
N LEU B 18 -8.08 3.64 -13.51
CA LEU B 18 -8.47 4.99 -13.17
C LEU B 18 -7.23 5.83 -13.28
N LEU B 19 -6.17 5.25 -12.77
CA LEU B 19 -4.85 5.82 -12.69
C LEU B 19 -4.35 6.43 -14.00
N GLU B 20 -4.53 5.71 -15.08
CA GLU B 20 -4.14 6.15 -16.42
C GLU B 20 -4.96 7.37 -16.90
N LEU B 21 -6.08 7.60 -16.27
CA LEU B 21 -6.95 8.72 -16.62
C LEU B 21 -6.67 9.88 -15.67
N GLU B 22 -6.03 9.57 -14.56
CA GLU B 22 -5.76 10.54 -13.53
C GLU B 22 -4.39 11.17 -13.72
N SER B 23 -3.40 10.36 -13.97
CA SER B 23 -2.08 10.86 -14.19
C SER B 23 -1.46 10.03 -15.31
N GLY C 1 11.35 10.59 -13.77
CA GLY C 1 11.57 9.21 -14.19
C GLY C 1 11.73 8.28 -13.02
N SER C 2 12.20 7.05 -13.29
CA SER C 2 12.40 6.02 -12.25
C SER C 2 13.29 6.56 -11.12
N TYR C 3 14.55 6.74 -11.39
CA TYR C 3 15.42 7.41 -10.48
C TYR C 3 15.74 8.70 -11.18
N ASP C 4 15.20 9.77 -10.71
CA ASP C 4 15.28 11.02 -11.46
C ASP C 4 16.30 11.95 -10.88
N LYS C 5 16.22 12.19 -9.60
CA LYS C 5 17.10 13.10 -8.92
C LYS C 5 18.50 12.50 -8.79
N PRO C 6 19.54 13.35 -8.81
CA PRO C 6 20.93 12.91 -8.63
C PRO C 6 21.21 12.59 -7.15
N ALA C 7 20.32 13.05 -6.30
CA ALA C 7 20.42 12.82 -4.91
C ALA C 7 19.12 12.22 -4.44
N PRO C 8 19.15 11.10 -3.70
CA PRO C 8 17.94 10.45 -3.14
C PRO C 8 17.34 11.24 -1.97
N GLU C 9 17.23 12.54 -2.13
CA GLU C 9 16.74 13.49 -1.11
C GLU C 9 15.22 13.39 -0.89
N ASN C 10 14.68 12.20 -1.00
CA ASN C 10 13.25 11.99 -0.84
C ASN C 10 12.93 11.92 0.66
N ARG C 11 13.05 13.10 1.28
CA ARG C 11 12.86 13.37 2.70
C ARG C 11 13.79 12.54 3.59
N PHE C 12 13.43 11.30 3.83
CA PHE C 12 14.20 10.43 4.70
C PHE C 12 15.20 9.65 3.86
N ALA C 13 15.09 9.80 2.53
CA ALA C 13 15.94 9.15 1.53
C ALA C 13 15.55 7.71 1.22
N ILE C 14 14.34 7.54 0.73
CA ILE C 14 13.86 6.23 0.26
C ILE C 14 13.53 6.35 -1.23
N MET C 15 14.06 5.46 -2.03
CA MET C 15 13.81 5.45 -3.45
C MET C 15 12.64 4.50 -3.77
N PRO C 16 11.91 4.75 -4.90
CA PRO C 16 10.74 3.94 -5.33
C PRO C 16 11.01 2.44 -5.38
N GLY C 17 9.93 1.68 -5.29
CA GLY C 17 10.02 0.25 -5.25
C GLY C 17 9.71 -0.44 -6.57
N SER C 18 9.72 -1.75 -6.52
CA SER C 18 9.59 -2.62 -7.67
C SER C 18 8.18 -2.62 -8.33
N ARG C 19 7.19 -2.02 -7.71
CA ARG C 19 5.85 -2.08 -8.31
C ARG C 19 5.35 -0.70 -8.75
N TRP C 20 6.19 0.31 -8.63
CA TRP C 20 5.85 1.62 -9.13
C TRP C 20 6.17 1.66 -10.59
N ASP C 21 5.14 1.60 -11.39
CA ASP C 21 5.27 1.60 -12.83
C ASP C 21 5.84 2.93 -13.33
N GLY C 22 5.00 3.94 -13.40
CA GLY C 22 5.45 5.24 -13.80
C GLY C 22 4.38 6.28 -13.68
N VAL C 23 3.40 6.02 -12.83
CA VAL C 23 2.34 6.97 -12.60
C VAL C 23 2.86 7.97 -11.61
N HIS C 24 3.04 9.17 -12.07
CA HIS C 24 3.61 10.22 -11.28
C HIS C 24 2.55 10.86 -10.38
N ARG C 25 2.89 11.05 -9.12
CA ARG C 25 2.04 11.77 -8.21
C ARG C 25 2.64 13.13 -7.93
N SER C 26 1.79 14.11 -7.83
CA SER C 26 2.19 15.44 -7.45
C SER C 26 2.50 15.44 -5.97
N ASN C 27 3.76 15.27 -5.67
CA ASN C 27 4.21 15.11 -4.33
C ASN C 27 5.45 15.97 -4.11
N GLY C 28 6.13 15.79 -3.00
CA GLY C 28 7.30 16.60 -2.74
C GLY C 28 6.92 17.78 -1.91
N PHE C 29 5.94 17.58 -1.06
CA PHE C 29 5.40 18.63 -0.25
C PHE C 29 6.36 18.96 0.91
N GLU C 30 6.11 20.07 1.57
CA GLU C 30 6.88 20.61 2.70
C GLU C 30 6.61 19.85 4.00
N GLU C 31 5.81 18.80 3.87
CA GLU C 31 5.24 17.98 4.94
C GLU C 31 6.13 17.66 6.19
N LYS C 32 7.43 17.73 6.09
CA LYS C 32 8.24 17.38 7.21
C LYS C 32 9.40 18.35 7.33
N TRP C 33 9.97 18.43 8.51
CA TRP C 33 11.08 19.29 8.79
C TRP C 33 12.32 18.45 9.03
N GLY A 1 -2.93 16.85 4.10
CA GLY A 1 -3.97 17.03 5.11
C GLY A 1 -4.16 15.79 5.95
N ALA A 2 -3.29 15.62 6.91
CA ALA A 2 -3.33 14.49 7.80
C ALA A 2 -2.58 14.83 9.06
N MET A 3 -3.24 14.78 10.19
CA MET A 3 -2.56 14.99 11.43
C MET A 3 -2.16 13.65 12.02
N GLY A 4 -0.90 13.38 11.98
CA GLY A 4 -0.40 12.13 12.47
C GLY A 4 1.08 12.17 12.62
N ASN A 5 1.58 13.35 12.86
CA ASN A 5 3.01 13.59 12.96
C ASN A 5 3.50 13.18 14.34
N GLU A 6 2.56 13.02 15.26
CA GLU A 6 2.88 12.62 16.61
C GLU A 6 2.67 11.12 16.81
N TYR A 7 2.16 10.43 15.79
CA TYR A 7 1.98 9.00 15.90
C TYR A 7 3.28 8.30 15.59
N LYS A 8 4.04 8.04 16.61
CA LYS A 8 5.36 7.43 16.47
C LYS A 8 5.28 5.92 16.60
N ASP A 9 4.24 5.44 17.23
CA ASP A 9 4.11 4.01 17.49
C ASP A 9 3.33 3.32 16.39
N ASN A 10 2.60 4.11 15.64
CA ASN A 10 1.74 3.60 14.59
C ASN A 10 2.53 3.47 13.29
N ALA A 11 2.98 2.25 13.01
CA ALA A 11 3.78 1.97 11.82
C ALA A 11 2.90 1.70 10.60
N TYR A 12 1.64 1.42 10.85
CA TYR A 12 0.70 1.17 9.78
C TYR A 12 0.02 2.46 9.39
N ILE A 13 -0.49 2.49 8.22
CA ILE A 13 -1.24 3.58 7.75
C ILE A 13 -2.57 3.13 7.22
N TYR A 14 -3.57 3.83 7.63
CA TYR A 14 -4.93 3.62 7.26
C TYR A 14 -5.17 4.31 5.96
N ILE A 15 -5.83 3.65 5.07
CA ILE A 15 -6.19 4.23 3.81
C ILE A 15 -7.70 4.12 3.69
N GLY A 16 -8.36 5.21 3.65
CA GLY A 16 -9.78 5.18 3.56
C GLY A 16 -10.28 6.01 2.41
N ASN A 17 -11.55 5.83 2.10
CA ASN A 17 -12.25 6.57 1.04
C ASN A 17 -11.71 6.17 -0.34
N LEU A 18 -11.47 4.87 -0.52
CA LEU A 18 -11.03 4.34 -1.80
C LEU A 18 -12.23 4.08 -2.68
N ASN A 19 -11.98 3.95 -3.95
CA ASN A 19 -13.02 3.67 -4.91
C ASN A 19 -13.27 2.15 -4.92
N ARG A 20 -14.29 1.69 -5.58
CA ARG A 20 -14.70 0.29 -5.48
C ARG A 20 -13.75 -0.67 -6.21
N GLU A 21 -13.26 -0.25 -7.34
CA GLU A 21 -12.40 -1.09 -8.18
C GLU A 21 -11.00 -1.23 -7.61
N LEU A 22 -10.56 -0.24 -6.85
CA LEU A 22 -9.20 -0.21 -6.34
C LEU A 22 -8.94 -1.41 -5.41
N THR A 23 -8.01 -2.21 -5.85
CA THR A 23 -7.61 -3.44 -5.20
C THR A 23 -6.14 -3.31 -4.66
N GLU A 24 -5.55 -4.41 -4.17
CA GLU A 24 -4.22 -4.41 -3.54
C GLU A 24 -3.12 -3.94 -4.50
N GLY A 25 -3.15 -4.44 -5.71
CA GLY A 25 -2.11 -4.10 -6.71
C GLY A 25 -2.17 -2.65 -7.11
N ASP A 26 -3.32 -2.06 -6.97
CA ASP A 26 -3.58 -0.67 -7.30
C ASP A 26 -2.87 0.19 -6.28
N ILE A 27 -3.10 -0.19 -5.04
CA ILE A 27 -2.51 0.44 -3.89
C ILE A 27 -0.98 0.30 -3.95
N LEU A 28 -0.51 -0.85 -4.39
CA LEU A 28 0.91 -1.07 -4.56
C LEU A 28 1.45 -0.12 -5.62
N THR A 29 0.71 0.04 -6.70
CA THR A 29 1.12 0.91 -7.79
C THR A 29 1.27 2.39 -7.32
N VAL A 30 0.45 2.81 -6.37
CA VAL A 30 0.61 4.14 -5.81
C VAL A 30 1.71 4.23 -4.73
N PHE A 31 1.72 3.30 -3.78
CA PHE A 31 2.68 3.34 -2.67
C PHE A 31 4.09 2.88 -3.05
N SER A 32 4.23 2.20 -4.18
CA SER A 32 5.54 1.69 -4.59
C SER A 32 6.49 2.81 -5.02
N GLU A 33 5.99 4.03 -5.12
CA GLU A 33 6.84 5.17 -5.41
C GLU A 33 7.75 5.42 -4.21
N TYR A 34 7.29 4.98 -3.05
CA TYR A 34 7.98 5.19 -1.81
C TYR A 34 8.60 3.88 -1.34
N GLY A 35 8.90 3.02 -2.31
CA GLY A 35 9.59 1.79 -2.03
C GLY A 35 8.75 0.58 -2.36
N VAL A 36 8.90 -0.47 -1.60
CA VAL A 36 8.10 -1.64 -1.78
C VAL A 36 7.37 -1.93 -0.46
N PRO A 37 6.03 -1.77 -0.45
CA PRO A 37 5.20 -2.00 0.75
C PRO A 37 5.38 -3.40 1.35
N VAL A 38 5.43 -3.45 2.67
CA VAL A 38 5.69 -4.68 3.43
C VAL A 38 4.39 -5.39 3.75
N ASP A 39 3.40 -4.62 4.10
CA ASP A 39 2.08 -5.13 4.44
C ASP A 39 1.09 -4.26 3.75
N VAL A 40 0.19 -4.86 3.04
CA VAL A 40 -0.90 -4.13 2.43
C VAL A 40 -2.09 -5.03 2.45
N ILE A 41 -3.14 -4.53 2.99
CA ILE A 41 -4.35 -5.30 3.09
C ILE A 41 -5.53 -4.44 2.75
N LEU A 42 -6.29 -4.89 1.81
CA LEU A 42 -7.43 -4.20 1.32
C LEU A 42 -8.65 -4.74 2.06
N SER A 43 -9.44 -3.84 2.61
CA SER A 43 -10.61 -4.23 3.32
C SER A 43 -11.64 -4.67 2.29
N ARG A 44 -11.84 -5.94 2.22
CA ARG A 44 -12.73 -6.53 1.29
C ARG A 44 -13.67 -7.48 2.00
N ASP A 45 -14.82 -7.67 1.42
CA ASP A 45 -15.87 -8.49 1.97
C ASP A 45 -15.48 -9.97 2.00
N GLU A 46 -15.95 -10.70 3.01
CA GLU A 46 -15.60 -12.09 3.20
C GLU A 46 -16.45 -13.04 2.31
N ASN A 47 -17.61 -12.57 1.88
CA ASN A 47 -18.55 -13.43 1.17
C ASN A 47 -18.54 -13.18 -0.33
N THR A 48 -18.58 -11.93 -0.71
CA THR A 48 -18.60 -11.58 -2.12
C THR A 48 -17.21 -11.13 -2.58
N GLY A 49 -16.32 -10.95 -1.62
CA GLY A 49 -14.95 -10.58 -1.90
C GLY A 49 -14.79 -9.26 -2.63
N GLU A 50 -15.69 -8.33 -2.39
CA GLU A 50 -15.63 -7.04 -3.06
C GLU A 50 -15.02 -6.01 -2.12
N SER A 51 -14.50 -4.95 -2.69
CA SER A 51 -13.81 -3.93 -1.92
C SER A 51 -14.78 -3.08 -1.10
N GLN A 52 -14.43 -2.88 0.17
CA GLN A 52 -15.22 -2.06 1.08
C GLN A 52 -14.87 -0.58 0.87
N GLY A 53 -13.75 -0.34 0.20
CA GLY A 53 -13.30 1.01 -0.04
C GLY A 53 -12.34 1.51 1.03
N PHE A 54 -11.76 0.59 1.79
CA PHE A 54 -10.81 0.92 2.84
C PHE A 54 -9.63 -0.04 2.73
N ALA A 55 -8.49 0.34 3.25
CA ALA A 55 -7.31 -0.49 3.22
C ALA A 55 -6.35 -0.07 4.33
N TYR A 56 -5.35 -0.87 4.58
CA TYR A 56 -4.31 -0.58 5.54
C TYR A 56 -2.99 -0.98 4.89
N LEU A 57 -1.93 -0.25 5.16
CA LEU A 57 -0.63 -0.57 4.58
C LEU A 57 0.48 -0.28 5.59
N LYS A 58 1.63 -0.90 5.41
CA LYS A 58 2.78 -0.72 6.27
C LYS A 58 4.04 -0.80 5.42
N TYR A 59 4.91 0.16 5.56
CA TYR A 59 6.20 0.07 4.92
C TYR A 59 7.23 -0.41 5.96
N GLU A 60 8.39 -0.84 5.48
CA GLU A 60 9.49 -1.34 6.30
C GLU A 60 9.95 -0.21 7.25
N ASP A 61 10.42 0.87 6.66
CA ASP A 61 10.85 2.03 7.39
C ASP A 61 9.64 2.93 7.63
N GLN A 62 9.44 3.34 8.86
CA GLN A 62 8.26 4.09 9.25
C GLN A 62 8.28 5.54 8.69
N ARG A 63 9.42 5.96 8.19
CA ARG A 63 9.53 7.29 7.63
C ARG A 63 8.93 7.36 6.23
N SER A 64 8.73 6.21 5.61
CA SER A 64 8.12 6.17 4.28
C SER A 64 6.63 6.20 4.50
N THR A 65 6.24 5.60 5.59
CA THR A 65 4.91 5.63 6.10
C THR A 65 4.45 7.10 6.28
N ILE A 66 5.37 7.94 6.77
CA ILE A 66 5.13 9.37 6.94
C ILE A 66 5.01 10.09 5.58
N LEU A 67 5.89 9.74 4.66
CA LEU A 67 5.82 10.28 3.31
C LEU A 67 4.48 9.95 2.68
N ALA A 68 4.14 8.69 2.69
CA ALA A 68 2.92 8.20 2.09
C ALA A 68 1.67 8.82 2.71
N VAL A 69 1.68 9.02 4.03
CA VAL A 69 0.51 9.57 4.70
C VAL A 69 0.21 11.00 4.22
N ASP A 70 1.20 11.88 4.14
CA ASP A 70 0.86 13.25 3.76
C ASP A 70 1.09 13.55 2.27
N ASN A 71 1.72 12.64 1.56
CA ASN A 71 1.98 12.85 0.12
C ASN A 71 0.94 12.20 -0.76
N LEU A 72 0.21 11.25 -0.22
CA LEU A 72 -0.79 10.60 -1.04
C LEU A 72 -2.18 10.98 -0.65
N ASN A 73 -2.34 11.60 0.51
CA ASN A 73 -3.68 11.99 0.92
C ASN A 73 -4.16 13.11 0.04
N GLY A 74 -5.31 12.94 -0.51
CA GLY A 74 -5.84 13.94 -1.38
C GLY A 74 -5.53 13.65 -2.82
N PHE A 75 -4.83 12.54 -3.08
CA PHE A 75 -4.53 12.15 -4.44
C PHE A 75 -5.81 11.62 -5.06
N LYS A 76 -6.18 12.18 -6.17
CA LYS A 76 -7.44 11.90 -6.79
C LYS A 76 -7.36 10.62 -7.62
N ILE A 77 -8.16 9.64 -7.25
CA ILE A 77 -8.24 8.40 -7.97
C ILE A 77 -9.71 8.06 -8.17
N GLY A 78 -10.17 8.26 -9.37
CA GLY A 78 -11.52 7.93 -9.76
C GLY A 78 -12.54 8.85 -9.14
N GLY A 79 -12.30 10.14 -9.28
CA GLY A 79 -13.23 11.14 -8.79
C GLY A 79 -13.13 11.42 -7.30
N ARG A 80 -12.56 10.52 -6.56
CA ARG A 80 -12.40 10.71 -5.13
C ARG A 80 -10.96 10.65 -4.76
N ALA A 81 -10.64 11.19 -3.63
CA ALA A 81 -9.30 11.18 -3.15
C ALA A 81 -9.20 10.27 -1.96
N LEU A 82 -8.11 9.57 -1.85
CA LEU A 82 -7.96 8.69 -0.73
C LEU A 82 -7.32 9.36 0.49
N LYS A 83 -7.73 8.89 1.64
CA LYS A 83 -7.33 9.41 2.93
C LYS A 83 -6.39 8.45 3.64
N ILE A 84 -5.17 8.87 3.84
CA ILE A 84 -4.24 8.07 4.61
C ILE A 84 -4.09 8.70 5.99
N ASP A 85 -3.89 7.89 7.01
CA ASP A 85 -3.69 8.37 8.37
C ASP A 85 -2.87 7.31 9.09
N HIS A 86 -2.40 7.58 10.28
CA HIS A 86 -1.59 6.59 11.00
C HIS A 86 -2.47 5.66 11.82
N THR A 87 -2.15 4.40 11.81
CA THR A 87 -2.93 3.41 12.51
C THR A 87 -2.00 2.26 12.92
N PHE A 88 -2.41 1.44 13.82
CA PHE A 88 -1.66 0.29 14.16
C PHE A 88 -2.64 -0.83 14.23
N TYR A 89 -2.67 -1.57 13.19
CA TYR A 89 -3.64 -2.59 13.04
C TYR A 89 -3.05 -3.95 13.36
N ARG A 90 -3.71 -4.65 14.26
CA ARG A 90 -3.32 -5.99 14.61
C ARG A 90 -4.06 -6.96 13.69
N PRO A 91 -3.34 -7.91 13.10
CA PRO A 91 -3.92 -8.88 12.16
C PRO A 91 -4.94 -9.83 12.80
N LYS A 92 -6.00 -10.08 12.07
CA LYS A 92 -7.02 -11.01 12.46
C LYS A 92 -6.68 -12.39 11.89
N ARG A 93 -6.87 -13.43 12.66
CA ARG A 93 -6.48 -14.76 12.22
C ARG A 93 -7.48 -15.39 11.27
N SER A 94 -8.73 -14.97 11.35
CA SER A 94 -9.78 -15.48 10.47
C SER A 94 -9.51 -15.08 9.02
N LEU A 95 -8.79 -13.99 8.87
CA LEU A 95 -8.45 -13.49 7.58
C LEU A 95 -6.95 -13.64 7.31
N GLN A 96 -6.28 -14.48 8.10
CA GLN A 96 -4.80 -14.60 8.02
C GLN A 96 -4.33 -15.01 6.64
N LYS A 97 -5.03 -15.96 6.02
CA LYS A 97 -4.64 -16.49 4.72
C LYS A 97 -4.68 -15.42 3.66
N TYR A 98 -5.54 -14.44 3.85
CA TYR A 98 -5.60 -13.34 2.93
C TYR A 98 -4.34 -12.48 3.12
N TYR A 99 -4.02 -12.20 4.37
CA TYR A 99 -2.89 -11.32 4.70
C TYR A 99 -1.58 -11.94 4.27
N GLU A 100 -1.38 -13.19 4.65
CA GLU A 100 -0.16 -13.89 4.34
C GLU A 100 0.01 -14.10 2.83
N ALA A 101 -1.10 -14.38 2.13
CA ALA A 101 -1.08 -14.55 0.67
C ALA A 101 -0.68 -13.25 -0.02
N VAL A 102 -1.06 -12.13 0.57
CA VAL A 102 -0.68 -10.83 0.03
C VAL A 102 0.82 -10.60 0.20
N LYS A 103 1.30 -10.82 1.42
CA LYS A 103 2.70 -10.56 1.71
C LYS A 103 3.62 -11.54 1.03
N GLU A 104 3.10 -12.67 0.58
CA GLU A 104 3.88 -13.60 -0.24
C GLU A 104 4.52 -12.85 -1.39
N GLU A 105 3.71 -12.12 -2.11
CA GLU A 105 4.15 -11.31 -3.22
C GLU A 105 5.08 -10.21 -2.77
N LEU A 106 4.69 -9.56 -1.71
CA LEU A 106 5.41 -8.42 -1.18
C LEU A 106 6.80 -8.83 -0.74
N ASP A 107 6.87 -9.88 0.06
CA ASP A 107 8.14 -10.38 0.58
C ASP A 107 9.07 -10.78 -0.56
N ARG A 108 8.54 -11.41 -1.61
CA ARG A 108 9.41 -11.82 -2.75
C ARG A 108 9.87 -10.59 -3.51
N ASP A 109 9.10 -9.55 -3.44
CA ASP A 109 9.36 -8.33 -4.19
C ASP A 109 10.40 -7.49 -3.44
N ILE A 110 10.27 -7.47 -2.12
CA ILE A 110 11.15 -6.71 -1.24
C ILE A 110 12.45 -7.44 -0.97
N VAL A 111 12.35 -8.60 -0.37
CA VAL A 111 13.49 -9.27 0.15
C VAL A 111 14.22 -10.03 -0.95
N SER A 112 15.51 -9.91 -0.95
CA SER A 112 16.32 -10.63 -1.89
C SER A 112 16.29 -12.11 -1.53
N LYS A 113 16.36 -12.40 -0.24
CA LYS A 113 16.37 -13.76 0.23
C LYS A 113 15.67 -13.84 1.58
N ASN A 114 14.55 -14.53 1.62
CA ASN A 114 13.84 -14.78 2.88
C ASN A 114 14.41 -16.05 3.43
N ASN A 115 14.78 -16.06 4.67
CA ASN A 115 15.40 -17.23 5.22
C ASN A 115 14.40 -18.03 6.03
N ALA A 116 13.92 -19.08 5.42
CA ALA A 116 13.02 -19.99 6.05
C ALA A 116 13.77 -21.25 6.40
N GLU A 117 14.06 -21.43 7.65
CA GLU A 117 14.81 -22.57 8.09
C GLU A 117 13.87 -23.49 8.85
N LYS A 118 13.20 -24.34 8.12
CA LYS A 118 12.26 -25.28 8.69
C LYS A 118 12.43 -26.61 8.00
N GLY B 1 -8.81 -28.64 10.16
CA GLY B 1 -9.72 -27.51 10.21
C GLY B 1 -10.36 -27.28 8.87
N SER B 2 -10.48 -26.04 8.46
CA SER B 2 -11.09 -25.72 7.20
C SER B 2 -10.08 -25.85 6.06
N LYS B 3 -9.99 -27.02 5.51
CA LYS B 3 -9.05 -27.27 4.46
C LYS B 3 -9.81 -27.38 3.13
N SER B 4 -11.14 -27.27 3.21
CA SER B 4 -11.99 -27.20 2.04
C SER B 4 -11.54 -26.00 1.21
N GLN B 5 -11.44 -24.90 1.91
CA GLN B 5 -10.88 -23.67 1.44
C GLN B 5 -10.69 -22.88 2.69
N TYR B 6 -9.55 -22.27 2.85
CA TYR B 6 -9.26 -21.53 4.07
C TYR B 6 -10.22 -20.38 4.20
N ILE B 7 -10.16 -19.51 3.22
CA ILE B 7 -11.05 -18.39 3.13
C ILE B 7 -11.42 -18.30 1.67
N ASP B 8 -12.57 -17.78 1.40
CA ASP B 8 -13.11 -17.75 0.06
C ASP B 8 -12.69 -16.49 -0.70
N ILE B 9 -12.07 -15.57 0.02
CA ILE B 9 -11.80 -14.27 -0.54
C ILE B 9 -10.58 -14.30 -1.44
N MET B 10 -9.38 -14.32 -0.82
CA MET B 10 -8.08 -14.22 -1.53
C MET B 10 -7.91 -12.81 -2.20
N PRO B 11 -6.67 -12.31 -2.39
CA PRO B 11 -6.43 -10.96 -2.98
C PRO B 11 -6.65 -10.92 -4.51
N ASP B 12 -6.59 -9.70 -5.08
CA ASP B 12 -6.76 -9.48 -6.53
C ASP B 12 -5.76 -8.45 -7.02
N PHE B 13 -4.47 -8.67 -6.75
CA PHE B 13 -3.37 -7.82 -7.25
C PHE B 13 -3.55 -7.41 -8.73
N SER B 14 -3.82 -6.12 -8.95
CA SER B 14 -3.97 -5.52 -10.27
C SER B 14 -4.21 -4.03 -10.05
N PRO B 15 -3.90 -3.15 -11.01
CA PRO B 15 -4.23 -1.73 -10.90
C PRO B 15 -5.57 -1.42 -11.58
N SER B 16 -6.30 -0.49 -11.06
CA SER B 16 -7.49 -0.06 -11.69
C SER B 16 -7.14 1.10 -12.60
N GLY B 17 -7.55 1.02 -13.81
CA GLY B 17 -7.25 1.98 -14.87
C GLY B 17 -7.75 3.40 -14.64
N LEU B 18 -8.33 3.69 -13.47
CA LEU B 18 -8.71 5.05 -13.15
C LEU B 18 -7.41 5.78 -12.90
N LEU B 19 -6.55 5.01 -12.30
CA LEU B 19 -5.28 5.37 -11.75
C LEU B 19 -4.40 6.16 -12.72
N GLU B 20 -4.30 5.66 -13.93
CA GLU B 20 -3.42 6.24 -14.93
C GLU B 20 -4.04 7.46 -15.62
N LEU B 21 -5.30 7.71 -15.38
CA LEU B 21 -5.98 8.82 -16.00
C LEU B 21 -6.15 9.96 -15.00
N GLU B 22 -6.55 9.59 -13.81
CA GLU B 22 -6.87 10.51 -12.72
C GLU B 22 -5.65 11.10 -12.05
N SER B 23 -4.50 10.59 -12.41
CA SER B 23 -3.21 11.01 -11.88
C SER B 23 -3.02 12.54 -11.95
N GLY C 1 23.66 -8.38 2.05
CA GLY C 1 22.43 -7.91 2.70
C GLY C 1 21.53 -7.25 1.70
N SER C 2 20.27 -7.07 2.04
CA SER C 2 19.32 -6.44 1.15
C SER C 2 19.35 -4.91 1.33
N TYR C 3 20.55 -4.36 1.19
CA TYR C 3 20.77 -2.93 1.24
C TYR C 3 21.40 -2.54 -0.06
N ASP C 4 20.66 -1.86 -0.88
CA ASP C 4 21.10 -1.57 -2.24
C ASP C 4 21.74 -0.20 -2.39
N LYS C 5 21.24 0.77 -1.67
CA LYS C 5 21.72 2.13 -1.81
C LYS C 5 23.02 2.36 -1.07
N PRO C 6 24.08 2.75 -1.78
CA PRO C 6 25.34 3.06 -1.17
C PRO C 6 25.31 4.43 -0.48
N ALA C 7 24.49 5.34 -1.01
CA ALA C 7 24.35 6.67 -0.45
C ALA C 7 22.93 7.17 -0.70
N PRO C 8 22.45 8.18 0.04
CA PRO C 8 21.14 8.74 -0.15
C PRO C 8 21.13 10.02 -0.99
N GLU C 9 20.60 9.90 -2.18
CA GLU C 9 20.34 11.04 -3.04
C GLU C 9 19.00 11.61 -2.61
N ASN C 10 18.12 10.72 -2.25
CA ASN C 10 16.84 11.06 -1.68
C ASN C 10 17.09 11.21 -0.20
N ARG C 11 16.52 12.22 0.40
CA ARG C 11 16.67 12.51 1.82
C ARG C 11 16.28 11.28 2.68
N PHE C 12 15.28 10.56 2.25
CA PHE C 12 14.81 9.40 2.98
C PHE C 12 15.50 8.10 2.53
N ALA C 13 16.43 8.23 1.56
CA ALA C 13 17.22 7.09 1.00
C ALA C 13 16.34 6.05 0.29
N ILE C 14 15.14 6.44 -0.05
CA ILE C 14 14.18 5.55 -0.65
C ILE C 14 14.13 5.75 -2.15
N MET C 15 14.12 4.67 -2.89
CA MET C 15 13.90 4.72 -4.32
C MET C 15 12.67 3.88 -4.66
N PRO C 16 11.96 4.20 -5.77
CA PRO C 16 10.77 3.47 -6.22
C PRO C 16 10.98 1.95 -6.29
N GLY C 17 9.92 1.22 -5.99
CA GLY C 17 9.98 -0.22 -6.02
C GLY C 17 9.62 -0.77 -7.39
N SER C 18 9.66 -2.07 -7.54
CA SER C 18 9.43 -2.73 -8.81
C SER C 18 7.94 -2.74 -9.24
N ARG C 19 7.06 -2.25 -8.40
CA ARG C 19 5.65 -2.23 -8.77
C ARG C 19 5.18 -0.82 -9.07
N TRP C 20 6.14 0.09 -9.08
CA TRP C 20 5.86 1.46 -9.44
C TRP C 20 5.79 1.53 -10.96
N ASP C 21 4.64 1.93 -11.45
CA ASP C 21 4.38 1.98 -12.88
C ASP C 21 5.20 3.06 -13.58
N GLY C 22 5.38 4.17 -12.91
CA GLY C 22 6.08 5.28 -13.52
C GLY C 22 5.35 6.58 -13.32
N VAL C 23 4.15 6.49 -12.77
CA VAL C 23 3.36 7.67 -12.44
C VAL C 23 3.99 8.32 -11.22
N HIS C 24 4.52 9.51 -11.38
CA HIS C 24 5.16 10.22 -10.27
C HIS C 24 4.15 11.17 -9.64
N ARG C 25 4.10 11.22 -8.34
CA ARG C 25 3.17 12.11 -7.66
C ARG C 25 3.85 13.37 -7.22
N SER C 26 3.11 14.42 -7.18
CA SER C 26 3.56 15.66 -6.68
C SER C 26 2.48 16.23 -5.79
N ASN C 27 2.54 15.89 -4.53
CA ASN C 27 1.54 16.27 -3.56
C ASN C 27 2.17 16.24 -2.20
N GLY C 28 1.97 17.27 -1.41
CA GLY C 28 2.53 17.29 -0.06
C GLY C 28 4.01 17.58 -0.07
N PHE C 29 4.43 18.36 -1.04
CA PHE C 29 5.83 18.65 -1.22
C PHE C 29 6.26 19.85 -0.35
N GLU C 30 7.55 19.94 -0.10
CA GLU C 30 8.18 20.90 0.83
C GLU C 30 8.47 22.28 0.20
N GLU C 31 8.11 22.44 -1.06
CA GLU C 31 8.43 23.64 -1.85
C GLU C 31 7.92 24.93 -1.16
N LYS C 32 6.72 24.88 -0.64
CA LYS C 32 6.14 26.03 0.05
C LYS C 32 6.80 26.18 1.44
N TRP C 33 7.21 27.38 1.76
CA TRP C 33 7.76 27.68 3.05
C TRP C 33 6.87 28.72 3.73
N GLY A 1 4.07 17.69 6.37
CA GLY A 1 5.47 17.74 6.83
C GLY A 1 5.83 16.53 7.66
N ALA A 2 5.65 15.35 7.06
CA ALA A 2 5.88 14.04 7.70
C ALA A 2 4.88 13.83 8.83
N MET A 3 3.85 13.07 8.53
CA MET A 3 2.75 12.85 9.47
C MET A 3 3.09 11.76 10.47
N GLY A 4 2.15 11.48 11.34
CA GLY A 4 2.37 10.53 12.37
C GLY A 4 2.96 11.22 13.56
N ASN A 5 2.54 12.45 13.76
CA ASN A 5 3.02 13.27 14.86
C ASN A 5 2.64 12.66 16.18
N GLU A 6 1.42 12.18 16.25
CA GLU A 6 0.90 11.62 17.48
C GLU A 6 1.10 10.11 17.51
N TYR A 7 0.94 9.49 16.35
CA TYR A 7 0.99 8.04 16.28
C TYR A 7 2.36 7.55 15.83
N LYS A 8 3.04 6.86 16.71
CA LYS A 8 4.38 6.39 16.43
C LYS A 8 4.49 4.87 16.56
N ASP A 9 3.57 4.27 17.29
CA ASP A 9 3.60 2.82 17.47
C ASP A 9 2.86 2.14 16.33
N ASN A 10 1.91 2.86 15.77
CA ASN A 10 1.12 2.37 14.64
C ASN A 10 1.95 2.38 13.37
N ALA A 11 2.35 1.20 12.92
CA ALA A 11 3.15 1.08 11.71
C ALA A 11 2.28 1.01 10.48
N TYR A 12 1.02 0.68 10.69
CA TYR A 12 0.06 0.63 9.61
C TYR A 12 -0.53 2.00 9.37
N ILE A 13 -0.79 2.26 8.15
CA ILE A 13 -1.44 3.45 7.76
C ILE A 13 -2.81 3.15 7.20
N TYR A 14 -3.74 3.93 7.64
CA TYR A 14 -5.11 3.86 7.24
C TYR A 14 -5.26 4.53 5.92
N ILE A 15 -5.80 3.84 4.98
CA ILE A 15 -6.08 4.40 3.70
C ILE A 15 -7.58 4.41 3.54
N GLY A 16 -8.14 5.54 3.38
CA GLY A 16 -9.55 5.65 3.26
C GLY A 16 -9.96 6.46 2.08
N ASN A 17 -11.23 6.39 1.75
CA ASN A 17 -11.85 7.12 0.64
C ASN A 17 -11.31 6.60 -0.69
N LEU A 18 -11.24 5.29 -0.78
CA LEU A 18 -10.83 4.65 -2.00
C LEU A 18 -12.06 4.37 -2.84
N ASN A 19 -11.87 4.39 -4.13
CA ASN A 19 -12.93 4.06 -5.05
C ASN A 19 -13.19 2.57 -5.01
N ARG A 20 -14.36 2.15 -5.41
CA ARG A 20 -14.81 0.76 -5.26
C ARG A 20 -14.00 -0.21 -6.14
N GLU A 21 -13.48 0.28 -7.25
CA GLU A 21 -12.70 -0.55 -8.17
C GLU A 21 -11.21 -0.64 -7.80
N LEU A 22 -10.80 0.09 -6.78
CA LEU A 22 -9.42 0.06 -6.32
C LEU A 22 -9.11 -1.19 -5.50
N THR A 23 -8.15 -1.92 -5.98
CA THR A 23 -7.71 -3.18 -5.40
C THR A 23 -6.30 -3.02 -4.78
N GLU A 24 -5.80 -4.07 -4.12
CA GLU A 24 -4.52 -4.08 -3.43
C GLU A 24 -3.38 -3.72 -4.38
N GLY A 25 -3.45 -4.26 -5.59
CA GLY A 25 -2.40 -4.05 -6.58
C GLY A 25 -2.37 -2.63 -7.10
N ASP A 26 -3.50 -1.98 -7.04
CA ASP A 26 -3.64 -0.63 -7.49
C ASP A 26 -2.97 0.28 -6.49
N ILE A 27 -3.28 0.01 -5.24
CA ILE A 27 -2.68 0.69 -4.09
C ILE A 27 -1.15 0.51 -4.13
N LEU A 28 -0.72 -0.71 -4.48
CA LEU A 28 0.70 -0.99 -4.64
C LEU A 28 1.31 -0.15 -5.75
N THR A 29 0.58 0.01 -6.84
CA THR A 29 1.03 0.80 -7.97
C THR A 29 1.28 2.26 -7.52
N VAL A 30 0.50 2.73 -6.59
CA VAL A 30 0.67 4.07 -6.07
C VAL A 30 1.81 4.11 -5.04
N PHE A 31 1.70 3.27 -4.02
CA PHE A 31 2.61 3.26 -2.88
C PHE A 31 4.03 2.73 -3.17
N SER A 32 4.24 2.09 -4.30
CA SER A 32 5.57 1.58 -4.61
C SER A 32 6.58 2.69 -4.95
N GLU A 33 6.11 3.91 -5.11
CA GLU A 33 7.02 5.01 -5.44
C GLU A 33 7.68 5.51 -4.14
N TYR A 34 7.10 5.13 -3.02
CA TYR A 34 7.57 5.57 -1.72
C TYR A 34 8.25 4.42 -0.98
N GLY A 35 8.61 3.40 -1.73
CA GLY A 35 9.29 2.28 -1.16
C GLY A 35 8.64 0.99 -1.52
N VAL A 36 8.95 -0.04 -0.78
CA VAL A 36 8.36 -1.34 -1.02
C VAL A 36 7.42 -1.66 0.13
N PRO A 37 6.11 -1.69 -0.13
CA PRO A 37 5.11 -2.07 0.86
C PRO A 37 5.29 -3.52 1.29
N VAL A 38 5.05 -3.77 2.55
CA VAL A 38 5.22 -5.09 3.14
C VAL A 38 3.86 -5.73 3.34
N ASP A 39 2.95 -4.94 3.81
CA ASP A 39 1.62 -5.35 4.10
C ASP A 39 0.68 -4.40 3.43
N VAL A 40 -0.19 -4.91 2.61
CA VAL A 40 -1.22 -4.12 2.01
C VAL A 40 -2.51 -4.91 2.04
N ILE A 41 -3.46 -4.42 2.76
CA ILE A 41 -4.70 -5.10 2.89
C ILE A 41 -5.83 -4.19 2.56
N LEU A 42 -6.59 -4.58 1.58
CA LEU A 42 -7.71 -3.82 1.15
C LEU A 42 -8.89 -4.32 1.95
N SER A 43 -9.51 -3.43 2.70
CA SER A 43 -10.61 -3.82 3.50
C SER A 43 -11.76 -4.13 2.58
N ARG A 44 -12.12 -5.36 2.57
CA ARG A 44 -13.12 -5.89 1.73
C ARG A 44 -13.86 -6.94 2.50
N ASP A 45 -15.09 -7.20 2.13
CA ASP A 45 -15.90 -8.18 2.83
C ASP A 45 -15.25 -9.53 2.79
N GLU A 46 -15.24 -10.16 3.91
CA GLU A 46 -14.56 -11.44 4.06
C GLU A 46 -15.27 -12.62 3.35
N ASN A 47 -16.48 -12.41 2.91
CA ASN A 47 -17.24 -13.49 2.29
C ASN A 47 -17.29 -13.35 0.79
N THR A 48 -17.75 -12.22 0.32
CA THR A 48 -17.90 -12.01 -1.11
C THR A 48 -16.69 -11.24 -1.69
N GLY A 49 -15.88 -10.71 -0.80
CA GLY A 49 -14.68 -10.01 -1.21
C GLY A 49 -14.94 -8.63 -1.75
N GLU A 50 -16.11 -8.08 -1.46
CA GLU A 50 -16.45 -6.77 -1.99
C GLU A 50 -15.72 -5.64 -1.26
N SER A 51 -15.11 -4.78 -2.03
CA SER A 51 -14.30 -3.69 -1.54
C SER A 51 -15.10 -2.71 -0.65
N GLN A 52 -14.56 -2.38 0.52
CA GLN A 52 -15.23 -1.46 1.44
C GLN A 52 -14.86 -0.01 1.10
N GLY A 53 -13.74 0.17 0.41
CA GLY A 53 -13.28 1.50 0.07
C GLY A 53 -12.26 2.02 1.07
N PHE A 54 -11.75 1.11 1.87
CA PHE A 54 -10.74 1.42 2.86
C PHE A 54 -9.66 0.38 2.77
N ALA A 55 -8.49 0.68 3.23
CA ALA A 55 -7.37 -0.23 3.21
C ALA A 55 -6.40 0.11 4.31
N TYR A 56 -5.46 -0.76 4.55
CA TYR A 56 -4.39 -0.53 5.51
C TYR A 56 -3.10 -0.96 4.84
N LEU A 57 -2.02 -0.29 5.10
CA LEU A 57 -0.75 -0.65 4.49
C LEU A 57 0.38 -0.34 5.46
N LYS A 58 1.47 -1.06 5.36
CA LYS A 58 2.67 -0.74 6.09
C LYS A 58 3.89 -1.12 5.30
N TYR A 59 4.89 -0.31 5.39
CA TYR A 59 6.18 -0.61 4.83
C TYR A 59 7.04 -1.25 5.92
N GLU A 60 8.24 -1.65 5.54
CA GLU A 60 9.20 -2.27 6.44
C GLU A 60 9.60 -1.22 7.47
N ASP A 61 10.08 -0.12 6.97
CA ASP A 61 10.49 0.97 7.81
C ASP A 61 9.34 1.95 7.92
N GLN A 62 9.02 2.33 9.13
CA GLN A 62 7.94 3.27 9.39
C GLN A 62 8.14 4.64 8.76
N ARG A 63 9.36 4.99 8.41
CA ARG A 63 9.62 6.27 7.78
C ARG A 63 9.09 6.32 6.35
N SER A 64 8.92 5.16 5.75
CA SER A 64 8.40 5.11 4.40
C SER A 64 6.89 5.21 4.51
N THR A 65 6.41 4.62 5.58
CA THR A 65 5.05 4.69 6.00
C THR A 65 4.64 6.18 6.26
N ILE A 66 5.49 6.88 7.01
CA ILE A 66 5.31 8.30 7.33
C ILE A 66 5.31 9.16 6.05
N LEU A 67 6.16 8.79 5.13
CA LEU A 67 6.28 9.52 3.90
C LEU A 67 5.01 9.33 3.05
N ALA A 68 4.52 8.11 2.98
CA ALA A 68 3.32 7.81 2.22
C ALA A 68 2.10 8.53 2.78
N VAL A 69 1.94 8.52 4.10
CA VAL A 69 0.79 9.16 4.74
C VAL A 69 0.75 10.67 4.50
N ASP A 70 1.88 11.33 4.58
CA ASP A 70 1.91 12.78 4.43
C ASP A 70 1.86 13.20 2.96
N ASN A 71 2.41 12.38 2.10
CA ASN A 71 2.57 12.76 0.69
C ASN A 71 1.41 12.38 -0.17
N LEU A 72 0.88 11.20 0.02
CA LEU A 72 -0.19 10.73 -0.83
C LEU A 72 -1.55 11.22 -0.37
N ASN A 73 -1.60 11.78 0.82
CA ASN A 73 -2.86 12.26 1.37
C ASN A 73 -3.39 13.40 0.50
N GLY A 74 -4.50 13.14 -0.14
CA GLY A 74 -5.10 14.14 -0.99
C GLY A 74 -4.87 13.87 -2.46
N PHE A 75 -4.24 12.74 -2.77
CA PHE A 75 -4.00 12.39 -4.17
C PHE A 75 -5.34 11.96 -4.80
N LYS A 76 -5.65 12.55 -5.92
CA LYS A 76 -6.94 12.39 -6.58
C LYS A 76 -6.98 11.19 -7.50
N ILE A 77 -7.82 10.22 -7.16
CA ILE A 77 -8.01 9.03 -7.97
C ILE A 77 -9.51 8.72 -8.07
N GLY A 78 -10.08 8.96 -9.23
CA GLY A 78 -11.45 8.59 -9.51
C GLY A 78 -12.47 9.43 -8.78
N GLY A 79 -12.31 10.74 -8.86
CA GLY A 79 -13.26 11.67 -8.29
C GLY A 79 -13.04 11.95 -6.82
N ARG A 80 -12.30 11.10 -6.16
CA ARG A 80 -12.06 11.26 -4.75
C ARG A 80 -10.58 11.27 -4.46
N ALA A 81 -10.21 11.93 -3.40
CA ALA A 81 -8.84 11.99 -3.00
C ALA A 81 -8.65 11.08 -1.82
N LEU A 82 -7.70 10.18 -1.92
CA LEU A 82 -7.48 9.21 -0.87
C LEU A 82 -6.85 9.82 0.38
N LYS A 83 -7.27 9.31 1.50
CA LYS A 83 -6.88 9.75 2.80
C LYS A 83 -6.00 8.72 3.47
N ILE A 84 -4.90 9.14 4.02
CA ILE A 84 -4.04 8.25 4.76
C ILE A 84 -3.87 8.81 6.19
N ASP A 85 -3.74 7.93 7.16
CA ASP A 85 -3.54 8.31 8.56
C ASP A 85 -2.83 7.14 9.24
N HIS A 86 -2.56 7.20 10.52
CA HIS A 86 -1.87 6.08 11.21
C HIS A 86 -2.85 5.30 12.05
N THR A 87 -2.83 3.99 11.92
CA THR A 87 -3.76 3.13 12.61
C THR A 87 -3.12 1.76 12.87
N PHE A 88 -3.66 1.02 13.78
CA PHE A 88 -3.23 -0.32 14.01
C PHE A 88 -4.44 -1.18 14.23
N TYR A 89 -4.39 -2.38 13.78
CA TYR A 89 -5.48 -3.30 13.92
C TYR A 89 -4.87 -4.64 14.30
N ARG A 90 -5.65 -5.51 14.85
CA ARG A 90 -5.17 -6.82 15.18
C ARG A 90 -5.46 -7.77 14.04
N PRO A 91 -4.41 -8.35 13.42
CA PRO A 91 -4.54 -9.33 12.34
C PRO A 91 -5.49 -10.46 12.71
N LYS A 92 -6.53 -10.63 11.91
CA LYS A 92 -7.54 -11.63 12.17
C LYS A 92 -7.00 -13.02 11.87
N ARG A 93 -7.34 -13.96 12.73
CA ARG A 93 -6.97 -15.36 12.58
C ARG A 93 -7.80 -15.98 11.45
N SER A 94 -8.98 -15.45 11.27
CA SER A 94 -9.88 -15.89 10.24
C SER A 94 -9.43 -15.38 8.86
N LEU A 95 -8.69 -14.29 8.86
CA LEU A 95 -8.28 -13.66 7.62
C LEU A 95 -6.78 -13.82 7.40
N GLN A 96 -6.16 -14.68 8.20
CA GLN A 96 -4.71 -14.80 8.23
C GLN A 96 -4.11 -15.16 6.87
N LYS A 97 -4.81 -16.01 6.12
CA LYS A 97 -4.33 -16.48 4.82
C LYS A 97 -4.25 -15.33 3.84
N TYR A 98 -5.13 -14.35 3.97
CA TYR A 98 -5.13 -13.21 3.10
C TYR A 98 -3.89 -12.34 3.40
N TYR A 99 -3.52 -12.22 4.67
CA TYR A 99 -2.37 -11.40 5.08
C TYR A 99 -1.09 -12.01 4.56
N GLU A 100 -0.91 -13.29 4.81
CA GLU A 100 0.29 -13.97 4.39
C GLU A 100 0.42 -14.02 2.88
N ALA A 101 -0.68 -14.27 2.18
CA ALA A 101 -0.67 -14.33 0.72
C ALA A 101 -0.25 -13.01 0.11
N VAL A 102 -0.66 -11.91 0.74
CA VAL A 102 -0.28 -10.59 0.30
C VAL A 102 1.23 -10.40 0.40
N LYS A 103 1.77 -10.60 1.59
CA LYS A 103 3.17 -10.36 1.81
C LYS A 103 4.04 -11.39 1.15
N GLU A 104 3.50 -12.56 0.85
CA GLU A 104 4.25 -13.57 0.13
C GLU A 104 4.69 -13.11 -1.26
N GLU A 105 4.04 -12.06 -1.78
CA GLU A 105 4.42 -11.45 -3.05
C GLU A 105 5.48 -10.36 -2.79
N LEU A 106 5.17 -9.53 -1.80
CA LEU A 106 5.94 -8.32 -1.50
C LEU A 106 7.28 -8.64 -0.84
N ASP A 107 7.25 -9.54 0.12
CA ASP A 107 8.42 -9.97 0.91
C ASP A 107 9.53 -10.47 0.03
N ARG A 108 9.18 -11.01 -1.14
CA ARG A 108 10.16 -11.60 -2.06
C ARG A 108 11.11 -10.53 -2.63
N ASP A 109 10.68 -9.30 -2.65
CA ASP A 109 11.54 -8.21 -3.14
C ASP A 109 12.40 -7.71 -2.02
N ILE A 110 11.79 -7.62 -0.86
CA ILE A 110 12.43 -7.14 0.35
C ILE A 110 13.55 -8.09 0.76
N VAL A 111 13.23 -9.36 0.76
CA VAL A 111 14.19 -10.35 1.09
C VAL A 111 15.10 -10.59 -0.14
N SER A 112 16.31 -10.24 0.02
CA SER A 112 17.27 -10.30 -1.04
C SER A 112 17.99 -11.66 -1.10
N LYS A 113 18.82 -11.82 -2.12
CA LYS A 113 19.61 -13.02 -2.29
C LYS A 113 20.68 -13.02 -1.22
N ASN A 114 20.57 -13.97 -0.30
CA ASN A 114 21.40 -14.06 0.91
C ASN A 114 20.99 -12.98 1.88
N ASN A 115 20.02 -13.30 2.72
CA ASN A 115 19.47 -12.36 3.66
C ASN A 115 18.89 -13.10 4.85
N ALA A 116 17.94 -14.00 4.62
CA ALA A 116 17.33 -14.71 5.73
C ALA A 116 16.90 -16.12 5.37
N GLU A 117 17.70 -17.08 5.77
CA GLU A 117 17.36 -18.48 5.64
C GLU A 117 16.72 -18.93 6.95
N LYS A 118 15.50 -19.32 6.90
CA LYS A 118 14.80 -19.73 8.10
C LYS A 118 14.26 -21.12 7.91
N GLY B 1 -10.58 -28.96 10.71
CA GLY B 1 -9.69 -28.00 10.08
C GLY B 1 -10.01 -27.85 8.63
N SER B 2 -10.44 -26.68 8.24
CA SER B 2 -10.76 -26.42 6.86
C SER B 2 -9.47 -26.21 6.05
N LYS B 3 -9.08 -27.23 5.31
CA LYS B 3 -7.88 -27.18 4.53
C LYS B 3 -8.18 -27.17 3.04
N SER B 4 -9.37 -27.62 2.68
CA SER B 4 -9.80 -27.62 1.31
C SER B 4 -10.25 -26.23 0.93
N GLN B 5 -10.91 -25.58 1.85
CA GLN B 5 -11.33 -24.23 1.69
C GLN B 5 -10.88 -23.49 2.94
N TYR B 6 -10.54 -22.25 2.78
CA TYR B 6 -10.02 -21.45 3.85
C TYR B 6 -10.71 -20.10 3.91
N ILE B 7 -10.47 -19.28 2.93
CA ILE B 7 -11.09 -17.97 2.81
C ILE B 7 -11.34 -17.78 1.34
N ASP B 8 -12.38 -17.13 0.99
CA ASP B 8 -12.76 -17.03 -0.41
C ASP B 8 -12.64 -15.60 -0.89
N ILE B 9 -11.52 -14.99 -0.60
CA ILE B 9 -11.30 -13.65 -1.05
C ILE B 9 -10.06 -13.64 -1.89
N MET B 10 -8.92 -13.71 -1.18
CA MET B 10 -7.59 -13.57 -1.76
C MET B 10 -7.36 -12.22 -2.46
N PRO B 11 -6.12 -11.71 -2.43
CA PRO B 11 -5.81 -10.43 -3.03
C PRO B 11 -5.94 -10.44 -4.55
N ASP B 12 -6.53 -9.40 -5.11
CA ASP B 12 -6.68 -9.32 -6.57
C ASP B 12 -5.37 -8.92 -7.18
N PHE B 13 -4.73 -7.91 -6.58
CA PHE B 13 -3.42 -7.40 -7.03
C PHE B 13 -3.39 -6.91 -8.48
N SER B 14 -4.47 -6.36 -8.94
CA SER B 14 -4.54 -5.87 -10.28
C SER B 14 -4.50 -4.36 -10.19
N PRO B 15 -4.30 -3.62 -11.27
CA PRO B 15 -4.46 -2.19 -11.23
C PRO B 15 -5.89 -1.82 -11.47
N SER B 16 -6.23 -0.64 -11.16
CA SER B 16 -7.43 -0.15 -11.65
C SER B 16 -7.13 0.51 -12.99
N GLY B 17 -8.13 0.99 -13.58
CA GLY B 17 -8.03 1.70 -14.80
C GLY B 17 -8.17 3.17 -14.53
N LEU B 18 -8.55 3.50 -13.28
CA LEU B 18 -8.73 4.88 -12.87
C LEU B 18 -7.37 5.49 -12.83
N LEU B 19 -6.50 4.73 -12.24
CA LEU B 19 -5.14 5.08 -11.93
C LEU B 19 -4.42 5.80 -13.08
N GLU B 20 -4.32 5.13 -14.21
CA GLU B 20 -3.61 5.67 -15.36
C GLU B 20 -4.34 6.82 -16.06
N LEU B 21 -5.57 7.07 -15.68
CA LEU B 21 -6.33 8.16 -16.24
C LEU B 21 -6.26 9.38 -15.32
N GLU B 22 -6.17 9.11 -14.03
CA GLU B 22 -6.15 10.16 -13.02
C GLU B 22 -4.75 10.71 -12.80
N SER B 23 -3.80 9.83 -12.82
CA SER B 23 -2.46 10.18 -12.57
C SER B 23 -1.72 10.34 -13.89
N GLY C 1 6.49 6.16 -21.64
CA GLY C 1 6.57 7.20 -20.62
C GLY C 1 7.86 7.07 -19.88
N SER C 2 8.21 8.07 -19.11
CA SER C 2 9.43 8.04 -18.34
C SER C 2 9.23 8.88 -17.09
N TYR C 3 9.97 8.59 -16.04
CA TYR C 3 9.91 9.40 -14.84
C TYR C 3 10.63 10.71 -15.09
N ASP C 4 9.94 11.80 -14.89
CA ASP C 4 10.44 13.10 -15.27
C ASP C 4 10.33 14.08 -14.13
N LYS C 5 10.43 13.59 -12.90
CA LYS C 5 10.37 14.49 -11.75
C LYS C 5 11.46 15.55 -11.83
N PRO C 6 11.07 16.83 -11.72
CA PRO C 6 12.03 17.94 -11.74
C PRO C 6 12.91 17.85 -10.52
N ALA C 7 12.28 17.50 -9.44
CA ALA C 7 12.90 17.26 -8.19
C ALA C 7 12.24 16.01 -7.67
N PRO C 8 12.96 15.13 -6.97
CA PRO C 8 12.40 13.86 -6.46
C PRO C 8 11.21 14.10 -5.52
N GLU C 9 11.18 15.31 -4.95
CA GLU C 9 10.23 15.82 -3.95
C GLU C 9 10.19 15.03 -2.65
N ASN C 10 9.92 13.72 -2.76
CA ASN C 10 9.86 12.74 -1.65
C ASN C 10 10.93 13.05 -0.60
N ARG C 11 10.48 13.63 0.51
CA ARG C 11 11.31 14.17 1.62
C ARG C 11 12.50 13.29 2.01
N PHE C 12 12.29 12.01 2.20
CA PHE C 12 13.37 11.15 2.70
C PHE C 12 14.14 10.52 1.55
N ALA C 13 13.82 10.96 0.33
CA ALA C 13 14.38 10.45 -0.90
C ALA C 13 14.34 8.93 -0.96
N ILE C 14 13.15 8.42 -0.91
CA ILE C 14 12.93 7.02 -1.03
C ILE C 14 12.63 6.77 -2.48
N MET C 15 13.31 5.84 -3.07
CA MET C 15 13.15 5.57 -4.48
C MET C 15 12.14 4.44 -4.70
N PRO C 16 11.41 4.52 -5.84
CA PRO C 16 10.39 3.54 -6.23
C PRO C 16 10.87 2.09 -6.21
N GLY C 17 9.99 1.23 -5.77
CA GLY C 17 10.25 -0.17 -5.68
C GLY C 17 9.75 -0.93 -6.90
N SER C 18 9.34 -2.15 -6.67
CA SER C 18 8.98 -3.11 -7.70
C SER C 18 7.74 -2.73 -8.52
N ARG C 19 6.61 -2.53 -7.85
CA ARG C 19 5.34 -2.39 -8.56
C ARG C 19 4.94 -0.97 -8.93
N TRP C 20 5.92 -0.13 -9.13
CA TRP C 20 5.59 1.17 -9.63
C TRP C 20 5.61 1.09 -11.14
N ASP C 21 4.41 0.97 -11.71
CA ASP C 21 4.17 0.83 -13.15
C ASP C 21 4.98 1.82 -13.97
N GLY C 22 4.86 3.06 -13.62
CA GLY C 22 5.51 4.10 -14.36
C GLY C 22 4.70 5.35 -14.31
N VAL C 23 3.41 5.20 -14.00
CA VAL C 23 2.49 6.30 -13.81
C VAL C 23 3.09 7.32 -12.82
N HIS C 24 3.39 8.48 -13.35
CA HIS C 24 4.18 9.51 -12.69
C HIS C 24 3.50 10.00 -11.40
N ARG C 25 4.29 10.15 -10.36
CA ARG C 25 3.79 10.62 -9.09
C ARG C 25 4.29 12.01 -8.85
N SER C 26 3.40 12.90 -8.51
CA SER C 26 3.74 14.25 -8.20
C SER C 26 2.67 14.85 -7.33
N ASN C 27 3.08 15.45 -6.27
CA ASN C 27 2.17 16.18 -5.43
C ASN C 27 2.51 17.64 -5.57
N GLY C 28 3.82 17.92 -5.56
CA GLY C 28 4.25 19.30 -5.55
C GLY C 28 4.23 19.76 -4.14
N PHE C 29 4.49 18.83 -3.25
CA PHE C 29 4.40 19.05 -1.85
C PHE C 29 5.60 19.87 -1.32
N GLU C 30 5.32 20.59 -0.25
CA GLU C 30 6.20 21.57 0.44
C GLU C 30 7.43 20.93 1.10
N GLU C 31 7.57 19.65 0.97
CA GLU C 31 8.61 18.88 1.63
C GLU C 31 10.00 19.10 1.01
N LYS C 32 10.03 19.46 -0.25
CA LYS C 32 11.29 19.50 -0.93
C LYS C 32 11.95 20.83 -0.85
N TRP C 33 13.15 20.82 -0.38
CA TRP C 33 13.98 21.99 -0.39
C TRP C 33 15.22 21.63 -1.15
N GLY A 1 -13.51 10.66 15.46
CA GLY A 1 -14.03 9.54 14.70
C GLY A 1 -12.92 8.63 14.24
N ALA A 2 -12.11 9.13 13.34
CA ALA A 2 -11.02 8.38 12.81
C ALA A 2 -9.82 8.43 13.73
N MET A 3 -9.34 7.29 14.14
CA MET A 3 -8.14 7.20 14.93
C MET A 3 -6.97 7.50 14.02
N GLY A 4 -5.99 8.23 14.50
CA GLY A 4 -4.83 8.45 13.69
C GLY A 4 -4.01 9.62 14.09
N ASN A 5 -4.64 10.76 14.23
CA ASN A 5 -3.93 12.02 14.53
C ASN A 5 -3.42 12.05 15.99
N GLU A 6 -3.55 10.95 16.66
CA GLU A 6 -3.15 10.83 18.03
C GLU A 6 -1.72 10.29 18.15
N TYR A 7 -1.30 9.45 17.20
CA TYR A 7 -0.01 8.79 17.31
C TYR A 7 0.73 8.72 15.99
N LYS A 8 2.04 8.76 16.09
CA LYS A 8 2.93 8.56 14.95
C LYS A 8 3.49 7.14 15.04
N ASP A 9 3.39 6.56 16.23
CA ASP A 9 3.94 5.20 16.50
C ASP A 9 3.03 4.10 16.00
N ASN A 10 1.97 4.47 15.36
CA ASN A 10 1.09 3.51 14.75
C ASN A 10 1.64 3.23 13.36
N ALA A 11 2.35 2.11 13.24
CA ALA A 11 3.05 1.76 11.99
C ALA A 11 2.11 1.39 10.86
N TYR A 12 0.89 1.00 11.19
CA TYR A 12 -0.10 0.75 10.17
C TYR A 12 -0.74 2.05 9.77
N ILE A 13 -0.90 2.25 8.52
CA ILE A 13 -1.53 3.44 8.05
C ILE A 13 -2.92 3.15 7.56
N TYR A 14 -3.79 4.05 7.88
CA TYR A 14 -5.16 4.02 7.50
C TYR A 14 -5.28 4.65 6.15
N ILE A 15 -5.81 3.96 5.23
CA ILE A 15 -6.06 4.51 3.94
C ILE A 15 -7.56 4.48 3.78
N GLY A 16 -8.16 5.61 3.65
CA GLY A 16 -9.59 5.67 3.55
C GLY A 16 -10.06 6.52 2.42
N ASN A 17 -11.37 6.48 2.17
CA ASN A 17 -12.06 7.26 1.14
C ASN A 17 -11.67 6.75 -0.26
N LEU A 18 -11.41 5.45 -0.35
CA LEU A 18 -11.04 4.85 -1.61
C LEU A 18 -12.26 4.54 -2.42
N ASN A 19 -12.06 4.52 -3.71
CA ASN A 19 -13.04 4.09 -4.66
C ASN A 19 -13.30 2.62 -4.45
N ARG A 20 -14.52 2.23 -4.64
CA ARG A 20 -14.95 0.87 -4.41
C ARG A 20 -14.32 -0.05 -5.49
N GLU A 21 -13.96 0.54 -6.61
CA GLU A 21 -13.34 -0.17 -7.71
C GLU A 21 -11.81 -0.33 -7.57
N LEU A 22 -11.23 0.23 -6.52
CA LEU A 22 -9.80 0.09 -6.27
C LEU A 22 -9.53 -1.15 -5.42
N THR A 23 -8.59 -1.95 -5.84
CA THR A 23 -8.22 -3.14 -5.13
C THR A 23 -6.79 -2.95 -4.54
N GLU A 24 -6.19 -4.01 -3.98
CA GLU A 24 -4.87 -3.93 -3.33
C GLU A 24 -3.81 -3.54 -4.35
N GLY A 25 -3.92 -4.13 -5.53
CA GLY A 25 -2.95 -3.90 -6.60
C GLY A 25 -2.77 -2.44 -6.95
N ASP A 26 -3.86 -1.70 -6.89
CA ASP A 26 -3.86 -0.26 -7.18
C ASP A 26 -2.99 0.46 -6.20
N ILE A 27 -3.18 0.10 -4.96
CA ILE A 27 -2.48 0.65 -3.85
C ILE A 27 -0.99 0.38 -3.94
N LEU A 28 -0.62 -0.86 -4.32
CA LEU A 28 0.79 -1.18 -4.54
C LEU A 28 1.38 -0.34 -5.65
N THR A 29 0.62 -0.17 -6.70
CA THR A 29 1.07 0.59 -7.87
C THR A 29 1.44 2.04 -7.46
N VAL A 30 0.66 2.61 -6.57
CA VAL A 30 0.90 3.96 -6.08
C VAL A 30 1.99 4.00 -4.98
N PHE A 31 1.80 3.21 -3.93
CA PHE A 31 2.66 3.23 -2.75
C PHE A 31 4.06 2.65 -3.00
N SER A 32 4.22 1.90 -4.07
CA SER A 32 5.50 1.30 -4.36
C SER A 32 6.52 2.36 -4.84
N GLU A 33 6.06 3.59 -5.07
CA GLU A 33 6.98 4.69 -5.39
C GLU A 33 7.94 4.91 -4.19
N TYR A 34 7.49 4.47 -3.02
CA TYR A 34 8.23 4.64 -1.78
C TYR A 34 8.78 3.31 -1.31
N GLY A 35 9.03 2.43 -2.25
CA GLY A 35 9.64 1.16 -1.93
C GLY A 35 8.70 0.01 -2.15
N VAL A 36 8.81 -0.99 -1.33
CA VAL A 36 7.95 -2.14 -1.43
C VAL A 36 7.31 -2.39 -0.07
N PRO A 37 6.01 -2.13 0.06
CA PRO A 37 5.26 -2.35 1.32
C PRO A 37 5.29 -3.83 1.76
N VAL A 38 5.36 -4.07 3.07
CA VAL A 38 5.36 -5.45 3.60
C VAL A 38 3.94 -5.90 3.90
N ASP A 39 3.10 -4.95 4.18
CA ASP A 39 1.73 -5.22 4.52
C ASP A 39 0.86 -4.25 3.82
N VAL A 40 -0.12 -4.77 3.15
CA VAL A 40 -1.14 -3.97 2.53
C VAL A 40 -2.37 -4.81 2.38
N ILE A 41 -3.42 -4.36 2.94
CA ILE A 41 -4.66 -5.05 2.89
C ILE A 41 -5.78 -4.12 2.60
N LEU A 42 -6.59 -4.48 1.68
CA LEU A 42 -7.73 -3.71 1.33
C LEU A 42 -8.85 -4.27 2.18
N SER A 43 -9.63 -3.41 2.76
CA SER A 43 -10.73 -3.85 3.55
C SER A 43 -11.82 -4.34 2.60
N ARG A 44 -11.76 -5.61 2.31
CA ARG A 44 -12.70 -6.23 1.41
C ARG A 44 -13.68 -7.02 2.22
N ASP A 45 -14.87 -7.17 1.71
CA ASP A 45 -15.88 -7.98 2.39
C ASP A 45 -15.58 -9.46 2.16
N GLU A 46 -15.87 -10.31 3.12
CA GLU A 46 -15.52 -11.72 3.03
C GLU A 46 -16.43 -12.49 2.06
N ASN A 47 -17.62 -12.01 1.84
CA ASN A 47 -18.62 -12.73 1.04
C ASN A 47 -18.52 -12.34 -0.40
N THR A 48 -18.57 -11.07 -0.64
CA THR A 48 -18.59 -10.55 -1.98
C THR A 48 -17.17 -10.31 -2.51
N GLY A 49 -16.23 -10.13 -1.60
CA GLY A 49 -14.86 -9.88 -1.99
C GLY A 49 -14.64 -8.48 -2.53
N GLU A 50 -15.64 -7.62 -2.45
CA GLU A 50 -15.49 -6.29 -2.99
C GLU A 50 -14.94 -5.33 -1.94
N SER A 51 -14.39 -4.26 -2.42
CA SER A 51 -13.77 -3.23 -1.61
C SER A 51 -14.81 -2.48 -0.76
N GLN A 52 -14.49 -2.29 0.52
CA GLN A 52 -15.35 -1.53 1.42
C GLN A 52 -14.93 -0.04 1.48
N GLY A 53 -14.03 0.34 0.58
CA GLY A 53 -13.57 1.72 0.51
C GLY A 53 -12.44 2.08 1.49
N PHE A 54 -11.92 1.09 2.21
CA PHE A 54 -10.83 1.32 3.17
C PHE A 54 -9.68 0.37 2.89
N ALA A 55 -8.49 0.74 3.32
CA ALA A 55 -7.32 -0.09 3.21
C ALA A 55 -6.38 0.21 4.36
N TYR A 56 -5.45 -0.69 4.60
CA TYR A 56 -4.46 -0.55 5.64
C TYR A 56 -3.15 -1.00 5.06
N LEU A 57 -2.07 -0.35 5.39
CA LEU A 57 -0.78 -0.71 4.85
C LEU A 57 0.30 -0.40 5.87
N LYS A 58 1.43 -1.08 5.77
CA LYS A 58 2.59 -0.75 6.56
C LYS A 58 3.84 -1.10 5.79
N TYR A 59 4.75 -0.17 5.75
CA TYR A 59 6.03 -0.37 5.12
C TYR A 59 7.02 -0.77 6.21
N GLU A 60 8.05 -1.54 5.89
CA GLU A 60 9.00 -1.90 6.90
C GLU A 60 10.04 -0.81 7.01
N ASP A 61 9.59 0.24 7.63
CA ASP A 61 10.29 1.50 7.90
C ASP A 61 9.19 2.50 8.21
N GLN A 62 9.14 2.95 9.43
CA GLN A 62 8.06 3.83 9.85
C GLN A 62 8.14 5.23 9.19
N ARG A 63 9.30 5.61 8.71
CA ARG A 63 9.47 6.93 8.11
C ARG A 63 8.93 6.96 6.68
N SER A 64 9.05 5.84 6.00
CA SER A 64 8.61 5.72 4.61
C SER A 64 7.09 5.62 4.65
N THR A 65 6.65 5.07 5.74
CA THR A 65 5.29 4.95 6.10
C THR A 65 4.67 6.38 6.29
N ILE A 66 5.37 7.23 7.05
CA ILE A 66 4.93 8.61 7.27
C ILE A 66 4.96 9.38 5.96
N LEU A 67 5.92 9.05 5.12
CA LEU A 67 6.06 9.70 3.83
C LEU A 67 4.84 9.44 2.95
N ALA A 68 4.31 8.22 3.03
CA ALA A 68 3.09 7.90 2.31
C ALA A 68 1.96 8.77 2.84
N VAL A 69 1.90 8.90 4.17
CA VAL A 69 0.90 9.75 4.85
C VAL A 69 1.04 11.21 4.42
N ASP A 70 2.26 11.69 4.38
CA ASP A 70 2.56 13.08 4.09
C ASP A 70 2.34 13.46 2.63
N ASN A 71 2.68 12.60 1.73
CA ASN A 71 2.71 13.01 0.34
C ASN A 71 1.48 12.55 -0.45
N LEU A 72 1.02 11.34 -0.18
CA LEU A 72 -0.08 10.78 -0.94
C LEU A 72 -1.43 11.26 -0.46
N ASN A 73 -1.48 11.80 0.74
CA ASN A 73 -2.74 12.27 1.30
C ASN A 73 -3.26 13.46 0.53
N GLY A 74 -4.34 13.26 -0.18
CA GLY A 74 -4.91 14.31 -1.00
C GLY A 74 -4.77 14.02 -2.48
N PHE A 75 -4.05 12.96 -2.81
CA PHE A 75 -3.86 12.57 -4.21
C PHE A 75 -5.20 12.04 -4.73
N LYS A 76 -5.58 12.49 -5.91
CA LYS A 76 -6.87 12.16 -6.46
C LYS A 76 -6.76 10.96 -7.39
N ILE A 77 -7.64 10.01 -7.22
CA ILE A 77 -7.74 8.85 -8.07
C ILE A 77 -9.21 8.56 -8.29
N GLY A 78 -9.67 8.64 -9.52
CA GLY A 78 -11.03 8.23 -9.85
C GLY A 78 -12.11 9.09 -9.22
N GLY A 79 -11.84 10.36 -9.11
CA GLY A 79 -12.83 11.28 -8.57
C GLY A 79 -12.83 11.35 -7.05
N ARG A 80 -11.98 10.58 -6.42
CA ARG A 80 -11.86 10.57 -4.97
C ARG A 80 -10.44 10.87 -4.59
N ALA A 81 -10.25 11.54 -3.49
CA ALA A 81 -8.93 11.74 -2.98
C ALA A 81 -8.75 10.86 -1.78
N LEU A 82 -7.77 10.02 -1.83
CA LEU A 82 -7.53 9.10 -0.77
C LEU A 82 -6.90 9.76 0.44
N LYS A 83 -7.23 9.25 1.58
CA LYS A 83 -6.76 9.74 2.84
C LYS A 83 -5.86 8.73 3.47
N ILE A 84 -4.68 9.15 3.85
CA ILE A 84 -3.82 8.28 4.59
C ILE A 84 -3.66 8.88 5.97
N ASP A 85 -3.78 8.08 6.97
CA ASP A 85 -3.64 8.51 8.34
C ASP A 85 -2.94 7.37 9.04
N HIS A 86 -2.80 7.43 10.32
CA HIS A 86 -2.17 6.33 11.05
C HIS A 86 -3.23 5.55 11.82
N THR A 87 -3.03 4.27 11.99
CA THR A 87 -3.96 3.49 12.75
C THR A 87 -3.23 2.30 13.38
N PHE A 88 -3.79 1.72 14.38
CA PHE A 88 -3.15 0.58 14.96
C PHE A 88 -4.08 -0.57 14.87
N TYR A 89 -3.86 -1.38 13.89
CA TYR A 89 -4.70 -2.49 13.59
C TYR A 89 -3.88 -3.76 13.58
N ARG A 90 -4.40 -4.78 14.19
CA ARG A 90 -3.76 -6.07 14.20
C ARG A 90 -4.35 -6.95 13.12
N PRO A 91 -3.50 -7.58 12.31
CA PRO A 91 -3.95 -8.51 11.29
C PRO A 91 -4.65 -9.70 11.93
N LYS A 92 -5.86 -9.99 11.47
CA LYS A 92 -6.63 -11.08 12.03
C LYS A 92 -5.93 -12.40 11.76
N ARG A 93 -5.88 -13.27 12.74
CA ARG A 93 -5.27 -14.56 12.56
C ARG A 93 -6.23 -15.52 11.88
N SER A 94 -7.49 -15.17 11.91
CA SER A 94 -8.51 -15.93 11.27
C SER A 94 -8.51 -15.67 9.77
N LEU A 95 -8.09 -14.49 9.42
CA LEU A 95 -8.06 -14.07 8.05
C LEU A 95 -6.60 -14.05 7.58
N GLN A 96 -5.75 -14.76 8.34
CA GLN A 96 -4.29 -14.78 8.13
C GLN A 96 -3.86 -15.11 6.72
N LYS A 97 -4.63 -15.97 6.05
CA LYS A 97 -4.30 -16.39 4.70
C LYS A 97 -4.31 -15.24 3.73
N TYR A 98 -5.18 -14.27 3.96
CA TYR A 98 -5.24 -13.10 3.12
C TYR A 98 -3.97 -12.28 3.30
N TYR A 99 -3.56 -12.11 4.54
CA TYR A 99 -2.38 -11.30 4.88
C TYR A 99 -1.10 -11.93 4.35
N GLU A 100 -0.93 -13.22 4.59
CA GLU A 100 0.26 -13.90 4.12
C GLU A 100 0.31 -13.94 2.60
N ALA A 101 -0.82 -14.25 1.97
CA ALA A 101 -0.90 -14.32 0.50
C ALA A 101 -0.54 -12.97 -0.13
N VAL A 102 -0.83 -11.89 0.58
CA VAL A 102 -0.46 -10.58 0.14
C VAL A 102 1.06 -10.40 0.18
N LYS A 103 1.64 -10.52 1.37
CA LYS A 103 3.05 -10.24 1.55
C LYS A 103 3.95 -11.26 0.91
N GLU A 104 3.44 -12.44 0.61
CA GLU A 104 4.22 -13.42 -0.09
C GLU A 104 4.68 -12.90 -1.45
N GLU A 105 3.86 -12.07 -2.07
CA GLU A 105 4.20 -11.48 -3.37
C GLU A 105 5.06 -10.24 -3.16
N LEU A 106 4.83 -9.56 -2.07
CA LEU A 106 5.51 -8.30 -1.77
C LEU A 106 6.95 -8.56 -1.34
N ASP A 107 7.09 -9.49 -0.42
CA ASP A 107 8.36 -9.86 0.20
C ASP A 107 9.42 -10.27 -0.84
N ARG A 108 8.97 -10.71 -2.01
CA ARG A 108 9.83 -11.17 -3.10
C ARG A 108 10.81 -10.07 -3.55
N ASP A 109 10.37 -8.82 -3.47
CA ASP A 109 11.21 -7.70 -3.95
C ASP A 109 11.85 -6.98 -2.75
N ILE A 110 11.46 -7.39 -1.57
CA ILE A 110 11.98 -6.82 -0.33
C ILE A 110 13.19 -7.63 0.11
N VAL A 111 13.12 -8.90 -0.13
CA VAL A 111 14.17 -9.84 0.17
C VAL A 111 15.28 -9.69 -0.91
N SER A 112 16.44 -10.31 -0.71
CA SER A 112 17.50 -10.25 -1.69
C SER A 112 17.06 -10.86 -3.02
N LYS A 113 16.78 -10.01 -3.97
CA LYS A 113 16.35 -10.42 -5.29
C LYS A 113 17.54 -10.34 -6.25
N ASN A 114 18.56 -9.61 -5.81
CA ASN A 114 19.79 -9.37 -6.56
C ASN A 114 20.39 -10.66 -7.12
N ASN A 115 20.35 -10.76 -8.43
CA ASN A 115 20.84 -11.90 -9.15
C ASN A 115 21.07 -11.48 -10.58
N ALA A 116 22.28 -11.60 -11.04
CA ALA A 116 22.62 -11.18 -12.38
C ALA A 116 22.31 -12.27 -13.41
N GLU A 117 21.05 -12.34 -13.78
CA GLU A 117 20.58 -13.22 -14.81
C GLU A 117 19.61 -12.47 -15.68
N LYS A 118 19.43 -12.95 -16.88
CA LYS A 118 18.56 -12.32 -17.83
C LYS A 118 17.34 -13.21 -18.12
N GLY B 1 -2.22 -25.59 2.70
CA GLY B 1 -3.05 -25.14 1.59
C GLY B 1 -4.51 -25.30 1.91
N SER B 2 -5.28 -25.73 0.96
CA SER B 2 -6.69 -25.87 1.15
C SER B 2 -7.19 -27.23 0.67
N LYS B 3 -7.65 -28.03 1.60
CA LYS B 3 -8.24 -29.31 1.26
C LYS B 3 -9.73 -29.11 1.04
N SER B 4 -10.28 -28.14 1.74
CA SER B 4 -11.63 -27.74 1.57
C SER B 4 -11.63 -26.37 0.91
N GLN B 5 -11.23 -25.40 1.69
CA GLN B 5 -11.10 -24.03 1.29
C GLN B 5 -10.62 -23.31 2.54
N TYR B 6 -10.15 -22.11 2.40
CA TYR B 6 -9.79 -21.30 3.54
C TYR B 6 -10.53 -19.98 3.55
N ILE B 7 -9.93 -18.95 3.02
CA ILE B 7 -10.60 -17.69 2.91
C ILE B 7 -10.97 -17.56 1.47
N ASP B 8 -12.08 -16.96 1.19
CA ASP B 8 -12.54 -16.84 -0.18
C ASP B 8 -12.54 -15.38 -0.63
N ILE B 9 -11.66 -14.61 -0.07
CA ILE B 9 -11.49 -13.27 -0.56
C ILE B 9 -10.29 -13.29 -1.49
N MET B 10 -9.09 -13.42 -0.87
CA MET B 10 -7.79 -13.53 -1.57
C MET B 10 -7.42 -12.24 -2.33
N PRO B 11 -6.13 -11.86 -2.32
CA PRO B 11 -5.67 -10.63 -2.98
C PRO B 11 -5.62 -10.77 -4.49
N ASP B 12 -6.05 -9.73 -5.18
CA ASP B 12 -6.08 -9.76 -6.64
C ASP B 12 -4.77 -9.36 -7.28
N PHE B 13 -4.14 -8.32 -6.74
CA PHE B 13 -2.89 -7.76 -7.28
C PHE B 13 -3.00 -7.44 -8.76
N SER B 14 -3.75 -6.44 -9.05
CA SER B 14 -3.97 -5.95 -10.38
C SER B 14 -4.43 -4.52 -10.20
N PRO B 15 -4.27 -3.64 -11.16
CA PRO B 15 -4.81 -2.29 -11.05
C PRO B 15 -6.24 -2.24 -11.51
N SER B 16 -6.86 -1.19 -11.19
CA SER B 16 -8.08 -0.86 -11.73
C SER B 16 -7.80 -0.02 -12.98
N GLY B 17 -8.82 0.35 -13.57
CA GLY B 17 -8.81 1.18 -14.72
C GLY B 17 -8.73 2.63 -14.34
N LEU B 18 -9.04 2.94 -13.08
CA LEU B 18 -8.94 4.32 -12.60
C LEU B 18 -7.50 4.69 -12.67
N LEU B 19 -6.72 3.75 -12.22
CA LEU B 19 -5.29 3.87 -12.11
C LEU B 19 -4.65 4.25 -13.43
N GLU B 20 -5.04 3.61 -14.50
CA GLU B 20 -4.45 3.88 -15.80
C GLU B 20 -4.92 5.22 -16.37
N LEU B 21 -6.06 5.69 -15.93
CA LEU B 21 -6.59 6.98 -16.39
C LEU B 21 -5.95 8.11 -15.60
N GLU B 22 -5.70 7.83 -14.33
CA GLU B 22 -5.13 8.82 -13.42
C GLU B 22 -3.62 8.92 -13.56
N SER B 23 -3.05 8.02 -14.31
CA SER B 23 -1.66 8.08 -14.64
C SER B 23 -1.49 9.12 -15.77
N GLY C 1 10.64 2.26 -15.30
CA GLY C 1 11.95 1.78 -15.68
C GLY C 1 12.83 1.67 -14.46
N SER C 2 14.01 1.15 -14.65
CA SER C 2 14.97 1.03 -13.59
C SER C 2 15.66 2.37 -13.38
N TYR C 3 15.87 2.74 -12.14
CA TYR C 3 16.56 3.97 -11.83
C TYR C 3 18.07 3.75 -11.88
N ASP C 4 18.77 4.71 -12.39
CA ASP C 4 20.23 4.67 -12.45
C ASP C 4 20.76 5.84 -11.63
N LYS C 5 19.85 6.41 -10.86
CA LYS C 5 20.12 7.55 -10.00
C LYS C 5 21.22 7.23 -8.99
N PRO C 6 22.28 8.04 -8.94
CA PRO C 6 23.37 7.86 -7.99
C PRO C 6 22.99 8.38 -6.60
N ALA C 7 21.96 9.18 -6.56
CA ALA C 7 21.46 9.74 -5.36
C ALA C 7 19.95 9.61 -5.38
N PRO C 8 19.35 8.97 -4.38
CA PRO C 8 17.92 8.80 -4.31
C PRO C 8 17.22 10.08 -3.86
N GLU C 9 16.83 10.88 -4.80
CA GLU C 9 16.18 12.11 -4.50
C GLU C 9 14.70 11.88 -4.26
N ASN C 10 14.34 12.09 -3.02
CA ASN C 10 13.00 11.91 -2.52
C ASN C 10 13.04 12.55 -1.14
N ARG C 11 11.90 12.88 -0.57
CA ARG C 11 11.79 13.54 0.74
C ARG C 11 12.64 12.85 1.80
N PHE C 12 12.47 11.54 1.94
CA PHE C 12 13.26 10.76 2.91
C PHE C 12 14.23 9.81 2.20
N ALA C 13 14.46 10.10 0.92
CA ALA C 13 15.40 9.35 0.06
C ALA C 13 15.06 7.87 -0.16
N ILE C 14 13.91 7.59 -0.74
CA ILE C 14 13.54 6.20 -1.07
C ILE C 14 13.33 6.12 -2.59
N MET C 15 13.70 4.99 -3.18
CA MET C 15 13.51 4.77 -4.60
C MET C 15 12.35 3.79 -4.82
N PRO C 16 11.67 3.85 -5.99
CA PRO C 16 10.51 2.98 -6.29
C PRO C 16 10.84 1.48 -6.28
N GLY C 17 9.82 0.68 -6.04
CA GLY C 17 9.93 -0.74 -6.02
C GLY C 17 9.33 -1.37 -7.27
N SER C 18 9.28 -2.69 -7.29
CA SER C 18 8.81 -3.47 -8.43
C SER C 18 7.31 -3.25 -8.75
N ARG C 19 6.54 -2.79 -7.79
CA ARG C 19 5.10 -2.68 -8.00
C ARG C 19 4.70 -1.34 -8.62
N TRP C 20 5.64 -0.43 -8.73
CA TRP C 20 5.34 0.85 -9.33
C TRP C 20 5.56 0.79 -10.83
N ASP C 21 4.58 1.23 -11.56
CA ASP C 21 4.67 1.29 -13.02
C ASP C 21 5.24 2.64 -13.44
N GLY C 22 4.37 3.63 -13.58
CA GLY C 22 4.80 4.95 -13.94
C GLY C 22 3.78 5.98 -13.57
N VAL C 23 3.02 5.70 -12.53
CA VAL C 23 2.06 6.66 -12.04
C VAL C 23 2.84 7.76 -11.31
N HIS C 24 2.88 8.92 -11.91
CA HIS C 24 3.73 9.99 -11.45
C HIS C 24 3.09 10.75 -10.30
N ARG C 25 3.91 11.26 -9.42
CA ARG C 25 3.44 12.00 -8.30
C ARG C 25 3.25 13.44 -8.73
N SER C 26 2.02 13.80 -9.01
CA SER C 26 1.68 15.15 -9.35
C SER C 26 0.38 15.51 -8.69
N ASN C 27 0.47 16.40 -7.75
CA ASN C 27 -0.69 16.88 -7.00
C ASN C 27 -0.67 18.40 -7.01
N GLY C 28 0.09 18.94 -7.94
CA GLY C 28 0.25 20.36 -8.09
C GLY C 28 1.70 20.75 -7.94
N PHE C 29 2.38 20.14 -6.99
CA PHE C 29 3.80 20.32 -6.88
C PHE C 29 4.49 19.08 -7.42
N GLU C 30 5.78 19.17 -7.69
CA GLU C 30 6.54 18.01 -8.07
C GLU C 30 7.19 17.33 -6.84
N GLU C 31 8.17 18.00 -6.29
CA GLU C 31 9.01 17.47 -5.21
C GLU C 31 8.72 17.98 -3.78
N LYS C 32 8.41 19.29 -3.67
CA LYS C 32 8.18 20.00 -2.39
C LYS C 32 9.52 20.39 -1.77
N TRP C 33 9.64 21.63 -1.40
CA TRP C 33 10.83 22.12 -0.74
C TRP C 33 10.61 22.04 0.76
N GLY A 1 -0.81 17.07 5.84
CA GLY A 1 -0.53 15.67 6.13
C GLY A 1 -0.51 15.46 7.60
N ALA A 2 -0.16 14.27 8.02
CA ALA A 2 -0.13 13.96 9.42
C ALA A 2 1.21 13.35 9.78
N MET A 3 2.12 14.17 10.22
CA MET A 3 3.41 13.67 10.64
C MET A 3 3.49 13.83 12.13
N GLY A 4 4.26 13.02 12.77
CA GLY A 4 4.38 13.14 14.17
C GLY A 4 5.39 12.21 14.70
N ASN A 5 5.78 12.42 15.90
CA ASN A 5 6.76 11.60 16.55
C ASN A 5 6.06 10.60 17.44
N GLU A 6 4.78 10.86 17.68
CA GLU A 6 3.94 9.96 18.43
C GLU A 6 3.62 8.76 17.56
N TYR A 7 3.55 9.02 16.25
CA TYR A 7 3.29 7.99 15.28
C TYR A 7 4.56 7.19 15.07
N LYS A 8 4.75 6.20 15.90
CA LYS A 8 5.90 5.36 15.79
C LYS A 8 5.47 3.91 15.82
N ASP A 9 4.53 3.62 16.72
CA ASP A 9 4.03 2.26 16.90
C ASP A 9 3.03 1.90 15.80
N ASN A 10 2.38 2.89 15.26
CA ASN A 10 1.40 2.69 14.21
C ASN A 10 2.10 2.53 12.87
N ALA A 11 2.57 1.34 12.59
CA ALA A 11 3.31 1.05 11.34
C ALA A 11 2.38 0.62 10.21
N TYR A 12 1.11 0.58 10.50
CA TYR A 12 0.12 0.33 9.50
C TYR A 12 -0.58 1.62 9.19
N ILE A 13 -0.81 1.87 7.96
CA ILE A 13 -1.45 3.07 7.57
C ILE A 13 -2.85 2.83 7.10
N TYR A 14 -3.71 3.70 7.50
CA TYR A 14 -5.10 3.70 7.14
C TYR A 14 -5.24 4.40 5.83
N ILE A 15 -5.76 3.72 4.87
CA ILE A 15 -6.03 4.33 3.61
C ILE A 15 -7.52 4.28 3.44
N GLY A 16 -8.15 5.40 3.42
CA GLY A 16 -9.57 5.45 3.32
C GLY A 16 -10.04 6.34 2.22
N ASN A 17 -11.35 6.27 1.95
CA ASN A 17 -12.05 7.10 0.95
C ASN A 17 -11.66 6.64 -0.48
N LEU A 18 -11.41 5.35 -0.63
CA LEU A 18 -11.07 4.78 -1.93
C LEU A 18 -12.30 4.49 -2.74
N ASN A 19 -12.08 4.23 -3.99
CA ASN A 19 -13.10 3.80 -4.93
C ASN A 19 -13.37 2.33 -4.70
N ARG A 20 -14.41 1.84 -5.33
CA ARG A 20 -14.81 0.47 -5.15
C ARG A 20 -13.95 -0.45 -6.03
N GLU A 21 -13.55 0.06 -7.17
CA GLU A 21 -12.77 -0.69 -8.15
C GLU A 21 -11.25 -0.66 -7.92
N LEU A 22 -10.80 0.10 -6.93
CA LEU A 22 -9.38 0.15 -6.61
C LEU A 22 -9.00 -1.05 -5.76
N THR A 23 -8.04 -1.80 -6.20
CA THR A 23 -7.57 -2.99 -5.53
C THR A 23 -6.16 -2.78 -4.95
N GLU A 24 -5.66 -3.79 -4.23
CA GLU A 24 -4.34 -3.80 -3.60
C GLU A 24 -3.27 -3.39 -4.60
N GLY A 25 -3.44 -3.86 -5.82
CA GLY A 25 -2.48 -3.59 -6.88
C GLY A 25 -2.39 -2.13 -7.22
N ASP A 26 -3.51 -1.43 -7.15
CA ASP A 26 -3.56 0.02 -7.41
C ASP A 26 -2.80 0.74 -6.36
N ILE A 27 -3.07 0.33 -5.15
CA ILE A 27 -2.48 0.88 -3.97
C ILE A 27 -0.95 0.71 -4.01
N LEU A 28 -0.51 -0.42 -4.51
CA LEU A 28 0.90 -0.68 -4.71
C LEU A 28 1.47 0.22 -5.79
N THR A 29 0.72 0.35 -6.88
CA THR A 29 1.13 1.19 -8.02
C THR A 29 1.36 2.65 -7.58
N VAL A 30 0.54 3.13 -6.67
CA VAL A 30 0.69 4.46 -6.16
C VAL A 30 1.76 4.58 -5.04
N PHE A 31 1.82 3.62 -4.13
CA PHE A 31 2.73 3.71 -2.97
C PHE A 31 4.15 3.19 -3.23
N SER A 32 4.35 2.49 -4.31
CA SER A 32 5.66 1.94 -4.64
C SER A 32 6.58 3.03 -5.25
N GLU A 33 6.00 4.18 -5.53
CA GLU A 33 6.69 5.32 -6.17
C GLU A 33 7.84 5.81 -5.28
N TYR A 34 7.52 6.10 -4.05
CA TYR A 34 8.47 6.69 -3.14
C TYR A 34 8.82 5.74 -2.00
N GLY A 35 8.72 4.45 -2.23
CA GLY A 35 9.08 3.49 -1.22
C GLY A 35 8.62 2.11 -1.53
N VAL A 36 8.84 1.20 -0.60
CA VAL A 36 8.47 -0.19 -0.77
C VAL A 36 7.39 -0.58 0.27
N PRO A 37 6.18 -0.88 -0.20
CA PRO A 37 5.14 -1.44 0.64
C PRO A 37 5.47 -2.92 0.91
N VAL A 38 5.50 -3.31 2.16
CA VAL A 38 5.88 -4.67 2.48
C VAL A 38 4.65 -5.53 2.73
N ASP A 39 3.54 -4.88 3.03
CA ASP A 39 2.29 -5.59 3.31
C ASP A 39 1.17 -4.67 2.88
N VAL A 40 0.15 -5.21 2.26
CA VAL A 40 -0.97 -4.40 1.81
C VAL A 40 -2.26 -5.20 1.90
N ILE A 41 -3.19 -4.70 2.64
CA ILE A 41 -4.43 -5.39 2.80
C ILE A 41 -5.60 -4.49 2.48
N LEU A 42 -6.29 -4.83 1.44
CA LEU A 42 -7.43 -4.08 1.00
C LEU A 42 -8.60 -4.60 1.80
N SER A 43 -9.21 -3.71 2.54
CA SER A 43 -10.30 -4.07 3.39
C SER A 43 -11.48 -4.43 2.50
N ARG A 44 -11.74 -5.68 2.44
CA ARG A 44 -12.80 -6.23 1.68
C ARG A 44 -13.57 -7.10 2.61
N ASP A 45 -14.85 -7.15 2.44
CA ASP A 45 -15.72 -7.89 3.34
C ASP A 45 -15.40 -9.39 3.30
N GLU A 46 -15.33 -10.00 4.46
CA GLU A 46 -14.96 -11.40 4.62
C GLU A 46 -16.08 -12.36 4.17
N ASN A 47 -17.27 -11.85 4.05
CA ASN A 47 -18.42 -12.66 3.73
C ASN A 47 -18.68 -12.64 2.25
N THR A 48 -18.91 -11.47 1.73
CA THR A 48 -19.30 -11.32 0.33
C THR A 48 -18.09 -10.99 -0.55
N GLY A 49 -17.00 -10.58 0.06
CA GLY A 49 -15.81 -10.24 -0.70
C GLY A 49 -15.95 -8.97 -1.50
N GLU A 50 -16.64 -8.00 -0.97
CA GLU A 50 -16.76 -6.75 -1.68
C GLU A 50 -15.74 -5.77 -1.11
N SER A 51 -15.12 -5.03 -1.99
CA SER A 51 -14.15 -4.03 -1.63
C SER A 51 -14.84 -2.95 -0.79
N GLN A 52 -14.29 -2.66 0.37
CA GLN A 52 -14.93 -1.71 1.28
C GLN A 52 -14.57 -0.26 0.97
N GLY A 53 -13.55 -0.05 0.17
CA GLY A 53 -13.13 1.30 -0.15
C GLY A 53 -12.16 1.82 0.89
N PHE A 54 -11.61 0.91 1.64
CA PHE A 54 -10.63 1.20 2.66
C PHE A 54 -9.55 0.16 2.55
N ALA A 55 -8.38 0.51 2.92
CA ALA A 55 -7.27 -0.38 2.88
C ALA A 55 -6.32 -0.03 3.99
N TYR A 56 -5.45 -0.94 4.28
CA TYR A 56 -4.44 -0.72 5.26
C TYR A 56 -3.15 -1.18 4.61
N LEU A 57 -2.08 -0.53 4.85
CA LEU A 57 -0.84 -0.91 4.23
C LEU A 57 0.29 -0.73 5.23
N LYS A 58 1.32 -1.49 5.05
CA LYS A 58 2.47 -1.41 5.90
C LYS A 58 3.70 -1.20 5.04
N TYR A 59 4.43 -0.17 5.33
CA TYR A 59 5.64 0.14 4.62
C TYR A 59 6.83 -0.56 5.21
N GLU A 60 7.90 -0.50 4.43
CA GLU A 60 9.23 -0.98 4.76
C GLU A 60 9.69 -0.47 6.13
N ASP A 61 9.50 0.79 6.40
CA ASP A 61 9.84 1.36 7.70
C ASP A 61 8.81 2.41 8.08
N GLN A 62 8.75 2.77 9.35
CA GLN A 62 7.86 3.77 9.85
C GLN A 62 8.10 5.15 9.18
N ARG A 63 9.34 5.43 8.77
CA ARG A 63 9.60 6.69 8.06
C ARG A 63 8.89 6.73 6.71
N SER A 64 8.81 5.60 6.07
CA SER A 64 8.25 5.52 4.74
C SER A 64 6.72 5.47 4.88
N THR A 65 6.32 5.03 6.02
CA THR A 65 4.98 4.98 6.49
C THR A 65 4.43 6.44 6.65
N ILE A 66 5.14 7.25 7.45
CA ILE A 66 4.80 8.67 7.66
C ILE A 66 4.83 9.42 6.33
N LEU A 67 5.77 9.03 5.50
CA LEU A 67 5.98 9.61 4.18
C LEU A 67 4.68 9.49 3.36
N ALA A 68 4.09 8.31 3.35
CA ALA A 68 2.86 8.05 2.62
C ALA A 68 1.74 8.95 3.13
N VAL A 69 1.63 8.99 4.45
CA VAL A 69 0.60 9.76 5.15
C VAL A 69 0.67 11.24 4.78
N ASP A 70 1.86 11.74 4.62
CA ASP A 70 2.06 13.14 4.40
C ASP A 70 2.18 13.52 2.90
N ASN A 71 2.58 12.58 2.05
CA ASN A 71 2.81 12.92 0.63
C ASN A 71 1.66 12.53 -0.30
N LEU A 72 0.91 11.49 0.02
CA LEU A 72 -0.17 11.10 -0.89
C LEU A 72 -1.53 11.40 -0.34
N ASN A 73 -1.60 11.91 0.85
CA ASN A 73 -2.90 12.24 1.41
C ASN A 73 -3.57 13.34 0.56
N GLY A 74 -4.73 13.04 0.03
CA GLY A 74 -5.42 13.99 -0.81
C GLY A 74 -5.17 13.73 -2.29
N PHE A 75 -4.48 12.63 -2.59
CA PHE A 75 -4.19 12.23 -3.96
C PHE A 75 -5.49 11.80 -4.64
N LYS A 76 -5.74 12.35 -5.79
CA LYS A 76 -6.98 12.15 -6.52
C LYS A 76 -6.92 10.93 -7.42
N ILE A 77 -7.85 10.03 -7.22
CA ILE A 77 -8.03 8.88 -8.08
C ILE A 77 -9.53 8.65 -8.24
N GLY A 78 -10.03 8.81 -9.45
CA GLY A 78 -11.41 8.42 -9.75
C GLY A 78 -12.45 9.30 -9.08
N GLY A 79 -12.23 10.59 -9.09
CA GLY A 79 -13.21 11.53 -8.55
C GLY A 79 -13.17 11.66 -7.05
N ARG A 80 -12.27 10.96 -6.40
CA ARG A 80 -12.12 11.03 -4.96
C ARG A 80 -10.66 11.01 -4.59
N ALA A 81 -10.36 11.55 -3.44
CA ALA A 81 -9.02 11.61 -2.96
C ALA A 81 -8.85 10.63 -1.85
N LEU A 82 -7.77 9.92 -1.86
CA LEU A 82 -7.52 8.96 -0.83
C LEU A 82 -6.86 9.58 0.41
N LYS A 83 -7.24 9.08 1.54
CA LYS A 83 -6.74 9.53 2.81
C LYS A 83 -5.82 8.49 3.40
N ILE A 84 -4.61 8.87 3.70
CA ILE A 84 -3.72 7.99 4.40
C ILE A 84 -3.53 8.57 5.79
N ASP A 85 -3.58 7.73 6.78
CA ASP A 85 -3.41 8.15 8.15
C ASP A 85 -2.70 7.00 8.86
N HIS A 86 -2.48 7.12 10.14
CA HIS A 86 -1.81 6.08 10.89
C HIS A 86 -2.81 5.27 11.67
N THR A 87 -2.64 3.98 11.69
CA THR A 87 -3.55 3.15 12.39
C THR A 87 -2.79 1.94 12.92
N PHE A 88 -3.33 1.28 13.88
CA PHE A 88 -2.74 0.09 14.35
C PHE A 88 -3.80 -0.93 14.23
N TYR A 89 -3.70 -1.66 13.19
CA TYR A 89 -4.67 -2.61 12.85
C TYR A 89 -4.13 -3.98 13.17
N ARG A 90 -4.88 -4.69 13.96
CA ARG A 90 -4.56 -6.02 14.33
C ARG A 90 -5.02 -6.95 13.24
N PRO A 91 -4.11 -7.71 12.65
CA PRO A 91 -4.47 -8.66 11.61
C PRO A 91 -5.37 -9.74 12.19
N LYS A 92 -6.41 -10.10 11.47
CA LYS A 92 -7.32 -11.11 11.95
C LYS A 92 -6.67 -12.46 11.72
N ARG A 93 -6.77 -13.35 12.67
CA ARG A 93 -6.15 -14.65 12.49
C ARG A 93 -6.97 -15.49 11.54
N SER A 94 -8.23 -15.12 11.40
CA SER A 94 -9.12 -15.77 10.48
C SER A 94 -8.75 -15.41 9.04
N LEU A 95 -7.99 -14.34 8.87
CA LEU A 95 -7.58 -13.90 7.56
C LEU A 95 -6.09 -14.09 7.35
N GLN A 96 -5.45 -14.97 8.15
CA GLN A 96 -4.01 -15.16 8.04
C GLN A 96 -3.60 -15.61 6.64
N LYS A 97 -4.42 -16.46 6.01
CA LYS A 97 -4.15 -16.95 4.65
C LYS A 97 -4.18 -15.81 3.65
N TYR A 98 -4.99 -14.81 3.92
CA TYR A 98 -5.10 -13.65 3.06
C TYR A 98 -3.82 -12.82 3.21
N TYR A 99 -3.40 -12.63 4.45
CA TYR A 99 -2.24 -11.80 4.78
C TYR A 99 -0.94 -12.40 4.26
N GLU A 100 -0.79 -13.70 4.43
CA GLU A 100 0.39 -14.38 3.95
C GLU A 100 0.43 -14.33 2.44
N ALA A 101 -0.71 -14.61 1.79
CA ALA A 101 -0.81 -14.61 0.33
C ALA A 101 -0.41 -13.26 -0.27
N VAL A 102 -0.69 -12.19 0.47
CA VAL A 102 -0.30 -10.84 0.08
C VAL A 102 1.21 -10.68 0.09
N LYS A 103 1.81 -10.85 1.26
CA LYS A 103 3.25 -10.63 1.41
C LYS A 103 4.05 -11.64 0.64
N GLU A 104 3.47 -12.80 0.41
CA GLU A 104 4.10 -13.82 -0.40
C GLU A 104 4.40 -13.37 -1.82
N GLU A 105 3.76 -12.31 -2.26
CA GLU A 105 4.10 -11.71 -3.53
C GLU A 105 5.18 -10.66 -3.35
N LEU A 106 4.93 -9.74 -2.43
CA LEU A 106 5.76 -8.54 -2.23
C LEU A 106 7.13 -8.89 -1.66
N ASP A 107 7.12 -9.74 -0.64
CA ASP A 107 8.31 -10.12 0.11
C ASP A 107 9.37 -10.76 -0.76
N ARG A 108 8.97 -11.36 -1.86
CA ARG A 108 9.93 -12.09 -2.68
C ARG A 108 10.80 -11.14 -3.51
N ASP A 109 10.41 -9.86 -3.55
CA ASP A 109 11.23 -8.83 -4.22
C ASP A 109 12.21 -8.27 -3.22
N ILE A 110 11.79 -8.31 -1.99
CA ILE A 110 12.56 -7.82 -0.88
C ILE A 110 13.59 -8.86 -0.49
N VAL A 111 13.12 -10.07 -0.27
CA VAL A 111 13.97 -11.13 0.13
C VAL A 111 14.44 -11.90 -1.12
N SER A 112 15.72 -11.85 -1.38
CA SER A 112 16.29 -12.57 -2.48
C SER A 112 16.75 -13.94 -2.02
N LYS A 113 16.91 -14.05 -0.72
CA LYS A 113 17.38 -15.26 -0.11
C LYS A 113 16.18 -15.99 0.42
N ASN A 114 15.76 -16.99 -0.28
CA ASN A 114 14.59 -17.76 0.09
C ASN A 114 14.86 -18.60 1.32
N ASN A 115 14.35 -18.16 2.43
CA ASN A 115 14.48 -18.91 3.65
C ASN A 115 13.38 -19.94 3.71
N ALA A 116 13.74 -21.12 3.40
CA ALA A 116 12.84 -22.22 3.37
C ALA A 116 13.48 -23.34 4.12
N GLU A 117 13.99 -22.99 5.27
CA GLU A 117 14.73 -23.89 6.11
C GLU A 117 13.74 -24.78 6.88
N LYS A 118 13.27 -25.79 6.19
CA LYS A 118 12.27 -26.69 6.65
C LYS A 118 12.44 -27.97 5.85
N GLY B 1 -12.18 -27.17 8.36
CA GLY B 1 -11.01 -26.70 7.66
C GLY B 1 -10.91 -27.34 6.30
N SER B 2 -10.96 -26.55 5.28
CA SER B 2 -10.89 -27.05 3.96
C SER B 2 -9.46 -26.98 3.42
N LYS B 3 -9.11 -27.90 2.56
CA LYS B 3 -7.77 -27.99 1.99
C LYS B 3 -7.71 -27.34 0.62
N SER B 4 -8.80 -27.40 -0.12
CA SER B 4 -8.89 -26.85 -1.46
C SER B 4 -8.70 -25.33 -1.40
N GLN B 5 -9.62 -24.67 -0.76
CA GLN B 5 -9.57 -23.26 -0.57
C GLN B 5 -9.73 -23.05 0.92
N TYR B 6 -9.48 -21.86 1.41
CA TYR B 6 -9.51 -21.63 2.84
C TYR B 6 -10.47 -20.52 3.14
N ILE B 7 -10.11 -19.35 2.69
CA ILE B 7 -10.92 -18.18 2.88
C ILE B 7 -11.51 -17.87 1.53
N ASP B 8 -12.61 -17.20 1.50
CA ASP B 8 -13.28 -16.99 0.23
C ASP B 8 -12.84 -15.70 -0.44
N ILE B 9 -12.17 -14.85 0.29
CA ILE B 9 -11.69 -13.62 -0.30
C ILE B 9 -10.40 -13.78 -1.08
N MET B 10 -9.25 -13.83 -0.37
CA MET B 10 -7.90 -13.90 -1.01
C MET B 10 -7.59 -12.56 -1.73
N PRO B 11 -6.31 -12.18 -1.87
CA PRO B 11 -5.95 -10.94 -2.59
C PRO B 11 -6.09 -11.12 -4.10
N ASP B 12 -6.31 -10.03 -4.81
CA ASP B 12 -6.52 -10.09 -6.25
C ASP B 12 -5.28 -9.61 -6.98
N PHE B 13 -4.76 -8.45 -6.53
CA PHE B 13 -3.61 -7.79 -7.15
C PHE B 13 -3.81 -7.50 -8.64
N SER B 14 -4.43 -6.41 -8.93
CA SER B 14 -4.68 -6.01 -10.30
C SER B 14 -4.62 -4.48 -10.33
N PRO B 15 -4.60 -3.83 -11.50
CA PRO B 15 -4.78 -2.39 -11.57
C PRO B 15 -6.22 -2.04 -11.81
N SER B 16 -6.55 -0.86 -11.54
CA SER B 16 -7.75 -0.35 -11.98
C SER B 16 -7.49 0.31 -13.34
N GLY B 17 -8.49 0.82 -13.83
CA GLY B 17 -8.51 1.52 -15.06
C GLY B 17 -8.76 2.97 -14.78
N LEU B 18 -8.94 3.29 -13.50
CA LEU B 18 -9.13 4.68 -13.10
C LEU B 18 -7.79 5.29 -13.13
N LEU B 19 -6.88 4.51 -12.60
CA LEU B 19 -5.54 4.87 -12.33
C LEU B 19 -4.80 5.32 -13.58
N GLU B 20 -5.08 4.68 -14.69
CA GLU B 20 -4.41 5.02 -15.95
C GLU B 20 -4.93 6.34 -16.53
N LEU B 21 -6.11 6.75 -16.11
CA LEU B 21 -6.71 7.99 -16.58
C LEU B 21 -6.15 9.12 -15.75
N GLU B 22 -6.21 8.94 -14.45
CA GLU B 22 -5.75 9.91 -13.47
C GLU B 22 -4.25 10.08 -13.61
N SER B 23 -3.57 8.95 -13.82
CA SER B 23 -2.15 8.85 -13.99
C SER B 23 -1.45 9.19 -12.68
N GLY C 1 10.25 -1.46 -11.30
CA GLY C 1 10.08 -0.07 -11.74
C GLY C 1 11.40 0.53 -12.11
N SER C 2 11.39 1.42 -13.06
CA SER C 2 12.58 2.11 -13.49
C SER C 2 12.56 3.53 -12.96
N TYR C 3 13.63 3.93 -12.29
CA TYR C 3 13.74 5.26 -11.68
C TYR C 3 13.48 6.37 -12.71
N ASP C 4 12.55 7.21 -12.40
CA ASP C 4 12.13 8.28 -13.29
C ASP C 4 13.03 9.48 -13.08
N LYS C 5 13.13 9.92 -11.85
CA LYS C 5 14.01 11.00 -11.50
C LYS C 5 15.38 10.44 -11.10
N PRO C 6 16.47 11.11 -11.52
CA PRO C 6 17.83 10.61 -11.26
C PRO C 6 18.41 10.99 -9.89
N ALA C 7 17.69 11.78 -9.14
CA ALA C 7 18.19 12.22 -7.86
C ALA C 7 17.10 12.10 -6.78
N PRO C 8 17.49 11.72 -5.55
CA PRO C 8 16.56 11.69 -4.43
C PRO C 8 16.34 13.10 -3.91
N GLU C 9 15.41 13.79 -4.53
CA GLU C 9 15.07 15.18 -4.21
C GLU C 9 14.08 15.26 -3.05
N ASN C 10 13.61 14.13 -2.59
CA ASN C 10 12.62 14.14 -1.55
C ASN C 10 13.29 14.15 -0.17
N ARG C 11 12.63 14.77 0.75
CA ARG C 11 13.02 15.00 2.15
C ARG C 11 13.51 13.74 2.86
N PHE C 12 12.92 12.62 2.55
CA PHE C 12 13.29 11.36 3.21
C PHE C 12 14.41 10.65 2.44
N ALA C 13 14.52 10.94 1.13
CA ALA C 13 15.49 10.30 0.24
C ALA C 13 15.31 8.79 0.17
N ILE C 14 14.16 8.38 -0.31
CA ILE C 14 13.81 6.97 -0.39
C ILE C 14 13.93 6.51 -1.85
N MET C 15 14.21 5.24 -2.05
CA MET C 15 14.31 4.68 -3.38
C MET C 15 12.99 3.99 -3.76
N PRO C 16 12.58 4.11 -5.04
CA PRO C 16 11.33 3.49 -5.55
C PRO C 16 11.33 1.95 -5.40
N GLY C 17 10.16 1.36 -5.58
CA GLY C 17 10.03 -0.06 -5.41
C GLY C 17 9.81 -0.83 -6.70
N SER C 18 9.34 -2.04 -6.56
CA SER C 18 9.11 -2.96 -7.64
C SER C 18 7.89 -2.60 -8.48
N ARG C 19 6.70 -2.59 -7.86
CA ARG C 19 5.42 -2.48 -8.58
C ARG C 19 5.02 -1.05 -8.93
N TRP C 20 6.00 -0.22 -9.05
CA TRP C 20 5.81 1.11 -9.49
C TRP C 20 6.11 1.16 -10.97
N ASP C 21 5.18 1.63 -11.74
CA ASP C 21 5.34 1.68 -13.18
C ASP C 21 6.36 2.75 -13.60
N GLY C 22 5.96 4.01 -13.53
CA GLY C 22 6.85 5.09 -13.87
C GLY C 22 6.15 6.43 -13.79
N VAL C 23 5.39 6.61 -12.73
CA VAL C 23 4.62 7.83 -12.54
C VAL C 23 4.98 8.41 -11.19
N HIS C 24 5.72 9.51 -11.17
CA HIS C 24 6.08 10.18 -9.91
C HIS C 24 4.84 10.88 -9.34
N ARG C 25 4.68 10.85 -8.01
CA ARG C 25 3.47 11.33 -7.39
C ARG C 25 3.74 12.33 -6.28
N SER C 26 3.08 13.45 -6.34
CA SER C 26 3.21 14.49 -5.33
C SER C 26 1.87 15.22 -5.19
N ASN C 27 1.58 15.71 -4.00
CA ASN C 27 0.34 16.50 -3.81
C ASN C 27 0.66 17.98 -3.80
N GLY C 28 1.94 18.31 -3.86
CA GLY C 28 2.34 19.70 -3.90
C GLY C 28 2.86 20.18 -2.56
N PHE C 29 3.12 19.24 -1.67
CA PHE C 29 3.67 19.54 -0.37
C PHE C 29 5.18 19.81 -0.46
N GLU C 30 5.72 20.39 0.62
CA GLU C 30 7.14 20.74 0.84
C GLU C 30 8.13 19.55 0.76
N GLU C 31 7.65 18.36 0.42
CA GLU C 31 8.44 17.10 0.36
C GLU C 31 9.87 17.26 -0.25
N LYS C 32 10.06 18.17 -1.19
CA LYS C 32 11.42 18.43 -1.65
C LYS C 32 12.15 19.28 -0.62
N TRP C 33 13.31 18.78 -0.22
CA TRP C 33 14.15 19.34 0.87
C TRP C 33 14.17 20.88 0.94
N GLY A 1 -4.81 7.01 14.25
CA GLY A 1 -4.90 8.45 14.06
C GLY A 1 -3.54 9.09 14.01
N ALA A 2 -3.36 10.06 13.12
CA ALA A 2 -2.13 10.83 13.04
C ALA A 2 -1.99 11.72 14.26
N MET A 3 -3.09 11.99 14.92
CA MET A 3 -3.03 12.74 16.13
C MET A 3 -3.19 11.81 17.31
N GLY A 4 -2.13 11.61 18.02
CA GLY A 4 -2.14 10.75 19.17
C GLY A 4 -0.74 10.26 19.47
N ASN A 5 -0.56 9.69 20.66
CA ASN A 5 0.76 9.22 21.09
C ASN A 5 1.07 7.84 20.49
N GLU A 6 0.24 7.42 19.57
CA GLU A 6 0.41 6.17 18.86
C GLU A 6 1.33 6.35 17.65
N TYR A 7 1.60 7.61 17.31
CA TYR A 7 2.30 8.05 16.08
C TYR A 7 3.66 7.32 15.84
N LYS A 8 4.33 6.94 16.90
CA LYS A 8 5.62 6.29 16.77
C LYS A 8 5.48 4.80 16.50
N ASP A 9 4.41 4.21 16.98
CA ASP A 9 4.28 2.75 16.93
C ASP A 9 3.29 2.29 15.88
N ASN A 10 2.64 3.21 15.24
CA ASN A 10 1.69 2.85 14.21
C ASN A 10 2.33 2.86 12.82
N ALA A 11 2.92 1.73 12.47
CA ALA A 11 3.61 1.60 11.18
C ALA A 11 2.62 1.25 10.07
N TYR A 12 1.39 0.98 10.44
CA TYR A 12 0.36 0.73 9.47
C TYR A 12 -0.28 2.04 9.12
N ILE A 13 -0.76 2.14 7.96
CA ILE A 13 -1.40 3.31 7.52
C ILE A 13 -2.78 3.00 7.00
N TYR A 14 -3.70 3.79 7.45
CA TYR A 14 -5.07 3.73 7.06
C TYR A 14 -5.22 4.42 5.75
N ILE A 15 -5.71 3.71 4.80
CA ILE A 15 -5.98 4.28 3.53
C ILE A 15 -7.48 4.30 3.42
N GLY A 16 -8.04 5.44 3.29
CA GLY A 16 -9.45 5.56 3.23
C GLY A 16 -9.90 6.32 2.04
N ASN A 17 -11.19 6.22 1.75
CA ASN A 17 -11.86 6.91 0.64
C ASN A 17 -11.37 6.37 -0.70
N LEU A 18 -11.20 5.06 -0.78
CA LEU A 18 -10.81 4.46 -2.02
C LEU A 18 -12.02 4.24 -2.89
N ASN A 19 -11.78 3.92 -4.11
CA ASN A 19 -12.83 3.67 -5.02
C ASN A 19 -12.98 2.15 -5.12
N ARG A 20 -14.19 1.68 -5.32
CA ARG A 20 -14.56 0.24 -5.25
C ARG A 20 -13.64 -0.67 -6.11
N GLU A 21 -13.27 -0.19 -7.28
CA GLU A 21 -12.46 -0.94 -8.22
C GLU A 21 -10.95 -0.92 -7.90
N LEU A 22 -10.53 -0.17 -6.91
CA LEU A 22 -9.15 -0.16 -6.50
C LEU A 22 -8.83 -1.40 -5.67
N THR A 23 -7.91 -2.15 -6.17
CA THR A 23 -7.49 -3.39 -5.57
C THR A 23 -6.07 -3.23 -5.00
N GLU A 24 -5.63 -4.23 -4.24
CA GLU A 24 -4.36 -4.25 -3.55
C GLU A 24 -3.21 -3.91 -4.50
N GLY A 25 -3.28 -4.44 -5.70
CA GLY A 25 -2.24 -4.26 -6.68
C GLY A 25 -2.10 -2.84 -7.15
N ASP A 26 -3.20 -2.12 -7.20
CA ASP A 26 -3.20 -0.76 -7.72
C ASP A 26 -2.69 0.18 -6.63
N ILE A 27 -3.03 -0.18 -5.41
CA ILE A 27 -2.56 0.52 -4.23
C ILE A 27 -1.03 0.42 -4.17
N LEU A 28 -0.53 -0.78 -4.46
CA LEU A 28 0.89 -1.01 -4.52
C LEU A 28 1.52 -0.12 -5.58
N THR A 29 0.84 -0.01 -6.71
CA THR A 29 1.30 0.81 -7.82
C THR A 29 1.59 2.25 -7.35
N VAL A 30 0.70 2.83 -6.56
CA VAL A 30 0.93 4.19 -6.06
C VAL A 30 1.89 4.26 -4.86
N PHE A 31 1.83 3.29 -3.96
CA PHE A 31 2.69 3.31 -2.75
C PHE A 31 4.15 2.98 -3.04
N SER A 32 4.39 2.21 -4.09
CA SER A 32 5.76 1.83 -4.49
C SER A 32 6.56 3.06 -5.00
N GLU A 33 5.87 4.17 -5.17
CA GLU A 33 6.44 5.45 -5.57
C GLU A 33 7.62 5.86 -4.68
N TYR A 34 7.41 5.73 -3.40
CA TYR A 34 8.33 6.26 -2.41
C TYR A 34 8.69 5.21 -1.37
N GLY A 35 8.60 3.97 -1.75
CA GLY A 35 8.95 2.95 -0.82
C GLY A 35 8.54 1.60 -1.29
N VAL A 36 8.75 0.62 -0.45
CA VAL A 36 8.42 -0.74 -0.75
C VAL A 36 7.40 -1.22 0.29
N PRO A 37 6.15 -1.40 -0.13
CA PRO A 37 5.08 -1.89 0.75
C PRO A 37 5.37 -3.31 1.25
N VAL A 38 5.37 -3.47 2.55
CA VAL A 38 5.68 -4.75 3.18
C VAL A 38 4.42 -5.56 3.40
N ASP A 39 3.39 -4.88 3.80
CA ASP A 39 2.11 -5.47 4.03
C ASP A 39 1.07 -4.54 3.50
N VAL A 40 0.09 -5.07 2.85
CA VAL A 40 -1.02 -4.31 2.39
C VAL A 40 -2.21 -5.20 2.43
N ILE A 41 -3.29 -4.66 2.88
CA ILE A 41 -4.52 -5.37 2.99
C ILE A 41 -5.66 -4.45 2.64
N LEU A 42 -6.43 -4.83 1.68
CA LEU A 42 -7.56 -4.06 1.27
C LEU A 42 -8.72 -4.59 2.09
N SER A 43 -9.45 -3.70 2.72
CA SER A 43 -10.52 -4.11 3.57
C SER A 43 -11.68 -4.57 2.70
N ARG A 44 -11.75 -5.86 2.53
CA ARG A 44 -12.76 -6.49 1.75
C ARG A 44 -13.63 -7.24 2.71
N ASP A 45 -14.92 -7.26 2.44
CA ASP A 45 -15.85 -8.00 3.29
C ASP A 45 -15.51 -9.48 3.27
N GLU A 46 -15.50 -10.08 4.42
CA GLU A 46 -15.10 -11.46 4.60
C GLU A 46 -16.00 -12.44 3.86
N ASN A 47 -17.26 -12.13 3.78
CA ASN A 47 -18.22 -13.09 3.23
C ASN A 47 -18.50 -12.85 1.78
N THR A 48 -18.75 -11.63 1.42
CA THR A 48 -19.16 -11.34 0.06
C THR A 48 -17.99 -10.85 -0.80
N GLY A 49 -16.87 -10.58 -0.16
CA GLY A 49 -15.69 -10.14 -0.86
C GLY A 49 -15.86 -8.82 -1.57
N GLU A 50 -16.48 -7.88 -0.91
CA GLU A 50 -16.67 -6.59 -1.50
C GLU A 50 -15.64 -5.60 -0.97
N SER A 51 -15.09 -4.80 -1.86
CA SER A 51 -14.07 -3.83 -1.51
C SER A 51 -14.68 -2.60 -0.83
N GLN A 52 -14.49 -2.53 0.47
CA GLN A 52 -15.10 -1.49 1.33
C GLN A 52 -14.58 -0.08 1.01
N GLY A 53 -13.49 0.01 0.30
CA GLY A 53 -12.94 1.31 -0.03
C GLY A 53 -12.04 1.82 1.08
N PHE A 54 -11.54 0.90 1.87
CA PHE A 54 -10.61 1.18 2.94
C PHE A 54 -9.52 0.16 2.84
N ALA A 55 -8.34 0.52 3.22
CA ALA A 55 -7.22 -0.38 3.20
C ALA A 55 -6.25 -0.03 4.29
N TYR A 56 -5.35 -0.92 4.55
CA TYR A 56 -4.29 -0.70 5.49
C TYR A 56 -3.01 -1.13 4.79
N LEU A 57 -1.95 -0.43 5.01
CA LEU A 57 -0.69 -0.80 4.41
C LEU A 57 0.39 -0.59 5.46
N LYS A 58 1.50 -1.26 5.33
CA LYS A 58 2.56 -1.16 6.30
C LYS A 58 3.90 -1.17 5.59
N TYR A 59 4.71 -0.19 5.87
CA TYR A 59 6.10 -0.23 5.48
C TYR A 59 6.92 -0.85 6.61
N GLU A 60 8.17 -1.15 6.35
CA GLU A 60 9.04 -1.71 7.38
C GLU A 60 9.61 -0.57 8.19
N ASP A 61 9.72 0.55 7.56
CA ASP A 61 10.30 1.73 8.15
C ASP A 61 9.21 2.76 8.41
N GLN A 62 9.11 3.18 9.66
CA GLN A 62 8.08 4.11 10.12
C GLN A 62 8.17 5.49 9.42
N ARG A 63 9.32 5.84 8.87
CA ARG A 63 9.47 7.14 8.21
C ARG A 63 8.78 7.13 6.85
N SER A 64 8.67 5.96 6.25
CA SER A 64 8.04 5.83 4.95
C SER A 64 6.54 5.83 5.19
N THR A 65 6.19 5.28 6.34
CA THR A 65 4.88 5.29 6.88
C THR A 65 4.39 6.76 7.04
N ILE A 66 5.21 7.60 7.67
CA ILE A 66 4.92 9.02 7.86
C ILE A 66 4.79 9.72 6.49
N LEU A 67 5.80 9.47 5.64
CA LEU A 67 5.87 10.02 4.30
C LEU A 67 4.58 9.74 3.54
N ALA A 68 4.12 8.49 3.63
CA ALA A 68 2.90 8.04 2.98
C ALA A 68 1.70 8.84 3.42
N VAL A 69 1.60 9.04 4.73
CA VAL A 69 0.51 9.74 5.36
C VAL A 69 0.32 11.13 4.80
N ASP A 70 1.38 11.88 4.66
CA ASP A 70 1.20 13.24 4.18
C ASP A 70 1.51 13.48 2.70
N ASN A 71 2.03 12.49 1.98
CA ASN A 71 2.36 12.76 0.58
C ASN A 71 1.27 12.33 -0.41
N LEU A 72 0.69 11.15 -0.24
CA LEU A 72 -0.35 10.71 -1.16
C LEU A 72 -1.73 11.13 -0.73
N ASN A 73 -1.83 11.65 0.47
CA ASN A 73 -3.10 12.13 1.00
C ASN A 73 -3.61 13.25 0.11
N GLY A 74 -4.71 13.01 -0.55
CA GLY A 74 -5.25 14.00 -1.41
C GLY A 74 -5.00 13.70 -2.88
N PHE A 75 -4.36 12.57 -3.17
CA PHE A 75 -4.15 12.19 -4.57
C PHE A 75 -5.47 11.64 -5.14
N LYS A 76 -5.89 12.22 -6.23
CA LYS A 76 -7.19 11.95 -6.82
C LYS A 76 -7.16 10.65 -7.65
N ILE A 77 -8.00 9.69 -7.28
CA ILE A 77 -8.13 8.45 -8.02
C ILE A 77 -9.61 8.08 -8.15
N GLY A 78 -10.13 8.18 -9.34
CA GLY A 78 -11.50 7.85 -9.62
C GLY A 78 -12.43 8.87 -9.06
N GLY A 79 -12.08 10.12 -9.26
CA GLY A 79 -12.92 11.23 -8.82
C GLY A 79 -12.78 11.56 -7.34
N ARG A 80 -12.20 10.67 -6.58
CA ARG A 80 -12.07 10.86 -5.15
C ARG A 80 -10.61 10.81 -4.74
N ALA A 81 -10.24 11.63 -3.80
CA ALA A 81 -8.89 11.64 -3.31
C ALA A 81 -8.79 10.75 -2.10
N LEU A 82 -7.81 9.90 -2.10
CA LEU A 82 -7.63 8.99 -1.00
C LEU A 82 -6.94 9.62 0.21
N LYS A 83 -7.20 9.04 1.35
CA LYS A 83 -6.72 9.51 2.62
C LYS A 83 -5.74 8.49 3.19
N ILE A 84 -4.61 8.95 3.68
CA ILE A 84 -3.69 8.07 4.37
C ILE A 84 -3.50 8.63 5.77
N ASP A 85 -3.67 7.80 6.77
CA ASP A 85 -3.56 8.20 8.17
C ASP A 85 -2.76 7.15 8.94
N HIS A 86 -2.19 7.52 10.06
CA HIS A 86 -1.43 6.57 10.88
C HIS A 86 -2.38 5.66 11.65
N THR A 87 -2.20 4.36 11.60
CA THR A 87 -3.07 3.47 12.32
C THR A 87 -2.33 2.18 12.71
N PHE A 88 -2.82 1.46 13.66
CA PHE A 88 -2.25 0.18 13.99
C PHE A 88 -3.38 -0.75 14.33
N TYR A 89 -3.45 -1.88 13.66
CA TYR A 89 -4.49 -2.82 13.93
C TYR A 89 -3.84 -4.16 14.21
N ARG A 90 -4.53 -5.01 14.91
CA ARG A 90 -4.03 -6.34 15.15
C ARG A 90 -4.53 -7.26 14.05
N PRO A 91 -3.61 -7.94 13.34
CA PRO A 91 -3.95 -8.85 12.26
C PRO A 91 -4.86 -9.97 12.76
N LYS A 92 -5.96 -10.17 12.08
CA LYS A 92 -6.92 -11.17 12.47
C LYS A 92 -6.47 -12.53 11.98
N ARG A 93 -6.61 -13.53 12.82
CA ARG A 93 -6.14 -14.85 12.48
C ARG A 93 -7.07 -15.53 11.48
N SER A 94 -8.33 -15.14 11.51
CA SER A 94 -9.32 -15.71 10.62
C SER A 94 -9.06 -15.27 9.18
N LEU A 95 -8.36 -14.16 9.02
CA LEU A 95 -8.06 -13.63 7.71
C LEU A 95 -6.59 -13.76 7.39
N GLN A 96 -5.88 -14.62 8.13
CA GLN A 96 -4.43 -14.76 7.96
C GLN A 96 -4.07 -15.22 6.57
N LYS A 97 -4.93 -16.04 5.96
CA LYS A 97 -4.65 -16.59 4.66
C LYS A 97 -4.65 -15.51 3.60
N TYR A 98 -5.51 -14.52 3.77
CA TYR A 98 -5.52 -13.37 2.89
C TYR A 98 -4.22 -12.59 3.08
N TYR A 99 -3.85 -12.41 4.34
CA TYR A 99 -2.64 -11.64 4.71
C TYR A 99 -1.40 -12.27 4.09
N GLU A 100 -1.19 -13.54 4.35
CA GLU A 100 -0.04 -14.25 3.85
C GLU A 100 -0.04 -14.29 2.32
N ALA A 101 -1.20 -14.55 1.72
CA ALA A 101 -1.33 -14.64 0.25
C ALA A 101 -0.98 -13.33 -0.42
N VAL A 102 -1.20 -12.23 0.28
CA VAL A 102 -0.84 -10.94 -0.26
C VAL A 102 0.68 -10.74 -0.21
N LYS A 103 1.27 -11.01 0.95
CA LYS A 103 2.69 -10.74 1.13
C LYS A 103 3.56 -11.68 0.36
N GLU A 104 3.01 -12.82 -0.06
CA GLU A 104 3.75 -13.77 -0.89
C GLU A 104 4.28 -13.09 -2.14
N GLU A 105 3.60 -12.08 -2.63
CA GLU A 105 4.06 -11.28 -3.76
C GLU A 105 4.90 -10.11 -3.26
N LEU A 106 4.44 -9.50 -2.19
CA LEU A 106 5.04 -8.27 -1.65
C LEU A 106 6.47 -8.49 -1.23
N ASP A 107 6.71 -9.62 -0.59
CA ASP A 107 8.02 -9.97 -0.05
C ASP A 107 9.07 -10.05 -1.16
N ARG A 108 8.61 -10.17 -2.39
CA ARG A 108 9.47 -10.22 -3.59
C ARG A 108 10.08 -8.85 -3.88
N ASP A 109 9.40 -7.81 -3.47
CA ASP A 109 9.89 -6.46 -3.70
C ASP A 109 10.77 -6.07 -2.51
N ILE A 110 10.42 -6.61 -1.34
CA ILE A 110 11.11 -6.31 -0.08
C ILE A 110 12.46 -7.02 0.01
N VAL A 111 12.44 -8.32 -0.25
CA VAL A 111 13.59 -9.19 -0.06
C VAL A 111 14.80 -8.71 -0.90
N SER A 112 15.97 -8.77 -0.30
CA SER A 112 17.18 -8.34 -0.97
C SER A 112 17.81 -9.51 -1.73
N LYS A 113 17.14 -10.68 -1.64
CA LYS A 113 17.54 -11.96 -2.27
C LYS A 113 19.02 -12.31 -2.06
N ASN A 114 19.55 -11.81 -0.97
CA ASN A 114 20.95 -11.99 -0.64
C ASN A 114 21.09 -13.23 0.22
N ASN A 115 20.30 -13.29 1.25
CA ASN A 115 20.36 -14.39 2.19
C ASN A 115 18.99 -15.04 2.30
N ALA A 116 18.95 -16.23 2.86
CA ALA A 116 17.72 -16.92 3.12
C ALA A 116 17.20 -16.46 4.46
N GLU A 117 16.21 -15.62 4.44
CA GLU A 117 15.69 -15.02 5.64
C GLU A 117 14.29 -15.51 5.99
N LYS A 118 13.72 -16.29 5.12
CA LYS A 118 12.43 -16.87 5.37
C LYS A 118 12.40 -18.23 4.67
N GLY B 1 -14.95 -29.79 -1.23
CA GLY B 1 -13.72 -29.13 -0.88
C GLY B 1 -13.75 -28.66 0.54
N SER B 2 -12.62 -28.59 1.15
CA SER B 2 -12.50 -28.12 2.49
C SER B 2 -11.38 -27.09 2.58
N LYS B 3 -10.19 -27.52 2.27
CA LYS B 3 -9.02 -26.66 2.28
C LYS B 3 -8.74 -26.16 0.88
N SER B 4 -9.67 -26.41 -0.04
CA SER B 4 -9.59 -25.97 -1.42
C SER B 4 -9.38 -24.45 -1.48
N GLN B 5 -10.08 -23.76 -0.62
CA GLN B 5 -9.89 -22.37 -0.41
C GLN B 5 -10.33 -22.09 1.01
N TYR B 6 -9.58 -21.31 1.71
CA TYR B 6 -9.80 -21.08 3.12
C TYR B 6 -10.70 -19.90 3.32
N ILE B 7 -10.35 -18.80 2.68
CA ILE B 7 -11.10 -17.58 2.76
C ILE B 7 -11.55 -17.33 1.35
N ASP B 8 -12.74 -16.85 1.17
CA ASP B 8 -13.30 -16.74 -0.17
C ASP B 8 -13.05 -15.37 -0.78
N ILE B 9 -12.24 -14.60 -0.14
CA ILE B 9 -11.99 -13.27 -0.63
C ILE B 9 -10.82 -13.33 -1.59
N MET B 10 -9.63 -13.44 -1.00
CA MET B 10 -8.36 -13.48 -1.72
C MET B 10 -8.04 -12.20 -2.53
N PRO B 11 -6.75 -11.84 -2.63
CA PRO B 11 -6.33 -10.60 -3.29
C PRO B 11 -6.46 -10.65 -4.81
N ASP B 12 -6.54 -9.48 -5.44
CA ASP B 12 -6.60 -9.42 -6.91
C ASP B 12 -5.24 -9.11 -7.49
N PHE B 13 -4.60 -8.06 -6.97
CA PHE B 13 -3.25 -7.61 -7.43
C PHE B 13 -3.26 -7.04 -8.84
N SER B 14 -4.38 -6.64 -9.29
CA SER B 14 -4.49 -6.11 -10.60
C SER B 14 -4.43 -4.60 -10.50
N PRO B 15 -4.25 -3.89 -11.59
CA PRO B 15 -4.43 -2.47 -11.57
C PRO B 15 -5.89 -2.14 -11.70
N SER B 16 -6.19 -0.96 -11.40
CA SER B 16 -7.41 -0.41 -11.74
C SER B 16 -7.23 0.15 -13.14
N GLY B 17 -8.22 0.74 -13.60
CA GLY B 17 -8.24 1.36 -14.89
C GLY B 17 -8.52 2.82 -14.73
N LEU B 18 -8.63 3.23 -13.47
CA LEU B 18 -8.86 4.61 -13.12
C LEU B 18 -7.55 5.29 -13.20
N LEU B 19 -6.62 4.64 -12.56
CA LEU B 19 -5.31 5.12 -12.25
C LEU B 19 -4.55 5.67 -13.46
N GLU B 20 -4.65 4.98 -14.58
CA GLU B 20 -4.00 5.39 -15.83
C GLU B 20 -4.49 6.77 -16.33
N LEU B 21 -5.66 7.18 -15.88
CA LEU B 21 -6.23 8.45 -16.26
C LEU B 21 -6.03 9.47 -15.15
N GLU B 22 -6.04 8.98 -13.93
CA GLU B 22 -5.95 9.82 -12.75
C GLU B 22 -4.52 10.30 -12.51
N SER B 23 -3.57 9.47 -12.85
CA SER B 23 -2.19 9.82 -12.70
C SER B 23 -1.73 10.51 -13.98
N GLY C 1 8.58 2.18 -16.66
CA GLY C 1 9.07 0.80 -16.67
C GLY C 1 9.70 0.44 -15.35
N SER C 2 10.99 0.57 -15.27
CA SER C 2 11.71 0.28 -14.06
C SER C 2 12.40 1.55 -13.59
N TYR C 3 12.79 1.58 -12.33
CA TYR C 3 13.50 2.73 -11.82
C TYR C 3 14.91 2.79 -12.35
N ASP C 4 15.15 3.79 -13.15
CA ASP C 4 16.43 4.03 -13.80
C ASP C 4 16.99 5.35 -13.36
N LYS C 5 16.31 5.96 -12.44
CA LYS C 5 16.71 7.27 -11.98
C LYS C 5 17.82 7.18 -10.95
N PRO C 6 18.86 8.02 -11.09
CA PRO C 6 20.01 8.01 -10.19
C PRO C 6 19.64 8.50 -8.78
N ALA C 7 18.63 9.34 -8.73
CA ALA C 7 18.17 9.92 -7.50
C ALA C 7 16.66 9.87 -7.47
N PRO C 8 16.07 9.62 -6.29
CA PRO C 8 14.61 9.61 -6.11
C PRO C 8 13.98 10.98 -6.42
N GLU C 9 14.68 12.06 -6.00
CA GLU C 9 14.24 13.46 -6.13
C GLU C 9 13.00 13.68 -5.28
N ASN C 10 12.97 12.96 -4.20
CA ASN C 10 11.88 12.93 -3.24
C ASN C 10 12.42 13.50 -1.94
N ARG C 11 11.58 14.19 -1.18
CA ARG C 11 11.94 14.84 0.08
C ARG C 11 12.70 13.89 1.03
N PHE C 12 12.25 12.64 1.13
CA PHE C 12 12.87 11.67 2.04
C PHE C 12 13.92 10.83 1.34
N ALA C 13 13.99 10.98 0.01
CA ALA C 13 14.93 10.25 -0.86
C ALA C 13 14.81 8.72 -0.72
N ILE C 14 13.63 8.24 -0.44
CA ILE C 14 13.40 6.82 -0.33
C ILE C 14 13.34 6.25 -1.75
N MET C 15 13.94 5.10 -1.95
CA MET C 15 13.92 4.45 -3.25
C MET C 15 12.59 3.84 -3.59
N PRO C 16 12.24 3.90 -4.87
CA PRO C 16 10.99 3.36 -5.37
C PRO C 16 11.00 1.83 -5.41
N GLY C 17 9.84 1.25 -5.36
CA GLY C 17 9.68 -0.18 -5.39
C GLY C 17 9.65 -0.73 -6.80
N SER C 18 9.60 -2.02 -6.90
CA SER C 18 9.64 -2.69 -8.19
C SER C 18 8.24 -2.67 -8.82
N ARG C 19 7.20 -2.64 -7.99
CA ARG C 19 5.83 -2.56 -8.54
C ARG C 19 5.42 -1.13 -8.88
N TRP C 20 6.38 -0.25 -8.88
CA TRP C 20 6.19 1.12 -9.29
C TRP C 20 6.31 1.14 -10.81
N ASP C 21 5.22 1.51 -11.48
CA ASP C 21 5.17 1.54 -12.96
C ASP C 21 6.21 2.48 -13.53
N GLY C 22 6.45 3.56 -12.85
CA GLY C 22 7.37 4.54 -13.34
C GLY C 22 6.72 5.89 -13.32
N VAL C 23 5.41 5.89 -13.15
CA VAL C 23 4.62 7.10 -13.00
C VAL C 23 5.04 7.81 -11.73
N HIS C 24 5.70 8.92 -11.85
CA HIS C 24 6.09 9.70 -10.70
C HIS C 24 5.00 10.70 -10.39
N ARG C 25 4.41 10.59 -9.23
CA ARG C 25 3.31 11.45 -8.87
C ARG C 25 3.79 12.67 -8.11
N SER C 26 3.10 13.74 -8.30
CA SER C 26 3.40 14.97 -7.65
C SER C 26 2.05 15.53 -7.20
N ASN C 27 1.77 15.37 -5.92
CA ASN C 27 0.44 15.60 -5.33
C ASN C 27 0.32 16.98 -4.64
N GLY C 28 1.32 17.79 -4.82
CA GLY C 28 1.36 19.07 -4.17
C GLY C 28 2.56 19.12 -3.28
N PHE C 29 2.80 18.02 -2.59
CA PHE C 29 4.01 17.88 -1.86
C PHE C 29 4.94 17.01 -2.65
N GLU C 30 5.79 17.65 -3.37
CA GLU C 30 6.90 17.03 -4.00
C GLU C 30 8.13 17.18 -3.11
N GLU C 31 8.52 18.44 -3.00
CA GLU C 31 9.69 18.88 -2.29
C GLU C 31 9.32 19.43 -0.91
N LYS C 32 8.13 20.00 -0.83
CA LYS C 32 7.67 20.64 0.37
C LYS C 32 6.16 20.79 0.22
N TRP C 33 5.46 20.85 1.31
CA TRP C 33 4.02 20.94 1.28
C TRP C 33 3.58 22.37 1.45
N GLY A 1 6.57 7.64 33.21
CA GLY A 1 7.14 8.39 32.09
C GLY A 1 7.28 7.51 30.86
N ALA A 2 6.17 7.09 30.32
CA ALA A 2 6.15 6.29 29.13
C ALA A 2 4.99 6.73 28.28
N MET A 3 5.23 7.72 27.48
CA MET A 3 4.19 8.30 26.68
C MET A 3 4.04 7.60 25.36
N GLY A 4 2.93 6.89 25.23
CA GLY A 4 2.62 6.19 23.98
C GLY A 4 1.93 7.14 23.03
N ASN A 5 1.50 8.27 23.59
CA ASN A 5 0.76 9.34 22.89
C ASN A 5 1.67 10.14 21.94
N GLU A 6 2.87 9.64 21.76
CA GLU A 6 3.79 10.19 20.78
C GLU A 6 3.18 9.80 19.41
N TYR A 7 2.64 8.58 19.38
CA TYR A 7 1.79 8.02 18.31
C TYR A 7 2.44 8.00 16.90
N LYS A 8 3.73 8.13 16.79
CA LYS A 8 4.35 8.06 15.47
C LYS A 8 4.96 6.70 15.19
N ASP A 9 5.05 5.88 16.22
CA ASP A 9 5.64 4.54 16.11
C ASP A 9 4.82 3.59 15.23
N ASN A 10 3.51 3.74 15.26
CA ASN A 10 2.59 2.87 14.49
C ASN A 10 2.84 2.96 12.97
N ALA A 11 3.38 1.87 12.45
CA ALA A 11 3.77 1.78 11.05
C ALA A 11 2.60 1.35 10.15
N TYR A 12 1.52 0.92 10.76
CA TYR A 12 0.34 0.58 10.00
C TYR A 12 -0.41 1.83 9.66
N ILE A 13 -0.70 2.00 8.42
CA ILE A 13 -1.38 3.16 7.99
C ILE A 13 -2.73 2.84 7.41
N TYR A 14 -3.66 3.67 7.76
CA TYR A 14 -5.02 3.59 7.33
C TYR A 14 -5.14 4.23 6.00
N ILE A 15 -5.78 3.58 5.11
CA ILE A 15 -6.06 4.12 3.82
C ILE A 15 -7.57 4.11 3.69
N GLY A 16 -8.16 5.22 3.39
CA GLY A 16 -9.59 5.26 3.32
C GLY A 16 -10.09 6.22 2.29
N ASN A 17 -11.41 6.17 2.09
CA ASN A 17 -12.14 7.02 1.13
C ASN A 17 -11.75 6.66 -0.30
N LEU A 18 -11.40 5.40 -0.48
CA LEU A 18 -11.06 4.87 -1.78
C LEU A 18 -12.31 4.55 -2.55
N ASN A 19 -12.14 4.42 -3.82
CA ASN A 19 -13.20 4.03 -4.71
C ASN A 19 -13.54 2.58 -4.47
N ARG A 20 -14.64 2.16 -4.99
CA ARG A 20 -15.12 0.81 -4.81
C ARG A 20 -14.37 -0.11 -5.77
N GLU A 21 -13.87 0.46 -6.83
CA GLU A 21 -13.15 -0.24 -7.87
C GLU A 21 -11.62 -0.33 -7.60
N LEU A 22 -11.14 0.26 -6.51
CA LEU A 22 -9.71 0.21 -6.18
C LEU A 22 -9.36 -1.04 -5.38
N THR A 23 -8.44 -1.79 -5.91
CA THR A 23 -7.98 -2.99 -5.28
C THR A 23 -6.51 -2.86 -4.81
N GLU A 24 -5.94 -3.95 -4.29
CA GLU A 24 -4.58 -4.02 -3.73
C GLU A 24 -3.53 -3.60 -4.73
N GLY A 25 -3.74 -3.97 -5.99
CA GLY A 25 -2.81 -3.67 -7.05
C GLY A 25 -2.66 -2.18 -7.24
N ASP A 26 -3.74 -1.47 -7.09
CA ASP A 26 -3.75 -0.02 -7.23
C ASP A 26 -2.98 0.61 -6.12
N ILE A 27 -3.27 0.11 -4.95
CA ILE A 27 -2.67 0.56 -3.71
C ILE A 27 -1.14 0.37 -3.75
N LEU A 28 -0.70 -0.76 -4.28
CA LEU A 28 0.71 -1.00 -4.44
C LEU A 28 1.29 -0.04 -5.45
N THR A 29 0.59 0.15 -6.55
CA THR A 29 1.01 1.03 -7.62
C THR A 29 1.15 2.50 -7.12
N VAL A 30 0.30 2.90 -6.17
CA VAL A 30 0.40 4.23 -5.60
C VAL A 30 1.48 4.36 -4.50
N PHE A 31 1.51 3.41 -3.56
CA PHE A 31 2.44 3.49 -2.41
C PHE A 31 3.88 3.10 -2.74
N SER A 32 4.11 2.45 -3.86
CA SER A 32 5.47 2.04 -4.23
C SER A 32 6.38 3.22 -4.60
N GLU A 33 5.78 4.39 -4.72
CA GLU A 33 6.51 5.64 -4.93
C GLU A 33 7.37 5.92 -3.65
N TYR A 34 6.97 5.31 -2.53
CA TYR A 34 7.62 5.52 -1.25
C TYR A 34 8.28 4.23 -0.74
N GLY A 35 8.53 3.31 -1.64
CA GLY A 35 9.24 2.11 -1.28
C GLY A 35 8.52 0.87 -1.72
N VAL A 36 8.80 -0.22 -1.07
CA VAL A 36 8.14 -1.49 -1.37
C VAL A 36 7.24 -1.85 -0.20
N PRO A 37 5.90 -1.70 -0.35
CA PRO A 37 4.93 -2.08 0.69
C PRO A 37 5.15 -3.54 1.13
N VAL A 38 5.33 -3.74 2.42
CA VAL A 38 5.69 -5.06 2.90
C VAL A 38 4.48 -5.84 3.33
N ASP A 39 3.44 -5.12 3.68
CA ASP A 39 2.21 -5.72 4.09
C ASP A 39 1.11 -4.80 3.69
N VAL A 40 0.16 -5.30 2.97
CA VAL A 40 -0.95 -4.52 2.52
C VAL A 40 -2.19 -5.38 2.55
N ILE A 41 -3.26 -4.79 2.97
CA ILE A 41 -4.54 -5.45 2.98
C ILE A 41 -5.61 -4.50 2.56
N LEU A 42 -6.47 -4.97 1.74
CA LEU A 42 -7.57 -4.21 1.26
C LEU A 42 -8.79 -4.74 1.98
N SER A 43 -9.53 -3.86 2.60
CA SER A 43 -10.69 -4.26 3.32
C SER A 43 -11.82 -4.50 2.33
N ARG A 44 -12.06 -5.76 2.07
CA ARG A 44 -13.09 -6.20 1.17
C ARG A 44 -13.99 -7.18 1.86
N ASP A 45 -15.20 -7.26 1.37
CA ASP A 45 -16.21 -8.17 1.91
C ASP A 45 -15.80 -9.60 1.73
N GLU A 46 -16.01 -10.39 2.75
CA GLU A 46 -15.59 -11.77 2.78
C GLU A 46 -16.48 -12.70 2.00
N ASN A 47 -17.52 -12.19 1.42
CA ASN A 47 -18.41 -13.04 0.69
C ASN A 47 -18.23 -12.80 -0.78
N THR A 48 -18.49 -11.59 -1.21
CA THR A 48 -18.45 -11.25 -2.63
C THR A 48 -17.08 -10.69 -3.03
N GLY A 49 -16.30 -10.27 -2.06
CA GLY A 49 -14.97 -9.78 -2.35
C GLY A 49 -14.92 -8.33 -2.72
N GLU A 50 -16.06 -7.66 -2.64
CA GLU A 50 -16.12 -6.28 -3.04
C GLU A 50 -15.44 -5.38 -2.01
N SER A 51 -14.60 -4.49 -2.51
CA SER A 51 -13.82 -3.57 -1.71
C SER A 51 -14.73 -2.65 -0.90
N GLN A 52 -14.28 -2.19 0.24
CA GLN A 52 -15.08 -1.24 1.02
C GLN A 52 -14.56 0.17 0.81
N GLY A 53 -13.45 0.26 0.11
CA GLY A 53 -12.84 1.55 -0.12
C GLY A 53 -11.94 1.93 1.03
N PHE A 54 -11.53 0.94 1.79
CA PHE A 54 -10.65 1.12 2.91
C PHE A 54 -9.56 0.07 2.83
N ALA A 55 -8.40 0.40 3.26
CA ALA A 55 -7.28 -0.50 3.23
C ALA A 55 -6.32 -0.13 4.32
N TYR A 56 -5.33 -0.97 4.53
CA TYR A 56 -4.30 -0.75 5.51
C TYR A 56 -3.01 -1.23 4.87
N LEU A 57 -1.93 -0.55 5.12
CA LEU A 57 -0.68 -0.92 4.53
C LEU A 57 0.45 -0.57 5.49
N LYS A 58 1.58 -1.22 5.35
CA LYS A 58 2.76 -0.83 6.05
C LYS A 58 4.00 -1.08 5.21
N TYR A 59 4.88 -0.13 5.24
CA TYR A 59 6.17 -0.24 4.62
C TYR A 59 7.15 -0.55 5.72
N GLU A 60 8.22 -1.27 5.41
CA GLU A 60 9.16 -1.64 6.44
C GLU A 60 10.17 -0.51 6.67
N ASP A 61 9.62 0.57 7.15
CA ASP A 61 10.27 1.81 7.54
C ASP A 61 9.20 2.76 7.92
N GLN A 62 9.23 3.17 9.14
CA GLN A 62 8.23 4.00 9.74
C GLN A 62 8.20 5.42 9.14
N ARG A 63 9.34 5.91 8.68
CA ARG A 63 9.43 7.30 8.27
C ARG A 63 8.99 7.52 6.83
N SER A 64 9.21 6.54 5.99
CA SER A 64 8.78 6.64 4.61
C SER A 64 7.28 6.33 4.59
N THR A 65 6.89 5.59 5.61
CA THR A 65 5.52 5.33 5.92
C THR A 65 4.81 6.68 6.25
N ILE A 66 5.52 7.55 6.99
CA ILE A 66 5.04 8.89 7.30
C ILE A 66 4.84 9.70 6.01
N LEU A 67 5.79 9.56 5.07
CA LEU A 67 5.70 10.21 3.75
C LEU A 67 4.44 9.82 3.01
N ALA A 68 4.16 8.53 3.00
CA ALA A 68 2.99 8.00 2.34
C ALA A 68 1.73 8.64 2.91
N VAL A 69 1.70 8.80 4.22
CA VAL A 69 0.58 9.44 4.89
C VAL A 69 0.50 10.90 4.52
N ASP A 70 1.59 11.58 4.71
CA ASP A 70 1.67 13.03 4.59
C ASP A 70 1.53 13.55 3.15
N ASN A 71 2.05 12.83 2.19
CA ASN A 71 2.09 13.36 0.82
C ASN A 71 0.87 12.92 0.02
N LEU A 72 0.55 11.63 0.06
CA LEU A 72 -0.54 11.10 -0.76
C LEU A 72 -1.91 11.47 -0.24
N ASN A 73 -1.97 11.94 0.97
CA ASN A 73 -3.23 12.35 1.59
C ASN A 73 -3.85 13.50 0.81
N GLY A 74 -4.92 13.22 0.10
CA GLY A 74 -5.55 14.24 -0.70
C GLY A 74 -5.34 14.02 -2.19
N PHE A 75 -4.60 12.95 -2.53
CA PHE A 75 -4.33 12.62 -3.93
C PHE A 75 -5.63 12.14 -4.60
N LYS A 76 -5.96 12.77 -5.70
CA LYS A 76 -7.20 12.57 -6.40
C LYS A 76 -7.11 11.40 -7.37
N ILE A 77 -7.97 10.42 -7.19
CA ILE A 77 -8.07 9.27 -8.08
C ILE A 77 -9.55 8.91 -8.20
N GLY A 78 -10.08 9.00 -9.41
CA GLY A 78 -11.43 8.53 -9.67
C GLY A 78 -12.51 9.38 -9.02
N GLY A 79 -12.31 10.68 -9.01
CA GLY A 79 -13.31 11.60 -8.49
C GLY A 79 -13.24 11.79 -7.00
N ARG A 80 -12.35 11.10 -6.34
CA ARG A 80 -12.21 11.21 -4.90
C ARG A 80 -10.77 11.27 -4.52
N ALA A 81 -10.50 11.73 -3.34
CA ALA A 81 -9.16 11.81 -2.85
C ALA A 81 -8.95 10.76 -1.79
N LEU A 82 -7.87 10.04 -1.88
CA LEU A 82 -7.59 9.01 -0.92
C LEU A 82 -6.99 9.58 0.38
N LYS A 83 -7.39 9.00 1.46
CA LYS A 83 -6.99 9.40 2.79
C LYS A 83 -6.04 8.37 3.37
N ILE A 84 -4.97 8.84 3.94
CA ILE A 84 -4.07 7.97 4.66
C ILE A 84 -3.94 8.56 6.06
N ASP A 85 -3.88 7.73 7.05
CA ASP A 85 -3.76 8.19 8.42
C ASP A 85 -2.99 7.12 9.19
N HIS A 86 -2.64 7.38 10.43
CA HIS A 86 -1.90 6.39 11.20
C HIS A 86 -2.83 5.66 12.14
N THR A 87 -2.80 4.35 12.11
CA THR A 87 -3.63 3.57 12.98
C THR A 87 -2.93 2.25 13.28
N PHE A 88 -2.90 1.86 14.52
CA PHE A 88 -2.33 0.59 14.81
C PHE A 88 -3.46 -0.38 15.03
N TYR A 89 -3.75 -1.14 14.02
CA TYR A 89 -4.83 -2.09 14.10
C TYR A 89 -4.22 -3.48 14.21
N ARG A 90 -4.98 -4.42 14.67
CA ARG A 90 -4.46 -5.75 14.81
C ARG A 90 -4.92 -6.65 13.66
N PRO A 91 -3.95 -7.19 12.88
CA PRO A 91 -4.24 -8.07 11.74
C PRO A 91 -5.05 -9.29 12.16
N LYS A 92 -6.01 -9.67 11.36
CA LYS A 92 -6.89 -10.74 11.75
C LYS A 92 -6.27 -12.10 11.48
N ARG A 93 -6.46 -12.99 12.43
CA ARG A 93 -6.02 -14.36 12.34
C ARG A 93 -7.02 -15.11 11.49
N SER A 94 -8.25 -14.65 11.53
CA SER A 94 -9.34 -15.20 10.76
C SER A 94 -9.04 -15.05 9.27
N LEU A 95 -8.32 -13.98 8.92
CA LEU A 95 -7.97 -13.71 7.55
C LEU A 95 -6.48 -13.89 7.29
N GLN A 96 -5.75 -14.58 8.18
CA GLN A 96 -4.27 -14.66 8.06
C GLN A 96 -3.79 -15.19 6.72
N LYS A 97 -4.54 -16.13 6.14
CA LYS A 97 -4.15 -16.73 4.88
C LYS A 97 -4.25 -15.72 3.74
N TYR A 98 -5.08 -14.70 3.92
CA TYR A 98 -5.21 -13.64 2.95
C TYR A 98 -3.95 -12.77 3.05
N TYR A 99 -3.58 -12.44 4.30
CA TYR A 99 -2.39 -11.60 4.60
C TYR A 99 -1.14 -12.21 4.03
N GLU A 100 -0.93 -13.47 4.33
CA GLU A 100 0.26 -14.16 3.86
C GLU A 100 0.28 -14.28 2.35
N ALA A 101 -0.86 -14.63 1.75
CA ALA A 101 -0.97 -14.79 0.31
C ALA A 101 -0.63 -13.48 -0.42
N VAL A 102 -0.98 -12.36 0.19
CA VAL A 102 -0.67 -11.05 -0.36
C VAL A 102 0.85 -10.77 -0.26
N LYS A 103 1.40 -10.92 0.94
CA LYS A 103 2.81 -10.60 1.17
C LYS A 103 3.74 -11.52 0.39
N GLU A 104 3.27 -12.71 0.04
CA GLU A 104 4.10 -13.66 -0.74
C GLU A 104 4.50 -13.11 -2.11
N GLU A 105 3.78 -12.10 -2.58
CA GLU A 105 4.11 -11.44 -3.84
C GLU A 105 5.06 -10.26 -3.60
N LEU A 106 4.92 -9.67 -2.45
CA LEU A 106 5.63 -8.44 -2.11
C LEU A 106 6.99 -8.77 -1.54
N ASP A 107 6.99 -9.76 -0.66
CA ASP A 107 8.15 -10.16 0.13
C ASP A 107 9.32 -10.56 -0.75
N ARG A 108 9.01 -11.03 -1.95
CA ARG A 108 10.02 -11.49 -2.92
C ARG A 108 11.02 -10.38 -3.25
N ASP A 109 10.53 -9.14 -3.32
CA ASP A 109 11.38 -8.00 -3.67
C ASP A 109 12.07 -7.48 -2.42
N ILE A 110 11.52 -7.80 -1.27
CA ILE A 110 11.99 -7.27 0.00
C ILE A 110 13.05 -8.16 0.63
N VAL A 111 12.81 -9.46 0.56
CA VAL A 111 13.67 -10.46 1.15
C VAL A 111 15.07 -10.40 0.53
N SER A 112 16.07 -10.70 1.31
CA SER A 112 17.44 -10.70 0.86
C SER A 112 17.76 -12.08 0.23
N LYS A 113 16.76 -12.61 -0.47
CA LYS A 113 16.78 -13.91 -1.11
C LYS A 113 16.95 -15.05 -0.12
N ASN A 114 15.86 -15.43 0.45
CA ASN A 114 15.83 -16.51 1.40
C ASN A 114 14.55 -17.28 1.20
N ASN A 115 14.63 -18.30 0.40
CA ASN A 115 13.49 -19.14 0.15
C ASN A 115 13.36 -20.10 1.32
N ALA A 116 14.37 -20.89 1.53
CA ALA A 116 14.36 -21.85 2.59
C ALA A 116 15.74 -22.09 3.09
N GLU A 117 15.83 -22.42 4.32
CA GLU A 117 17.08 -22.76 4.92
C GLU A 117 17.06 -24.27 5.04
N LYS A 118 16.01 -24.75 5.61
CA LYS A 118 15.77 -26.15 5.77
C LYS A 118 14.26 -26.31 5.70
N GLY B 1 -13.63 -30.86 8.85
CA GLY B 1 -13.11 -29.61 8.30
C GLY B 1 -12.76 -29.79 6.86
N SER B 2 -12.66 -28.71 6.14
CA SER B 2 -12.32 -28.77 4.76
C SER B 2 -10.99 -28.07 4.52
N LYS B 3 -10.06 -28.79 3.93
CA LYS B 3 -8.74 -28.26 3.62
C LYS B 3 -8.78 -27.61 2.25
N SER B 4 -9.94 -27.72 1.63
CA SER B 4 -10.21 -27.23 0.31
C SER B 4 -10.12 -25.69 0.19
N GLN B 5 -10.29 -24.98 1.30
CA GLN B 5 -10.21 -23.53 1.29
C GLN B 5 -9.91 -23.04 2.70
N TYR B 6 -9.53 -21.77 2.83
CA TYR B 6 -9.25 -21.14 4.13
C TYR B 6 -10.09 -19.88 4.23
N ILE B 7 -9.88 -18.97 3.28
CA ILE B 7 -10.59 -17.70 3.21
C ILE B 7 -11.27 -17.73 1.89
N ASP B 8 -12.39 -17.06 1.76
CA ASP B 8 -13.13 -17.15 0.50
C ASP B 8 -12.81 -15.99 -0.44
N ILE B 9 -12.11 -14.99 0.06
CA ILE B 9 -11.83 -13.82 -0.75
C ILE B 9 -10.57 -14.01 -1.55
N MET B 10 -9.44 -13.89 -0.87
CA MET B 10 -8.11 -14.04 -1.46
C MET B 10 -7.69 -12.87 -2.36
N PRO B 11 -6.37 -12.53 -2.34
CA PRO B 11 -5.77 -11.41 -3.07
C PRO B 11 -6.21 -11.29 -4.53
N ASP B 12 -6.43 -10.06 -4.95
CA ASP B 12 -6.87 -9.72 -6.30
C ASP B 12 -5.67 -9.30 -7.16
N PHE B 13 -4.94 -8.29 -6.68
CA PHE B 13 -3.72 -7.73 -7.34
C PHE B 13 -3.93 -7.20 -8.78
N SER B 14 -5.10 -6.78 -9.13
CA SER B 14 -5.31 -6.24 -10.46
C SER B 14 -5.19 -4.73 -10.35
N PRO B 15 -5.03 -4.02 -11.45
CA PRO B 15 -5.19 -2.59 -11.43
C PRO B 15 -6.64 -2.23 -11.61
N SER B 16 -6.99 -1.11 -11.18
CA SER B 16 -8.22 -0.59 -11.55
C SER B 16 -8.00 0.14 -12.88
N GLY B 17 -9.07 0.51 -13.41
CA GLY B 17 -9.16 1.24 -14.63
C GLY B 17 -8.92 2.69 -14.36
N LEU B 18 -9.11 3.08 -13.09
CA LEU B 18 -8.88 4.44 -12.67
C LEU B 18 -7.43 4.71 -12.80
N LEU B 19 -6.66 3.74 -12.40
CA LEU B 19 -5.25 3.81 -12.39
C LEU B 19 -4.62 3.99 -13.76
N GLU B 20 -5.26 3.49 -14.78
CA GLU B 20 -4.72 3.65 -16.12
C GLU B 20 -5.24 4.95 -16.78
N LEU B 21 -6.21 5.58 -16.14
CA LEU B 21 -6.84 6.81 -16.67
C LEU B 21 -6.43 8.07 -15.91
N GLU B 22 -6.28 7.96 -14.60
CA GLU B 22 -5.92 9.12 -13.75
C GLU B 22 -4.44 9.44 -13.89
N SER B 23 -3.67 8.45 -14.26
CA SER B 23 -2.26 8.60 -14.41
C SER B 23 -1.93 9.18 -15.79
N GLY C 1 16.04 -4.91 -8.54
CA GLY C 1 15.49 -5.43 -7.28
C GLY C 1 16.05 -4.73 -6.07
N SER C 2 17.35 -4.80 -5.87
CA SER C 2 17.95 -4.18 -4.72
C SER C 2 18.50 -2.78 -5.06
N TYR C 3 19.62 -2.73 -5.71
CA TYR C 3 20.17 -1.48 -6.15
C TYR C 3 20.22 -1.45 -7.63
N ASP C 4 19.38 -0.65 -8.20
CA ASP C 4 19.28 -0.54 -9.62
C ASP C 4 19.79 0.80 -10.03
N LYS C 5 19.26 1.83 -9.41
CA LYS C 5 19.81 3.15 -9.58
C LYS C 5 20.87 3.36 -8.51
N PRO C 6 21.89 4.15 -8.79
CA PRO C 6 23.04 4.29 -7.90
C PRO C 6 22.83 5.28 -6.74
N ALA C 7 21.77 6.04 -6.78
CA ALA C 7 21.57 7.06 -5.79
C ALA C 7 20.22 6.92 -5.12
N PRO C 8 20.20 6.84 -3.79
CA PRO C 8 18.96 6.89 -3.03
C PRO C 8 18.38 8.30 -3.09
N GLU C 9 17.47 8.51 -4.00
CA GLU C 9 16.87 9.80 -4.20
C GLU C 9 15.64 9.96 -3.32
N ASN C 10 14.92 11.07 -3.50
CA ASN C 10 13.76 11.46 -2.66
C ASN C 10 14.25 11.98 -1.30
N ARG C 11 13.40 12.71 -0.62
CA ARG C 11 13.75 13.38 0.65
C ARG C 11 14.21 12.39 1.74
N PHE C 12 13.57 11.23 1.81
CA PHE C 12 13.92 10.23 2.84
C PHE C 12 14.71 9.06 2.24
N ALA C 13 15.32 9.27 1.07
CA ALA C 13 16.15 8.23 0.40
C ALA C 13 15.35 6.97 0.05
N ILE C 14 14.36 7.14 -0.80
CA ILE C 14 13.45 6.08 -1.18
C ILE C 14 13.95 5.35 -2.40
N MET C 15 13.87 4.04 -2.35
CA MET C 15 14.10 3.22 -3.49
C MET C 15 12.73 2.74 -3.95
N PRO C 16 12.27 3.21 -5.12
CA PRO C 16 10.93 2.88 -5.63
C PRO C 16 10.73 1.38 -5.82
N GLY C 17 9.56 0.91 -5.46
CA GLY C 17 9.26 -0.49 -5.54
C GLY C 17 8.95 -0.94 -6.94
N SER C 18 8.99 -2.23 -7.17
CA SER C 18 8.75 -2.80 -8.47
C SER C 18 7.25 -2.77 -8.80
N ARG C 19 6.43 -2.50 -7.79
CA ARG C 19 4.99 -2.38 -7.99
C ARG C 19 4.68 -0.97 -8.55
N TRP C 20 5.68 -0.10 -8.51
CA TRP C 20 5.54 1.26 -9.01
C TRP C 20 5.70 1.24 -10.51
N ASP C 21 4.63 1.43 -11.21
CA ASP C 21 4.68 1.40 -12.65
C ASP C 21 4.80 2.81 -13.22
N GLY C 22 5.97 3.39 -12.98
CA GLY C 22 6.37 4.69 -13.56
C GLY C 22 5.65 5.96 -13.08
N VAL C 23 4.34 5.86 -12.86
CA VAL C 23 3.49 6.99 -12.45
C VAL C 23 4.05 7.75 -11.23
N HIS C 24 4.59 8.92 -11.48
CA HIS C 24 5.14 9.74 -10.42
C HIS C 24 4.01 10.42 -9.69
N ARG C 25 4.08 10.42 -8.39
CA ARG C 25 3.04 10.99 -7.59
C ARG C 25 3.57 12.13 -6.76
N SER C 26 3.03 13.28 -6.98
CA SER C 26 3.43 14.43 -6.27
C SER C 26 2.22 15.25 -5.82
N ASN C 27 2.04 15.35 -4.53
CA ASN C 27 0.99 16.16 -3.93
C ASN C 27 1.61 16.88 -2.75
N GLY C 28 2.00 18.13 -2.98
CA GLY C 28 2.69 18.87 -1.94
C GLY C 28 4.17 18.61 -2.01
N PHE C 29 4.64 18.36 -3.21
CA PHE C 29 6.02 17.98 -3.43
C PHE C 29 6.91 19.23 -3.59
N GLU C 30 8.19 19.04 -3.31
CA GLU C 30 9.24 20.08 -3.33
C GLU C 30 9.60 20.59 -4.73
N GLU C 31 8.92 20.10 -5.77
CA GLU C 31 9.17 20.48 -7.19
C GLU C 31 9.24 22.01 -7.38
N LYS C 32 8.37 22.70 -6.68
CA LYS C 32 8.27 24.13 -6.77
C LYS C 32 9.54 24.84 -6.32
N TRP C 33 10.19 25.45 -7.24
CA TRP C 33 11.38 26.19 -7.01
C TRP C 33 11.05 27.60 -6.56
#